data_3HM7
#
_entry.id   3HM7
#
_cell.length_a   157.658
_cell.length_b   157.658
_cell.length_c   418.026
_cell.angle_alpha   90.00
_cell.angle_beta   90.00
_cell.angle_gamma   120.00
#
_symmetry.space_group_name_H-M   'P 61 2 2'
#
loop_
_entity.id
_entity.type
_entity.pdbx_description
1 polymer Allantoinase
2 non-polymer 'ZINC ION'
3 water water
#
_entity_poly.entity_id   1
_entity_poly.type   'polypeptide(L)'
_entity_poly.pdbx_seq_one_letter_code
;MSLKRFDLIIRSSTVVTETTTYRADVAIRNGIVSAITEPGSISSDDGPAIDGTGLHLFPGMVDVHVHFNEPGRTEWEGFA
SGSKSLAAGGVTTYFDMPLNSNPPTITREELDKKRQLANEKSLVDYRFWGGLVPGNIDHLQDLHDGGVIGFKAFMSECGT
DDFQFSHDETLLKGMKKIAALGSILAVHAESNEMVNALTTIAIEEQRLTVKDYSEARPIVSELEAVERILRFAQLTCCPI
HICHVSSRKVLKRIKQAKGEGVNVSVETCPHYLLFSLDEFAEIGYLAKCAPPLRERQEVEDLWDGLMAGEIDLISSDHSP
SLPQMKTGKTIFEVWGGIAGCQNTLAVMLTEGYHKRKMPLTQIVQLLSTEPAKRFGLYPQKGTIQVGAEASFTLIDLNES
YTLNASDLYYRHPISPYVGQRFRGKVKHTICQGKHVYQDHEGHHHHHH
;
_entity_poly.pdbx_strand_id   A,B,C,D,E,F
#
# COMPACT_ATOMS: atom_id res chain seq x y z
N ARG A 5 -23.95 -6.18 -41.18
CA ARG A 5 -24.79 -5.30 -40.32
C ARG A 5 -23.94 -4.36 -39.44
N PHE A 6 -22.96 -4.93 -38.74
CA PHE A 6 -21.98 -4.14 -37.99
C PHE A 6 -20.74 -3.86 -38.83
N ASP A 7 -20.20 -2.65 -38.73
CA ASP A 7 -19.01 -2.23 -39.48
C ASP A 7 -17.75 -2.96 -39.01
N LEU A 8 -17.70 -3.26 -37.71
CA LEU A 8 -16.60 -4.01 -37.08
C LEU A 8 -17.07 -4.54 -35.73
N ILE A 9 -16.54 -5.70 -35.33
CA ILE A 9 -16.81 -6.24 -34.00
CA ILE A 9 -16.83 -6.28 -34.01
C ILE A 9 -15.53 -6.77 -33.34
N ILE A 10 -15.26 -6.29 -32.13
CA ILE A 10 -14.12 -6.79 -31.34
C ILE A 10 -14.63 -7.97 -30.51
N ARG A 11 -13.98 -9.13 -30.67
CA ARG A 11 -14.48 -10.35 -30.04
C ARG A 11 -13.60 -10.91 -28.95
N SER A 12 -14.26 -11.40 -27.90
CA SER A 12 -13.67 -12.26 -26.85
C SER A 12 -12.60 -11.64 -25.92
N SER A 13 -12.44 -10.32 -25.97
CA SER A 13 -11.45 -9.67 -25.13
C SER A 13 -11.98 -9.37 -23.73
N THR A 14 -11.08 -8.97 -22.84
CA THR A 14 -11.44 -8.42 -21.55
C THR A 14 -11.45 -6.92 -21.70
N VAL A 15 -12.62 -6.31 -21.50
CA VAL A 15 -12.78 -4.86 -21.49
C VAL A 15 -12.17 -4.33 -20.20
N VAL A 16 -11.39 -3.25 -20.30
CA VAL A 16 -10.90 -2.50 -19.12
C VAL A 16 -11.20 -1.03 -19.28
N THR A 17 -11.88 -0.46 -18.29
CA THR A 17 -12.26 0.95 -18.34
C THR A 17 -11.58 1.71 -17.19
N GLU A 18 -12.07 2.90 -16.91
N GLU A 18 -12.06 2.92 -16.93
CA GLU A 18 -11.54 3.75 -15.85
CA GLU A 18 -11.55 3.75 -15.84
C GLU A 18 -11.89 3.24 -14.45
C GLU A 18 -11.81 3.15 -14.46
N THR A 19 -12.87 2.34 -14.35
CA THR A 19 -13.31 1.81 -13.04
C THR A 19 -13.48 0.29 -12.96
N THR A 20 -13.65 -0.37 -14.10
CA THR A 20 -13.97 -1.80 -14.07
C THR A 20 -13.31 -2.65 -15.17
N THR A 21 -13.48 -3.97 -15.03
CA THR A 21 -13.07 -4.95 -16.04
C THR A 21 -14.19 -6.00 -16.23
N TYR A 22 -14.39 -6.45 -17.47
CA TYR A 22 -15.36 -7.50 -17.79
C TYR A 22 -15.11 -8.16 -19.15
N ARG A 23 -15.50 -9.42 -19.27
CA ARG A 23 -15.39 -10.15 -20.54
C ARG A 23 -16.61 -9.90 -21.42
N ALA A 24 -16.38 -9.28 -22.57
CA ALA A 24 -17.45 -8.96 -23.51
C ALA A 24 -16.97 -8.83 -24.95
N ASP A 25 -17.94 -8.86 -25.87
CA ASP A 25 -17.73 -8.49 -27.26
C ASP A 25 -18.29 -7.09 -27.48
N VAL A 26 -17.61 -6.29 -28.29
CA VAL A 26 -18.01 -4.90 -28.55
C VAL A 26 -18.35 -4.71 -30.02
N ALA A 27 -19.55 -4.18 -30.30
CA ALA A 27 -20.03 -4.01 -31.67
C ALA A 27 -20.02 -2.55 -32.11
N ILE A 28 -19.47 -2.31 -33.30
CA ILE A 28 -19.18 -0.96 -33.80
C ILE A 28 -19.97 -0.65 -35.06
N ARG A 29 -20.59 0.53 -35.10
CA ARG A 29 -21.40 0.96 -36.25
CA ARG A 29 -21.36 0.95 -36.26
C ARG A 29 -21.21 2.45 -36.48
N ASN A 30 -20.74 2.82 -37.68
CA ASN A 30 -20.51 4.23 -38.09
C ASN A 30 -19.62 5.07 -37.17
N GLY A 31 -18.52 4.47 -36.71
CA GLY A 31 -17.55 5.15 -35.87
C GLY A 31 -17.88 5.23 -34.38
N ILE A 32 -19.03 4.68 -33.99
CA ILE A 32 -19.41 4.65 -32.58
C ILE A 32 -19.66 3.21 -32.11
N VAL A 33 -19.79 3.05 -30.81
CA VAL A 33 -20.12 1.76 -30.22
C VAL A 33 -21.64 1.60 -30.27
N SER A 34 -22.10 0.49 -30.83
CA SER A 34 -23.52 0.27 -31.03
C SER A 34 -24.10 -0.78 -30.09
N ALA A 35 -23.30 -1.80 -29.75
CA ALA A 35 -23.68 -2.81 -28.77
C ALA A 35 -22.48 -3.33 -27.99
N ILE A 36 -22.71 -3.67 -26.72
CA ILE A 36 -21.76 -4.45 -25.92
C ILE A 36 -22.53 -5.65 -25.40
N THR A 37 -22.01 -6.85 -25.66
CA THR A 37 -22.72 -8.09 -25.34
C THR A 37 -21.80 -9.12 -24.71
N GLU A 38 -22.41 -10.13 -24.08
CA GLU A 38 -21.68 -11.31 -23.57
C GLU A 38 -21.05 -12.09 -24.74
N PRO A 39 -19.85 -12.69 -24.52
CA PRO A 39 -19.08 -13.35 -25.59
C PRO A 39 -19.90 -14.30 -26.47
N GLY A 40 -19.80 -14.10 -27.79
CA GLY A 40 -20.42 -14.98 -28.77
C GLY A 40 -21.91 -14.80 -29.03
N SER A 41 -22.48 -13.71 -28.52
CA SER A 41 -23.90 -13.41 -28.69
C SER A 41 -24.25 -13.07 -30.14
N ILE A 42 -23.31 -12.40 -30.82
CA ILE A 42 -23.48 -12.04 -32.22
C ILE A 42 -22.84 -13.12 -33.10
N SER A 43 -23.59 -13.56 -34.11
CA SER A 43 -23.11 -14.54 -35.09
C SER A 43 -21.93 -14.03 -35.91
N SER A 44 -21.09 -14.97 -36.35
CA SER A 44 -19.85 -14.72 -37.08
C SER A 44 -20.03 -13.92 -38.38
N ASP A 45 -21.21 -14.01 -39.00
CA ASP A 45 -21.48 -13.33 -40.26
C ASP A 45 -22.36 -12.06 -40.11
N ASP A 46 -22.10 -11.29 -39.06
CA ASP A 46 -22.76 -9.98 -38.86
C ASP A 46 -21.76 -8.83 -38.92
N GLY A 47 -20.68 -9.02 -39.69
CA GLY A 47 -19.63 -8.00 -39.84
C GLY A 47 -18.24 -8.57 -39.67
N PRO A 48 -17.20 -7.82 -40.12
CA PRO A 48 -15.82 -8.27 -39.97
C PRO A 48 -15.37 -8.19 -38.51
N ALA A 49 -14.61 -9.18 -38.07
CA ALA A 49 -14.23 -9.30 -36.67
C ALA A 49 -12.72 -9.26 -36.44
N ILE A 50 -12.34 -8.86 -35.22
CA ILE A 50 -10.95 -8.91 -34.76
C ILE A 50 -10.88 -9.86 -33.56
N ASP A 51 -9.98 -10.83 -33.61
CA ASP A 51 -9.84 -11.81 -32.53
C ASP A 51 -9.03 -11.27 -31.35
N GLY A 52 -9.74 -10.89 -30.29
CA GLY A 52 -9.10 -10.32 -29.11
C GLY A 52 -8.98 -11.29 -27.95
N THR A 53 -9.08 -12.58 -28.26
CA THR A 53 -8.84 -13.65 -27.28
C THR A 53 -7.47 -13.49 -26.63
N GLY A 54 -7.45 -13.51 -25.30
CA GLY A 54 -6.22 -13.38 -24.52
C GLY A 54 -5.78 -11.95 -24.29
N LEU A 55 -6.48 -11.01 -24.92
CA LEU A 55 -6.07 -9.61 -24.92
C LEU A 55 -7.03 -8.74 -24.10
N HIS A 56 -6.63 -7.50 -23.84
CA HIS A 56 -7.43 -6.56 -23.09
C HIS A 56 -7.75 -5.33 -23.93
N LEU A 57 -9.01 -4.92 -23.89
CA LEU A 57 -9.46 -3.77 -24.66
C LEU A 57 -9.51 -2.55 -23.76
N PHE A 58 -8.59 -1.61 -23.99
CA PHE A 58 -8.55 -0.35 -23.27
C PHE A 58 -9.19 0.67 -24.19
N PRO A 59 -9.86 1.72 -23.64
CA PRO A 59 -10.28 2.81 -24.52
C PRO A 59 -9.03 3.52 -25.01
N GLY A 60 -9.09 4.09 -26.21
CA GLY A 60 -7.92 4.71 -26.82
C GLY A 60 -7.36 5.78 -25.92
N MET A 61 -6.05 5.74 -25.71
CA MET A 61 -5.36 6.69 -24.84
C MET A 61 -5.45 8.08 -25.47
N VAL A 62 -5.49 9.10 -24.63
CA VAL A 62 -5.53 10.49 -25.08
C VAL A 62 -4.30 11.21 -24.54
N ASP A 63 -3.46 11.69 -25.45
CA ASP A 63 -2.19 12.31 -25.08
C ASP A 63 -2.25 13.81 -25.35
N VAL A 64 -2.38 14.59 -24.29
CA VAL A 64 -2.70 16.02 -24.41
C VAL A 64 -1.49 16.92 -24.66
N HIS A 65 -0.30 16.33 -24.74
CA HIS A 65 0.93 17.10 -24.85
C HIS A 65 1.89 16.44 -25.84
N VAL A 66 1.77 16.81 -27.12
CA VAL A 66 2.75 16.43 -28.14
C VAL A 66 3.18 17.65 -28.95
N HIS A 67 4.45 17.66 -29.35
CA HIS A 67 4.96 18.64 -30.31
C HIS A 67 5.28 17.89 -31.59
N PHE A 68 4.45 18.07 -32.61
CA PHE A 68 4.73 17.45 -33.91
C PHE A 68 5.48 18.39 -34.87
N ASN A 69 5.66 19.64 -34.43
CA ASN A 69 6.55 20.64 -35.05
C ASN A 69 6.24 20.98 -36.52
N GLU A 70 4.98 20.84 -36.93
CA GLU A 70 4.59 21.08 -38.32
C GLU A 70 3.53 22.17 -38.40
N PRO A 71 3.75 23.22 -39.22
CA PRO A 71 4.83 23.48 -40.19
C PRO A 71 6.13 24.06 -39.61
N GLY A 72 7.02 24.54 -40.49
CA GLY A 72 8.27 25.17 -40.11
C GLY A 72 9.43 24.22 -39.84
N ARG A 73 9.28 23.40 -38.81
CA ARG A 73 10.33 22.46 -38.41
C ARG A 73 9.84 21.02 -38.54
N THR A 74 9.24 20.71 -39.68
CA THR A 74 8.61 19.40 -39.94
C THR A 74 9.58 18.24 -39.82
N GLU A 75 10.78 18.42 -40.36
CA GLU A 75 11.82 17.37 -40.35
C GLU A 75 12.30 16.92 -38.96
N TRP A 76 11.89 17.66 -37.92
CA TRP A 76 12.04 17.22 -36.53
C TRP A 76 11.09 16.05 -36.23
N GLU A 77 9.84 16.17 -36.67
CA GLU A 77 8.85 15.09 -36.48
C GLU A 77 7.79 15.01 -37.60
N GLY A 78 6.77 15.85 -37.54
CA GLY A 78 5.70 15.86 -38.54
C GLY A 78 4.46 15.09 -38.13
N PHE A 79 3.32 15.47 -38.71
CA PHE A 79 2.01 14.89 -38.38
C PHE A 79 1.84 13.42 -38.76
N ALA A 80 2.47 12.99 -39.86
CA ALA A 80 2.36 11.60 -40.30
C ALA A 80 3.13 10.66 -39.38
N SER A 81 4.44 10.89 -39.26
CA SER A 81 5.33 10.07 -38.42
C SER A 81 5.08 10.28 -36.92
N GLY A 82 4.15 11.16 -36.59
CA GLY A 82 3.72 11.36 -35.22
C GLY A 82 2.52 10.50 -34.88
N SER A 83 1.49 10.59 -35.71
CA SER A 83 0.26 9.81 -35.52
C SER A 83 0.47 8.31 -35.77
N LYS A 84 1.45 7.98 -36.61
CA LYS A 84 1.89 6.61 -36.85
C LYS A 84 2.43 6.01 -35.54
N SER A 85 3.24 6.80 -34.82
CA SER A 85 3.82 6.39 -33.53
C SER A 85 2.78 6.25 -32.43
N LEU A 86 1.78 7.15 -32.45
CA LEU A 86 0.73 7.17 -31.46
C LEU A 86 -0.17 5.95 -31.54
N ALA A 87 -0.56 5.60 -32.77
CA ALA A 87 -1.37 4.41 -33.02
C ALA A 87 -0.60 3.16 -32.61
N ALA A 88 0.72 3.18 -32.78
CA ALA A 88 1.58 2.08 -32.35
C ALA A 88 1.83 2.09 -30.83
N GLY A 89 1.30 3.10 -30.14
CA GLY A 89 1.38 3.18 -28.69
C GLY A 89 0.03 3.04 -28.02
N GLY A 90 -1.02 2.85 -28.83
CA GLY A 90 -2.38 2.69 -28.35
C GLY A 90 -3.11 4.00 -28.15
N VAL A 91 -2.67 5.05 -28.85
CA VAL A 91 -3.20 6.39 -28.66
C VAL A 91 -4.07 6.77 -29.85
N THR A 92 -5.32 7.12 -29.58
CA THR A 92 -6.29 7.46 -30.63
C THR A 92 -6.64 8.94 -30.72
N THR A 93 -6.22 9.73 -29.72
CA THR A 93 -6.42 11.17 -29.77
C THR A 93 -5.19 11.87 -29.20
N TYR A 94 -4.80 12.98 -29.82
CA TYR A 94 -3.69 13.80 -29.33
C TYR A 94 -4.00 15.30 -29.43
N PHE A 95 -3.37 16.09 -28.57
CA PHE A 95 -3.45 17.54 -28.67
C PHE A 95 -2.07 18.07 -29.05
N ASP A 96 -1.98 18.79 -30.16
CA ASP A 96 -0.68 19.36 -30.60
C ASP A 96 -0.41 20.72 -29.97
N MET A 97 0.76 20.84 -29.36
CA MET A 97 1.24 22.10 -28.74
C MET A 97 1.66 23.14 -29.79
N PRO A 98 1.43 24.44 -29.51
CA PRO A 98 1.62 25.47 -30.56
C PRO A 98 3.07 25.82 -30.84
N LEU A 99 3.94 25.65 -29.86
CA LEU A 99 5.36 25.97 -29.98
C LEU A 99 6.11 24.87 -30.72
N ASN A 100 7.37 25.18 -31.04
CA ASN A 100 8.27 24.39 -31.90
C ASN A 100 7.85 24.37 -33.36
N SER A 101 6.53 24.37 -33.60
CA SER A 101 5.96 24.71 -34.89
C SER A 101 6.39 26.14 -35.24
N ASN A 102 6.79 26.36 -36.48
CA ASN A 102 7.37 27.64 -36.88
C ASN A 102 6.71 28.28 -38.11
N PRO A 103 6.19 29.52 -37.98
CA PRO A 103 5.89 30.27 -36.76
C PRO A 103 4.74 29.63 -35.98
N PRO A 104 4.73 29.77 -34.64
CA PRO A 104 3.76 29.07 -33.78
C PRO A 104 2.30 29.51 -33.93
N THR A 105 1.37 28.69 -33.43
CA THR A 105 -0.07 28.96 -33.49
C THR A 105 -0.42 30.16 -32.62
N ILE A 106 -0.36 31.35 -33.21
CA ILE A 106 -0.63 32.61 -32.51
C ILE A 106 -1.99 33.14 -32.96
N THR A 107 -2.20 33.13 -34.28
CA THR A 107 -3.45 33.58 -34.91
C THR A 107 -4.26 32.38 -35.42
N ARG A 108 -5.50 32.65 -35.85
CA ARG A 108 -6.34 31.64 -36.50
C ARG A 108 -5.83 31.31 -37.90
N GLU A 109 -5.15 32.28 -38.51
CA GLU A 109 -4.53 32.14 -39.83
C GLU A 109 -3.38 31.14 -39.81
N GLU A 110 -2.66 31.08 -38.68
CA GLU A 110 -1.60 30.11 -38.48
C GLU A 110 -2.19 28.79 -37.95
N LEU A 111 -3.39 28.87 -37.37
CA LEU A 111 -4.09 27.68 -36.85
C LEU A 111 -4.63 26.78 -37.96
N ASP A 112 -5.37 27.36 -38.89
CA ASP A 112 -6.05 26.60 -39.94
C ASP A 112 -5.09 26.01 -40.98
N LYS A 113 -3.92 26.64 -41.12
CA LYS A 113 -2.79 26.07 -41.88
C LYS A 113 -2.25 24.79 -41.24
N LYS A 114 -2.26 24.73 -39.91
CA LYS A 114 -1.86 23.53 -39.17
C LYS A 114 -3.00 22.53 -39.08
N ARG A 115 -4.23 23.03 -39.10
CA ARG A 115 -5.45 22.21 -39.04
C ARG A 115 -5.56 21.25 -40.21
N GLN A 116 -5.42 21.79 -41.42
CA GLN A 116 -5.69 21.03 -42.62
C GLN A 116 -4.46 20.29 -43.12
N LEU A 117 -3.31 20.60 -42.52
CA LEU A 117 -2.08 19.84 -42.73
C LEU A 117 -2.19 18.50 -41.97
N ALA A 118 -2.96 18.51 -40.87
CA ALA A 118 -3.25 17.30 -40.10
C ALA A 118 -4.43 16.52 -40.69
N ASN A 119 -5.22 17.17 -41.56
CA ASN A 119 -6.23 16.45 -42.33
C ASN A 119 -5.60 15.46 -43.32
N GLU A 120 -4.49 15.87 -43.92
CA GLU A 120 -3.78 15.05 -44.91
C GLU A 120 -2.97 13.92 -44.26
N LYS A 121 -2.41 14.20 -43.08
CA LYS A 121 -1.35 13.38 -42.52
C LYS A 121 -1.73 12.51 -41.31
N SER A 122 -2.71 12.96 -40.51
CA SER A 122 -3.01 12.33 -39.23
C SER A 122 -3.87 11.07 -39.29
N LEU A 123 -3.30 9.98 -38.80
CA LEU A 123 -3.96 8.68 -38.72
C LEU A 123 -5.05 8.63 -37.66
N VAL A 124 -4.82 9.30 -36.53
CA VAL A 124 -5.75 9.31 -35.40
C VAL A 124 -6.41 10.69 -35.22
N ASP A 125 -7.31 10.82 -34.23
CA ASP A 125 -8.00 12.09 -34.00
C ASP A 125 -7.07 13.14 -33.38
N TYR A 126 -7.40 14.41 -33.61
CA TYR A 126 -6.53 15.51 -33.20
C TYR A 126 -7.30 16.72 -32.68
N ARG A 127 -6.68 17.43 -31.75
CA ARG A 127 -7.13 18.75 -31.32
C ARG A 127 -5.91 19.66 -31.18
N PHE A 128 -6.15 20.97 -31.11
CA PHE A 128 -5.05 21.93 -31.14
C PHE A 128 -4.97 22.82 -29.89
N TRP A 129 -3.75 23.02 -29.41
CA TRP A 129 -3.51 23.99 -28.35
C TRP A 129 -3.33 25.37 -28.97
N GLY A 130 -4.09 26.35 -28.48
CA GLY A 130 -3.88 27.75 -28.85
C GLY A 130 -2.65 28.30 -28.14
N GLY A 131 -2.09 29.40 -28.64
CA GLY A 131 -0.87 29.97 -28.07
C GLY A 131 -1.09 31.28 -27.33
N LEU A 132 -0.33 31.47 -26.24
CA LEU A 132 -0.33 32.73 -25.51
C LEU A 132 1.10 33.26 -25.37
N VAL A 133 1.34 34.40 -26.03
CA VAL A 133 2.67 35.05 -26.07
C VAL A 133 2.54 36.55 -25.73
N PRO A 134 3.66 37.23 -25.32
CA PRO A 134 3.75 38.65 -24.96
C PRO A 134 2.56 39.58 -25.25
N GLY A 135 2.10 39.61 -26.51
CA GLY A 135 0.95 40.44 -26.88
C GLY A 135 0.13 39.84 -28.01
N ASN A 136 -0.86 39.01 -27.65
CA ASN A 136 -1.75 38.39 -28.65
C ASN A 136 -3.20 38.15 -28.19
N ILE A 137 -3.64 38.90 -27.18
CA ILE A 137 -5.02 38.88 -26.68
C ILE A 137 -6.07 39.21 -27.76
N ASP A 138 -5.60 39.88 -28.82
CA ASP A 138 -6.36 40.16 -30.05
C ASP A 138 -6.88 38.88 -30.71
N HIS A 139 -6.08 37.81 -30.65
CA HIS A 139 -6.35 36.58 -31.38
C HIS A 139 -6.88 35.43 -30.50
N LEU A 140 -7.13 35.69 -29.22
CA LEU A 140 -7.54 34.62 -28.28
C LEU A 140 -8.99 34.17 -28.41
N GLN A 141 -9.92 35.13 -28.53
CA GLN A 141 -11.34 34.84 -28.82
C GLN A 141 -11.47 34.18 -30.20
N ASP A 142 -10.65 34.66 -31.15
CA ASP A 142 -10.54 34.11 -32.50
C ASP A 142 -10.15 32.62 -32.45
N LEU A 143 -9.05 32.31 -31.78
CA LEU A 143 -8.54 30.94 -31.65
C LEU A 143 -9.52 30.01 -30.91
N HIS A 144 -10.27 30.56 -29.95
CA HIS A 144 -11.26 29.77 -29.22
C HIS A 144 -12.45 29.34 -30.10
N ASP A 145 -12.89 30.24 -30.96
CA ASP A 145 -13.94 29.92 -31.93
C ASP A 145 -13.37 29.10 -33.09
N GLY A 146 -12.05 29.15 -33.23
CA GLY A 146 -11.31 28.25 -34.12
C GLY A 146 -11.16 26.86 -33.53
N GLY A 147 -11.83 26.61 -32.41
CA GLY A 147 -12.02 25.27 -31.84
C GLY A 147 -10.87 24.66 -31.07
N VAL A 148 -9.99 25.49 -30.51
CA VAL A 148 -8.91 24.99 -29.67
C VAL A 148 -9.47 24.41 -28.37
N ILE A 149 -8.73 23.48 -27.78
CA ILE A 149 -9.16 22.81 -26.56
C ILE A 149 -8.64 23.54 -25.32
N GLY A 150 -7.64 24.39 -25.54
CA GLY A 150 -7.03 25.19 -24.49
C GLY A 150 -5.91 26.05 -25.05
N PHE A 151 -5.22 26.76 -24.16
CA PHE A 151 -4.16 27.68 -24.55
C PHE A 151 -2.88 27.33 -23.80
N LYS A 152 -1.73 27.60 -24.42
CA LYS A 152 -0.45 27.42 -23.72
C LYS A 152 0.44 28.63 -23.65
N ALA A 153 1.11 28.78 -22.50
CA ALA A 153 2.10 29.82 -22.29
C ALA A 153 3.34 29.25 -21.58
N PHE A 154 4.48 29.88 -21.83
CA PHE A 154 5.72 29.54 -21.14
C PHE A 154 6.05 30.58 -20.07
N MET A 155 6.58 30.10 -18.95
CA MET A 155 7.07 30.97 -17.89
C MET A 155 8.60 30.95 -17.91
N SER A 156 9.16 30.14 -18.80
CA SER A 156 10.59 30.00 -18.99
C SER A 156 11.05 30.43 -20.37
N GLU A 157 12.22 31.07 -20.43
CA GLU A 157 12.84 31.48 -21.69
C GLU A 157 13.22 30.27 -22.51
N CYS A 158 12.23 29.75 -23.24
CA CYS A 158 12.39 28.53 -24.00
C CYS A 158 11.36 28.47 -25.11
N GLY A 159 11.49 27.44 -25.94
CA GLY A 159 10.67 27.27 -27.12
C GLY A 159 11.73 26.98 -28.17
N THR A 160 12.03 28.00 -28.96
CA THR A 160 13.04 27.92 -30.00
C THR A 160 13.66 29.31 -30.01
N ASP A 161 13.00 30.23 -30.70
CA ASP A 161 13.39 31.63 -30.67
C ASP A 161 12.27 32.52 -30.17
N ASP A 162 11.05 32.25 -30.62
CA ASP A 162 10.05 33.29 -30.82
C ASP A 162 8.65 32.78 -30.50
N PHE A 163 8.58 31.62 -29.87
CA PHE A 163 7.64 31.39 -28.77
C PHE A 163 8.18 31.97 -27.47
N GLN A 164 8.18 33.30 -27.36
CA GLN A 164 8.65 33.97 -26.15
C GLN A 164 7.76 33.71 -24.96
N PHE A 165 8.40 33.62 -23.79
CA PHE A 165 7.73 33.39 -22.51
C PHE A 165 6.83 34.56 -22.12
N SER A 166 5.73 34.23 -21.43
CA SER A 166 4.78 35.24 -20.98
C SER A 166 5.12 35.68 -19.55
N HIS A 167 5.45 36.96 -19.41
CA HIS A 167 5.69 37.56 -18.10
C HIS A 167 4.36 37.85 -17.41
N ASP A 168 4.43 38.28 -16.15
CA ASP A 168 3.25 38.48 -15.30
C ASP A 168 2.15 39.35 -15.92
N GLU A 169 2.56 40.37 -16.69
CA GLU A 169 1.63 41.28 -17.36
C GLU A 169 0.82 40.54 -18.43
N THR A 170 1.51 39.75 -19.24
CA THR A 170 0.90 38.94 -20.30
C THR A 170 0.01 37.84 -19.72
N LEU A 171 0.56 37.12 -18.75
CA LEU A 171 -0.13 36.02 -18.07
C LEU A 171 -1.50 36.43 -17.52
N LEU A 172 -1.52 37.55 -16.79
CA LEU A 172 -2.75 38.05 -16.17
C LEU A 172 -3.77 38.61 -17.15
N LYS A 173 -3.29 39.26 -18.22
CA LYS A 173 -4.17 39.75 -19.27
C LYS A 173 -4.79 38.59 -20.05
N GLY A 174 -3.98 37.56 -20.30
CA GLY A 174 -4.42 36.35 -20.99
C GLY A 174 -5.48 35.59 -20.21
N MET A 175 -5.17 35.29 -18.95
CA MET A 175 -6.05 34.53 -18.05
C MET A 175 -7.40 35.19 -17.83
N LYS A 176 -7.43 36.52 -17.78
CA LYS A 176 -8.66 37.28 -17.65
C LYS A 176 -9.61 36.92 -18.80
N LYS A 177 -9.06 36.89 -20.03
CA LYS A 177 -9.87 36.57 -21.22
C LYS A 177 -10.21 35.09 -21.35
N ILE A 178 -9.24 34.21 -21.07
CA ILE A 178 -9.44 32.74 -21.13
C ILE A 178 -10.55 32.27 -20.18
N ALA A 179 -10.62 32.88 -18.99
CA ALA A 179 -11.74 32.66 -18.07
C ALA A 179 -13.10 33.05 -18.69
N ALA A 180 -13.13 34.20 -19.35
CA ALA A 180 -14.35 34.69 -20.02
C ALA A 180 -14.75 33.86 -21.26
N LEU A 181 -13.76 33.26 -21.91
CA LEU A 181 -14.01 32.36 -23.03
C LEU A 181 -14.48 30.98 -22.55
N GLY A 182 -14.33 30.74 -21.25
CA GLY A 182 -14.79 29.50 -20.65
C GLY A 182 -13.90 28.32 -20.95
N SER A 183 -12.62 28.58 -21.23
CA SER A 183 -11.65 27.52 -21.51
C SER A 183 -10.56 27.38 -20.43
N ILE A 184 -9.31 27.14 -20.82
CA ILE A 184 -8.25 26.69 -19.90
C ILE A 184 -6.81 27.02 -20.37
N LEU A 185 -5.94 27.36 -19.42
CA LEU A 185 -4.53 27.64 -19.72
C LEU A 185 -3.55 26.63 -19.13
N ALA A 186 -2.73 26.02 -19.99
CA ALA A 186 -1.64 25.18 -19.57
C ALA A 186 -0.36 25.98 -19.52
N VAL A 187 0.50 25.67 -18.55
CA VAL A 187 1.75 26.41 -18.38
C VAL A 187 2.97 25.50 -18.24
N HIS A 188 4.07 25.95 -18.82
CA HIS A 188 5.39 25.39 -18.52
C HIS A 188 5.85 26.11 -17.26
N ALA A 189 5.78 25.40 -16.13
CA ALA A 189 6.02 26.04 -14.84
C ALA A 189 7.46 25.94 -14.35
N GLU A 190 8.33 26.74 -14.95
CA GLU A 190 9.67 26.95 -14.41
C GLU A 190 9.95 28.45 -14.25
N SER A 191 10.77 28.76 -13.23
CA SER A 191 11.04 30.13 -12.83
C SER A 191 12.15 30.74 -13.67
N ASN A 192 11.80 31.70 -14.52
CA ASN A 192 12.69 32.24 -15.55
C ASN A 192 14.07 32.69 -15.07
N GLU A 193 14.08 33.54 -14.04
CA GLU A 193 15.34 34.13 -13.57
C GLU A 193 16.13 33.19 -12.68
N MET A 194 15.45 32.31 -11.96
CA MET A 194 16.10 31.25 -11.19
C MET A 194 16.86 30.33 -12.13
N VAL A 195 16.26 30.03 -13.27
CA VAL A 195 16.83 29.17 -14.32
C VAL A 195 18.14 29.73 -14.89
N ASN A 196 18.10 30.91 -15.50
CA ASN A 196 19.27 31.42 -16.23
C ASN A 196 20.28 32.24 -15.43
N ALA A 197 20.14 32.23 -14.11
CA ALA A 197 21.19 32.73 -13.22
C ALA A 197 22.01 31.56 -12.68
N LEU A 198 21.32 30.46 -12.36
CA LEU A 198 21.98 29.24 -11.91
C LEU A 198 22.66 28.49 -13.06
N THR A 199 22.16 28.70 -14.27
CA THR A 199 22.73 28.12 -15.49
C THR A 199 24.06 28.82 -15.81
N THR A 200 24.05 30.15 -15.74
CA THR A 200 25.24 30.98 -15.97
C THR A 200 26.37 30.63 -14.98
N ILE A 201 26.03 30.49 -13.71
CA ILE A 201 26.99 30.16 -12.66
C ILE A 201 27.66 28.79 -12.90
N ALA A 202 26.84 27.79 -13.26
CA ALA A 202 27.31 26.43 -13.50
C ALA A 202 28.15 26.26 -14.76
N ILE A 203 27.96 27.16 -15.74
CA ILE A 203 28.76 27.15 -16.97
C ILE A 203 30.19 27.62 -16.70
N GLU A 204 30.32 28.74 -15.99
CA GLU A 204 31.64 29.33 -15.67
C GLU A 204 32.49 28.48 -14.73
N GLU A 205 31.82 27.72 -13.85
CA GLU A 205 32.52 26.91 -12.84
C GLU A 205 32.78 25.46 -13.28
N GLN A 206 32.69 25.22 -14.60
CA GLN A 206 33.00 23.91 -15.23
C GLN A 206 32.19 22.71 -14.71
N ARG A 207 31.09 22.98 -14.00
CA ARG A 207 30.23 21.93 -13.46
C ARG A 207 29.22 21.50 -14.53
N LEU A 208 29.57 20.43 -15.25
CA LEU A 208 28.87 20.08 -16.49
C LEU A 208 28.19 18.72 -16.47
N THR A 209 28.14 18.08 -15.29
CA THR A 209 27.45 16.80 -15.13
C THR A 209 25.93 16.99 -15.16
N VAL A 210 25.19 15.89 -15.29
CA VAL A 210 23.73 15.93 -15.40
C VAL A 210 23.05 16.34 -14.10
N LYS A 211 23.72 16.09 -12.98
CA LYS A 211 23.28 16.56 -11.66
C LYS A 211 23.38 18.09 -11.59
N ASP A 212 24.39 18.64 -12.25
CA ASP A 212 24.60 20.09 -12.30
C ASP A 212 23.57 20.77 -13.20
N TYR A 213 23.12 20.07 -14.24
CA TYR A 213 22.01 20.54 -15.08
C TYR A 213 20.70 20.44 -14.31
N SER A 214 20.55 19.36 -13.56
CA SER A 214 19.34 19.14 -12.76
C SER A 214 19.17 20.22 -11.69
N GLU A 215 20.29 20.58 -11.06
CA GLU A 215 20.29 21.64 -10.06
C GLU A 215 20.23 23.05 -10.67
N ALA A 216 20.52 23.17 -11.96
CA ALA A 216 20.43 24.45 -12.67
C ALA A 216 18.99 24.88 -12.92
N ARG A 217 18.10 23.89 -13.09
CA ARG A 217 16.66 24.13 -13.17
C ARG A 217 15.97 23.34 -12.04
N PRO A 218 16.12 23.79 -10.78
CA PRO A 218 15.80 22.91 -9.65
C PRO A 218 14.29 22.81 -9.35
N ILE A 219 13.93 21.98 -8.38
CA ILE A 219 12.54 21.75 -7.98
C ILE A 219 11.94 23.03 -7.37
N VAL A 220 12.76 23.81 -6.66
CA VAL A 220 12.34 25.09 -6.07
C VAL A 220 11.94 26.12 -7.15
N SER A 221 12.55 26.00 -8.34
CA SER A 221 12.14 26.80 -9.49
C SER A 221 10.75 26.42 -9.99
N GLU A 222 10.44 25.13 -9.95
CA GLU A 222 9.12 24.64 -10.32
C GLU A 222 8.09 25.14 -9.31
N LEU A 223 8.43 25.03 -8.03
CA LEU A 223 7.58 25.45 -6.93
C LEU A 223 7.23 26.93 -6.98
N GLU A 224 8.23 27.77 -7.23
CA GLU A 224 8.05 29.22 -7.32
C GLU A 224 7.06 29.56 -8.44
N ALA A 225 7.29 28.94 -9.59
CA ALA A 225 6.50 29.17 -10.78
C ALA A 225 5.05 28.68 -10.64
N VAL A 226 4.89 27.45 -10.15
CA VAL A 226 3.58 26.88 -9.83
C VAL A 226 2.81 27.76 -8.86
N GLU A 227 3.44 28.13 -7.75
CA GLU A 227 2.84 29.06 -6.79
C GLU A 227 2.37 30.38 -7.41
N ARG A 228 3.23 31.00 -8.23
CA ARG A 228 2.87 32.26 -8.90
CA ARG A 228 2.88 32.25 -8.90
C ARG A 228 1.63 32.08 -9.78
N ILE A 229 1.65 31.06 -10.63
CA ILE A 229 0.52 30.77 -11.52
C ILE A 229 -0.79 30.41 -10.77
N LEU A 230 -0.66 29.76 -9.61
CA LEU A 230 -1.81 29.46 -8.75
C LEU A 230 -2.48 30.69 -8.16
N ARG A 231 -1.71 31.71 -7.83
CA ARG A 231 -2.27 32.97 -7.32
C ARG A 231 -2.93 33.76 -8.44
N PHE A 232 -2.29 33.75 -9.62
CA PHE A 232 -2.81 34.40 -10.82
C PHE A 232 -4.12 33.74 -11.24
N ALA A 233 -4.19 32.41 -11.06
CA ALA A 233 -5.41 31.65 -11.25
C ALA A 233 -6.50 32.11 -10.31
N GLN A 234 -6.16 32.28 -9.04
CA GLN A 234 -7.10 32.71 -8.00
C GLN A 234 -7.68 34.09 -8.25
N LEU A 235 -6.84 35.02 -8.69
CA LEU A 235 -7.25 36.39 -8.97
C LEU A 235 -8.22 36.44 -10.15
N THR A 236 -7.88 35.73 -11.23
CA THR A 236 -8.56 35.85 -12.54
C THR A 236 -9.65 34.80 -12.81
N CYS A 237 -9.76 33.82 -11.91
CA CYS A 237 -10.71 32.69 -12.03
C CYS A 237 -10.54 31.80 -13.26
N CYS A 238 -9.34 31.81 -13.81
CA CYS A 238 -9.04 31.06 -15.00
C CYS A 238 -8.66 29.66 -14.59
N PRO A 239 -9.33 28.63 -15.17
CA PRO A 239 -8.90 27.24 -15.04
C PRO A 239 -7.48 27.02 -15.60
N ILE A 240 -6.72 26.16 -14.94
CA ILE A 240 -5.28 26.08 -15.15
C ILE A 240 -4.80 24.60 -15.19
N HIS A 241 -3.79 24.33 -16.01
CA HIS A 241 -3.21 22.99 -16.11
C HIS A 241 -1.69 23.04 -16.02
N ILE A 242 -1.10 22.35 -15.05
CA ILE A 242 0.35 22.40 -14.90
C ILE A 242 0.98 21.27 -15.70
N CYS A 243 1.78 21.64 -16.70
CA CYS A 243 2.50 20.66 -17.53
C CYS A 243 3.64 19.99 -16.75
N HIS A 244 4.04 18.81 -17.24
CA HIS A 244 5.19 18.02 -16.75
C HIS A 244 5.84 18.47 -15.43
N VAL A 245 5.34 17.89 -14.35
CA VAL A 245 5.83 18.16 -13.01
C VAL A 245 6.77 17.01 -12.61
N SER A 246 7.95 17.36 -12.11
CA SER A 246 9.00 16.37 -11.89
C SER A 246 9.06 15.78 -10.48
N SER A 247 8.42 16.45 -9.52
CA SER A 247 8.55 16.05 -8.10
C SER A 247 7.23 16.06 -7.35
N ARG A 248 7.13 15.19 -6.34
CA ARG A 248 5.97 15.16 -5.46
C ARG A 248 5.87 16.39 -4.54
N LYS A 249 6.98 17.11 -4.36
CA LYS A 249 6.96 18.36 -3.59
C LYS A 249 6.08 19.39 -4.32
N VAL A 250 6.12 19.35 -5.64
CA VAL A 250 5.34 20.24 -6.51
C VAL A 250 3.87 19.83 -6.51
N LEU A 251 3.64 18.52 -6.57
CA LEU A 251 2.30 17.95 -6.44
C LEU A 251 1.66 18.30 -5.10
N LYS A 252 2.45 18.22 -4.03
CA LYS A 252 1.95 18.48 -2.68
C LYS A 252 1.45 19.90 -2.56
N ARG A 253 2.16 20.81 -3.24
CA ARG A 253 1.77 22.21 -3.29
C ARG A 253 0.44 22.39 -4.03
N ILE A 254 0.23 21.61 -5.10
CA ILE A 254 -1.00 21.69 -5.89
C ILE A 254 -2.20 21.11 -5.15
N LYS A 255 -1.98 20.01 -4.44
CA LYS A 255 -3.01 19.41 -3.57
C LYS A 255 -3.50 20.39 -2.50
N GLN A 256 -2.57 21.17 -1.93
CA GLN A 256 -2.92 22.24 -0.98
C GLN A 256 -3.78 23.30 -1.65
N ALA A 257 -3.39 23.69 -2.86
CA ALA A 257 -4.13 24.67 -3.65
C ALA A 257 -5.50 24.14 -4.09
N LYS A 258 -5.58 22.85 -4.42
CA LYS A 258 -6.88 22.22 -4.70
C LYS A 258 -7.82 22.33 -3.52
N GLY A 259 -7.29 22.09 -2.31
CA GLY A 259 -8.05 22.21 -1.08
C GLY A 259 -8.59 23.61 -0.85
N GLU A 260 -7.84 24.62 -1.31
CA GLU A 260 -8.26 26.01 -1.17
C GLU A 260 -9.12 26.51 -2.35
N GLY A 261 -9.53 25.59 -3.21
CA GLY A 261 -10.53 25.91 -4.25
C GLY A 261 -10.04 26.16 -5.66
N VAL A 262 -8.73 26.28 -5.85
CA VAL A 262 -8.15 26.57 -7.17
C VAL A 262 -8.43 25.46 -8.18
N ASN A 263 -8.89 25.86 -9.36
CA ASN A 263 -9.16 24.97 -10.48
C ASN A 263 -7.86 24.57 -11.17
N VAL A 264 -7.14 23.61 -10.59
CA VAL A 264 -5.89 23.13 -11.17
C VAL A 264 -5.98 21.68 -11.58
N SER A 265 -5.36 21.38 -12.71
CA SER A 265 -4.97 20.01 -13.01
C SER A 265 -3.46 19.95 -13.11
N VAL A 266 -2.91 18.75 -12.91
CA VAL A 266 -1.48 18.53 -13.04
C VAL A 266 -1.21 17.22 -13.75
N GLU A 267 -0.17 17.23 -14.59
CA GLU A 267 0.29 16.04 -15.25
C GLU A 267 1.74 15.74 -14.89
N THR A 268 2.14 14.49 -15.11
CA THR A 268 3.55 14.17 -15.25
C THR A 268 3.73 13.30 -16.50
N CYS A 269 4.99 13.01 -16.82
CA CYS A 269 5.32 12.28 -18.03
C CYS A 269 6.12 11.03 -17.69
N PRO A 270 6.08 10.00 -18.56
CA PRO A 270 6.69 8.71 -18.23
C PRO A 270 8.16 8.77 -17.87
N HIS A 271 8.92 9.65 -18.53
CA HIS A 271 10.36 9.74 -18.29
C HIS A 271 10.72 10.12 -16.86
N TYR A 272 9.88 10.97 -16.24
CA TYR A 272 10.06 11.34 -14.84
C TYR A 272 9.80 10.17 -13.91
N LEU A 273 8.92 9.28 -14.37
CA LEU A 273 8.54 8.07 -13.63
C LEU A 273 9.49 6.90 -13.83
N LEU A 274 10.30 6.93 -14.89
CA LEU A 274 11.16 5.81 -15.22
C LEU A 274 12.61 6.17 -14.93
N PHE A 275 13.04 7.32 -15.43
CA PHE A 275 14.43 7.69 -15.39
C PHE A 275 14.79 8.59 -14.21
N SER A 276 15.86 8.25 -13.51
CA SER A 276 16.39 9.10 -12.46
C SER A 276 17.69 9.77 -12.89
N LEU A 277 18.43 10.29 -11.91
CA LEU A 277 19.68 10.99 -12.14
C LEU A 277 20.81 10.00 -12.43
N ASP A 278 20.67 8.78 -11.90
CA ASP A 278 21.59 7.68 -12.16
C ASP A 278 21.43 7.21 -13.61
N GLU A 279 20.17 7.10 -14.04
CA GLU A 279 19.84 6.72 -15.41
C GLU A 279 20.05 7.87 -16.40
N PHE A 280 20.09 9.10 -15.88
CA PHE A 280 20.35 10.29 -16.70
C PHE A 280 21.74 10.21 -17.33
N ALA A 281 22.76 10.07 -16.49
CA ALA A 281 24.16 10.01 -16.94
C ALA A 281 24.46 8.72 -17.72
N GLU A 282 23.75 7.65 -17.38
CA GLU A 282 23.93 6.34 -17.99
C GLU A 282 23.47 6.34 -19.45
N ILE A 283 22.27 6.86 -19.70
CA ILE A 283 21.76 7.09 -21.07
C ILE A 283 22.54 8.25 -21.69
N GLY A 284 22.76 9.29 -20.88
CA GLY A 284 23.55 10.42 -21.30
C GLY A 284 22.72 11.63 -21.69
N TYR A 285 22.72 11.94 -22.98
CA TYR A 285 22.21 13.20 -23.50
C TYR A 285 20.75 13.17 -23.91
N LEU A 286 20.31 12.04 -24.41
CA LEU A 286 18.96 11.91 -24.94
C LEU A 286 17.90 11.91 -23.83
N ALA A 287 18.37 11.96 -22.57
CA ALA A 287 17.49 12.05 -21.42
C ALA A 287 17.32 13.50 -20.92
N LYS A 288 17.80 14.47 -21.69
CA LYS A 288 17.63 15.89 -21.34
C LYS A 288 16.20 16.36 -21.61
N CYS A 289 15.56 16.92 -20.59
CA CYS A 289 14.24 17.56 -20.75
C CYS A 289 14.08 18.74 -19.81
N ALA A 290 12.99 19.49 -20.00
CA ALA A 290 12.70 20.66 -19.18
C ALA A 290 11.29 20.58 -18.59
N PRO A 291 11.17 20.42 -17.24
CA PRO A 291 12.16 20.27 -16.16
C PRO A 291 13.06 19.03 -16.29
N PRO A 292 14.24 19.04 -15.66
CA PRO A 292 15.15 17.91 -15.76
C PRO A 292 14.68 16.74 -14.92
N LEU A 293 15.24 15.56 -15.21
CA LEU A 293 15.01 14.37 -14.40
C LEU A 293 15.71 14.54 -13.06
N ARG A 294 15.16 13.92 -12.02
CA ARG A 294 15.63 14.17 -10.66
C ARG A 294 16.33 12.95 -10.07
N GLU A 295 16.68 13.00 -8.79
CA GLU A 295 17.32 11.87 -8.12
C GLU A 295 16.35 10.70 -7.90
N ARG A 296 16.91 9.51 -7.61
CA ARG A 296 16.14 8.28 -7.47
C ARG A 296 15.06 8.35 -6.37
N GLN A 297 15.40 9.01 -5.26
CA GLN A 297 14.47 9.21 -4.16
C GLN A 297 13.28 10.06 -4.58
N GLU A 298 13.52 11.00 -5.48
CA GLU A 298 12.50 11.89 -6.01
C GLU A 298 11.55 11.18 -6.99
N VAL A 299 12.09 10.23 -7.76
CA VAL A 299 11.32 9.41 -8.69
C VAL A 299 10.42 8.42 -7.92
N GLU A 300 10.93 7.95 -6.78
CA GLU A 300 10.22 7.04 -5.90
C GLU A 300 9.09 7.78 -5.15
N ASP A 301 9.34 9.05 -4.80
CA ASP A 301 8.34 9.92 -4.20
C ASP A 301 7.21 10.18 -5.18
N LEU A 302 7.58 10.41 -6.44
CA LEU A 302 6.62 10.73 -7.50
C LEU A 302 5.62 9.60 -7.70
N TRP A 303 6.10 8.36 -7.61
CA TRP A 303 5.23 7.20 -7.67
C TRP A 303 4.23 7.14 -6.54
N ASP A 304 4.69 7.44 -5.33
CA ASP A 304 3.84 7.50 -4.14
C ASP A 304 2.71 8.52 -4.29
N GLY A 305 3.01 9.65 -4.95
CA GLY A 305 2.01 10.66 -5.27
C GLY A 305 1.00 10.19 -6.29
N LEU A 306 1.48 9.56 -7.36
CA LEU A 306 0.64 9.01 -8.41
C LEU A 306 -0.33 7.99 -7.84
N MET A 307 0.22 7.08 -7.04
CA MET A 307 -0.55 6.02 -6.40
C MET A 307 -1.61 6.62 -5.47
N ALA A 308 -1.26 7.73 -4.82
CA ALA A 308 -2.18 8.44 -3.91
C ALA A 308 -3.27 9.25 -4.64
N GLY A 309 -3.10 9.48 -5.93
CA GLY A 309 -4.08 10.25 -6.71
C GLY A 309 -3.70 11.70 -6.94
N GLU A 310 -2.46 12.06 -6.62
CA GLU A 310 -1.98 13.45 -6.73
C GLU A 310 -1.66 13.91 -8.16
N ILE A 311 -1.72 13.01 -9.13
CA ILE A 311 -1.57 13.38 -10.55
C ILE A 311 -2.88 13.15 -11.31
N ASP A 312 -3.34 14.15 -12.04
CA ASP A 312 -4.63 14.09 -12.72
C ASP A 312 -4.59 13.28 -13.99
N LEU A 313 -3.52 13.43 -14.77
CA LEU A 313 -3.37 12.74 -16.05
C LEU A 313 -1.90 12.53 -16.45
N ILE A 314 -1.67 11.68 -17.45
CA ILE A 314 -0.32 11.44 -17.96
C ILE A 314 -0.28 11.82 -19.43
N SER A 315 0.81 12.48 -19.82
CA SER A 315 1.03 12.83 -21.20
C SER A 315 2.49 12.53 -21.49
N SER A 316 2.90 12.61 -22.75
CA SER A 316 4.25 12.22 -23.10
C SER A 316 5.22 13.39 -23.11
N ASP A 317 4.71 14.59 -23.39
CA ASP A 317 5.54 15.76 -23.72
C ASP A 317 6.54 15.38 -24.82
N HIS A 318 5.99 14.93 -25.95
CA HIS A 318 6.78 14.47 -27.09
C HIS A 318 7.53 15.65 -27.69
N SER A 319 8.81 15.76 -27.34
CA SER A 319 9.62 16.93 -27.67
C SER A 319 10.85 16.52 -28.48
N PRO A 320 10.68 16.42 -29.82
CA PRO A 320 11.66 15.84 -30.74
C PRO A 320 12.62 16.83 -31.42
N SER A 321 13.82 16.33 -31.76
CA SER A 321 14.80 17.12 -32.52
C SER A 321 15.69 16.22 -33.39
N LEU A 322 16.48 16.85 -34.25
CA LEU A 322 17.42 16.15 -35.15
C LEU A 322 18.55 15.46 -34.35
N PRO A 323 19.09 14.33 -34.87
CA PRO A 323 20.25 13.69 -34.23
C PRO A 323 21.41 14.66 -33.92
N GLN A 324 21.81 15.46 -34.92
CA GLN A 324 22.87 16.48 -34.77
C GLN A 324 22.50 17.64 -33.80
N MET A 325 21.21 17.77 -33.50
CA MET A 325 20.71 18.73 -32.50
C MET A 325 20.97 18.21 -31.09
N LYS A 326 21.15 16.91 -30.96
CA LYS A 326 21.52 16.28 -29.70
C LYS A 326 23.05 16.10 -29.64
N THR A 327 23.77 17.15 -30.02
CA THR A 327 25.23 17.19 -30.04
C THR A 327 25.70 18.57 -29.57
N GLY A 328 26.56 18.59 -28.56
CA GLY A 328 27.18 19.80 -28.05
C GLY A 328 28.37 19.45 -27.18
N LYS A 329 29.13 20.47 -26.79
CA LYS A 329 30.28 20.30 -25.90
C LYS A 329 29.83 19.87 -24.50
N THR A 330 28.74 20.48 -24.03
CA THR A 330 28.21 20.24 -22.69
C THR A 330 26.72 19.93 -22.73
N ILE A 331 26.16 19.59 -21.57
CA ILE A 331 24.74 19.29 -21.42
C ILE A 331 23.84 20.53 -21.64
N PHE A 332 24.35 21.72 -21.34
CA PHE A 332 23.62 22.96 -21.57
C PHE A 332 23.58 23.36 -23.05
N GLU A 333 24.62 22.98 -23.78
CA GLU A 333 24.76 23.26 -25.22
C GLU A 333 23.63 22.65 -26.05
N VAL A 334 23.11 21.53 -25.57
CA VAL A 334 22.12 20.73 -26.27
C VAL A 334 20.71 21.30 -26.17
N TRP A 335 19.98 21.21 -27.28
CA TRP A 335 18.54 21.42 -27.27
C TRP A 335 17.90 20.21 -26.59
N GLY A 336 17.20 20.47 -25.49
CA GLY A 336 16.63 19.40 -24.67
C GLY A 336 15.21 18.99 -25.05
N GLY A 337 14.94 17.70 -24.91
CA GLY A 337 13.61 17.14 -25.15
C GLY A 337 13.63 15.63 -25.29
N ILE A 338 12.51 15.00 -24.98
CA ILE A 338 12.40 13.53 -25.05
C ILE A 338 11.30 13.10 -26.01
N ALA A 339 11.68 12.30 -27.00
CA ALA A 339 10.76 11.65 -27.91
C ALA A 339 10.31 10.31 -27.31
N GLY A 340 9.01 10.18 -27.06
CA GLY A 340 8.49 8.98 -26.39
C GLY A 340 6.99 8.74 -26.43
N CYS A 341 6.28 9.36 -27.38
CA CYS A 341 4.81 9.24 -27.45
C CYS A 341 4.29 7.92 -28.03
N GLN A 342 5.20 7.00 -28.36
CA GLN A 342 4.85 5.62 -28.74
C GLN A 342 4.91 4.72 -27.50
N ASN A 343 5.64 5.18 -26.50
CA ASN A 343 5.94 4.33 -25.36
C ASN A 343 5.18 4.66 -24.09
N THR A 344 4.35 5.70 -24.15
CA THR A 344 3.62 6.19 -22.98
C THR A 344 2.88 5.07 -22.25
N LEU A 345 2.04 4.35 -22.99
CA LEU A 345 1.31 3.22 -22.41
C LEU A 345 2.26 2.09 -22.00
N ALA A 346 3.25 1.81 -22.84
CA ALA A 346 4.22 0.74 -22.63
C ALA A 346 4.97 0.83 -21.29
N VAL A 347 5.55 1.99 -20.98
CA VAL A 347 6.24 2.16 -19.70
C VAL A 347 5.27 2.10 -18.51
N MET A 348 4.06 2.67 -18.70
CA MET A 348 3.06 2.70 -17.63
C MET A 348 2.64 1.32 -17.14
N LEU A 349 2.45 0.44 -18.10
CA LEU A 349 2.12 -0.96 -17.98
C LEU A 349 3.17 -1.79 -17.31
N THR A 350 4.39 -1.43 -17.60
CA THR A 350 5.62 -2.10 -17.13
C THR A 350 5.96 -1.65 -15.72
N GLU A 351 6.22 -0.34 -15.57
CA GLU A 351 6.60 0.26 -14.30
C GLU A 351 5.47 0.29 -13.28
N GLY A 352 4.26 0.57 -13.75
CA GLY A 352 3.13 0.71 -12.83
C GLY A 352 2.44 -0.60 -12.51
N TYR A 353 1.87 -1.22 -13.53
CA TYR A 353 1.07 -2.41 -13.35
C TYR A 353 1.92 -3.58 -12.90
N HIS A 354 2.95 -3.92 -13.66
CA HIS A 354 3.78 -5.07 -13.36
C HIS A 354 4.73 -4.87 -12.18
N LYS A 355 5.53 -3.81 -12.24
CA LYS A 355 6.53 -3.55 -11.21
C LYS A 355 5.90 -3.06 -9.90
N ARG A 356 5.08 -2.02 -9.97
CA ARG A 356 4.61 -1.36 -8.74
C ARG A 356 3.16 -1.64 -8.37
N LYS A 357 2.56 -2.63 -9.04
CA LYS A 357 1.20 -3.13 -8.74
C LYS A 357 0.10 -2.07 -8.80
N MET A 358 0.21 -1.12 -9.73
CA MET A 358 -0.88 -0.17 -9.92
C MET A 358 -1.98 -0.87 -10.72
N PRO A 359 -3.26 -0.65 -10.33
CA PRO A 359 -4.36 -1.31 -11.04
C PRO A 359 -4.46 -0.76 -12.46
N LEU A 360 -4.87 -1.62 -13.41
CA LEU A 360 -5.01 -1.24 -14.81
C LEU A 360 -6.01 -0.12 -15.01
N THR A 361 -7.08 -0.15 -14.23
CA THR A 361 -8.15 0.84 -14.28
C THR A 361 -7.61 2.24 -14.10
N GLN A 362 -6.62 2.38 -13.22
CA GLN A 362 -5.99 3.65 -12.96
C GLN A 362 -5.12 4.11 -14.12
N ILE A 363 -4.57 3.18 -14.90
CA ILE A 363 -3.79 3.62 -16.05
C ILE A 363 -4.68 4.09 -17.23
N VAL A 364 -5.91 3.55 -17.31
CA VAL A 364 -6.93 4.06 -18.22
C VAL A 364 -7.31 5.49 -17.78
N GLN A 365 -7.53 5.64 -16.48
CA GLN A 365 -7.94 6.90 -15.86
C GLN A 365 -6.98 8.04 -16.19
N LEU A 366 -5.69 7.80 -15.99
CA LEU A 366 -4.68 8.84 -16.18
C LEU A 366 -4.28 9.07 -17.65
N LEU A 367 -4.42 8.06 -18.49
CA LEU A 367 -3.92 8.18 -19.86
C LEU A 367 -4.99 8.40 -20.93
N SER A 368 -6.26 8.31 -20.54
CA SER A 368 -7.36 8.37 -21.50
C SER A 368 -8.53 9.18 -20.95
N THR A 369 -9.02 8.78 -19.78
CA THR A 369 -10.29 9.27 -19.26
C THR A 369 -10.20 10.68 -18.65
N GLU A 370 -9.23 10.91 -17.78
CA GLU A 370 -9.03 12.26 -17.26
C GLU A 370 -8.51 13.28 -18.30
N PRO A 371 -7.59 12.88 -19.22
CA PRO A 371 -7.34 13.75 -20.37
C PRO A 371 -8.63 14.18 -21.08
N ALA A 372 -9.56 13.24 -21.28
CA ALA A 372 -10.86 13.54 -21.87
C ALA A 372 -11.72 14.45 -21.00
N LYS A 373 -11.81 14.14 -19.70
CA LYS A 373 -12.67 14.92 -18.77
C LYS A 373 -12.23 16.37 -18.66
N ARG A 374 -10.94 16.56 -18.44
CA ARG A 374 -10.36 17.89 -18.21
C ARG A 374 -10.57 18.86 -19.37
N PHE A 375 -10.66 18.33 -20.59
CA PHE A 375 -10.70 19.18 -21.78
C PHE A 375 -12.04 19.18 -22.54
N GLY A 376 -13.02 18.49 -21.99
CA GLY A 376 -14.41 18.58 -22.45
C GLY A 376 -14.89 17.52 -23.43
N LEU A 377 -14.10 16.47 -23.63
CA LEU A 377 -14.43 15.41 -24.59
C LEU A 377 -14.79 14.09 -23.89
N TYR A 378 -15.55 14.20 -22.80
CA TYR A 378 -16.05 13.04 -22.05
C TYR A 378 -17.58 13.13 -21.97
N PRO A 379 -18.30 12.01 -22.22
CA PRO A 379 -17.82 10.65 -22.44
C PRO A 379 -17.66 10.20 -23.89
N GLN A 380 -17.46 11.13 -24.82
CA GLN A 380 -17.23 10.80 -26.24
C GLN A 380 -15.92 10.01 -26.38
N LYS A 381 -14.86 10.54 -25.78
CA LYS A 381 -13.57 9.85 -25.70
C LYS A 381 -13.34 9.42 -24.27
N GLY A 382 -12.43 8.47 -24.07
CA GLY A 382 -12.08 8.02 -22.73
C GLY A 382 -12.92 6.88 -22.18
N THR A 383 -13.80 6.33 -23.01
CA THR A 383 -14.74 5.30 -22.55
C THR A 383 -14.95 4.14 -23.50
N ILE A 384 -15.42 3.03 -22.94
CA ILE A 384 -16.06 1.99 -23.72
C ILE A 384 -17.50 1.91 -23.20
N GLN A 385 -18.40 2.55 -23.94
CA GLN A 385 -19.82 2.55 -23.63
C GLN A 385 -20.59 2.75 -24.92
N VAL A 386 -21.85 2.34 -24.90
CA VAL A 386 -22.74 2.52 -26.05
C VAL A 386 -22.91 4.00 -26.38
N GLY A 387 -22.59 4.35 -27.62
CA GLY A 387 -22.77 5.73 -28.08
C GLY A 387 -21.47 6.51 -28.07
N ALA A 388 -20.46 5.97 -27.41
CA ALA A 388 -19.15 6.61 -27.39
C ALA A 388 -18.42 6.31 -28.67
N GLU A 389 -17.40 7.12 -28.95
CA GLU A 389 -16.55 6.99 -30.12
C GLU A 389 -15.78 5.66 -30.08
N ALA A 390 -15.83 4.92 -31.18
CA ALA A 390 -15.24 3.58 -31.27
C ALA A 390 -13.73 3.63 -31.38
N SER A 391 -13.11 4.18 -30.33
CA SER A 391 -11.68 4.33 -30.26
C SER A 391 -11.17 3.51 -29.11
N PHE A 392 -10.47 2.44 -29.42
CA PHE A 392 -9.88 1.56 -28.40
C PHE A 392 -8.61 0.90 -28.89
N THR A 393 -7.93 0.23 -27.97
CA THR A 393 -6.70 -0.47 -28.31
C THR A 393 -6.61 -1.82 -27.60
N LEU A 394 -6.11 -2.82 -28.32
CA LEU A 394 -5.97 -4.18 -27.79
C LEU A 394 -4.53 -4.48 -27.38
N ILE A 395 -4.37 -4.96 -26.15
CA ILE A 395 -3.05 -5.13 -25.52
C ILE A 395 -2.86 -6.53 -24.96
N ASP A 396 -1.70 -7.11 -25.22
CA ASP A 396 -1.26 -8.33 -24.56
C ASP A 396 -0.36 -7.91 -23.40
N LEU A 397 -0.90 -8.02 -22.20
CA LEU A 397 -0.38 -7.40 -21.01
C LEU A 397 0.93 -7.99 -20.63
N ASN A 398 0.94 -9.31 -20.54
CA ASN A 398 2.02 -10.14 -20.04
C ASN A 398 3.16 -10.33 -21.04
N GLU A 399 2.93 -9.91 -22.29
CA GLU A 399 3.92 -10.02 -23.36
C GLU A 399 5.16 -9.13 -23.14
N SER A 400 6.32 -9.77 -22.98
CA SER A 400 7.60 -9.08 -22.84
C SER A 400 8.23 -8.78 -24.19
N TYR A 401 9.11 -7.78 -24.20
CA TYR A 401 9.90 -7.40 -25.38
C TYR A 401 10.96 -6.34 -25.05
N THR A 402 11.89 -6.15 -25.98
CA THR A 402 12.87 -5.08 -25.92
C THR A 402 12.57 -4.10 -27.06
N LEU A 403 12.68 -2.81 -26.79
CA LEU A 403 12.46 -1.79 -27.81
C LEU A 403 13.79 -1.34 -28.43
N ASN A 404 13.88 -1.37 -29.76
CA ASN A 404 14.97 -0.69 -30.46
C ASN A 404 14.48 0.22 -31.60
N ALA A 405 15.40 1.00 -32.16
CA ALA A 405 15.13 2.04 -33.16
C ALA A 405 14.22 1.63 -34.32
N SER A 406 14.37 0.38 -34.76
CA SER A 406 13.60 -0.19 -35.87
C SER A 406 12.11 -0.27 -35.59
N ASP A 407 11.74 -0.45 -34.33
CA ASP A 407 10.34 -0.55 -33.92
C ASP A 407 9.64 0.81 -34.00
N LEU A 408 10.40 1.88 -33.78
CA LEU A 408 9.86 3.23 -33.65
C LEU A 408 9.38 3.81 -34.98
N TYR A 409 8.22 4.45 -34.94
CA TYR A 409 7.61 5.04 -36.12
C TYR A 409 7.85 6.55 -36.17
N TYR A 410 8.73 7.05 -35.30
CA TYR A 410 9.13 8.46 -35.30
C TYR A 410 9.88 8.82 -36.58
N ARG A 411 9.94 10.11 -36.89
CA ARG A 411 10.75 10.62 -37.99
C ARG A 411 12.23 10.32 -37.73
N HIS A 412 12.62 10.44 -36.46
CA HIS A 412 13.97 10.11 -36.04
C HIS A 412 13.97 9.00 -34.99
N PRO A 413 14.43 7.80 -35.38
CA PRO A 413 14.46 6.61 -34.52
C PRO A 413 15.50 6.72 -33.41
N ILE A 414 15.31 7.68 -32.52
CA ILE A 414 16.17 7.88 -31.36
C ILE A 414 15.32 8.31 -30.17
N SER A 415 15.51 7.59 -29.06
CA SER A 415 14.74 7.77 -27.84
C SER A 415 15.54 7.16 -26.69
N PRO A 416 15.48 7.78 -25.49
CA PRO A 416 16.09 7.17 -24.30
C PRO A 416 15.45 5.82 -23.90
N TYR A 417 14.21 5.60 -24.34
CA TYR A 417 13.51 4.33 -24.12
C TYR A 417 14.07 3.17 -24.95
N VAL A 418 14.93 3.47 -25.93
CA VAL A 418 15.59 2.43 -26.73
C VAL A 418 16.54 1.63 -25.85
N GLY A 419 16.30 0.33 -25.80
CA GLY A 419 17.08 -0.57 -24.96
C GLY A 419 16.35 -0.99 -23.71
N GLN A 420 15.19 -0.38 -23.47
CA GLN A 420 14.39 -0.68 -22.28
C GLN A 420 13.57 -1.95 -22.50
N ARG A 421 13.42 -2.73 -21.43
CA ARG A 421 12.61 -3.95 -21.49
C ARG A 421 11.17 -3.64 -21.03
N PHE A 422 10.22 -3.72 -21.98
CA PHE A 422 8.81 -3.49 -21.67
C PHE A 422 8.00 -4.79 -21.58
N ARG A 423 6.98 -4.78 -20.72
CA ARG A 423 6.01 -5.85 -20.69
C ARG A 423 4.59 -5.27 -20.85
N GLY A 424 3.97 -5.59 -21.97
CA GLY A 424 2.67 -5.02 -22.35
C GLY A 424 2.78 -4.38 -23.72
N LYS A 425 2.42 -5.15 -24.74
CA LYS A 425 2.52 -4.69 -26.11
C LYS A 425 1.14 -4.40 -26.68
N VAL A 426 1.06 -3.38 -27.53
CA VAL A 426 -0.17 -3.07 -28.25
C VAL A 426 -0.20 -3.85 -29.56
N LYS A 427 -1.27 -4.61 -29.74
CA LYS A 427 -1.42 -5.46 -30.91
C LYS A 427 -2.30 -4.79 -31.95
N HIS A 428 -3.30 -4.05 -31.48
CA HIS A 428 -4.28 -3.39 -32.36
C HIS A 428 -4.65 -2.03 -31.81
N THR A 429 -4.95 -1.10 -32.73
CA THR A 429 -5.51 0.19 -32.37
C THR A 429 -6.61 0.54 -33.37
N ILE A 430 -7.81 0.69 -32.83
CA ILE A 430 -8.98 1.07 -33.62
C ILE A 430 -9.25 2.53 -33.29
N CYS A 431 -9.28 3.37 -34.31
CA CYS A 431 -9.60 4.77 -34.12
C CYS A 431 -10.85 5.17 -34.89
N GLN A 432 -11.90 5.50 -34.14
CA GLN A 432 -13.21 5.90 -34.69
C GLN A 432 -13.78 4.83 -35.62
N GLY A 433 -13.69 3.58 -35.20
CA GLY A 433 -14.17 2.45 -35.99
C GLY A 433 -13.20 1.91 -37.03
N LYS A 434 -12.29 2.76 -37.51
CA LYS A 434 -11.29 2.35 -38.49
C LYS A 434 -10.16 1.59 -37.82
N HIS A 435 -9.82 0.44 -38.40
CA HIS A 435 -8.67 -0.36 -37.96
C HIS A 435 -7.39 0.35 -38.44
N VAL A 436 -6.74 1.03 -37.50
CA VAL A 436 -5.73 2.02 -37.82
C VAL A 436 -4.28 1.54 -37.63
N TYR A 437 -4.08 0.53 -36.79
CA TYR A 437 -2.77 -0.07 -36.60
C TYR A 437 -2.89 -1.55 -36.24
N GLN A 438 -2.01 -2.36 -36.81
CA GLN A 438 -1.90 -3.76 -36.46
C GLN A 438 -0.44 -4.17 -36.32
N ASP A 439 -0.13 -4.81 -35.20
CA ASP A 439 1.19 -5.41 -34.94
C ASP A 439 1.31 -6.75 -35.68
N HIS A 440 2.21 -6.80 -36.68
CA HIS A 440 2.35 -7.93 -37.63
C HIS A 440 1.06 -8.28 -38.37
N LYS B 4 27.34 60.94 44.20
CA LYS B 4 27.36 60.57 42.74
C LYS B 4 28.22 59.33 42.44
N ARG B 5 27.82 58.18 43.00
CA ARG B 5 28.42 56.88 42.67
C ARG B 5 27.89 56.42 41.30
N PHE B 6 26.64 56.75 41.03
CA PHE B 6 26.00 56.49 39.74
C PHE B 6 25.61 57.79 39.04
N ASP B 7 25.63 57.78 37.71
CA ASP B 7 25.21 58.92 36.88
C ASP B 7 23.72 59.23 37.04
N LEU B 8 22.90 58.18 37.09
CA LEU B 8 21.45 58.30 37.27
C LEU B 8 20.87 57.02 37.85
N ILE B 9 19.76 57.16 38.54
CA ILE B 9 19.06 56.03 39.04
C ILE B 9 17.57 56.09 38.97
N ILE B 10 16.99 55.07 38.38
CA ILE B 10 15.56 54.93 38.34
C ILE B 10 15.05 54.21 39.53
N ARG B 11 14.05 54.81 40.16
CA ARG B 11 13.67 54.46 41.52
C ARG B 11 12.26 54.05 41.47
N SER B 12 11.96 52.97 42.15
CA SER B 12 10.61 52.71 42.56
C SER B 12 9.71 52.17 41.46
N SER B 13 10.27 51.80 40.31
CA SER B 13 9.42 51.28 39.27
C SER B 13 9.17 49.78 39.30
N THR B 14 8.26 49.32 38.48
CA THR B 14 8.28 47.94 38.03
C THR B 14 9.03 47.82 36.74
N VAL B 15 10.06 47.00 36.76
CA VAL B 15 10.77 46.60 35.56
C VAL B 15 9.90 45.58 34.81
N VAL B 16 9.53 45.88 33.58
CA VAL B 16 8.91 44.85 32.71
C VAL B 16 9.88 44.43 31.59
N THR B 17 10.02 43.12 31.41
CA THR B 17 10.94 42.57 30.42
C THR B 17 10.15 41.72 29.43
N GLU B 18 10.87 41.01 28.57
N GLU B 18 10.87 41.03 28.56
CA GLU B 18 10.30 40.13 27.57
CA GLU B 18 10.29 40.11 27.56
C GLU B 18 9.73 38.83 28.17
C GLU B 18 9.63 38.89 28.21
N THR B 19 10.00 38.60 29.45
CA THR B 19 9.56 37.38 30.12
C THR B 19 8.93 37.59 31.50
N THR B 20 9.19 38.73 32.13
CA THR B 20 8.83 38.91 33.55
C THR B 20 8.60 40.36 33.99
N THR B 21 7.99 40.53 35.16
CA THR B 21 7.87 41.82 35.84
C THR B 21 8.31 41.69 37.30
N TYR B 22 8.92 42.75 37.82
CA TYR B 22 9.38 42.82 39.23
C TYR B 22 9.72 44.26 39.62
N ARG B 23 9.60 44.56 40.91
CA ARG B 23 9.90 45.90 41.46
C ARG B 23 11.38 46.01 41.81
N ALA B 24 12.02 47.07 41.32
CA ALA B 24 13.47 47.26 41.49
C ALA B 24 13.94 48.70 41.26
N ASP B 25 15.15 48.99 41.76
CA ASP B 25 15.88 50.20 41.37
C ASP B 25 16.98 49.83 40.38
N VAL B 26 17.18 50.69 39.39
CA VAL B 26 18.13 50.45 38.30
C VAL B 26 19.12 51.60 38.26
N ALA B 27 20.41 51.28 38.38
CA ALA B 27 21.45 52.30 38.49
C ALA B 27 22.32 52.36 37.25
N ILE B 28 22.45 53.56 36.69
CA ILE B 28 23.13 53.82 35.42
C ILE B 28 24.52 54.39 35.66
N ARG B 29 25.50 53.86 34.93
CA ARG B 29 26.87 54.35 34.99
C ARG B 29 27.52 54.26 33.61
N ASN B 30 27.87 55.42 33.04
CA ASN B 30 28.45 55.53 31.68
C ASN B 30 27.59 54.92 30.57
N GLY B 31 26.29 55.22 30.60
CA GLY B 31 25.37 54.78 29.55
C GLY B 31 24.93 53.33 29.55
N ILE B 32 25.47 52.55 30.48
CA ILE B 32 25.10 51.14 30.64
C ILE B 32 24.51 50.92 32.04
N VAL B 33 23.76 49.82 32.20
CA VAL B 33 23.17 49.47 33.48
C VAL B 33 24.29 48.90 34.34
N SER B 34 24.44 49.44 35.54
CA SER B 34 25.55 49.08 36.42
C SER B 34 25.09 48.12 37.52
N ALA B 35 23.89 48.37 38.03
CA ALA B 35 23.34 47.64 39.15
C ALA B 35 21.82 47.65 39.12
N ILE B 36 21.21 46.48 39.33
CA ILE B 36 19.78 46.39 39.60
C ILE B 36 19.64 45.88 41.04
N THR B 37 18.83 46.57 41.84
CA THR B 37 18.74 46.32 43.28
C THR B 37 17.29 46.27 43.76
N GLU B 38 17.05 45.71 44.95
CA GLU B 38 15.71 45.75 45.56
C GLU B 38 15.30 47.21 45.88
N PRO B 39 13.97 47.52 45.89
CA PRO B 39 13.56 48.94 45.95
C PRO B 39 13.99 49.68 47.22
N GLY B 40 14.83 50.70 47.03
CA GLY B 40 15.27 51.58 48.12
C GLY B 40 16.63 51.24 48.70
N SER B 41 17.26 50.19 48.16
CA SER B 41 18.53 49.68 48.66
C SER B 41 19.72 50.62 48.48
N ILE B 42 19.64 51.51 47.48
CA ILE B 42 20.72 52.43 47.16
C ILE B 42 20.48 53.77 47.87
N SER B 43 21.52 54.29 48.52
CA SER B 43 21.50 55.56 49.25
C SER B 43 20.92 56.71 48.44
N SER B 44 20.12 57.54 49.10
CA SER B 44 19.50 58.70 48.46
C SER B 44 20.55 59.76 48.08
N ASP B 45 21.71 59.69 48.74
CA ASP B 45 22.86 60.54 48.42
C ASP B 45 23.92 59.81 47.57
N ASP B 46 23.48 59.03 46.58
CA ASP B 46 24.41 58.30 45.70
C ASP B 46 24.20 58.52 44.21
N GLY B 47 23.39 59.52 43.86
CA GLY B 47 23.18 59.87 42.47
C GLY B 47 21.83 60.54 42.22
N PRO B 48 21.72 61.27 41.09
CA PRO B 48 20.50 61.90 40.61
C PRO B 48 19.44 60.85 40.33
N ALA B 49 18.20 61.13 40.71
CA ALA B 49 17.16 60.12 40.65
C ALA B 49 15.91 60.56 39.91
N ILE B 50 15.35 59.65 39.12
CA ILE B 50 14.02 59.86 38.55
C ILE B 50 13.03 59.11 39.44
N ASP B 51 12.04 59.83 39.95
CA ASP B 51 11.00 59.23 40.77
C ASP B 51 10.04 58.46 39.88
N GLY B 52 10.13 57.13 39.94
CA GLY B 52 9.31 56.25 39.11
C GLY B 52 8.26 55.46 39.87
N THR B 53 7.77 56.02 40.98
CA THR B 53 6.71 55.40 41.79
C THR B 53 5.39 55.38 41.03
N GLY B 54 4.83 54.17 40.88
CA GLY B 54 3.54 53.98 40.22
C GLY B 54 3.64 53.83 38.72
N LEU B 55 4.86 53.74 38.21
CA LEU B 55 5.12 53.67 36.77
C LEU B 55 5.86 52.37 36.41
N HIS B 56 5.74 51.95 35.16
CA HIS B 56 6.41 50.75 34.67
C HIS B 56 7.57 51.09 33.75
N LEU B 57 8.69 50.41 33.98
CA LEU B 57 9.91 50.61 33.20
C LEU B 57 10.04 49.51 32.15
N PHE B 58 9.83 49.91 30.89
CA PHE B 58 9.99 49.05 29.73
C PHE B 58 11.38 49.31 29.15
N PRO B 59 11.99 48.31 28.48
CA PRO B 59 13.23 48.58 27.76
C PRO B 59 12.93 49.47 26.56
N GLY B 60 13.88 50.32 26.19
CA GLY B 60 13.70 51.27 25.11
C GLY B 60 13.29 50.58 23.82
N MET B 61 12.19 51.05 23.23
CA MET B 61 11.63 50.42 22.04
C MET B 61 12.61 50.52 20.87
N VAL B 62 12.64 49.47 20.06
CA VAL B 62 13.50 49.43 18.88
C VAL B 62 12.57 49.34 17.67
N ASP B 63 12.53 50.43 16.90
CA ASP B 63 11.66 50.54 15.73
C ASP B 63 12.47 50.34 14.45
N VAL B 64 12.28 49.20 13.81
CA VAL B 64 13.11 48.82 12.65
C VAL B 64 12.64 49.42 11.31
N HIS B 65 11.50 50.10 11.32
CA HIS B 65 10.91 50.64 10.09
C HIS B 65 10.45 52.08 10.29
N VAL B 66 11.30 53.04 9.93
CA VAL B 66 10.90 54.44 9.85
C VAL B 66 11.44 55.09 8.58
N HIS B 67 10.73 56.09 8.09
CA HIS B 67 11.21 56.96 7.00
C HIS B 67 11.30 58.40 7.50
N PHE B 68 12.50 58.83 7.88
CA PHE B 68 12.68 60.22 8.33
C PHE B 68 13.14 61.15 7.20
N ASN B 69 13.50 60.56 6.06
CA ASN B 69 13.63 61.25 4.76
C ASN B 69 14.73 62.31 4.61
N GLU B 70 15.59 62.44 5.62
CA GLU B 70 16.72 63.34 5.57
C GLU B 70 17.97 62.59 5.13
N PRO B 71 18.71 63.08 4.11
CA PRO B 71 18.53 64.31 3.33
C PRO B 71 17.72 64.14 2.04
N GLY B 72 17.45 65.26 1.36
CA GLY B 72 16.76 65.25 0.08
C GLY B 72 15.28 65.57 0.18
N ARG B 73 14.58 64.82 1.04
CA ARG B 73 13.20 65.16 1.38
C ARG B 73 13.08 65.42 2.88
N THR B 74 14.06 66.15 3.40
CA THR B 74 14.16 66.50 4.82
C THR B 74 12.89 67.17 5.34
N GLU B 75 12.23 67.91 4.46
CA GLU B 75 11.03 68.67 4.82
CA GLU B 75 11.04 68.66 4.84
C GLU B 75 9.79 67.77 5.02
N TRP B 76 9.97 66.46 4.89
CA TRP B 76 8.90 65.50 5.17
C TRP B 76 8.92 65.15 6.67
N GLU B 77 10.12 64.94 7.20
CA GLU B 77 10.34 64.72 8.64
C GLU B 77 11.61 65.40 9.17
N GLY B 78 12.76 64.83 8.82
CA GLY B 78 14.04 65.25 9.36
C GLY B 78 14.43 64.39 10.55
N PHE B 79 15.74 64.28 10.80
CA PHE B 79 16.27 63.53 11.93
C PHE B 79 15.98 64.13 13.30
N ALA B 80 15.78 65.46 13.32
CA ALA B 80 15.52 66.17 14.58
C ALA B 80 14.11 65.89 15.09
N SER B 81 13.11 66.20 14.27
CA SER B 81 11.72 66.03 14.66
C SER B 81 11.33 64.56 14.67
N GLY B 82 11.98 63.77 13.81
CA GLY B 82 11.74 62.34 13.74
C GLY B 82 12.09 61.63 15.03
N SER B 83 13.31 61.86 15.51
CA SER B 83 13.80 61.28 16.75
C SER B 83 13.17 61.91 17.98
N LYS B 84 12.63 63.12 17.81
CA LYS B 84 11.90 63.81 18.87
C LYS B 84 10.60 63.05 19.15
N SER B 85 9.91 62.66 18.07
CA SER B 85 8.67 61.90 18.12
C SER B 85 8.82 60.55 18.79
N LEU B 86 9.95 59.89 18.51
CA LEU B 86 10.21 58.54 19.01
C LEU B 86 10.41 58.51 20.51
N ALA B 87 11.19 59.47 21.01
CA ALA B 87 11.40 59.71 22.44
C ALA B 87 10.07 59.96 23.17
N ALA B 88 9.17 60.73 22.56
CA ALA B 88 7.83 60.95 23.12
C ALA B 88 6.98 59.67 23.15
N GLY B 89 7.39 58.66 22.38
CA GLY B 89 6.67 57.39 22.29
C GLY B 89 7.39 56.23 22.93
N GLY B 90 8.57 56.50 23.50
CA GLY B 90 9.32 55.51 24.24
C GLY B 90 10.34 54.75 23.41
N VAL B 91 10.64 55.28 22.24
CA VAL B 91 11.54 54.60 21.31
C VAL B 91 12.95 55.19 21.42
N THR B 92 13.93 54.34 21.68
CA THR B 92 15.30 54.77 21.89
C THR B 92 16.26 54.36 20.77
N THR B 93 15.85 53.40 19.95
CA THR B 93 16.63 53.01 18.76
C THR B 93 15.68 52.93 17.57
N TYR B 94 16.11 53.45 16.43
CA TYR B 94 15.35 53.31 15.17
C TYR B 94 16.22 52.94 13.98
N PHE B 95 15.66 52.16 13.05
CA PHE B 95 16.38 51.89 11.80
C PHE B 95 15.76 52.73 10.70
N ASP B 96 16.51 53.71 10.20
CA ASP B 96 16.03 54.54 9.11
C ASP B 96 16.14 53.84 7.75
N MET B 97 15.00 53.74 7.06
CA MET B 97 14.89 53.11 5.74
C MET B 97 15.62 53.90 4.65
N PRO B 98 16.06 53.23 3.56
CA PRO B 98 16.93 53.92 2.63
C PRO B 98 16.22 54.84 1.63
N LEU B 99 14.88 54.88 1.66
CA LEU B 99 14.15 55.56 0.60
C LEU B 99 13.29 56.74 1.06
N ASN B 100 12.89 57.51 0.05
CA ASN B 100 12.29 58.85 0.12
C ASN B 100 13.34 59.89 0.45
N SER B 101 14.34 59.49 1.26
CA SER B 101 15.65 60.13 1.29
C SER B 101 16.18 60.17 -0.15
N ASN B 102 16.63 61.35 -0.59
CA ASN B 102 16.99 61.55 -1.99
C ASN B 102 18.36 62.23 -2.17
N PRO B 103 19.32 61.55 -2.83
CA PRO B 103 19.31 60.19 -3.40
C PRO B 103 19.11 59.12 -2.32
N PRO B 104 18.60 57.93 -2.70
CA PRO B 104 18.42 56.92 -1.69
C PRO B 104 19.75 56.34 -1.24
N THR B 105 19.73 55.62 -0.13
CA THR B 105 20.95 55.12 0.52
C THR B 105 21.47 53.92 -0.27
N ILE B 106 21.95 54.23 -1.46
CA ILE B 106 22.21 53.27 -2.53
C ILE B 106 23.70 52.92 -2.48
N THR B 107 24.48 53.90 -2.07
CA THR B 107 25.93 53.77 -1.99
C THR B 107 26.49 54.16 -0.62
N ARG B 108 27.73 53.72 -0.35
CA ARG B 108 28.46 54.00 0.90
C ARG B 108 28.59 55.51 1.19
N GLU B 109 28.83 56.30 0.13
CA GLU B 109 28.89 57.76 0.22
C GLU B 109 27.56 58.35 0.69
N GLU B 110 26.46 57.87 0.11
CA GLU B 110 25.14 58.38 0.43
C GLU B 110 24.74 58.03 1.87
N LEU B 111 25.27 56.90 2.36
CA LEU B 111 25.13 56.51 3.76
C LEU B 111 25.84 57.48 4.69
N ASP B 112 27.09 57.81 4.35
CA ASP B 112 27.93 58.69 5.15
C ASP B 112 27.32 60.08 5.38
N LYS B 113 26.67 60.62 4.35
CA LYS B 113 25.99 61.92 4.44
C LYS B 113 24.78 61.86 5.38
N LYS B 114 24.10 60.72 5.39
CA LYS B 114 22.95 60.51 6.26
C LYS B 114 23.41 60.29 7.70
N ARG B 115 24.48 59.49 7.83
CA ARG B 115 25.15 59.16 9.09
C ARG B 115 25.53 60.42 9.90
N GLN B 116 26.05 61.43 9.22
CA GLN B 116 26.47 62.68 9.85
C GLN B 116 25.28 63.54 10.27
N LEU B 117 24.20 63.47 9.51
CA LEU B 117 23.00 64.25 9.84
C LEU B 117 22.26 63.63 11.01
N ALA B 118 22.38 62.32 11.18
CA ALA B 118 21.86 61.64 12.36
C ALA B 118 22.72 61.92 13.60
N ASN B 119 24.04 61.87 13.43
CA ASN B 119 25.02 62.19 14.48
C ASN B 119 24.88 63.61 15.05
N GLU B 120 24.22 64.47 14.27
CA GLU B 120 24.05 65.88 14.60
C GLU B 120 22.66 66.17 15.17
N LYS B 121 21.63 65.57 14.58
CA LYS B 121 20.25 65.94 14.89
C LYS B 121 19.45 64.93 15.71
N SER B 122 19.81 63.66 15.64
CA SER B 122 19.05 62.60 16.31
C SER B 122 19.20 62.60 17.83
N LEU B 123 18.05 62.59 18.51
CA LEU B 123 17.98 62.55 19.96
C LEU B 123 18.23 61.13 20.51
N VAL B 124 17.78 60.13 19.77
CA VAL B 124 17.96 58.74 20.17
C VAL B 124 18.89 58.00 19.22
N ASP B 125 19.23 56.75 19.55
CA ASP B 125 20.18 55.98 18.76
C ASP B 125 19.57 55.51 17.44
N TYR B 126 20.44 55.33 16.45
CA TYR B 126 20.02 55.11 15.08
C TYR B 126 20.82 53.97 14.45
N ARG B 127 20.18 53.25 13.53
CA ARG B 127 20.88 52.43 12.55
C ARG B 127 20.30 52.73 11.18
N PHE B 128 20.91 52.16 10.13
CA PHE B 128 20.49 52.45 8.76
C PHE B 128 20.27 51.21 7.91
N TRP B 129 19.17 51.23 7.16
CA TRP B 129 18.93 50.26 6.11
C TRP B 129 19.72 50.66 4.87
N GLY B 130 20.36 49.68 4.25
CA GLY B 130 20.92 49.85 2.92
C GLY B 130 19.83 49.63 1.90
N GLY B 131 20.06 50.08 0.67
CA GLY B 131 19.09 49.90 -0.40
C GLY B 131 19.56 48.92 -1.43
N LEU B 132 18.66 48.05 -1.85
CA LEU B 132 18.90 47.18 -3.00
C LEU B 132 18.02 47.64 -4.15
N VAL B 133 18.65 48.15 -5.20
CA VAL B 133 17.97 48.58 -6.42
C VAL B 133 18.66 47.90 -7.62
N PRO B 134 17.96 47.77 -8.76
CA PRO B 134 18.54 47.24 -10.01
C PRO B 134 20.02 47.54 -10.33
N GLY B 135 20.52 48.71 -9.95
CA GLY B 135 21.90 49.10 -10.30
C GLY B 135 23.04 48.73 -9.35
N ASN B 136 22.77 48.74 -8.03
CA ASN B 136 23.85 48.81 -7.03
C ASN B 136 24.42 47.53 -6.44
N ILE B 137 24.41 46.44 -7.21
CA ILE B 137 24.93 45.15 -6.74
C ILE B 137 26.41 45.14 -6.26
N ASP B 138 27.23 46.03 -6.84
CA ASP B 138 28.63 46.21 -6.42
C ASP B 138 28.77 47.08 -5.16
N HIS B 139 27.70 47.78 -4.81
CA HIS B 139 27.73 48.74 -3.69
C HIS B 139 27.34 48.11 -2.36
N LEU B 140 26.79 46.89 -2.41
CA LEU B 140 26.30 46.17 -1.22
C LEU B 140 27.41 45.80 -0.24
N GLN B 141 28.53 45.32 -0.76
CA GLN B 141 29.73 45.04 0.02
C GLN B 141 30.17 46.28 0.81
N ASP B 142 30.20 47.42 0.12
CA ASP B 142 30.62 48.70 0.68
C ASP B 142 29.65 49.22 1.75
N LEU B 143 28.35 49.02 1.53
CA LEU B 143 27.30 49.43 2.48
C LEU B 143 27.35 48.65 3.79
N HIS B 144 27.67 47.36 3.68
CA HIS B 144 27.82 46.49 4.84
C HIS B 144 29.03 46.88 5.69
N ASP B 145 30.12 47.25 5.01
CA ASP B 145 31.33 47.78 5.67
C ASP B 145 31.03 49.14 6.31
N GLY B 146 30.11 49.88 5.70
CA GLY B 146 29.57 51.12 6.27
C GLY B 146 28.69 50.90 7.48
N GLY B 147 28.35 49.63 7.74
CA GLY B 147 27.73 49.24 9.00
C GLY B 147 26.21 49.17 9.03
N VAL B 148 25.60 48.96 7.86
CA VAL B 148 24.14 48.82 7.77
C VAL B 148 23.65 47.55 8.48
N ILE B 149 22.47 47.63 9.09
CA ILE B 149 21.89 46.49 9.80
C ILE B 149 21.21 45.49 8.86
N GLY B 150 21.00 45.91 7.61
CA GLY B 150 20.39 45.08 6.58
C GLY B 150 20.17 45.90 5.33
N PHE B 151 19.45 45.30 4.39
CA PHE B 151 19.19 45.91 3.09
C PHE B 151 17.70 45.89 2.78
N LYS B 152 17.23 46.82 1.96
CA LYS B 152 15.81 46.89 1.63
C LYS B 152 15.51 47.08 0.15
N ALA B 153 14.91 46.05 -0.44
CA ALA B 153 14.43 46.11 -1.83
C ALA B 153 12.91 46.19 -1.83
N PHE B 154 12.37 46.76 -2.91
CA PHE B 154 10.91 46.78 -3.15
C PHE B 154 10.52 45.79 -4.24
N MET B 155 9.42 45.08 -4.03
CA MET B 155 8.92 44.11 -5.02
C MET B 155 7.89 44.73 -5.95
N SER B 156 7.33 45.87 -5.54
CA SER B 156 6.38 46.64 -6.38
C SER B 156 6.71 48.12 -6.38
N GLU B 157 6.35 48.83 -7.45
CA GLU B 157 6.56 50.29 -7.59
C GLU B 157 5.96 51.06 -6.44
N CYS B 158 6.72 51.99 -5.87
CA CYS B 158 6.23 52.73 -4.71
C CYS B 158 6.71 54.17 -4.63
N GLY B 159 5.73 55.06 -4.44
CA GLY B 159 5.95 56.47 -4.14
C GLY B 159 6.74 57.21 -5.19
N THR B 160 7.83 57.84 -4.75
CA THR B 160 8.75 58.54 -5.64
C THR B 160 9.59 57.55 -6.43
N ASP B 161 9.72 57.81 -7.73
CA ASP B 161 10.34 56.85 -8.65
C ASP B 161 11.86 56.98 -8.79
N ASP B 162 12.52 57.58 -7.80
CA ASP B 162 13.98 57.59 -7.77
C ASP B 162 14.53 56.38 -7.00
N PHE B 163 13.68 55.73 -6.21
CA PHE B 163 14.00 54.41 -5.67
C PHE B 163 13.24 53.37 -6.50
N GLN B 164 13.96 52.69 -7.39
CA GLN B 164 13.36 51.68 -8.24
C GLN B 164 13.15 50.33 -7.55
N PHE B 165 11.99 49.73 -7.79
CA PHE B 165 11.69 48.40 -7.29
C PHE B 165 12.49 47.35 -8.05
N SER B 166 12.73 46.22 -7.39
CA SER B 166 13.59 45.19 -7.94
C SER B 166 12.78 44.13 -8.65
N HIS B 167 13.18 43.84 -9.89
CA HIS B 167 12.64 42.69 -10.61
CA HIS B 167 12.65 42.69 -10.62
C HIS B 167 13.32 41.42 -10.10
N ASP B 168 12.85 40.26 -10.54
CA ASP B 168 13.35 38.97 -10.06
C ASP B 168 14.87 38.73 -10.20
N GLU B 169 15.48 39.25 -11.27
CA GLU B 169 16.93 39.10 -11.46
C GLU B 169 17.73 39.85 -10.39
N THR B 170 17.32 41.09 -10.11
CA THR B 170 17.96 41.93 -9.11
C THR B 170 17.91 41.28 -7.73
N LEU B 171 16.71 40.84 -7.34
CA LEU B 171 16.47 40.21 -6.04
C LEU B 171 17.40 39.02 -5.81
N LEU B 172 17.50 38.16 -6.81
CA LEU B 172 18.33 36.96 -6.75
C LEU B 172 19.83 37.23 -6.67
N LYS B 173 20.33 38.21 -7.43
CA LYS B 173 21.75 38.56 -7.42
C LYS B 173 22.14 39.23 -6.11
N GLY B 174 21.27 40.10 -5.60
CA GLY B 174 21.50 40.78 -4.32
C GLY B 174 21.53 39.80 -3.15
N MET B 175 20.60 38.86 -3.15
CA MET B 175 20.45 37.90 -2.06
C MET B 175 21.65 36.98 -1.93
N LYS B 176 22.18 36.56 -3.07
CA LYS B 176 23.40 35.77 -3.13
C LYS B 176 24.57 36.51 -2.46
N LYS B 177 24.66 37.82 -2.71
CA LYS B 177 25.67 38.68 -2.06
C LYS B 177 25.38 38.92 -0.58
N ILE B 178 24.11 39.21 -0.24
CA ILE B 178 23.70 39.51 1.14
C ILE B 178 23.90 38.31 2.07
N ALA B 179 23.58 37.11 1.58
CA ALA B 179 23.87 35.87 2.30
C ALA B 179 25.38 35.67 2.50
N ALA B 180 26.17 36.01 1.50
CA ALA B 180 27.63 35.92 1.58
C ALA B 180 28.22 37.00 2.51
N LEU B 181 27.45 38.06 2.72
CA LEU B 181 27.85 39.15 3.62
C LEU B 181 27.51 38.87 5.08
N GLY B 182 26.73 37.83 5.33
CA GLY B 182 26.25 37.54 6.68
C GLY B 182 25.28 38.59 7.17
N SER B 183 24.44 39.05 6.24
CA SER B 183 23.46 40.11 6.50
C SER B 183 22.03 39.59 6.27
N ILE B 184 21.09 40.51 5.98
CA ILE B 184 19.66 40.20 5.85
C ILE B 184 18.96 41.20 4.90
N LEU B 185 17.99 40.73 4.10
CA LEU B 185 17.24 41.61 3.20
C LEU B 185 15.77 41.75 3.58
N ALA B 186 15.30 42.99 3.72
CA ALA B 186 13.88 43.25 3.96
C ALA B 186 13.17 43.63 2.67
N VAL B 187 11.91 43.19 2.54
CA VAL B 187 11.14 43.41 1.33
C VAL B 187 9.78 44.02 1.58
N HIS B 188 9.38 44.92 0.69
CA HIS B 188 7.99 45.31 0.58
C HIS B 188 7.34 44.28 -0.36
N ALA B 189 6.58 43.36 0.20
CA ALA B 189 6.00 42.27 -0.58
C ALA B 189 4.59 42.56 -1.06
N GLU B 190 4.50 43.21 -2.21
CA GLU B 190 3.27 43.29 -2.98
C GLU B 190 3.57 42.87 -4.40
N SER B 191 2.57 42.32 -5.07
CA SER B 191 2.76 41.74 -6.39
C SER B 191 2.54 42.79 -7.45
N ASN B 192 3.63 43.31 -8.02
CA ASN B 192 3.62 44.50 -8.88
C ASN B 192 2.56 44.51 -9.98
N GLU B 193 2.51 43.43 -10.76
CA GLU B 193 1.60 43.39 -11.91
C GLU B 193 0.15 43.12 -11.55
N MET B 194 -0.10 42.37 -10.47
CA MET B 194 -1.48 42.21 -9.97
C MET B 194 -1.96 43.57 -9.50
N VAL B 195 -1.06 44.30 -8.84
CA VAL B 195 -1.34 45.61 -8.22
C VAL B 195 -1.79 46.67 -9.24
N ASN B 196 -0.98 46.94 -10.26
CA ASN B 196 -1.31 48.04 -11.17
C ASN B 196 -2.30 47.66 -12.27
N ALA B 197 -2.46 46.36 -12.53
CA ALA B 197 -3.51 45.89 -13.41
C ALA B 197 -4.87 46.11 -12.76
N LEU B 198 -4.99 45.71 -11.49
CA LEU B 198 -6.23 45.89 -10.73
C LEU B 198 -6.53 47.36 -10.39
N THR B 199 -5.48 48.17 -10.22
CA THR B 199 -5.62 49.61 -9.99
C THR B 199 -6.20 50.30 -11.22
N THR B 200 -5.63 50.00 -12.39
CA THR B 200 -6.06 50.56 -13.69
C THR B 200 -7.54 50.26 -13.95
N ILE B 201 -7.95 49.02 -13.69
CA ILE B 201 -9.34 48.59 -13.78
C ILE B 201 -10.25 49.45 -12.86
N ALA B 202 -9.81 49.67 -11.63
CA ALA B 202 -10.56 50.43 -10.63
C ALA B 202 -10.72 51.92 -10.98
N ILE B 203 -9.67 52.51 -11.57
CA ILE B 203 -9.69 53.91 -12.04
C ILE B 203 -10.61 54.05 -13.25
N GLU B 204 -10.58 53.05 -14.14
CA GLU B 204 -11.45 52.97 -15.32
C GLU B 204 -12.93 52.92 -14.98
N GLU B 205 -13.28 52.16 -13.95
CA GLU B 205 -14.67 51.86 -13.63
C GLU B 205 -15.31 52.85 -12.64
N GLN B 206 -14.59 53.93 -12.33
CA GLN B 206 -15.00 54.98 -11.39
C GLN B 206 -15.23 54.49 -9.96
N ARG B 207 -14.66 53.33 -9.62
CA ARG B 207 -14.78 52.76 -8.29
C ARG B 207 -13.66 53.34 -7.41
N LEU B 208 -14.02 54.36 -6.64
CA LEU B 208 -13.04 55.20 -5.94
C LEU B 208 -13.21 55.23 -4.43
N THR B 209 -13.74 54.13 -3.86
CA THR B 209 -13.95 54.03 -2.41
C THR B 209 -12.71 53.47 -1.73
N VAL B 210 -12.76 53.32 -0.40
CA VAL B 210 -11.63 52.75 0.34
C VAL B 210 -11.50 51.22 0.13
N LYS B 211 -12.64 50.56 -0.06
CA LYS B 211 -12.71 49.11 -0.30
C LYS B 211 -12.09 48.78 -1.65
N ASP B 212 -12.37 49.64 -2.64
CA ASP B 212 -11.85 49.47 -3.99
C ASP B 212 -10.32 49.57 -4.01
N TYR B 213 -9.76 50.48 -3.22
CA TYR B 213 -8.31 50.63 -3.09
C TYR B 213 -7.71 49.37 -2.49
N SER B 214 -8.37 48.85 -1.45
CA SER B 214 -7.95 47.62 -0.75
C SER B 214 -7.97 46.40 -1.65
N GLU B 215 -8.96 46.30 -2.52
CA GLU B 215 -9.08 45.17 -3.43
C GLU B 215 -8.19 45.31 -4.66
N ALA B 216 -7.75 46.54 -4.94
CA ALA B 216 -6.85 46.79 -6.06
C ALA B 216 -5.44 46.38 -5.71
N ARG B 217 -5.15 46.32 -4.41
CA ARG B 217 -3.91 45.69 -3.93
C ARG B 217 -4.29 44.66 -2.85
N PRO B 218 -4.83 43.49 -3.27
CA PRO B 218 -5.48 42.61 -2.31
C PRO B 218 -4.51 41.69 -1.56
N ILE B 219 -5.05 40.89 -0.65
CA ILE B 219 -4.28 39.98 0.19
C ILE B 219 -3.56 38.91 -0.66
N VAL B 220 -4.23 38.45 -1.72
CA VAL B 220 -3.65 37.48 -2.66
C VAL B 220 -2.35 37.99 -3.32
N SER B 221 -2.32 39.29 -3.62
CA SER B 221 -1.10 39.97 -4.10
C SER B 221 0.04 39.90 -3.08
N GLU B 222 -0.27 40.14 -1.80
CA GLU B 222 0.70 39.96 -0.71
C GLU B 222 1.16 38.52 -0.62
N LEU B 223 0.23 37.59 -0.82
CA LEU B 223 0.54 36.17 -0.79
C LEU B 223 1.44 35.72 -1.95
N GLU B 224 1.23 36.28 -3.14
CA GLU B 224 2.08 35.96 -4.29
C GLU B 224 3.52 36.41 -4.07
N ALA B 225 3.69 37.66 -3.64
CA ALA B 225 5.00 38.27 -3.47
C ALA B 225 5.75 37.64 -2.30
N VAL B 226 5.03 37.36 -1.22
CA VAL B 226 5.59 36.62 -0.10
C VAL B 226 6.05 35.23 -0.54
N GLU B 227 5.17 34.49 -1.22
CA GLU B 227 5.55 33.17 -1.73
C GLU B 227 6.78 33.20 -2.64
N ARG B 228 6.83 34.18 -3.55
CA ARG B 228 7.97 34.33 -4.46
CA ARG B 228 7.96 34.33 -4.46
C ARG B 228 9.26 34.55 -3.70
N ILE B 229 9.27 35.55 -2.82
CA ILE B 229 10.47 35.88 -2.05
C ILE B 229 10.98 34.76 -1.13
N LEU B 230 10.05 34.03 -0.51
CA LEU B 230 10.38 32.83 0.27
C LEU B 230 11.10 31.78 -0.56
N ARG B 231 10.67 31.58 -1.80
CA ARG B 231 11.31 30.61 -2.68
C ARG B 231 12.72 31.06 -3.08
N PHE B 232 12.89 32.35 -3.38
CA PHE B 232 14.22 32.93 -3.67
C PHE B 232 15.15 32.78 -2.47
N ALA B 233 14.62 33.04 -1.29
CA ALA B 233 15.33 32.85 -0.02
C ALA B 233 15.83 31.41 0.16
N GLN B 234 15.00 30.44 -0.24
CA GLN B 234 15.33 29.02 -0.16
C GLN B 234 16.51 28.65 -1.04
N LEU B 235 16.57 29.26 -2.23
CA LEU B 235 17.67 29.05 -3.15
C LEU B 235 18.93 29.76 -2.66
N THR B 236 18.79 31.03 -2.29
CA THR B 236 19.95 31.87 -1.98
C THR B 236 20.51 31.67 -0.58
N CYS B 237 19.68 31.12 0.32
CA CYS B 237 19.98 31.02 1.76
C CYS B 237 20.17 32.39 2.40
N CYS B 238 19.45 33.37 1.86
CA CYS B 238 19.55 34.73 2.31
C CYS B 238 18.46 35.00 3.32
N PRO B 239 18.86 35.31 4.58
CA PRO B 239 17.91 35.66 5.63
C PRO B 239 17.04 36.82 5.17
N ILE B 240 15.74 36.73 5.43
CA ILE B 240 14.78 37.65 4.84
C ILE B 240 13.80 38.20 5.90
N HIS B 241 13.35 39.45 5.71
CA HIS B 241 12.36 40.05 6.62
C HIS B 241 11.18 40.66 5.85
N ILE B 242 9.97 40.27 6.22
CA ILE B 242 8.77 40.68 5.48
C ILE B 242 8.08 41.84 6.18
N CYS B 243 8.10 43.00 5.53
CA CYS B 243 7.56 44.23 6.10
C CYS B 243 6.04 44.22 6.07
N HIS B 244 5.46 45.08 6.91
CA HIS B 244 4.01 45.37 7.02
C HIS B 244 3.05 44.39 6.34
N VAL B 245 2.80 43.26 7.00
CA VAL B 245 1.80 42.31 6.54
C VAL B 245 0.42 42.73 7.08
N SER B 246 -0.60 42.69 6.23
CA SER B 246 -1.93 43.15 6.63
C SER B 246 -2.85 42.04 7.13
N SER B 247 -2.54 40.80 6.78
CA SER B 247 -3.49 39.70 6.96
C SER B 247 -2.88 38.43 7.54
N ARG B 248 -3.66 37.71 8.34
CA ARG B 248 -3.24 36.43 8.90
C ARG B 248 -2.98 35.35 7.83
N LYS B 249 -3.69 35.45 6.70
CA LYS B 249 -3.50 34.56 5.58
C LYS B 249 -2.04 34.51 5.16
N VAL B 250 -1.39 35.68 5.17
CA VAL B 250 0.04 35.78 4.83
C VAL B 250 0.93 35.22 5.95
N LEU B 251 0.54 35.46 7.20
CA LEU B 251 1.25 34.94 8.38
C LEU B 251 1.24 33.41 8.45
N LYS B 252 0.19 32.79 7.94
CA LYS B 252 0.06 31.34 7.92
C LYS B 252 1.01 30.74 6.89
N ARG B 253 1.16 31.43 5.77
CA ARG B 253 2.08 31.01 4.71
C ARG B 253 3.54 31.13 5.17
N ILE B 254 3.84 32.19 5.93
CA ILE B 254 5.19 32.37 6.48
C ILE B 254 5.46 31.30 7.56
N LYS B 255 4.45 31.00 8.37
CA LYS B 255 4.52 29.90 9.35
C LYS B 255 4.86 28.55 8.70
N GLN B 256 4.22 28.28 7.57
CA GLN B 256 4.48 27.07 6.78
C GLN B 256 5.95 27.05 6.34
N ALA B 257 6.44 28.17 5.85
CA ALA B 257 7.84 28.28 5.43
C ALA B 257 8.82 28.13 6.59
N LYS B 258 8.49 28.72 7.75
CA LYS B 258 9.31 28.59 8.97
C LYS B 258 9.44 27.14 9.41
N GLY B 259 8.32 26.42 9.37
CA GLY B 259 8.30 24.98 9.65
C GLY B 259 9.15 24.16 8.70
N GLU B 260 9.24 24.61 7.44
CA GLU B 260 10.04 23.95 6.41
C GLU B 260 11.54 24.26 6.51
N GLY B 261 11.91 25.31 7.25
CA GLY B 261 13.32 25.66 7.44
C GLY B 261 13.81 27.03 6.96
N VAL B 262 12.91 27.84 6.38
CA VAL B 262 13.30 29.14 5.81
C VAL B 262 13.64 30.15 6.93
N ASN B 263 14.77 30.83 6.78
CA ASN B 263 15.13 31.93 7.66
C ASN B 263 14.37 33.20 7.31
N VAL B 264 13.18 33.33 7.88
CA VAL B 264 12.30 34.47 7.60
C VAL B 264 11.73 35.05 8.90
N SER B 265 11.70 36.38 9.00
CA SER B 265 10.87 37.03 10.01
C SER B 265 9.76 37.83 9.34
N VAL B 266 8.75 38.19 10.13
CA VAL B 266 7.61 38.97 9.64
C VAL B 266 7.15 40.00 10.67
N GLU B 267 6.91 41.21 10.18
CA GLU B 267 6.41 42.27 11.01
C GLU B 267 4.97 42.63 10.61
N THR B 268 4.26 43.25 11.54
CA THR B 268 3.13 44.07 11.15
C THR B 268 3.27 45.47 11.78
N CYS B 269 2.30 46.32 11.50
CA CYS B 269 2.33 47.70 11.93
C CYS B 269 1.06 47.97 12.71
N PRO B 270 1.10 48.92 13.68
CA PRO B 270 -0.07 49.05 14.55
C PRO B 270 -1.33 49.61 13.89
N HIS B 271 -1.21 50.22 12.71
CA HIS B 271 -2.41 50.67 12.00
C HIS B 271 -3.21 49.54 11.36
N TYR B 272 -2.54 48.43 11.05
CA TYR B 272 -3.25 47.21 10.63
C TYR B 272 -3.92 46.53 11.82
N LEU B 273 -3.44 46.86 13.02
CA LEU B 273 -4.01 46.35 14.25
C LEU B 273 -5.15 47.23 14.75
N LEU B 274 -5.11 48.53 14.47
CA LEU B 274 -6.13 49.47 14.98
C LEU B 274 -7.27 49.75 14.00
N PHE B 275 -6.94 49.98 12.73
CA PHE B 275 -7.94 50.43 11.75
C PHE B 275 -8.39 49.34 10.79
N SER B 276 -9.70 49.26 10.57
CA SER B 276 -10.27 48.39 9.55
C SER B 276 -10.62 49.21 8.32
N LEU B 277 -11.49 48.65 7.48
CA LEU B 277 -11.97 49.33 6.29
C LEU B 277 -13.02 50.38 6.67
N ASP B 278 -13.70 50.14 7.79
CA ASP B 278 -14.68 51.06 8.36
C ASP B 278 -14.03 52.36 8.82
N GLU B 279 -12.90 52.21 9.52
CA GLU B 279 -12.13 53.34 10.04
C GLU B 279 -11.34 54.05 8.94
N PHE B 280 -10.99 53.29 7.90
CA PHE B 280 -10.38 53.82 6.68
C PHE B 280 -11.35 54.81 6.03
N ALA B 281 -12.61 54.41 5.90
CA ALA B 281 -13.67 55.25 5.32
C ALA B 281 -13.86 56.58 6.05
N GLU B 282 -13.93 56.52 7.38
CA GLU B 282 -14.20 57.69 8.21
C GLU B 282 -13.02 58.63 8.37
N ILE B 283 -11.81 58.08 8.53
CA ILE B 283 -10.58 58.88 8.56
C ILE B 283 -10.29 59.45 7.17
N GLY B 284 -10.51 58.61 6.15
CA GLY B 284 -10.30 59.03 4.77
C GLY B 284 -8.84 58.92 4.40
N TYR B 285 -8.32 59.98 3.78
CA TYR B 285 -7.02 59.92 3.08
C TYR B 285 -5.78 59.68 3.95
N LEU B 286 -5.90 59.97 5.23
CA LEU B 286 -4.76 59.84 6.15
C LEU B 286 -4.43 58.38 6.47
N ALA B 287 -5.39 57.50 6.23
CA ALA B 287 -5.24 56.09 6.56
C ALA B 287 -4.89 55.22 5.33
N LYS B 288 -4.48 55.86 4.24
CA LYS B 288 -4.01 55.14 3.06
C LYS B 288 -2.57 54.64 3.24
N CYS B 289 -2.38 53.33 3.17
CA CYS B 289 -1.04 52.76 3.23
C CYS B 289 -0.88 51.62 2.24
N ALA B 290 0.36 51.21 1.99
CA ALA B 290 0.64 50.04 1.18
C ALA B 290 1.40 49.02 2.03
N PRO B 291 0.85 47.79 2.20
CA PRO B 291 -0.45 47.25 1.77
C PRO B 291 -1.61 48.01 2.41
N PRO B 292 -2.77 48.03 1.73
CA PRO B 292 -3.95 48.75 2.23
C PRO B 292 -4.48 48.15 3.51
N LEU B 293 -5.32 48.91 4.21
CA LEU B 293 -6.07 48.40 5.34
C LEU B 293 -7.13 47.42 4.84
N ARG B 294 -7.47 46.44 5.67
CA ARG B 294 -8.37 45.37 5.28
C ARG B 294 -9.67 45.47 6.07
N GLU B 295 -10.59 44.53 5.82
CA GLU B 295 -11.88 44.51 6.53
C GLU B 295 -11.74 44.11 8.01
N ARG B 296 -12.79 44.38 8.80
CA ARG B 296 -12.79 44.16 10.25
C ARG B 296 -12.48 42.71 10.63
N GLN B 297 -13.10 41.76 9.93
CA GLN B 297 -12.84 40.34 10.11
C GLN B 297 -11.34 40.05 10.00
N GLU B 298 -10.70 40.71 9.03
CA GLU B 298 -9.30 40.49 8.72
C GLU B 298 -8.37 41.08 9.80
N VAL B 299 -8.77 42.23 10.36
CA VAL B 299 -8.07 42.85 11.49
C VAL B 299 -8.18 41.96 12.73
N GLU B 300 -9.39 41.47 12.98
CA GLU B 300 -9.69 40.59 14.10
C GLU B 300 -8.85 39.29 14.04
N ASP B 301 -8.66 38.73 12.85
CA ASP B 301 -7.84 37.53 12.66
C ASP B 301 -6.35 37.80 12.82
N LEU B 302 -5.93 39.02 12.49
CA LEU B 302 -4.53 39.42 12.59
C LEU B 302 -4.07 39.47 14.05
N TRP B 303 -4.97 39.87 14.94
CA TRP B 303 -4.71 39.86 16.39
C TRP B 303 -4.59 38.43 16.93
N ASP B 304 -5.43 37.52 16.42
CA ASP B 304 -5.33 36.09 16.74
C ASP B 304 -3.95 35.53 16.34
N GLY B 305 -3.43 35.98 15.21
CA GLY B 305 -2.08 35.61 14.78
C GLY B 305 -1.01 36.13 15.72
N LEU B 306 -1.13 37.40 16.10
CA LEU B 306 -0.21 38.04 17.05
C LEU B 306 -0.21 37.31 18.39
N MET B 307 -1.40 37.03 18.89
CA MET B 307 -1.56 36.40 20.19
C MET B 307 -0.90 35.01 20.18
N ALA B 308 -1.03 34.31 19.07
CA ALA B 308 -0.51 32.95 18.90
C ALA B 308 0.98 32.88 18.51
N GLY B 309 1.66 34.02 18.54
CA GLY B 309 3.10 34.06 18.25
C GLY B 309 3.49 34.04 16.78
N GLU B 310 2.54 34.30 15.88
CA GLU B 310 2.80 34.27 14.45
C GLU B 310 3.46 35.54 13.88
N ILE B 311 3.63 36.56 14.72
CA ILE B 311 4.31 37.78 14.32
C ILE B 311 5.60 37.93 15.11
N ASP B 312 6.69 38.27 14.41
CA ASP B 312 8.00 38.35 15.05
C ASP B 312 8.21 39.66 15.77
N LEU B 313 7.81 40.76 15.15
CA LEU B 313 8.03 42.09 15.69
C LEU B 313 7.01 43.12 15.19
N ILE B 314 6.88 44.23 15.92
CA ILE B 314 6.04 45.34 15.49
C ILE B 314 6.89 46.55 15.19
N SER B 315 6.55 47.24 14.11
CA SER B 315 7.23 48.47 13.73
CA SER B 315 7.25 48.45 13.69
C SER B 315 6.22 49.45 13.15
N SER B 316 6.58 50.72 13.12
CA SER B 316 5.62 51.76 12.75
C SER B 316 5.30 51.89 11.26
N ASP B 317 6.34 51.74 10.42
CA ASP B 317 6.33 52.16 9.00
C ASP B 317 5.91 53.63 8.92
N HIS B 318 6.58 54.44 9.72
CA HIS B 318 6.33 55.88 9.78
C HIS B 318 6.63 56.47 8.42
N SER B 319 5.56 56.84 7.71
CA SER B 319 5.67 57.23 6.33
C SER B 319 4.97 58.57 6.07
N PRO B 320 5.60 59.69 6.50
CA PRO B 320 4.97 61.00 6.39
C PRO B 320 5.24 61.67 5.04
N SER B 321 4.52 62.75 4.78
CA SER B 321 4.68 63.54 3.56
C SER B 321 4.29 64.98 3.86
N LEU B 322 4.39 65.84 2.84
CA LEU B 322 3.91 67.21 2.93
C LEU B 322 2.38 67.15 2.96
N PRO B 323 1.73 67.93 3.87
CA PRO B 323 0.27 67.93 4.05
C PRO B 323 -0.54 68.09 2.75
N GLN B 324 0.03 68.79 1.78
CA GLN B 324 -0.56 68.96 0.43
C GLN B 324 -0.61 67.66 -0.38
N MET B 325 0.31 66.73 -0.10
CA MET B 325 0.35 65.43 -0.78
C MET B 325 -0.77 64.51 -0.30
N LYS B 326 -1.27 64.77 0.88
CA LYS B 326 -2.34 63.98 1.42
C LYS B 326 -3.68 64.37 0.89
N THR B 327 -3.75 65.50 0.23
CA THR B 327 -4.92 65.93 -0.54
C THR B 327 -4.67 65.62 -2.02
N GLY B 328 -5.70 65.11 -2.70
CA GLY B 328 -5.59 64.78 -4.12
C GLY B 328 -6.96 64.66 -4.77
N LYS B 329 -6.98 64.07 -5.96
CA LYS B 329 -8.22 63.81 -6.70
C LYS B 329 -9.10 62.79 -5.97
N THR B 330 -8.61 61.56 -5.89
CA THR B 330 -9.31 60.48 -5.19
C THR B 330 -8.32 59.68 -4.36
N ILE B 331 -8.78 58.52 -3.86
CA ILE B 331 -7.96 57.60 -3.06
C ILE B 331 -6.70 57.11 -3.78
N PHE B 332 -6.75 57.01 -5.10
CA PHE B 332 -5.62 56.55 -5.91
C PHE B 332 -4.59 57.66 -6.20
N GLU B 333 -4.98 58.90 -5.92
CA GLU B 333 -4.13 60.05 -6.21
C GLU B 333 -3.23 60.40 -5.03
N VAL B 334 -3.76 60.18 -3.83
CA VAL B 334 -3.11 60.53 -2.57
C VAL B 334 -1.84 59.71 -2.35
N TRP B 335 -0.74 60.38 -1.99
CA TRP B 335 0.49 59.70 -1.59
C TRP B 335 0.28 59.00 -0.25
N GLY B 336 0.30 57.68 -0.28
CA GLY B 336 -0.05 56.86 0.87
C GLY B 336 1.07 56.61 1.86
N GLY B 337 0.69 56.43 3.12
CA GLY B 337 1.62 56.24 4.24
C GLY B 337 1.08 56.88 5.50
N ILE B 338 1.40 56.27 6.64
CA ILE B 338 0.88 56.72 7.94
C ILE B 338 1.98 57.30 8.85
N ALA B 339 1.69 58.47 9.43
CA ALA B 339 2.56 59.06 10.44
C ALA B 339 2.11 58.56 11.80
N GLY B 340 2.89 57.66 12.39
CA GLY B 340 2.46 57.00 13.62
C GLY B 340 3.54 56.57 14.62
N CYS B 341 4.81 56.84 14.31
CA CYS B 341 5.93 56.32 15.13
C CYS B 341 5.96 56.82 16.58
N GLN B 342 5.32 57.95 16.83
CA GLN B 342 5.17 58.48 18.19
C GLN B 342 4.11 57.69 18.97
N ASN B 343 3.20 57.00 18.26
CA ASN B 343 2.04 56.39 18.90
C ASN B 343 2.02 54.86 18.91
N THR B 344 3.06 54.23 18.37
CA THR B 344 3.12 52.76 18.25
C THR B 344 2.92 52.03 19.58
N LEU B 345 3.74 52.38 20.58
CA LEU B 345 3.56 51.85 21.94
C LEU B 345 2.18 52.17 22.52
N ALA B 346 1.67 53.37 22.25
CA ALA B 346 0.37 53.83 22.73
C ALA B 346 -0.80 52.97 22.25
N VAL B 347 -0.90 52.73 20.94
CA VAL B 347 -1.97 51.86 20.41
C VAL B 347 -1.84 50.42 20.89
N MET B 348 -0.59 49.93 20.97
CA MET B 348 -0.33 48.57 21.45
C MET B 348 -0.79 48.33 22.88
N LEU B 349 -0.60 49.31 23.74
CA LEU B 349 -0.95 49.30 25.14
C LEU B 349 -2.44 49.42 25.34
N THR B 350 -3.02 50.23 24.50
CA THR B 350 -4.45 50.58 24.51
C THR B 350 -5.32 49.43 23.98
N GLU B 351 -5.01 48.96 22.77
CA GLU B 351 -5.78 47.90 22.12
C GLU B 351 -5.35 46.50 22.53
N GLY B 352 -4.05 46.33 22.82
CA GLY B 352 -3.52 45.02 23.14
C GLY B 352 -3.63 44.68 24.61
N TYR B 353 -3.03 45.52 25.45
CA TYR B 353 -2.98 45.27 26.88
C TYR B 353 -4.32 45.46 27.58
N HIS B 354 -4.91 46.64 27.45
CA HIS B 354 -6.18 46.95 28.12
C HIS B 354 -7.38 46.27 27.46
N LYS B 355 -7.48 46.37 26.14
CA LYS B 355 -8.68 45.92 25.44
C LYS B 355 -8.68 44.41 25.18
N ARG B 356 -7.56 43.88 24.70
CA ARG B 356 -7.51 42.46 24.30
C ARG B 356 -6.72 41.56 25.25
N LYS B 357 -6.26 42.14 26.36
CA LYS B 357 -5.51 41.43 27.41
C LYS B 357 -4.23 40.69 26.98
N MET B 358 -3.49 41.26 26.03
CA MET B 358 -2.15 40.76 25.69
C MET B 358 -1.18 41.11 26.83
N PRO B 359 -0.24 40.21 27.15
CA PRO B 359 0.66 40.55 28.26
C PRO B 359 1.66 41.64 27.86
N LEU B 360 2.08 42.43 28.84
CA LEU B 360 3.08 43.49 28.63
C LEU B 360 4.43 42.91 28.23
N THR B 361 4.67 41.67 28.67
CA THR B 361 5.90 40.97 28.34
C THR B 361 6.02 40.77 26.83
N GLN B 362 4.89 40.53 26.18
CA GLN B 362 4.84 40.36 24.72
C GLN B 362 4.94 41.70 23.99
N ILE B 363 4.48 42.79 24.61
CA ILE B 363 4.65 44.13 24.03
C ILE B 363 6.14 44.48 23.97
N VAL B 364 6.86 44.18 25.05
CA VAL B 364 8.33 44.31 25.10
C VAL B 364 9.00 43.43 24.03
N GLN B 365 8.55 42.19 23.93
CA GLN B 365 9.07 41.22 22.98
C GLN B 365 8.92 41.71 21.55
N LEU B 366 7.73 42.23 21.23
CA LEU B 366 7.41 42.65 19.86
C LEU B 366 7.98 44.02 19.46
N LEU B 367 8.08 44.94 20.41
CA LEU B 367 8.46 46.32 20.06
C LEU B 367 9.88 46.68 20.46
N SER B 368 10.57 45.75 21.13
CA SER B 368 11.92 45.99 21.63
C SER B 368 12.85 44.79 21.44
N THR B 369 12.51 43.67 22.04
CA THR B 369 13.44 42.56 22.20
C THR B 369 13.73 41.79 20.91
N GLU B 370 12.68 41.33 20.24
CA GLU B 370 12.82 40.69 18.92
C GLU B 370 13.37 41.58 17.80
N PRO B 371 12.96 42.88 17.74
CA PRO B 371 13.72 43.78 16.87
C PRO B 371 15.24 43.78 17.11
N ALA B 372 15.66 43.69 18.37
CA ALA B 372 17.09 43.68 18.71
C ALA B 372 17.75 42.36 18.40
N LYS B 373 17.01 41.26 18.58
CA LYS B 373 17.56 39.92 18.32
C LYS B 373 17.76 39.69 16.83
N ARG B 374 16.75 40.08 16.04
CA ARG B 374 16.73 39.79 14.61
C ARG B 374 17.84 40.51 13.86
N PHE B 375 18.30 41.64 14.41
CA PHE B 375 19.32 42.44 13.75
C PHE B 375 20.64 42.50 14.50
N GLY B 376 20.83 41.56 15.43
CA GLY B 376 22.11 41.36 16.10
C GLY B 376 22.50 42.39 17.14
N LEU B 377 21.51 43.01 17.77
CA LEU B 377 21.74 44.05 18.76
C LEU B 377 21.36 43.61 20.18
N TYR B 378 21.30 42.30 20.37
CA TYR B 378 20.90 41.70 21.65
C TYR B 378 22.09 40.97 22.27
N PRO B 379 22.27 41.07 23.60
CA PRO B 379 21.42 41.70 24.62
C PRO B 379 21.71 43.17 24.92
N GLN B 380 22.56 43.80 24.11
CA GLN B 380 22.90 45.23 24.27
C GLN B 380 21.64 46.09 24.33
N LYS B 381 20.74 45.88 23.37
CA LYS B 381 19.46 46.57 23.31
C LYS B 381 18.36 45.57 23.64
N GLY B 382 17.17 46.08 23.89
CA GLY B 382 16.00 45.23 24.13
C GLY B 382 15.87 44.64 25.52
N THR B 383 16.78 44.97 26.43
CA THR B 383 16.79 44.39 27.78
C THR B 383 16.94 45.41 28.90
N ILE B 384 16.49 45.02 30.09
CA ILE B 384 16.87 45.70 31.33
C ILE B 384 17.70 44.70 32.15
N GLN B 385 19.01 44.78 31.98
CA GLN B 385 19.96 43.86 32.63
C GLN B 385 21.33 44.52 32.81
N VAL B 386 22.10 43.99 33.76
CA VAL B 386 23.47 44.47 34.04
C VAL B 386 24.35 44.39 32.79
N GLY B 387 25.00 45.50 32.46
CA GLY B 387 25.95 45.56 31.36
C GLY B 387 25.36 46.09 30.07
N ALA B 388 24.05 45.95 29.92
CA ALA B 388 23.36 46.37 28.71
C ALA B 388 23.15 47.86 28.70
N GLU B 389 22.95 48.39 27.51
CA GLU B 389 22.73 49.83 27.28
C GLU B 389 21.57 50.35 28.13
N ALA B 390 21.77 51.50 28.76
CA ALA B 390 20.80 52.06 29.67
C ALA B 390 19.74 52.87 28.93
N SER B 391 18.99 52.19 28.06
CA SER B 391 17.93 52.81 27.30
C SER B 391 16.61 52.21 27.69
N PHE B 392 15.78 53.01 28.36
CA PHE B 392 14.47 52.58 28.84
C PHE B 392 13.46 53.71 28.90
N THR B 393 12.21 53.37 29.22
CA THR B 393 11.11 54.33 29.18
C THR B 393 10.09 54.06 30.28
N LEU B 394 9.63 55.13 30.91
CA LEU B 394 8.72 55.04 32.04
C LEU B 394 7.31 55.36 31.61
N ILE B 395 6.40 54.42 31.88
CA ILE B 395 5.01 54.53 31.46
C ILE B 395 4.08 54.42 32.64
N ASP B 396 3.17 55.39 32.77
CA ASP B 396 2.02 55.26 33.65
C ASP B 396 1.01 54.49 32.84
N LEU B 397 0.73 53.25 33.21
CA LEU B 397 -0.06 52.34 32.39
C LEU B 397 -1.50 52.63 32.35
N ASN B 398 -1.96 53.47 33.23
CA ASN B 398 -3.39 53.71 33.42
C ASN B 398 -3.84 55.12 33.04
N GLU B 399 -2.92 55.92 32.52
CA GLU B 399 -3.21 57.31 32.18
C GLU B 399 -3.92 57.43 30.84
N SER B 400 -5.16 57.94 30.91
CA SER B 400 -6.00 58.18 29.74
C SER B 400 -5.65 59.49 29.09
N TYR B 401 -5.73 59.54 27.76
CA TYR B 401 -5.57 60.78 26.98
C TYR B 401 -6.10 60.62 25.56
N THR B 402 -6.80 61.65 25.10
CA THR B 402 -7.16 61.80 23.70
C THR B 402 -5.94 62.43 23.02
N LEU B 403 -5.46 61.81 21.95
CA LEU B 403 -4.35 62.38 21.20
C LEU B 403 -4.88 63.47 20.29
N ASN B 404 -4.31 64.65 20.41
CA ASN B 404 -4.59 65.76 19.50
C ASN B 404 -3.30 66.27 18.85
N ALA B 405 -3.44 66.98 17.73
CA ALA B 405 -2.29 67.41 16.92
C ALA B 405 -1.20 68.20 17.66
N SER B 406 -1.59 68.93 18.72
CA SER B 406 -0.65 69.66 19.59
C SER B 406 0.39 68.77 20.29
N ASP B 407 0.03 67.50 20.52
CA ASP B 407 0.92 66.53 21.15
C ASP B 407 2.05 66.07 20.22
N LEU B 408 1.82 66.11 18.91
CA LEU B 408 2.72 65.51 17.92
C LEU B 408 4.02 66.28 17.69
N TYR B 409 5.12 65.54 17.68
CA TYR B 409 6.45 66.09 17.39
C TYR B 409 6.86 65.84 15.94
N TYR B 410 5.95 65.28 15.14
CA TYR B 410 6.20 65.11 13.70
C TYR B 410 6.34 66.51 13.10
N ARG B 411 7.22 66.65 12.11
CA ARG B 411 7.40 67.94 11.44
C ARG B 411 6.05 68.50 11.00
N HIS B 412 5.17 67.61 10.56
CA HIS B 412 3.79 67.95 10.25
C HIS B 412 2.84 67.16 11.16
N PRO B 413 2.18 67.87 12.10
CA PRO B 413 1.26 67.24 13.06
C PRO B 413 -0.12 66.85 12.50
N ILE B 414 -0.13 65.83 11.64
CA ILE B 414 -1.35 65.24 11.10
C ILE B 414 -1.20 63.72 11.15
N SER B 415 -2.25 63.04 11.62
CA SER B 415 -2.21 61.59 11.84
C SER B 415 -3.61 61.00 11.89
N PRO B 416 -3.78 59.75 11.39
CA PRO B 416 -5.02 58.98 11.63
C PRO B 416 -5.30 58.68 13.12
N TYR B 417 -4.27 58.76 13.96
CA TYR B 417 -4.39 58.58 15.40
C TYR B 417 -4.86 59.83 16.16
N VAL B 418 -4.99 60.96 15.46
CA VAL B 418 -5.52 62.19 16.06
C VAL B 418 -7.02 62.02 16.32
N GLY B 419 -7.41 62.12 17.59
CA GLY B 419 -8.79 61.93 18.01
C GLY B 419 -9.03 60.55 18.60
N GLN B 420 -7.95 59.80 18.78
CA GLN B 420 -8.00 58.46 19.36
C GLN B 420 -7.79 58.55 20.87
N ARG B 421 -8.54 57.75 21.63
CA ARG B 421 -8.38 57.73 23.09
C ARG B 421 -7.46 56.59 23.49
N PHE B 422 -6.31 56.97 24.04
CA PHE B 422 -5.32 56.01 24.49
C PHE B 422 -5.37 55.83 26.01
N ARG B 423 -4.70 54.79 26.50
CA ARG B 423 -4.50 54.58 27.92
C ARG B 423 -3.13 53.96 28.13
N GLY B 424 -2.31 54.61 28.93
CA GLY B 424 -0.90 54.26 29.04
C GLY B 424 -0.05 55.30 28.34
N LYS B 425 0.58 56.17 29.12
CA LYS B 425 1.32 57.31 28.59
C LYS B 425 2.78 57.27 29.01
N VAL B 426 3.69 57.47 28.05
CA VAL B 426 5.11 57.59 28.36
C VAL B 426 5.39 58.94 29.01
N LYS B 427 6.03 58.87 30.18
CA LYS B 427 6.26 60.02 31.03
C LYS B 427 7.72 60.42 31.00
N HIS B 428 8.58 59.44 30.76
CA HIS B 428 10.02 59.64 30.69
C HIS B 428 10.59 58.72 29.63
N THR B 429 11.69 59.14 29.01
CA THR B 429 12.45 58.29 28.10
C THR B 429 13.94 58.56 28.26
N ILE B 430 14.68 57.50 28.55
CA ILE B 430 16.10 57.61 28.79
C ILE B 430 16.80 56.86 27.68
N CYS B 431 17.68 57.54 26.97
CA CYS B 431 18.42 56.90 25.89
C CYS B 431 19.90 56.96 26.18
N GLN B 432 20.48 55.78 26.41
CA GLN B 432 21.92 55.58 26.68
C GLN B 432 22.45 56.35 27.88
N GLY B 433 21.62 56.47 28.92
CA GLY B 433 21.96 57.23 30.12
C GLY B 433 21.45 58.66 30.13
N LYS B 434 21.31 59.23 28.94
CA LYS B 434 20.86 60.61 28.78
C LYS B 434 19.35 60.71 28.98
N HIS B 435 18.93 61.62 29.87
CA HIS B 435 17.51 61.92 30.06
C HIS B 435 17.02 62.72 28.87
N VAL B 436 16.27 62.03 28.01
CA VAL B 436 16.04 62.48 26.64
C VAL B 436 14.63 63.05 26.41
N TYR B 437 13.67 62.61 27.22
CA TYR B 437 12.30 63.11 27.16
C TYR B 437 11.66 63.03 28.54
N GLN B 438 10.88 64.07 28.86
CA GLN B 438 10.03 64.07 30.03
C GLN B 438 8.69 64.66 29.62
N ASP B 439 7.61 64.10 30.15
CA ASP B 439 6.27 64.64 29.94
C ASP B 439 6.14 65.99 30.64
N HIS B 440 5.47 66.94 29.98
CA HIS B 440 5.38 68.37 30.38
C HIS B 440 6.72 69.11 30.34
N ARG C 5 11.72 -24.66 16.01
CA ARG C 5 11.69 -24.05 14.66
C ARG C 5 10.66 -24.76 13.76
N PHE C 6 10.70 -26.10 13.78
CA PHE C 6 9.72 -26.92 13.05
C PHE C 6 8.85 -27.74 14.00
N ASP C 7 7.64 -28.04 13.54
CA ASP C 7 6.69 -28.83 14.31
C ASP C 7 7.08 -30.31 14.36
N LEU C 8 7.67 -30.81 13.27
CA LEU C 8 8.21 -32.17 13.21
C LEU C 8 9.23 -32.31 12.08
N ILE C 9 10.02 -33.38 12.12
CA ILE C 9 10.95 -33.75 11.05
C ILE C 9 11.04 -35.27 10.94
N ILE C 10 10.95 -35.79 9.72
CA ILE C 10 11.15 -37.22 9.45
C ILE C 10 12.58 -37.42 8.96
N ARG C 11 13.38 -38.12 9.77
N ARG C 11 13.38 -38.12 9.76
CA ARG C 11 14.81 -38.30 9.51
CA ARG C 11 14.81 -38.27 9.45
C ARG C 11 15.12 -39.58 8.73
C ARG C 11 15.17 -39.58 8.77
N SER C 12 16.08 -39.47 7.81
CA SER C 12 16.73 -40.62 7.12
C SER C 12 15.88 -41.65 6.34
N SER C 13 14.66 -41.28 5.97
CA SER C 13 13.78 -42.20 5.25
C SER C 13 13.71 -41.91 3.75
N THR C 14 13.62 -42.98 2.96
CA THR C 14 13.51 -42.88 1.51
C THR C 14 12.11 -42.38 1.12
N VAL C 15 12.04 -41.10 0.76
CA VAL C 15 10.78 -40.46 0.36
C VAL C 15 10.34 -40.89 -1.04
N VAL C 16 9.24 -41.65 -1.09
CA VAL C 16 8.71 -42.16 -2.36
C VAL C 16 7.44 -41.41 -2.77
N THR C 17 7.22 -41.27 -4.07
CA THR C 17 6.03 -40.57 -4.58
C THR C 17 5.44 -41.28 -5.81
N GLU C 18 4.58 -40.58 -6.53
N GLU C 18 4.57 -40.58 -6.52
CA GLU C 18 3.94 -41.10 -7.73
CA GLU C 18 3.94 -41.08 -7.75
C GLU C 18 4.91 -41.32 -8.90
C GLU C 18 4.93 -41.36 -8.87
N THR C 19 6.04 -40.61 -8.87
CA THR C 19 7.04 -40.67 -9.94
C THR C 19 8.42 -41.13 -9.45
N THR C 20 8.82 -40.67 -8.26
CA THR C 20 10.20 -40.84 -7.81
C THR C 20 10.38 -41.29 -6.36
N THR C 21 11.53 -41.91 -6.09
CA THR C 21 11.97 -42.32 -4.75
C THR C 21 13.33 -41.68 -4.47
N TYR C 22 13.50 -41.08 -3.30
CA TYR C 22 14.78 -40.42 -2.94
C TYR C 22 15.00 -40.26 -1.43
N ARG C 23 16.24 -40.51 -1.00
CA ARG C 23 16.66 -40.32 0.39
C ARG C 23 16.70 -38.83 0.75
N ALA C 24 15.86 -38.41 1.70
CA ALA C 24 15.84 -37.02 2.19
C ALA C 24 15.16 -36.86 3.55
N ASP C 25 15.20 -35.63 4.08
CA ASP C 25 14.52 -35.24 5.31
C ASP C 25 13.38 -34.27 5.00
N VAL C 26 12.19 -34.57 5.51
CA VAL C 26 11.03 -33.68 5.37
C VAL C 26 10.75 -32.93 6.67
N ALA C 27 10.68 -31.60 6.56
CA ALA C 27 10.46 -30.72 7.70
C ALA C 27 9.05 -30.17 7.72
N ILE C 28 8.32 -30.46 8.79
CA ILE C 28 6.89 -30.20 8.92
C ILE C 28 6.59 -28.94 9.77
N ARG C 29 5.75 -28.05 9.21
CA ARG C 29 5.40 -26.79 9.86
C ARG C 29 3.91 -26.46 9.74
N ASN C 30 3.20 -26.59 10.87
CA ASN C 30 1.79 -26.16 11.04
C ASN C 30 0.80 -26.69 9.98
N GLY C 31 0.61 -28.01 9.96
CA GLY C 31 -0.32 -28.66 9.01
C GLY C 31 0.25 -28.94 7.62
N ILE C 32 1.03 -27.99 7.09
CA ILE C 32 1.59 -28.10 5.74
C ILE C 32 3.11 -28.39 5.72
N VAL C 33 3.66 -28.65 4.53
CA VAL C 33 5.10 -28.93 4.37
C VAL C 33 5.92 -27.64 4.17
N SER C 34 6.98 -27.51 4.96
CA SER C 34 7.81 -26.31 5.03
C SER C 34 9.01 -26.34 4.08
N ALA C 35 9.74 -27.45 4.14
CA ALA C 35 10.95 -27.63 3.35
C ALA C 35 11.35 -29.09 3.29
N ILE C 36 11.89 -29.47 2.14
CA ILE C 36 12.61 -30.73 2.00
C ILE C 36 14.09 -30.34 1.87
N THR C 37 14.93 -31.03 2.63
CA THR C 37 16.36 -30.80 2.62
C THR C 37 17.10 -32.14 2.53
N GLU C 38 18.42 -32.08 2.43
CA GLU C 38 19.26 -33.28 2.40
C GLU C 38 19.21 -34.02 3.76
N PRO C 39 19.58 -35.32 3.79
CA PRO C 39 19.52 -36.10 5.05
C PRO C 39 20.25 -35.46 6.24
N GLY C 40 19.47 -35.00 7.22
CA GLY C 40 20.02 -34.40 8.45
C GLY C 40 20.59 -33.01 8.26
N SER C 41 20.09 -32.29 7.26
CA SER C 41 20.60 -30.95 6.95
C SER C 41 20.11 -29.89 7.95
N ILE C 42 18.91 -30.08 8.48
CA ILE C 42 18.38 -29.18 9.51
C ILE C 42 18.86 -29.58 10.90
N SER C 43 19.15 -28.57 11.72
CA SER C 43 19.72 -28.74 13.06
C SER C 43 19.04 -29.81 13.90
N SER C 44 19.86 -30.54 14.65
CA SER C 44 19.43 -31.69 15.47
C SER C 44 18.48 -31.30 16.61
N ASP C 45 18.60 -30.06 17.10
CA ASP C 45 17.73 -29.53 18.15
C ASP C 45 16.65 -28.57 17.62
N ASP C 46 16.21 -28.80 16.38
CA ASP C 46 15.17 -27.98 15.76
C ASP C 46 13.90 -28.78 15.47
N GLY C 47 13.08 -28.96 16.50
CA GLY C 47 11.83 -29.71 16.38
C GLY C 47 11.93 -31.18 16.77
N PRO C 48 10.79 -31.79 17.15
CA PRO C 48 10.71 -33.22 17.52
C PRO C 48 10.84 -34.11 16.29
N ALA C 49 11.65 -35.16 16.40
CA ALA C 49 12.05 -35.96 15.24
C ALA C 49 11.50 -37.39 15.22
N ILE C 50 11.20 -37.89 14.02
CA ILE C 50 10.82 -39.29 13.85
C ILE C 50 11.82 -40.00 12.94
N ASP C 51 12.51 -40.98 13.52
CA ASP C 51 13.55 -41.75 12.85
C ASP C 51 12.97 -42.76 11.87
N GLY C 52 13.32 -42.62 10.59
CA GLY C 52 12.83 -43.52 9.55
C GLY C 52 13.90 -44.35 8.87
N THR C 53 14.93 -44.73 9.62
CA THR C 53 16.08 -45.51 9.09
C THR C 53 15.68 -46.92 8.67
N GLY C 54 16.00 -47.26 7.43
CA GLY C 54 15.61 -48.54 6.82
C GLY C 54 14.21 -48.51 6.25
N LEU C 55 13.47 -47.43 6.53
CA LEU C 55 12.07 -47.29 6.14
C LEU C 55 11.88 -46.42 4.90
N HIS C 56 10.72 -46.54 4.27
CA HIS C 56 10.36 -45.78 3.08
C HIS C 56 9.13 -44.91 3.35
N LEU C 57 9.17 -43.66 2.88
CA LEU C 57 8.09 -42.70 3.15
C LEU C 57 7.10 -42.55 1.99
N PHE C 58 5.92 -43.15 2.15
CA PHE C 58 4.82 -43.02 1.19
C PHE C 58 3.93 -41.86 1.63
N PRO C 59 3.45 -41.03 0.68
CA PRO C 59 2.40 -40.07 1.06
C PRO C 59 1.11 -40.84 1.26
N GLY C 60 0.23 -40.31 2.10
CA GLY C 60 -0.91 -41.06 2.61
C GLY C 60 -1.94 -41.53 1.60
N MET C 61 -2.24 -42.83 1.67
CA MET C 61 -3.28 -43.45 0.87
C MET C 61 -4.61 -42.70 1.00
N VAL C 62 -5.25 -42.46 -0.13
CA VAL C 62 -6.59 -41.85 -0.16
C VAL C 62 -7.62 -42.92 -0.57
N ASP C 63 -8.38 -43.39 0.43
CA ASP C 63 -9.36 -44.48 0.29
C ASP C 63 -10.74 -43.91 -0.07
N VAL C 64 -11.17 -44.14 -1.31
CA VAL C 64 -12.38 -43.49 -1.81
C VAL C 64 -13.65 -44.32 -1.63
N HIS C 65 -13.52 -45.55 -1.13
CA HIS C 65 -14.69 -46.41 -0.99
C HIS C 65 -14.78 -47.13 0.35
N VAL C 66 -15.27 -46.42 1.37
CA VAL C 66 -15.53 -47.00 2.68
C VAL C 66 -17.01 -46.85 3.10
N HIS C 67 -17.53 -47.85 3.80
CA HIS C 67 -18.88 -47.79 4.37
C HIS C 67 -18.80 -47.86 5.89
N PHE C 68 -18.58 -46.72 6.52
CA PHE C 68 -18.42 -46.70 7.97
C PHE C 68 -19.76 -46.60 8.73
N ASN C 69 -20.82 -46.27 7.97
CA ASN C 69 -22.23 -46.41 8.40
C ASN C 69 -22.73 -45.54 9.58
N GLU C 70 -21.89 -44.61 10.04
CA GLU C 70 -22.30 -43.59 11.00
C GLU C 70 -22.84 -42.38 10.19
N PRO C 71 -23.97 -41.77 10.62
CA PRO C 71 -24.78 -41.84 11.86
C PRO C 71 -25.57 -43.12 12.10
N GLY C 72 -26.43 -43.49 11.14
CA GLY C 72 -27.52 -44.44 11.39
C GLY C 72 -27.26 -45.87 11.86
N ARG C 73 -26.25 -46.51 11.30
CA ARG C 73 -25.91 -47.89 11.65
C ARG C 73 -24.47 -47.98 12.18
N THR C 74 -24.23 -47.32 13.32
CA THR C 74 -22.90 -47.08 13.88
C THR C 74 -22.14 -48.34 14.33
N GLU C 75 -22.81 -49.24 15.04
CA GLU C 75 -22.15 -50.46 15.56
C GLU C 75 -21.84 -51.51 14.48
N TRP C 76 -21.58 -51.03 13.27
CA TRP C 76 -21.09 -51.81 12.14
C TRP C 76 -19.61 -51.47 11.98
N GLU C 77 -19.32 -50.17 12.02
CA GLU C 77 -17.97 -49.63 12.19
C GLU C 77 -17.99 -48.29 12.96
N GLY C 78 -18.38 -47.22 12.27
CA GLY C 78 -18.41 -45.88 12.86
C GLY C 78 -17.10 -45.15 12.58
N PHE C 79 -17.07 -43.86 12.90
CA PHE C 79 -15.92 -42.99 12.58
C PHE C 79 -14.68 -43.22 13.45
N ALA C 80 -14.88 -43.66 14.69
CA ALA C 80 -13.77 -43.92 15.61
C ALA C 80 -13.01 -45.19 15.26
N SER C 81 -13.73 -46.31 15.22
CA SER C 81 -13.12 -47.61 15.00
C SER C 81 -12.70 -47.83 13.54
N GLY C 82 -13.36 -47.09 12.63
CA GLY C 82 -13.08 -47.16 11.19
C GLY C 82 -11.84 -46.38 10.74
N SER C 83 -11.70 -45.15 11.23
CA SER C 83 -10.56 -44.30 10.86
C SER C 83 -9.26 -44.74 11.55
N LYS C 84 -9.40 -45.38 12.71
CA LYS C 84 -8.25 -45.93 13.44
C LYS C 84 -7.72 -47.19 12.75
N SER C 85 -8.59 -47.89 12.03
CA SER C 85 -8.18 -49.02 11.18
C SER C 85 -7.42 -48.54 9.95
N LEU C 86 -7.87 -47.42 9.39
CA LEU C 86 -7.26 -46.81 8.22
C LEU C 86 -5.88 -46.22 8.51
N ALA C 87 -5.74 -45.51 9.63
CA ALA C 87 -4.44 -45.01 10.09
C ALA C 87 -3.43 -46.16 10.27
N ALA C 88 -3.91 -47.28 10.80
CA ALA C 88 -3.14 -48.54 10.90
C ALA C 88 -2.80 -49.18 9.54
N GLY C 89 -3.51 -48.79 8.49
CA GLY C 89 -3.28 -49.31 7.16
C GLY C 89 -2.60 -48.32 6.24
N GLY C 90 -2.01 -47.28 6.84
CA GLY C 90 -1.29 -46.24 6.12
C GLY C 90 -2.16 -45.23 5.40
N VAL C 91 -3.44 -45.17 5.78
CA VAL C 91 -4.41 -44.31 5.12
C VAL C 91 -4.60 -43.04 5.95
N THR C 92 -4.57 -41.90 5.25
CA THR C 92 -4.65 -40.58 5.87
C THR C 92 -5.90 -39.77 5.48
N THR C 93 -6.57 -40.18 4.40
CA THR C 93 -7.82 -39.53 3.96
C THR C 93 -8.81 -40.60 3.50
N TYR C 94 -10.09 -40.43 3.83
CA TYR C 94 -11.12 -41.37 3.39
C TYR C 94 -12.43 -40.74 2.92
N PHE C 95 -13.17 -41.50 2.11
CA PHE C 95 -14.41 -41.05 1.47
C PHE C 95 -15.56 -41.97 1.88
N ASP C 96 -16.33 -41.56 2.89
CA ASP C 96 -17.50 -42.33 3.34
C ASP C 96 -18.64 -42.24 2.33
N MET C 97 -19.15 -43.41 1.95
CA MET C 97 -20.27 -43.55 1.01
C MET C 97 -21.57 -43.15 1.70
N PRO C 98 -22.61 -42.75 0.93
CA PRO C 98 -23.83 -42.28 1.59
C PRO C 98 -24.70 -43.40 2.16
N LEU C 99 -24.64 -44.58 1.54
CA LEU C 99 -25.53 -45.69 1.86
C LEU C 99 -25.17 -46.39 3.17
N ASN C 100 -26.12 -47.22 3.63
CA ASN C 100 -26.10 -47.94 4.91
C ASN C 100 -26.33 -47.08 6.16
N SER C 101 -25.64 -45.94 6.26
CA SER C 101 -25.97 -44.92 7.27
C SER C 101 -27.41 -44.47 7.04
N ASN C 102 -28.20 -44.40 8.12
CA ASN C 102 -29.63 -44.17 8.03
C ASN C 102 -30.06 -42.86 8.72
N PRO C 103 -30.73 -41.95 7.98
CA PRO C 103 -30.97 -41.94 6.55
C PRO C 103 -29.66 -41.64 5.78
N PRO C 104 -29.56 -42.09 4.52
CA PRO C 104 -28.35 -41.85 3.73
C PRO C 104 -28.05 -40.36 3.51
N THR C 105 -26.86 -40.07 2.99
CA THR C 105 -26.47 -38.68 2.70
C THR C 105 -27.24 -38.16 1.49
N ILE C 106 -28.50 -37.78 1.75
CA ILE C 106 -29.48 -37.41 0.73
C ILE C 106 -29.71 -35.91 0.78
N THR C 107 -30.06 -35.40 1.96
CA THR C 107 -30.20 -33.96 2.19
C THR C 107 -28.86 -33.38 2.63
N ARG C 108 -28.75 -32.05 2.59
CA ARG C 108 -27.60 -31.32 3.14
C ARG C 108 -27.58 -31.41 4.67
N GLU C 109 -28.77 -31.51 5.26
CA GLU C 109 -28.94 -31.72 6.70
C GLU C 109 -28.32 -33.04 7.17
N GLU C 110 -28.50 -34.11 6.40
CA GLU C 110 -27.94 -35.43 6.72
C GLU C 110 -26.41 -35.44 6.55
N LEU C 111 -25.91 -34.62 5.63
CA LEU C 111 -24.47 -34.40 5.44
C LEU C 111 -23.83 -33.68 6.63
N ASP C 112 -24.49 -32.62 7.12
CA ASP C 112 -24.05 -31.88 8.31
C ASP C 112 -24.06 -32.73 9.59
N LYS C 113 -24.94 -33.75 9.60
CA LYS C 113 -25.04 -34.72 10.71
C LYS C 113 -23.86 -35.69 10.73
N LYS C 114 -23.54 -36.24 9.55
CA LYS C 114 -22.39 -37.10 9.33
C LYS C 114 -21.05 -36.33 9.44
N ARG C 115 -21.07 -35.06 9.00
CA ARG C 115 -19.91 -34.15 9.02
C ARG C 115 -19.34 -33.94 10.42
N GLN C 116 -20.23 -33.64 11.37
CA GLN C 116 -19.81 -33.22 12.70
C GLN C 116 -19.78 -34.36 13.74
N LEU C 117 -20.01 -35.58 13.26
CA LEU C 117 -19.73 -36.81 14.03
C LEU C 117 -18.33 -37.35 13.67
N ALA C 118 -17.91 -37.12 12.42
CA ALA C 118 -16.55 -37.40 11.99
C ALA C 118 -15.57 -36.38 12.55
N ASN C 119 -16.02 -35.13 12.65
CA ASN C 119 -15.30 -34.07 13.34
C ASN C 119 -14.95 -34.50 14.77
N GLU C 120 -15.90 -35.12 15.45
CA GLU C 120 -15.70 -35.63 16.82
C GLU C 120 -14.83 -36.91 16.89
N LYS C 121 -15.02 -37.85 15.95
CA LYS C 121 -14.49 -39.22 16.09
C LYS C 121 -13.39 -39.67 15.13
N SER C 122 -13.24 -38.98 14.01
CA SER C 122 -12.32 -39.43 12.95
C SER C 122 -10.84 -39.16 13.25
N LEU C 123 -10.07 -40.24 13.31
CA LEU C 123 -8.64 -40.18 13.60
C LEU C 123 -7.82 -39.62 12.43
N VAL C 124 -8.21 -39.97 11.20
CA VAL C 124 -7.65 -39.37 9.99
C VAL C 124 -8.66 -38.39 9.37
N ASP C 125 -8.29 -37.66 8.30
CA ASP C 125 -9.18 -36.66 7.68
CA ASP C 125 -9.21 -36.67 7.73
C ASP C 125 -10.21 -37.30 6.73
N TYR C 126 -11.32 -36.60 6.50
CA TYR C 126 -12.50 -37.17 5.84
C TYR C 126 -13.04 -36.31 4.70
N ARG C 127 -13.58 -36.98 3.68
CA ARG C 127 -14.49 -36.37 2.70
C ARG C 127 -15.74 -37.25 2.58
N PHE C 128 -16.82 -36.73 2.00
CA PHE C 128 -18.10 -37.46 2.00
C PHE C 128 -18.79 -37.52 0.66
N TRP C 129 -19.35 -38.69 0.36
CA TRP C 129 -20.17 -38.86 -0.83
C TRP C 129 -21.58 -38.40 -0.54
N GLY C 130 -22.17 -37.66 -1.47
CA GLY C 130 -23.60 -37.37 -1.44
C GLY C 130 -24.32 -38.50 -2.15
N GLY C 131 -25.65 -38.55 -2.00
CA GLY C 131 -26.44 -39.64 -2.57
C GLY C 131 -27.23 -39.30 -3.83
N LEU C 132 -27.72 -40.35 -4.47
CA LEU C 132 -28.62 -40.23 -5.63
C LEU C 132 -29.63 -41.38 -5.66
N VAL C 133 -30.75 -41.18 -4.96
CA VAL C 133 -31.90 -42.08 -4.96
C VAL C 133 -32.93 -41.53 -5.97
N PRO C 134 -33.87 -42.38 -6.46
CA PRO C 134 -34.98 -41.96 -7.34
C PRO C 134 -35.50 -40.51 -7.23
N GLY C 135 -35.75 -40.02 -6.02
CA GLY C 135 -36.38 -38.70 -5.86
C GLY C 135 -35.67 -37.67 -5.02
N ASN C 136 -34.40 -37.40 -5.34
CA ASN C 136 -33.61 -36.37 -4.63
C ASN C 136 -32.94 -35.32 -5.55
N ILE C 137 -33.66 -34.94 -6.60
CA ILE C 137 -33.17 -33.99 -7.61
C ILE C 137 -32.86 -32.59 -7.02
N ASP C 138 -33.63 -32.20 -6.02
CA ASP C 138 -33.54 -30.87 -5.40
C ASP C 138 -32.29 -30.64 -4.53
N HIS C 139 -31.79 -31.72 -3.93
CA HIS C 139 -30.71 -31.63 -2.92
C HIS C 139 -29.30 -31.82 -3.48
N LEU C 140 -29.20 -32.03 -4.80
CA LEU C 140 -27.90 -32.21 -5.46
C LEU C 140 -27.09 -30.91 -5.59
N GLN C 141 -27.79 -29.79 -5.78
CA GLN C 141 -27.20 -28.45 -5.70
C GLN C 141 -26.74 -28.20 -4.26
N ASP C 142 -27.60 -28.59 -3.32
CA ASP C 142 -27.45 -28.38 -1.88
C ASP C 142 -26.27 -29.15 -1.27
N LEU C 143 -25.97 -30.33 -1.81
CA LEU C 143 -24.86 -31.18 -1.32
C LEU C 143 -23.48 -30.74 -1.81
N HIS C 144 -23.40 -30.31 -3.06
CA HIS C 144 -22.16 -29.79 -3.67
C HIS C 144 -21.69 -28.49 -3.01
N ASP C 145 -22.64 -27.58 -2.77
CA ASP C 145 -22.37 -26.31 -2.09
C ASP C 145 -22.07 -26.54 -0.61
N GLY C 146 -22.54 -27.68 -0.08
CA GLY C 146 -22.18 -28.17 1.25
C GLY C 146 -20.72 -28.60 1.32
N GLY C 147 -20.32 -29.50 0.41
CA GLY C 147 -18.91 -29.89 0.27
C GLY C 147 -18.60 -31.33 -0.10
N VAL C 148 -19.45 -31.95 -0.93
CA VAL C 148 -19.21 -33.31 -1.39
C VAL C 148 -18.19 -33.38 -2.53
N ILE C 149 -17.44 -34.48 -2.55
CA ILE C 149 -16.40 -34.74 -3.55
C ILE C 149 -17.00 -35.36 -4.82
N GLY C 150 -18.18 -35.96 -4.66
CA GLY C 150 -18.87 -36.63 -5.77
C GLY C 150 -20.19 -37.22 -5.30
N PHE C 151 -20.99 -37.66 -6.26
CA PHE C 151 -22.29 -38.28 -6.00
C PHE C 151 -22.26 -39.78 -6.29
N LYS C 152 -23.17 -40.53 -5.67
CA LYS C 152 -23.21 -41.96 -5.86
C LYS C 152 -24.63 -42.47 -6.08
N ALA C 153 -24.83 -43.16 -7.20
CA ALA C 153 -26.09 -43.82 -7.50
C ALA C 153 -25.87 -45.33 -7.64
N PHE C 154 -26.92 -46.11 -7.34
CA PHE C 154 -26.88 -47.56 -7.51
C PHE C 154 -27.68 -47.99 -8.73
N MET C 155 -27.17 -49.00 -9.44
CA MET C 155 -27.89 -49.61 -10.55
C MET C 155 -28.34 -51.02 -10.17
N SER C 156 -28.14 -51.36 -8.89
CA SER C 156 -28.51 -52.66 -8.30
C SER C 156 -29.27 -52.47 -7.00
N GLU C 157 -30.24 -53.35 -6.74
CA GLU C 157 -30.99 -53.37 -5.48
C GLU C 157 -30.08 -53.83 -4.35
N CYS C 158 -29.46 -52.87 -3.67
CA CYS C 158 -28.44 -53.18 -2.66
C CYS C 158 -28.40 -52.15 -1.52
N GLY C 159 -28.20 -52.65 -0.32
CA GLY C 159 -28.30 -51.85 0.90
C GLY C 159 -29.22 -52.59 1.87
N THR C 160 -29.54 -51.94 2.98
CA THR C 160 -30.38 -52.58 4.02
C THR C 160 -31.88 -52.45 3.72
N ASP C 161 -32.33 -51.23 3.44
CA ASP C 161 -33.75 -50.96 3.18
C ASP C 161 -33.97 -49.76 2.26
N ASP C 162 -33.41 -48.61 2.64
CA ASP C 162 -33.69 -47.34 1.96
C ASP C 162 -32.51 -46.69 1.23
N PHE C 163 -31.85 -47.47 0.37
CA PHE C 163 -31.05 -46.90 -0.71
C PHE C 163 -31.49 -47.57 -2.01
N GLN C 164 -32.60 -47.09 -2.54
CA GLN C 164 -33.17 -47.59 -3.80
C GLN C 164 -32.20 -47.35 -4.96
N PHE C 165 -32.19 -48.29 -5.91
CA PHE C 165 -31.38 -48.14 -7.12
C PHE C 165 -32.02 -47.12 -8.07
N SER C 166 -31.17 -46.36 -8.75
CA SER C 166 -31.61 -45.34 -9.68
C SER C 166 -31.86 -45.94 -11.06
N HIS C 167 -33.05 -45.70 -11.60
CA HIS C 167 -33.41 -46.14 -12.95
C HIS C 167 -32.87 -45.20 -14.02
N ASP C 168 -33.10 -45.55 -15.29
CA ASP C 168 -32.52 -44.83 -16.43
C ASP C 168 -32.99 -43.39 -16.61
N GLU C 169 -34.11 -43.03 -16.01
CA GLU C 169 -34.56 -41.65 -15.97
C GLU C 169 -33.77 -40.90 -14.91
N THR C 170 -33.59 -41.53 -13.75
CA THR C 170 -32.90 -40.95 -12.59
C THR C 170 -31.42 -40.70 -12.86
N LEU C 171 -30.78 -41.65 -13.54
CA LEU C 171 -29.37 -41.53 -13.89
C LEU C 171 -29.12 -40.37 -14.87
N LEU C 172 -30.01 -40.20 -15.85
CA LEU C 172 -29.90 -39.12 -16.84
C LEU C 172 -30.21 -37.74 -16.27
N LYS C 173 -31.32 -37.63 -15.53
CA LYS C 173 -31.79 -36.35 -15.02
C LYS C 173 -30.79 -35.74 -14.02
N GLY C 174 -30.18 -36.60 -13.21
CA GLY C 174 -29.19 -36.20 -12.22
C GLY C 174 -27.88 -35.83 -12.85
N MET C 175 -27.49 -36.57 -13.90
CA MET C 175 -26.27 -36.29 -14.68
C MET C 175 -26.19 -34.89 -15.29
N LYS C 176 -27.31 -34.39 -15.81
CA LYS C 176 -27.37 -33.03 -16.35
C LYS C 176 -27.20 -31.94 -15.28
N LYS C 177 -27.54 -32.27 -14.04
CA LYS C 177 -27.28 -31.38 -12.91
C LYS C 177 -25.82 -31.50 -12.46
N ILE C 178 -25.36 -32.73 -12.26
CA ILE C 178 -23.96 -33.04 -11.88
C ILE C 178 -22.93 -32.42 -12.84
N ALA C 179 -23.24 -32.40 -14.13
CA ALA C 179 -22.40 -31.74 -15.13
C ALA C 179 -22.42 -30.21 -15.00
N ALA C 180 -23.60 -29.66 -14.70
CA ALA C 180 -23.76 -28.21 -14.54
C ALA C 180 -23.07 -27.68 -13.25
N LEU C 181 -22.87 -28.58 -12.29
CA LEU C 181 -22.15 -28.30 -11.05
C LEU C 181 -20.62 -28.42 -11.21
N GLY C 182 -20.20 -29.00 -12.33
CA GLY C 182 -18.78 -29.33 -12.55
C GLY C 182 -18.37 -30.51 -11.69
N SER C 183 -19.34 -31.35 -11.33
CA SER C 183 -19.11 -32.45 -10.39
C SER C 183 -18.87 -33.79 -11.11
N ILE C 184 -19.06 -34.89 -10.38
CA ILE C 184 -18.77 -36.25 -10.85
C ILE C 184 -19.76 -37.26 -10.21
N LEU C 185 -20.13 -38.31 -10.93
CA LEU C 185 -20.94 -39.39 -10.37
C LEU C 185 -20.22 -40.74 -10.33
N ALA C 186 -20.28 -41.42 -9.20
CA ALA C 186 -19.89 -42.83 -9.12
C ALA C 186 -21.14 -43.69 -9.22
N VAL C 187 -21.02 -44.86 -9.83
CA VAL C 187 -22.15 -45.81 -9.79
C VAL C 187 -21.76 -47.22 -9.37
N HIS C 188 -22.71 -47.91 -8.73
CA HIS C 188 -22.64 -49.36 -8.58
C HIS C 188 -23.04 -49.96 -9.93
N ALA C 189 -22.04 -50.22 -10.77
CA ALA C 189 -22.26 -50.62 -12.15
C ALA C 189 -22.54 -52.12 -12.33
N GLU C 190 -23.75 -52.52 -11.95
CA GLU C 190 -24.28 -53.86 -12.22
C GLU C 190 -25.71 -53.77 -12.76
N SER C 191 -26.06 -54.70 -13.65
CA SER C 191 -27.40 -54.71 -14.27
C SER C 191 -28.43 -55.32 -13.35
N ASN C 192 -29.39 -54.51 -12.90
CA ASN C 192 -30.37 -54.90 -11.89
C ASN C 192 -31.18 -56.15 -12.25
N GLU C 193 -31.65 -56.18 -13.50
CA GLU C 193 -32.61 -57.16 -13.93
C GLU C 193 -31.97 -58.50 -14.22
N MET C 194 -30.74 -58.46 -14.75
CA MET C 194 -29.97 -59.67 -15.07
C MET C 194 -29.64 -60.47 -13.80
N VAL C 195 -29.32 -59.75 -12.73
CA VAL C 195 -28.93 -60.37 -11.47
C VAL C 195 -30.11 -61.08 -10.79
N ASN C 196 -31.16 -60.33 -10.42
CA ASN C 196 -32.29 -60.93 -9.69
C ASN C 196 -33.11 -61.95 -10.49
N ALA C 197 -32.82 -62.06 -11.78
CA ALA C 197 -33.37 -63.13 -12.62
C ALA C 197 -32.56 -64.42 -12.44
N LEU C 198 -31.24 -64.32 -12.55
CA LEU C 198 -30.32 -65.46 -12.37
C LEU C 198 -30.24 -65.91 -10.90
N THR C 199 -30.51 -64.99 -9.99
CA THR C 199 -30.56 -65.25 -8.55
C THR C 199 -31.83 -66.04 -8.18
N THR C 200 -32.96 -65.69 -8.80
CA THR C 200 -34.22 -66.44 -8.64
C THR C 200 -34.11 -67.85 -9.23
N ILE C 201 -33.37 -67.99 -10.33
CA ILE C 201 -33.07 -69.30 -10.94
C ILE C 201 -32.18 -70.16 -10.03
N ALA C 202 -31.04 -69.62 -9.58
CA ALA C 202 -30.04 -70.37 -8.80
C ALA C 202 -30.47 -70.77 -7.36
N ILE C 203 -31.38 -70.02 -6.76
CA ILE C 203 -31.91 -70.36 -5.42
C ILE C 203 -32.88 -71.54 -5.52
N GLU C 204 -33.80 -71.47 -6.48
CA GLU C 204 -34.83 -72.49 -6.68
C GLU C 204 -34.31 -73.79 -7.34
N GLU C 205 -33.12 -73.73 -7.92
CA GLU C 205 -32.50 -74.91 -8.54
C GLU C 205 -31.46 -75.60 -7.63
N GLN C 206 -31.47 -75.22 -6.35
CA GLN C 206 -30.67 -75.84 -5.28
C GLN C 206 -29.13 -75.80 -5.47
N ARG C 207 -28.66 -74.98 -6.40
CA ARG C 207 -27.22 -74.79 -6.62
C ARG C 207 -26.72 -73.61 -5.78
N LEU C 208 -26.20 -73.93 -4.61
CA LEU C 208 -25.96 -72.92 -3.56
C LEU C 208 -24.48 -72.69 -3.23
N THR C 209 -23.59 -73.02 -4.16
CA THR C 209 -22.14 -72.84 -3.94
C THR C 209 -21.68 -71.42 -4.27
N VAL C 210 -20.36 -71.21 -4.21
CA VAL C 210 -19.78 -69.88 -4.47
C VAL C 210 -19.65 -69.55 -5.97
N LYS C 211 -19.42 -70.58 -6.79
CA LYS C 211 -19.35 -70.42 -8.25
C LYS C 211 -20.73 -70.08 -8.83
N ASP C 212 -21.77 -70.72 -8.27
CA ASP C 212 -23.16 -70.49 -8.68
C ASP C 212 -23.68 -69.10 -8.28
N TYR C 213 -23.13 -68.55 -7.19
CA TYR C 213 -23.43 -67.18 -6.77
C TYR C 213 -22.75 -66.15 -7.68
N SER C 214 -21.48 -66.43 -8.03
CA SER C 214 -20.67 -65.59 -8.90
C SER C 214 -21.25 -65.45 -10.32
N GLU C 215 -21.83 -66.54 -10.82
CA GLU C 215 -22.44 -66.55 -12.13
C GLU C 215 -23.88 -66.02 -12.10
N ALA C 216 -24.40 -65.75 -10.91
CA ALA C 216 -25.74 -65.16 -10.75
C ALA C 216 -25.69 -63.63 -10.75
N ARG C 217 -24.52 -63.09 -10.43
CA ARG C 217 -24.27 -61.65 -10.55
C ARG C 217 -23.03 -61.49 -11.44
N PRO C 218 -23.16 -61.80 -12.75
CA PRO C 218 -21.96 -62.10 -13.53
C PRO C 218 -21.25 -60.86 -14.10
N ILE C 219 -20.22 -61.11 -14.92
CA ILE C 219 -19.43 -60.07 -15.57
C ILE C 219 -20.27 -59.36 -16.64
N VAL C 220 -21.08 -60.15 -17.36
CA VAL C 220 -21.98 -59.67 -18.42
C VAL C 220 -22.92 -58.55 -17.92
N SER C 221 -23.39 -58.68 -16.68
CA SER C 221 -24.21 -57.67 -16.02
C SER C 221 -23.44 -56.36 -15.75
N GLU C 222 -22.19 -56.50 -15.35
CA GLU C 222 -21.32 -55.35 -15.11
C GLU C 222 -21.10 -54.54 -16.39
N LEU C 223 -20.72 -55.25 -17.44
CA LEU C 223 -20.48 -54.69 -18.77
C LEU C 223 -21.66 -53.87 -19.30
N GLU C 224 -22.88 -54.39 -19.09
CA GLU C 224 -24.10 -53.75 -19.57
C GLU C 224 -24.31 -52.41 -18.89
N ALA C 225 -24.20 -52.43 -17.56
CA ALA C 225 -24.42 -51.26 -16.72
C ALA C 225 -23.37 -50.18 -16.99
N VAL C 226 -22.12 -50.61 -17.15
CA VAL C 226 -21.03 -49.72 -17.56
C VAL C 226 -21.34 -49.06 -18.91
N GLU C 227 -21.74 -49.87 -19.90
CA GLU C 227 -22.07 -49.37 -21.24
C GLU C 227 -23.19 -48.34 -21.21
N ARG C 228 -24.29 -48.69 -20.53
CA ARG C 228 -25.46 -47.83 -20.41
C ARG C 228 -25.10 -46.49 -19.79
N ILE C 229 -24.39 -46.55 -18.67
CA ILE C 229 -23.95 -45.35 -17.96
C ILE C 229 -22.90 -44.54 -18.75
N LEU C 230 -22.14 -45.20 -19.62
CA LEU C 230 -21.19 -44.52 -20.51
C LEU C 230 -21.91 -43.72 -21.58
N ARG C 231 -22.87 -44.37 -22.25
CA ARG C 231 -23.66 -43.73 -23.30
C ARG C 231 -24.42 -42.52 -22.76
N PHE C 232 -25.00 -42.70 -21.57
CA PHE C 232 -25.67 -41.63 -20.81
C PHE C 232 -24.73 -40.43 -20.58
N ALA C 233 -23.48 -40.72 -20.23
CA ALA C 233 -22.45 -39.71 -20.03
C ALA C 233 -22.04 -38.98 -21.30
N GLN C 234 -22.07 -39.68 -22.44
CA GLN C 234 -21.73 -39.10 -23.75
C GLN C 234 -22.73 -38.05 -24.19
N LEU C 235 -23.99 -38.25 -23.84
CA LEU C 235 -25.04 -37.29 -24.13
C LEU C 235 -24.90 -36.11 -23.19
N THR C 236 -24.69 -36.41 -21.91
CA THR C 236 -24.70 -35.40 -20.85
C THR C 236 -23.47 -34.48 -20.84
N CYS C 237 -22.28 -35.10 -20.87
CA CYS C 237 -20.97 -34.47 -20.58
C CYS C 237 -20.73 -34.38 -19.06
N CYS C 238 -21.15 -35.43 -18.36
CA CYS C 238 -20.92 -35.58 -16.93
C CYS C 238 -19.79 -36.56 -16.65
N PRO C 239 -18.70 -36.09 -16.04
CA PRO C 239 -17.61 -36.92 -15.53
C PRO C 239 -18.09 -38.06 -14.61
N ILE C 240 -17.45 -39.22 -14.71
CA ILE C 240 -17.98 -40.45 -14.10
C ILE C 240 -16.91 -41.37 -13.47
N HIS C 241 -17.24 -41.95 -12.31
CA HIS C 241 -16.40 -42.95 -11.68
C HIS C 241 -17.12 -44.31 -11.62
N ILE C 242 -16.37 -45.38 -11.85
CA ILE C 242 -16.94 -46.74 -11.79
C ILE C 242 -16.36 -47.53 -10.61
N CYS C 243 -17.23 -47.91 -9.69
CA CYS C 243 -16.82 -48.64 -8.49
C CYS C 243 -16.52 -50.10 -8.78
N HIS C 244 -15.72 -50.71 -7.89
CA HIS C 244 -15.42 -52.16 -7.83
C HIS C 244 -15.67 -53.02 -9.07
N VAL C 245 -14.69 -53.05 -9.96
CA VAL C 245 -14.78 -53.83 -11.18
C VAL C 245 -14.01 -55.15 -10.99
N SER C 246 -14.69 -56.26 -11.21
CA SER C 246 -14.10 -57.58 -10.93
C SER C 246 -13.28 -58.21 -12.06
N SER C 247 -13.45 -57.72 -13.28
CA SER C 247 -12.76 -58.31 -14.44
C SER C 247 -12.12 -57.27 -15.36
N ARG C 248 -11.12 -57.72 -16.12
CA ARG C 248 -10.46 -56.88 -17.13
C ARG C 248 -11.37 -56.65 -18.34
N LYS C 249 -12.36 -57.53 -18.53
CA LYS C 249 -13.37 -57.40 -19.60
C LYS C 249 -14.08 -56.06 -19.53
N VAL C 250 -14.43 -55.64 -18.31
CA VAL C 250 -15.06 -54.35 -18.05
C VAL C 250 -14.10 -53.19 -18.26
N LEU C 251 -12.86 -53.36 -17.82
CA LEU C 251 -11.81 -52.33 -17.96
C LEU C 251 -11.56 -51.91 -19.40
N LYS C 252 -11.54 -52.91 -20.29
CA LYS C 252 -11.26 -52.70 -21.70
C LYS C 252 -12.37 -51.93 -22.40
N ARG C 253 -13.59 -52.02 -21.87
CA ARG C 253 -14.70 -51.23 -22.38
C ARG C 253 -14.52 -49.76 -22.02
N ILE C 254 -14.10 -49.48 -20.80
CA ILE C 254 -13.91 -48.10 -20.34
C ILE C 254 -12.73 -47.42 -21.05
N LYS C 255 -11.67 -48.18 -21.28
CA LYS C 255 -10.50 -47.75 -22.05
C LYS C 255 -10.86 -47.41 -23.50
N GLN C 256 -11.78 -48.19 -24.07
CA GLN C 256 -12.32 -47.93 -25.41
C GLN C 256 -13.13 -46.64 -25.42
N ALA C 257 -13.93 -46.45 -24.38
CA ALA C 257 -14.73 -45.24 -24.21
C ALA C 257 -13.85 -44.02 -23.93
N LYS C 258 -12.74 -44.22 -23.24
CA LYS C 258 -11.73 -43.19 -23.04
C LYS C 258 -11.14 -42.75 -24.37
N GLY C 259 -10.88 -43.72 -25.25
CA GLY C 259 -10.33 -43.45 -26.59
C GLY C 259 -11.27 -42.68 -27.49
N GLU C 260 -12.56 -42.75 -27.20
CA GLU C 260 -13.59 -42.00 -27.91
C GLU C 260 -13.89 -40.67 -27.23
N GLY C 261 -13.30 -40.44 -26.06
CA GLY C 261 -13.36 -39.13 -25.40
C GLY C 261 -14.32 -38.96 -24.24
N VAL C 262 -14.85 -40.05 -23.71
CA VAL C 262 -15.73 -40.01 -22.54
C VAL C 262 -14.89 -39.78 -21.28
N ASN C 263 -15.34 -38.84 -20.45
CA ASN C 263 -14.67 -38.47 -19.21
C ASN C 263 -14.99 -39.49 -18.11
N VAL C 264 -14.18 -40.54 -18.02
CA VAL C 264 -14.41 -41.63 -17.05
C VAL C 264 -13.19 -41.93 -16.18
N SER C 265 -13.44 -42.51 -15.00
CA SER C 265 -12.41 -43.15 -14.18
C SER C 265 -12.92 -44.51 -13.69
N VAL C 266 -12.01 -45.34 -13.19
CA VAL C 266 -12.37 -46.69 -12.75
C VAL C 266 -11.52 -47.16 -11.56
N GLU C 267 -12.17 -47.82 -10.59
CA GLU C 267 -11.47 -48.46 -9.47
C GLU C 267 -11.66 -49.98 -9.42
N THR C 268 -10.69 -50.66 -8.81
CA THR C 268 -10.87 -52.04 -8.39
C THR C 268 -10.57 -52.12 -6.89
N CYS C 269 -10.73 -53.31 -6.31
CA CYS C 269 -10.52 -53.50 -4.88
C CYS C 269 -9.64 -54.73 -4.61
N PRO C 270 -8.97 -54.77 -3.44
CA PRO C 270 -7.81 -55.65 -3.25
C PRO C 270 -8.14 -57.15 -3.24
N HIS C 271 -9.35 -57.47 -2.77
CA HIS C 271 -9.85 -58.84 -2.70
C HIS C 271 -10.06 -59.48 -4.08
N TYR C 272 -10.34 -58.64 -5.08
CA TYR C 272 -10.39 -59.06 -6.48
C TYR C 272 -9.00 -59.42 -7.00
N LEU C 273 -7.98 -58.76 -6.44
CA LEU C 273 -6.58 -58.99 -6.80
C LEU C 273 -5.92 -60.11 -6.00
N LEU C 274 -6.57 -60.55 -4.92
CA LEU C 274 -6.04 -61.65 -4.12
C LEU C 274 -6.89 -62.93 -4.27
N PHE C 275 -8.11 -62.91 -3.73
CA PHE C 275 -8.92 -64.12 -3.64
C PHE C 275 -9.64 -64.43 -4.93
N SER C 276 -9.39 -65.63 -5.46
CA SER C 276 -10.14 -66.11 -6.60
C SER C 276 -11.35 -66.92 -6.14
N LEU C 277 -11.93 -67.68 -7.06
CA LEU C 277 -13.09 -68.53 -6.76
C LEU C 277 -12.68 -69.69 -5.85
N ASP C 278 -11.41 -70.10 -5.96
CA ASP C 278 -10.83 -71.17 -5.14
C ASP C 278 -10.64 -70.75 -3.68
N GLU C 279 -10.39 -69.45 -3.46
CA GLU C 279 -10.20 -68.89 -2.12
C GLU C 279 -11.50 -68.30 -1.58
N PHE C 280 -12.46 -68.12 -2.48
CA PHE C 280 -13.84 -67.81 -2.12
C PHE C 280 -14.42 -69.03 -1.38
N ALA C 281 -14.21 -70.24 -1.94
CA ALA C 281 -14.67 -71.49 -1.34
C ALA C 281 -13.91 -71.89 -0.06
N GLU C 282 -12.66 -71.41 0.04
CA GLU C 282 -11.81 -71.69 1.18
C GLU C 282 -12.21 -70.85 2.39
N ILE C 283 -12.33 -69.53 2.18
CA ILE C 283 -12.68 -68.57 3.24
C ILE C 283 -14.18 -68.57 3.55
N GLY C 284 -15.01 -68.66 2.50
CA GLY C 284 -16.45 -68.82 2.64
C GLY C 284 -17.24 -67.53 2.65
N TYR C 285 -18.04 -67.37 3.71
CA TYR C 285 -19.01 -66.27 3.84
C TYR C 285 -18.37 -64.91 4.01
N LEU C 286 -17.14 -64.89 4.53
CA LEU C 286 -16.39 -63.65 4.70
C LEU C 286 -15.84 -63.14 3.38
N ALA C 287 -15.85 -63.98 2.34
CA ALA C 287 -15.34 -63.62 1.03
C ALA C 287 -16.43 -63.19 0.02
N LYS C 288 -17.66 -62.94 0.49
CA LYS C 288 -18.76 -62.50 -0.37
C LYS C 288 -18.84 -60.98 -0.51
N CYS C 289 -18.80 -60.51 -1.75
CA CYS C 289 -18.85 -59.08 -2.08
C CYS C 289 -19.69 -58.86 -3.34
N ALA C 290 -20.09 -57.61 -3.59
CA ALA C 290 -20.93 -57.29 -4.74
C ALA C 290 -20.29 -56.20 -5.62
N PRO C 291 -19.77 -56.57 -6.81
CA PRO C 291 -19.67 -57.83 -7.56
C PRO C 291 -18.78 -58.91 -6.93
N PRO C 292 -19.08 -60.19 -7.22
CA PRO C 292 -18.34 -61.32 -6.66
C PRO C 292 -16.90 -61.47 -7.16
N LEU C 293 -16.08 -62.14 -6.36
CA LEU C 293 -14.76 -62.61 -6.76
C LEU C 293 -14.94 -63.58 -7.92
N ARG C 294 -14.04 -63.50 -8.90
CA ARG C 294 -14.14 -64.36 -10.06
C ARG C 294 -13.02 -65.39 -10.00
N GLU C 295 -13.04 -66.32 -10.95
CA GLU C 295 -12.06 -67.43 -11.08
C GLU C 295 -10.58 -67.02 -11.13
N ARG C 296 -9.69 -68.00 -10.95
CA ARG C 296 -8.24 -67.79 -10.92
C ARG C 296 -7.66 -67.17 -12.21
N GLN C 297 -8.21 -67.57 -13.36
CA GLN C 297 -7.82 -66.98 -14.63
C GLN C 297 -8.26 -65.51 -14.71
N GLU C 298 -9.41 -65.21 -14.11
CA GLU C 298 -9.96 -63.85 -14.11
C GLU C 298 -9.23 -62.91 -13.15
N VAL C 299 -8.59 -63.46 -12.13
CA VAL C 299 -7.76 -62.69 -11.19
C VAL C 299 -6.40 -62.33 -11.83
N GLU C 300 -5.79 -63.33 -12.47
CA GLU C 300 -4.55 -63.18 -13.25
C GLU C 300 -4.67 -62.19 -14.43
N ASP C 301 -5.88 -62.09 -14.99
CA ASP C 301 -6.17 -61.15 -16.08
C ASP C 301 -6.25 -59.69 -15.59
N LEU C 302 -6.85 -59.48 -14.41
CA LEU C 302 -7.00 -58.15 -13.85
C LEU C 302 -5.66 -57.56 -13.38
N TRP C 303 -4.76 -58.44 -12.95
CA TRP C 303 -3.37 -58.07 -12.66
C TRP C 303 -2.67 -57.54 -13.91
N ASP C 304 -2.89 -58.21 -15.04
CA ASP C 304 -2.31 -57.83 -16.33
C ASP C 304 -2.76 -56.45 -16.83
N GLY C 305 -3.93 -56.00 -16.36
CA GLY C 305 -4.48 -54.69 -16.71
C GLY C 305 -4.18 -53.59 -15.71
N LEU C 306 -3.96 -53.96 -14.44
CA LEU C 306 -3.55 -53.01 -13.42
C LEU C 306 -2.17 -52.45 -13.72
N MET C 307 -1.26 -53.38 -14.03
CA MET C 307 0.12 -53.09 -14.42
C MET C 307 0.14 -52.32 -15.75
N ALA C 308 -0.88 -52.56 -16.57
CA ALA C 308 -1.07 -51.83 -17.82
C ALA C 308 -1.53 -50.38 -17.62
N GLY C 309 -2.13 -50.08 -16.47
CA GLY C 309 -2.58 -48.72 -16.17
C GLY C 309 -4.01 -48.43 -16.59
N GLU C 310 -4.76 -49.49 -16.87
CA GLU C 310 -6.18 -49.39 -17.24
C GLU C 310 -7.05 -48.91 -16.07
N ILE C 311 -6.62 -49.21 -14.85
CA ILE C 311 -7.31 -48.78 -13.63
C ILE C 311 -6.75 -47.45 -13.17
N ASP C 312 -7.64 -46.49 -12.89
CA ASP C 312 -7.22 -45.15 -12.49
C ASP C 312 -6.68 -45.16 -11.06
N LEU C 313 -7.38 -45.88 -10.18
CA LEU C 313 -7.11 -45.87 -8.75
C LEU C 313 -7.66 -47.13 -8.09
N ILE C 314 -7.26 -47.42 -6.84
CA ILE C 314 -7.89 -48.49 -6.07
C ILE C 314 -8.36 -48.01 -4.68
N SER C 315 -9.40 -48.65 -4.16
CA SER C 315 -9.82 -48.52 -2.77
C SER C 315 -10.24 -49.90 -2.25
N SER C 316 -10.79 -49.96 -1.04
CA SER C 316 -11.00 -51.24 -0.38
C SER C 316 -12.37 -51.88 -0.63
N ASP C 317 -13.40 -51.05 -0.83
CA ASP C 317 -14.82 -51.46 -0.75
C ASP C 317 -15.12 -52.01 0.65
N HIS C 318 -14.66 -51.28 1.66
CA HIS C 318 -14.81 -51.67 3.05
C HIS C 318 -16.28 -51.65 3.44
N SER C 319 -16.93 -52.80 3.29
CA SER C 319 -18.35 -52.92 3.58
C SER C 319 -18.63 -53.96 4.67
N PRO C 320 -18.48 -53.53 5.95
CA PRO C 320 -18.75 -54.47 7.03
C PRO C 320 -20.22 -54.45 7.47
N SER C 321 -20.58 -55.41 8.30
CA SER C 321 -21.90 -55.47 8.93
C SER C 321 -21.75 -56.12 10.31
N LEU C 322 -22.87 -56.40 10.97
CA LEU C 322 -22.88 -57.13 12.24
C LEU C 322 -22.38 -58.56 11.99
N PRO C 323 -21.65 -59.16 12.96
CA PRO C 323 -21.16 -60.54 12.77
C PRO C 323 -22.28 -61.56 12.55
N GLN C 324 -23.42 -61.33 13.21
CA GLN C 324 -24.66 -62.11 13.01
C GLN C 324 -25.26 -62.02 11.61
N MET C 325 -24.97 -60.91 10.91
CA MET C 325 -25.39 -60.71 9.51
C MET C 325 -24.55 -61.50 8.50
N LYS C 326 -23.48 -62.12 8.96
CA LYS C 326 -22.61 -62.93 8.10
C LYS C 326 -22.88 -64.44 8.29
N THR C 327 -24.08 -64.76 8.76
CA THR C 327 -24.52 -66.14 8.95
C THR C 327 -25.71 -66.44 8.02
N GLY C 328 -25.65 -67.59 7.36
CA GLY C 328 -26.71 -67.99 6.43
C GLY C 328 -26.70 -69.48 6.10
N LYS C 329 -27.87 -69.97 5.71
CA LYS C 329 -28.02 -71.36 5.26
C LYS C 329 -27.57 -71.49 3.80
N THR C 330 -27.77 -70.40 3.04
CA THR C 330 -27.36 -70.31 1.64
C THR C 330 -26.51 -69.05 1.40
N ILE C 331 -25.66 -69.10 0.37
CA ILE C 331 -24.80 -67.97 -0.04
C ILE C 331 -25.61 -66.70 -0.39
N PHE C 332 -26.83 -66.88 -0.87
CA PHE C 332 -27.70 -65.77 -1.29
C PHE C 332 -28.37 -65.05 -0.12
N GLU C 333 -28.53 -65.75 1.01
CA GLU C 333 -29.20 -65.22 2.20
C GLU C 333 -28.34 -64.22 2.96
N VAL C 334 -27.02 -64.43 2.88
CA VAL C 334 -26.03 -63.65 3.64
C VAL C 334 -25.89 -62.22 3.13
N TRP C 335 -25.65 -61.28 4.04
CA TRP C 335 -25.35 -59.91 3.68
C TRP C 335 -23.88 -59.83 3.24
N GLY C 336 -23.65 -59.33 2.02
CA GLY C 336 -22.34 -59.36 1.37
C GLY C 336 -21.51 -58.10 1.41
N GLY C 337 -20.22 -58.26 1.65
CA GLY C 337 -19.27 -57.15 1.77
C GLY C 337 -18.03 -57.62 2.52
N ILE C 338 -16.88 -57.01 2.20
CA ILE C 338 -15.60 -57.44 2.74
C ILE C 338 -14.96 -56.41 3.69
N ALA C 339 -14.64 -56.87 4.89
CA ALA C 339 -13.97 -56.05 5.91
C ALA C 339 -12.45 -56.13 5.71
N GLY C 340 -11.90 -55.15 5.00
CA GLY C 340 -10.47 -55.14 4.69
C GLY C 340 -9.86 -53.83 4.21
N CYS C 341 -9.99 -52.75 4.99
CA CYS C 341 -9.38 -51.43 4.66
C CYS C 341 -8.07 -51.11 5.40
N GLN C 342 -7.72 -51.96 6.37
CA GLN C 342 -6.46 -51.89 7.09
C GLN C 342 -5.34 -52.62 6.33
N ASN C 343 -5.71 -53.42 5.34
CA ASN C 343 -4.73 -54.24 4.62
C ASN C 343 -4.65 -54.02 3.10
N THR C 344 -5.01 -52.82 2.64
CA THR C 344 -4.98 -52.49 1.22
C THR C 344 -3.55 -52.32 0.71
N LEU C 345 -2.78 -51.44 1.33
CA LEU C 345 -1.37 -51.24 0.99
C LEU C 345 -0.54 -52.49 1.33
N ALA C 346 -1.00 -53.21 2.36
CA ALA C 346 -0.38 -54.46 2.82
C ALA C 346 -0.51 -55.64 1.84
N VAL C 347 -1.50 -55.60 0.94
CA VAL C 347 -1.57 -56.60 -0.14
C VAL C 347 -0.91 -56.09 -1.41
N MET C 348 -1.03 -54.78 -1.66
CA MET C 348 -0.49 -54.15 -2.87
C MET C 348 1.04 -54.18 -2.93
N LEU C 349 1.67 -54.32 -1.75
CA LEU C 349 3.11 -54.49 -1.64
C LEU C 349 3.54 -55.95 -1.65
N THR C 350 2.65 -56.83 -1.17
CA THR C 350 2.93 -58.27 -1.13
C THR C 350 2.65 -58.90 -2.48
N GLU C 351 1.37 -58.92 -2.85
CA GLU C 351 0.92 -59.48 -4.12
C GLU C 351 1.41 -58.68 -5.32
N GLY C 352 1.39 -57.36 -5.18
CA GLY C 352 1.89 -56.49 -6.24
C GLY C 352 3.40 -56.45 -6.30
N TYR C 353 4.02 -55.82 -5.30
CA TYR C 353 5.46 -55.53 -5.32
C TYR C 353 6.36 -56.74 -5.08
N HIS C 354 6.14 -57.48 -4.01
CA HIS C 354 7.04 -58.57 -3.60
C HIS C 354 6.90 -59.87 -4.42
N LYS C 355 5.68 -60.19 -4.86
CA LYS C 355 5.43 -61.38 -5.68
C LYS C 355 5.53 -61.13 -7.19
N ARG C 356 4.70 -60.22 -7.69
CA ARG C 356 4.56 -59.99 -9.13
C ARG C 356 5.44 -58.86 -9.67
N LYS C 357 6.25 -58.27 -8.79
CA LYS C 357 7.22 -57.20 -9.10
C LYS C 357 6.61 -55.91 -9.69
N MET C 358 5.52 -55.45 -9.09
CA MET C 358 4.90 -54.16 -9.42
C MET C 358 5.73 -53.04 -8.78
N PRO C 359 6.08 -51.99 -9.58
CA PRO C 359 6.87 -50.86 -9.07
C PRO C 359 6.19 -50.13 -7.90
N LEU C 360 7.02 -49.64 -6.98
CA LEU C 360 6.59 -49.03 -5.73
C LEU C 360 5.91 -47.68 -5.96
N THR C 361 6.12 -47.20 -7.14
CA THR C 361 5.85 -45.86 -7.50
C THR C 361 4.38 -45.84 -7.87
N GLN C 362 4.02 -46.87 -8.59
CA GLN C 362 2.68 -47.10 -9.14
C GLN C 362 1.60 -47.26 -8.05
N ILE C 363 1.98 -47.87 -6.93
CA ILE C 363 1.05 -48.09 -5.82
C ILE C 363 0.76 -46.79 -5.03
N VAL C 364 1.66 -45.81 -5.14
CA VAL C 364 1.41 -44.48 -4.58
C VAL C 364 0.37 -43.79 -5.46
N GLN C 365 0.51 -43.98 -6.77
CA GLN C 365 -0.35 -43.36 -7.78
C GLN C 365 -1.80 -43.87 -7.65
N LEU C 366 -1.94 -45.18 -7.56
CA LEU C 366 -3.25 -45.83 -7.54
C LEU C 366 -3.98 -45.70 -6.20
N LEU C 367 -3.24 -45.70 -5.10
CA LEU C 367 -3.87 -45.74 -3.78
C LEU C 367 -3.98 -44.37 -3.12
N SER C 368 -3.33 -43.36 -3.70
CA SER C 368 -3.16 -42.08 -3.04
C SER C 368 -3.20 -40.87 -3.97
N THR C 369 -2.42 -40.93 -5.05
CA THR C 369 -2.21 -39.75 -5.91
C THR C 369 -3.30 -39.52 -6.97
N GLU C 370 -3.69 -40.56 -7.69
CA GLU C 370 -4.85 -40.47 -8.58
C GLU C 370 -6.21 -40.32 -7.88
N PRO C 371 -6.43 -41.01 -6.73
CA PRO C 371 -7.60 -40.66 -5.92
C PRO C 371 -7.69 -39.17 -5.61
N ALA C 372 -6.56 -38.58 -5.26
CA ALA C 372 -6.46 -37.14 -5.08
C ALA C 372 -6.74 -36.39 -6.39
N LYS C 373 -6.21 -36.91 -7.49
CA LYS C 373 -6.22 -36.23 -8.79
C LYS C 373 -7.59 -36.02 -9.43
N ARG C 374 -8.40 -37.08 -9.40
CA ARG C 374 -9.69 -37.13 -10.11
C ARG C 374 -10.73 -36.12 -9.58
N PHE C 375 -10.72 -35.88 -8.28
CA PHE C 375 -11.80 -35.13 -7.63
C PHE C 375 -11.53 -33.63 -7.38
N GLY C 376 -10.41 -33.11 -7.87
CA GLY C 376 -10.07 -31.69 -7.70
C GLY C 376 -9.15 -31.38 -6.51
N LEU C 377 -8.39 -32.38 -6.06
CA LEU C 377 -7.51 -32.22 -4.91
C LEU C 377 -6.01 -32.46 -5.22
N TYR C 378 -5.47 -31.63 -6.11
CA TYR C 378 -4.04 -31.68 -6.49
C TYR C 378 -3.50 -30.25 -6.65
N PRO C 379 -2.31 -29.96 -6.09
CA PRO C 379 -1.36 -30.87 -5.42
C PRO C 379 -1.48 -30.98 -3.88
N GLN C 380 -2.70 -30.89 -3.34
CA GLN C 380 -2.90 -30.87 -1.89
C GLN C 380 -2.62 -32.22 -1.23
N LYS C 381 -3.26 -33.27 -1.74
CA LYS C 381 -3.05 -34.62 -1.23
C LYS C 381 -2.29 -35.48 -2.24
N GLY C 382 -1.99 -36.72 -1.87
CA GLY C 382 -1.24 -37.66 -2.71
C GLY C 382 0.21 -37.30 -3.02
N THR C 383 0.71 -36.23 -2.39
CA THR C 383 2.05 -35.69 -2.65
C THR C 383 2.86 -35.50 -1.37
N ILE C 384 4.17 -35.28 -1.55
CA ILE C 384 5.04 -34.71 -0.52
C ILE C 384 5.84 -33.59 -1.22
N GLN C 385 5.42 -32.34 -0.99
CA GLN C 385 6.08 -31.18 -1.59
C GLN C 385 5.76 -29.88 -0.85
N VAL C 386 6.49 -28.81 -1.19
CA VAL C 386 6.32 -27.49 -0.57
C VAL C 386 4.94 -26.88 -0.83
N GLY C 387 4.16 -26.73 0.23
CA GLY C 387 2.80 -26.16 0.15
C GLY C 387 1.68 -27.15 0.41
N ALA C 388 2.05 -28.43 0.52
CA ALA C 388 1.08 -29.52 0.61
C ALA C 388 0.80 -29.99 2.04
N GLU C 389 -0.30 -30.73 2.20
CA GLU C 389 -0.71 -31.31 3.48
C GLU C 389 0.22 -32.45 3.92
N ALA C 390 0.96 -32.23 5.00
CA ALA C 390 1.97 -33.19 5.48
C ALA C 390 1.34 -34.44 6.10
N SER C 391 0.90 -35.33 5.24
CA SER C 391 0.36 -36.60 5.68
C SER C 391 1.10 -37.70 4.96
N PHE C 392 1.87 -38.47 5.73
CA PHE C 392 2.65 -39.57 5.18
C PHE C 392 2.89 -40.71 6.16
N THR C 393 3.19 -41.88 5.62
CA THR C 393 3.33 -43.11 6.40
C THR C 393 4.71 -43.74 6.26
N LEU C 394 5.15 -44.46 7.27
CA LEU C 394 6.45 -45.12 7.23
C LEU C 394 6.30 -46.64 7.14
N ILE C 395 6.95 -47.23 6.13
CA ILE C 395 6.80 -48.65 5.81
C ILE C 395 8.12 -49.38 5.95
N ASP C 396 8.06 -50.56 6.56
CA ASP C 396 9.16 -51.51 6.53
C ASP C 396 8.74 -52.59 5.55
N LEU C 397 9.13 -52.40 4.30
CA LEU C 397 8.85 -53.26 3.18
C LEU C 397 9.21 -54.69 3.46
N ASN C 398 10.47 -54.90 3.71
CA ASN C 398 11.04 -56.21 3.97
C ASN C 398 10.74 -56.65 5.40
N GLU C 399 9.48 -57.02 5.62
CA GLU C 399 9.01 -57.51 6.93
C GLU C 399 7.83 -58.44 6.75
N SER C 400 8.06 -59.72 7.01
CA SER C 400 7.01 -60.73 6.94
C SER C 400 6.27 -60.87 8.28
N TYR C 401 4.95 -60.96 8.20
CA TYR C 401 4.05 -61.06 9.36
C TYR C 401 2.73 -61.69 8.94
N THR C 402 2.10 -62.42 9.88
CA THR C 402 0.81 -63.05 9.62
C THR C 402 -0.30 -62.31 10.38
N LEU C 403 -1.32 -61.87 9.64
CA LEU C 403 -2.44 -61.13 10.22
C LEU C 403 -3.43 -62.06 10.96
N ASN C 404 -3.58 -61.85 12.27
CA ASN C 404 -4.65 -62.49 13.04
C ASN C 404 -5.77 -61.52 13.43
N ALA C 405 -6.75 -62.01 14.20
CA ALA C 405 -7.90 -61.23 14.67
C ALA C 405 -7.54 -60.09 15.63
N SER C 406 -6.42 -60.25 16.34
CA SER C 406 -5.93 -59.27 17.31
C SER C 406 -5.33 -58.02 16.64
N ASP C 407 -4.89 -58.18 15.38
CA ASP C 407 -4.29 -57.09 14.61
C ASP C 407 -5.31 -56.02 14.24
N LEU C 408 -6.54 -56.45 13.99
CA LEU C 408 -7.56 -55.58 13.40
C LEU C 408 -8.24 -54.66 14.40
N TYR C 409 -8.25 -53.37 14.05
CA TYR C 409 -8.85 -52.31 14.85
C TYR C 409 -10.30 -52.02 14.43
N TYR C 410 -10.87 -52.88 13.59
CA TYR C 410 -12.28 -52.79 13.22
C TYR C 410 -13.19 -52.95 14.43
N ARG C 411 -14.43 -52.47 14.29
CA ARG C 411 -15.46 -52.63 15.32
C ARG C 411 -15.69 -54.12 15.55
N HIS C 412 -15.75 -54.88 14.46
CA HIS C 412 -15.80 -56.35 14.51
C HIS C 412 -14.55 -56.88 13.81
N PRO C 413 -13.62 -57.49 14.60
CA PRO C 413 -12.28 -57.87 14.12
C PRO C 413 -12.23 -59.14 13.23
N ILE C 414 -13.20 -59.26 12.31
CA ILE C 414 -13.28 -60.42 11.42
C ILE C 414 -13.01 -59.97 9.96
N SER C 415 -12.22 -60.78 9.24
CA SER C 415 -11.75 -60.45 7.89
C SER C 415 -11.34 -61.69 7.10
N PRO C 416 -11.61 -61.69 5.77
CA PRO C 416 -11.04 -62.72 4.88
C PRO C 416 -9.51 -62.67 4.71
N TYR C 417 -8.88 -61.57 5.13
CA TYR C 417 -7.42 -61.44 5.13
C TYR C 417 -6.75 -62.05 6.37
N VAL C 418 -7.56 -62.52 7.34
CA VAL C 418 -7.05 -63.19 8.53
C VAL C 418 -6.48 -64.57 8.16
N GLY C 419 -5.20 -64.75 8.47
CA GLY C 419 -4.48 -65.97 8.09
C GLY C 419 -3.49 -65.74 6.97
N GLN C 420 -3.64 -64.62 6.27
CA GLN C 420 -2.77 -64.25 5.16
C GLN C 420 -1.43 -63.73 5.69
N ARG C 421 -0.34 -64.19 5.07
CA ARG C 421 1.00 -63.75 5.44
C ARG C 421 1.48 -62.65 4.49
N PHE C 422 1.50 -61.42 5.00
CA PHE C 422 1.91 -60.24 4.21
C PHE C 422 3.44 -60.02 4.28
N ARG C 423 3.93 -59.17 3.37
CA ARG C 423 5.26 -58.57 3.45
C ARG C 423 5.14 -57.07 3.24
N GLY C 424 5.46 -56.30 4.28
CA GLY C 424 5.34 -54.85 4.20
C GLY C 424 4.39 -54.34 5.26
N LYS C 425 4.96 -53.75 6.31
CA LYS C 425 4.18 -53.28 7.45
C LYS C 425 4.30 -51.76 7.59
N VAL C 426 3.15 -51.11 7.76
CA VAL C 426 3.11 -49.70 8.15
C VAL C 426 3.54 -49.55 9.62
N LYS C 427 4.55 -48.71 9.83
CA LYS C 427 5.17 -48.54 11.14
C LYS C 427 4.65 -47.29 11.84
N HIS C 428 4.87 -46.13 11.23
CA HIS C 428 4.32 -44.88 11.72
C HIS C 428 3.38 -44.32 10.66
N THR C 429 2.29 -43.73 11.13
CA THR C 429 1.42 -42.96 10.25
C THR C 429 1.32 -41.55 10.84
N ILE C 430 1.48 -40.55 9.97
CA ILE C 430 1.44 -39.16 10.34
C ILE C 430 0.42 -38.48 9.44
N CYS C 431 -0.53 -37.78 10.04
CA CYS C 431 -1.60 -37.13 9.29
C CYS C 431 -1.75 -35.67 9.70
N GLN C 432 -1.71 -34.78 8.70
CA GLN C 432 -1.79 -33.32 8.88
C GLN C 432 -0.79 -32.80 9.92
N GLY C 433 0.40 -33.40 9.91
CA GLY C 433 1.43 -33.13 10.91
C GLY C 433 1.35 -34.01 12.15
N LYS C 434 0.12 -34.27 12.61
CA LYS C 434 -0.13 -35.03 13.84
C LYS C 434 0.26 -36.51 13.71
N HIS C 435 1.13 -36.94 14.62
CA HIS C 435 1.58 -38.33 14.73
C HIS C 435 0.42 -39.18 15.24
N VAL C 436 -0.32 -39.76 14.30
CA VAL C 436 -1.68 -40.24 14.57
C VAL C 436 -1.82 -41.78 14.66
N TYR C 437 -0.72 -42.48 14.39
CA TYR C 437 -0.61 -43.93 14.61
C TYR C 437 0.86 -44.33 14.73
N GLN C 438 1.16 -45.28 15.63
CA GLN C 438 2.47 -45.93 15.65
C GLN C 438 2.38 -47.45 15.77
N ASP C 439 3.49 -48.13 15.48
CA ASP C 439 3.58 -49.59 15.50
C ASP C 439 3.61 -50.14 16.94
N ARG D 5 26.80 -20.22 2.82
CA ARG D 5 26.16 -21.53 3.15
C ARG D 5 25.67 -22.26 1.90
N PHE D 6 25.00 -21.53 1.00
CA PHE D 6 24.59 -22.09 -0.29
C PHE D 6 25.42 -21.49 -1.43
N ASP D 7 25.73 -22.32 -2.42
CA ASP D 7 26.53 -21.91 -3.59
C ASP D 7 25.77 -20.96 -4.50
N LEU D 8 24.49 -21.26 -4.73
CA LEU D 8 23.60 -20.42 -5.53
C LEU D 8 22.16 -20.66 -5.08
N ILE D 9 21.33 -19.62 -5.16
CA ILE D 9 19.92 -19.75 -4.80
C ILE D 9 18.99 -19.02 -5.78
N ILE D 10 18.06 -19.77 -6.36
CA ILE D 10 17.09 -19.21 -7.31
C ILE D 10 15.91 -18.63 -6.54
N ARG D 11 15.78 -17.30 -6.60
N ARG D 11 15.77 -17.30 -6.59
CA ARG D 11 14.78 -16.56 -5.82
CA ARG D 11 14.76 -16.62 -5.79
C ARG D 11 13.49 -16.29 -6.58
C ARG D 11 13.50 -16.23 -6.55
N SER D 12 12.38 -16.35 -5.85
CA SER D 12 11.02 -15.93 -6.33
C SER D 12 10.51 -16.54 -7.64
N SER D 13 10.91 -17.77 -7.90
CA SER D 13 10.60 -18.48 -9.14
C SER D 13 9.35 -19.34 -9.03
N THR D 14 8.84 -19.74 -10.18
CA THR D 14 7.74 -20.70 -10.26
C THR D 14 8.34 -22.03 -10.69
N VAL D 15 8.30 -23.01 -9.78
CA VAL D 15 8.88 -24.34 -10.02
C VAL D 15 7.89 -25.22 -10.78
N VAL D 16 8.26 -25.61 -12.00
CA VAL D 16 7.43 -26.54 -12.79
C VAL D 16 8.15 -27.88 -12.96
N THR D 17 7.41 -28.97 -12.84
CA THR D 17 7.99 -30.30 -12.98
C THR D 17 7.19 -31.11 -14.00
N GLU D 18 7.38 -32.43 -13.98
N GLU D 18 7.38 -32.43 -13.98
CA GLU D 18 6.65 -33.34 -14.84
CA GLU D 18 6.66 -33.36 -14.83
C GLU D 18 5.18 -33.49 -14.46
C GLU D 18 5.17 -33.46 -14.46
N THR D 19 4.85 -33.18 -13.20
CA THR D 19 3.50 -33.41 -12.67
C THR D 19 2.80 -32.18 -12.09
N THR D 20 3.58 -31.23 -11.56
CA THR D 20 3.00 -30.10 -10.84
C THR D 20 3.77 -28.79 -11.01
N THR D 21 3.16 -27.69 -10.58
CA THR D 21 3.81 -26.38 -10.50
C THR D 21 3.53 -25.71 -9.14
N TYR D 22 4.51 -24.98 -8.62
CA TYR D 22 4.36 -24.20 -7.38
C TYR D 22 5.33 -23.03 -7.31
N ARG D 23 5.07 -22.11 -6.37
CA ARG D 23 5.97 -20.99 -6.09
C ARG D 23 6.90 -21.34 -4.93
N ALA D 24 8.21 -21.28 -5.19
CA ALA D 24 9.24 -21.65 -4.20
C ALA D 24 10.64 -21.14 -4.59
N ASP D 25 11.54 -21.15 -3.61
CA ASP D 25 12.96 -20.89 -3.85
C ASP D 25 13.75 -22.19 -3.76
N VAL D 26 14.78 -22.31 -4.60
CA VAL D 26 15.60 -23.54 -4.68
C VAL D 26 17.05 -23.23 -4.31
N ALA D 27 17.57 -23.97 -3.34
CA ALA D 27 18.94 -23.78 -2.84
C ALA D 27 19.89 -24.85 -3.33
N ILE D 28 21.06 -24.43 -3.82
CA ILE D 28 22.02 -25.31 -4.47
C ILE D 28 23.29 -25.42 -3.61
N ARG D 29 23.76 -26.66 -3.43
CA ARG D 29 25.06 -26.90 -2.79
C ARG D 29 25.82 -28.03 -3.49
N ASN D 30 27.01 -27.70 -4.00
CA ASN D 30 27.97 -28.64 -4.60
C ASN D 30 27.43 -29.53 -5.71
N GLY D 31 26.83 -28.91 -6.73
CA GLY D 31 26.36 -29.64 -7.92
C GLY D 31 24.95 -30.20 -7.84
N ILE D 32 24.43 -30.36 -6.63
CA ILE D 32 23.09 -30.90 -6.42
C ILE D 32 22.18 -29.88 -5.75
N VAL D 33 20.90 -30.21 -5.65
CA VAL D 33 19.92 -29.37 -5.00
C VAL D 33 19.92 -29.68 -3.51
N SER D 34 20.11 -28.64 -2.70
CA SER D 34 20.20 -28.79 -1.25
C SER D 34 18.85 -28.65 -0.55
N ALA D 35 18.08 -27.61 -0.92
CA ALA D 35 16.80 -27.31 -0.28
C ALA D 35 15.78 -26.63 -1.19
N ILE D 36 14.50 -26.86 -0.91
CA ILE D 36 13.40 -26.12 -1.53
C ILE D 36 12.49 -25.59 -0.41
N THR D 37 12.24 -24.27 -0.41
CA THR D 37 11.52 -23.59 0.68
C THR D 37 10.50 -22.58 0.15
N GLU D 38 9.65 -22.06 1.05
CA GLU D 38 8.72 -20.95 0.74
C GLU D 38 9.49 -19.69 0.30
N PRO D 39 8.90 -18.90 -0.63
CA PRO D 39 9.63 -17.77 -1.26
C PRO D 39 10.05 -16.67 -0.27
N GLY D 40 11.33 -16.66 0.07
CA GLY D 40 11.89 -15.68 1.01
C GLY D 40 12.11 -16.24 2.41
N SER D 41 12.17 -17.56 2.54
CA SER D 41 12.44 -18.21 3.83
C SER D 41 13.91 -18.09 4.21
N ILE D 42 14.79 -18.25 3.24
CA ILE D 42 16.22 -18.14 3.46
C ILE D 42 16.65 -16.67 3.37
N SER D 43 17.53 -16.25 4.28
CA SER D 43 18.04 -14.87 4.33
C SER D 43 18.93 -14.54 3.13
N SER D 44 18.98 -13.25 2.79
CA SER D 44 19.67 -12.75 1.60
C SER D 44 21.19 -12.97 1.64
N ASP D 45 21.76 -12.97 2.84
CA ASP D 45 23.21 -13.18 3.02
C ASP D 45 23.55 -14.65 3.27
N ASP D 46 22.97 -15.54 2.45
CA ASP D 46 23.22 -16.97 2.55
C ASP D 46 23.61 -17.61 1.21
N GLY D 47 24.10 -16.76 0.29
CA GLY D 47 24.54 -17.21 -1.03
C GLY D 47 24.23 -16.22 -2.14
N PRO D 48 24.97 -16.30 -3.25
CA PRO D 48 24.68 -15.55 -4.48
C PRO D 48 23.32 -15.94 -5.03
N ALA D 49 22.65 -14.99 -5.68
CA ALA D 49 21.29 -15.23 -6.14
C ALA D 49 21.00 -14.67 -7.52
N ILE D 50 20.12 -15.37 -8.23
CA ILE D 50 19.58 -14.91 -9.51
C ILE D 50 18.12 -14.54 -9.24
N ASP D 51 17.72 -13.35 -9.67
CA ASP D 51 16.33 -12.94 -9.50
C ASP D 51 15.44 -13.58 -10.58
N GLY D 52 14.53 -14.43 -10.13
CA GLY D 52 13.63 -15.15 -11.04
C GLY D 52 12.17 -14.85 -10.80
N THR D 53 11.87 -13.59 -10.45
CA THR D 53 10.49 -13.13 -10.28
C THR D 53 9.82 -13.01 -11.65
N GLY D 54 8.64 -13.62 -11.78
CA GLY D 54 7.91 -13.64 -13.05
C GLY D 54 8.55 -14.55 -14.09
N LEU D 55 9.35 -15.51 -13.61
CA LEU D 55 10.04 -16.46 -14.46
C LEU D 55 9.72 -17.85 -13.96
N HIS D 56 9.86 -18.83 -14.84
CA HIS D 56 9.54 -20.22 -14.51
C HIS D 56 10.77 -21.13 -14.54
N LEU D 57 10.95 -21.89 -13.47
CA LEU D 57 12.06 -22.84 -13.38
C LEU D 57 11.61 -24.20 -13.89
N PHE D 58 12.12 -24.55 -15.08
CA PHE D 58 11.92 -25.86 -15.67
C PHE D 58 13.16 -26.68 -15.31
N PRO D 59 13.02 -28.00 -15.15
CA PRO D 59 14.22 -28.84 -15.06
C PRO D 59 14.94 -28.80 -16.40
N GLY D 60 16.27 -28.90 -16.37
CA GLY D 60 17.06 -28.79 -17.58
C GLY D 60 16.68 -29.84 -18.61
N MET D 61 16.57 -29.41 -19.87
CA MET D 61 16.15 -30.29 -20.93
C MET D 61 17.24 -31.29 -21.23
N VAL D 62 16.82 -32.51 -21.58
CA VAL D 62 17.71 -33.61 -21.90
C VAL D 62 17.45 -33.97 -23.37
N ASP D 63 18.37 -33.56 -24.24
CA ASP D 63 18.23 -33.73 -25.69
C ASP D 63 19.01 -34.96 -26.16
N VAL D 64 18.28 -36.04 -26.45
CA VAL D 64 18.94 -37.32 -26.72
C VAL D 64 19.42 -37.51 -28.15
N HIS D 65 19.15 -36.54 -29.02
CA HIS D 65 19.53 -36.66 -30.42
C HIS D 65 20.26 -35.42 -30.95
N VAL D 66 21.56 -35.31 -30.70
CA VAL D 66 22.37 -34.31 -31.39
C VAL D 66 23.54 -34.96 -32.13
N HIS D 67 24.05 -34.23 -33.12
CA HIS D 67 25.29 -34.57 -33.83
C HIS D 67 26.21 -33.36 -33.73
N PHE D 68 27.31 -33.51 -33.00
CA PHE D 68 28.28 -32.41 -32.88
C PHE D 68 29.55 -32.66 -33.74
N ASN D 69 29.77 -33.92 -34.10
CA ASN D 69 30.71 -34.37 -35.15
C ASN D 69 32.21 -34.21 -34.86
N GLU D 70 32.54 -33.84 -33.63
CA GLU D 70 33.94 -33.75 -33.22
C GLU D 70 34.32 -35.06 -32.52
N PRO D 71 35.48 -35.66 -32.91
CA PRO D 71 36.44 -35.23 -33.92
C PRO D 71 36.14 -35.71 -35.34
N GLY D 72 36.92 -35.22 -36.31
CA GLY D 72 36.84 -35.69 -37.69
C GLY D 72 36.00 -34.86 -38.62
N ARG D 73 34.86 -34.37 -38.14
CA ARG D 73 34.07 -33.39 -38.88
C ARG D 73 33.66 -32.24 -37.97
N THR D 74 34.62 -31.82 -37.15
CA THR D 74 34.46 -30.76 -36.13
C THR D 74 33.93 -29.44 -36.70
N GLU D 75 34.39 -29.08 -37.89
CA GLU D 75 33.99 -27.82 -38.54
C GLU D 75 32.50 -27.70 -38.84
N TRP D 76 31.80 -28.83 -38.90
CA TRP D 76 30.33 -28.85 -39.02
C TRP D 76 29.68 -28.26 -37.76
N GLU D 77 30.21 -28.63 -36.58
CA GLU D 77 29.71 -28.13 -35.29
C GLU D 77 30.77 -28.08 -34.18
N GLY D 78 31.05 -29.22 -33.57
CA GLY D 78 31.97 -29.30 -32.44
C GLY D 78 31.28 -29.17 -31.09
N PHE D 79 31.96 -29.66 -30.06
CA PHE D 79 31.48 -29.60 -28.68
C PHE D 79 31.31 -28.18 -28.12
N ALA D 80 32.25 -27.29 -28.43
CA ALA D 80 32.24 -25.94 -27.88
C ALA D 80 30.96 -25.19 -28.26
N SER D 81 30.79 -24.91 -29.55
CA SER D 81 29.64 -24.15 -30.04
C SER D 81 28.34 -24.94 -29.96
N GLY D 82 28.44 -26.26 -30.08
CA GLY D 82 27.29 -27.15 -29.92
C GLY D 82 26.63 -27.04 -28.56
N SER D 83 27.43 -27.14 -27.50
CA SER D 83 26.92 -27.08 -26.13
C SER D 83 26.52 -25.67 -25.70
N LYS D 84 27.13 -24.67 -26.34
CA LYS D 84 26.79 -23.26 -26.19
C LYS D 84 25.35 -23.00 -26.66
N SER D 85 24.96 -23.68 -27.74
CA SER D 85 23.60 -23.59 -28.29
C SER D 85 22.57 -24.20 -27.36
N LEU D 86 22.93 -25.34 -26.76
CA LEU D 86 22.02 -26.07 -25.89
C LEU D 86 21.72 -25.29 -24.62
N ALA D 87 22.77 -24.70 -24.06
CA ALA D 87 22.67 -23.86 -22.87
C ALA D 87 21.78 -22.64 -23.14
N ALA D 88 21.78 -22.19 -24.40
CA ALA D 88 20.99 -21.06 -24.83
C ALA D 88 19.54 -21.46 -25.10
N GLY D 89 19.27 -22.76 -25.14
CA GLY D 89 17.92 -23.30 -25.33
C GLY D 89 17.38 -23.99 -24.10
N GLY D 90 18.15 -23.95 -23.01
CA GLY D 90 17.75 -24.52 -21.72
C GLY D 90 18.06 -26.00 -21.59
N VAL D 91 19.04 -26.46 -22.36
CA VAL D 91 19.37 -27.88 -22.37
C VAL D 91 20.64 -28.09 -21.56
N THR D 92 20.54 -28.95 -20.56
CA THR D 92 21.65 -29.16 -19.62
C THR D 92 22.34 -30.52 -19.80
N THR D 93 21.67 -31.45 -20.46
CA THR D 93 22.28 -32.73 -20.85
C THR D 93 21.95 -33.04 -22.31
N TYR D 94 22.94 -33.54 -23.04
CA TYR D 94 22.74 -33.97 -24.42
C TYR D 94 23.39 -35.31 -24.67
N PHE D 95 22.84 -36.07 -25.59
CA PHE D 95 23.48 -37.31 -26.02
C PHE D 95 24.04 -37.10 -27.41
N ASP D 96 25.35 -37.27 -27.56
CA ASP D 96 25.93 -37.17 -28.88
C ASP D 96 25.82 -38.49 -29.62
N MET D 97 25.34 -38.41 -30.86
CA MET D 97 25.21 -39.57 -31.74
C MET D 97 26.59 -39.99 -32.30
N PRO D 98 26.72 -41.18 -32.82
CA PRO D 98 28.04 -41.69 -33.16
C PRO D 98 28.49 -41.28 -34.53
N LEU D 99 27.71 -40.50 -35.21
CA LEU D 99 27.95 -40.32 -36.60
C LEU D 99 28.08 -38.93 -37.11
N ASN D 100 28.59 -38.87 -38.33
CA ASN D 100 29.09 -37.68 -38.96
C ASN D 100 30.45 -37.37 -38.45
N SER D 101 30.59 -37.74 -37.21
CA SER D 101 31.84 -37.84 -36.48
C SER D 101 32.72 -38.89 -37.17
N ASN D 102 34.01 -38.58 -37.34
CA ASN D 102 34.89 -39.37 -38.21
C ASN D 102 36.29 -39.67 -37.65
N PRO D 103 36.65 -40.96 -37.46
CA PRO D 103 35.86 -42.19 -37.57
C PRO D 103 34.72 -42.22 -36.54
N PRO D 104 33.59 -42.89 -36.88
CA PRO D 104 32.43 -43.00 -35.99
C PRO D 104 32.72 -43.75 -34.69
N THR D 105 31.89 -43.53 -33.69
CA THR D 105 32.08 -44.12 -32.35
C THR D 105 31.77 -45.61 -32.36
N ILE D 106 32.69 -46.36 -32.95
CA ILE D 106 32.51 -47.76 -33.30
C ILE D 106 33.25 -48.61 -32.28
N THR D 107 34.39 -48.08 -31.83
CA THR D 107 35.25 -48.75 -30.86
C THR D 107 35.31 -47.93 -29.57
N ARG D 108 35.89 -48.50 -28.51
CA ARG D 108 36.15 -47.78 -27.26
C ARG D 108 37.14 -46.64 -27.49
N GLU D 109 38.12 -46.88 -28.36
CA GLU D 109 39.13 -45.89 -28.74
C GLU D 109 38.51 -44.58 -29.24
N GLU D 110 37.53 -44.68 -30.13
CA GLU D 110 36.83 -43.52 -30.64
C GLU D 110 36.00 -42.83 -29.58
N LEU D 111 35.41 -43.63 -28.68
CA LEU D 111 34.66 -43.12 -27.53
C LEU D 111 35.53 -42.36 -26.54
N ASP D 112 36.77 -42.82 -26.35
CA ASP D 112 37.73 -42.18 -25.49
C ASP D 112 38.11 -40.81 -26.03
N LYS D 113 38.36 -40.73 -27.34
CA LYS D 113 38.71 -39.47 -28.00
C LYS D 113 37.58 -38.45 -27.88
N LYS D 114 36.35 -38.91 -27.99
CA LYS D 114 35.20 -38.03 -27.94
C LYS D 114 34.93 -37.56 -26.51
N ARG D 115 35.10 -38.49 -25.56
CA ARG D 115 34.97 -38.22 -24.13
C ARG D 115 35.95 -37.15 -23.65
N GLN D 116 37.20 -37.24 -24.11
CA GLN D 116 38.25 -36.27 -23.77
C GLN D 116 37.97 -34.88 -24.30
N LEU D 117 37.59 -34.80 -25.58
CA LEU D 117 37.27 -33.53 -26.22
C LEU D 117 36.00 -32.88 -25.64
N ALA D 118 35.01 -33.71 -25.30
CA ALA D 118 33.84 -33.20 -24.58
C ALA D 118 34.22 -32.66 -23.20
N ASN D 119 35.05 -33.39 -22.46
CA ASN D 119 35.50 -32.98 -21.13
C ASN D 119 36.14 -31.59 -21.14
N GLU D 120 36.89 -31.32 -22.19
CA GLU D 120 37.59 -30.06 -22.33
C GLU D 120 36.64 -28.96 -22.84
N LYS D 121 35.83 -29.28 -23.86
CA LYS D 121 35.10 -28.26 -24.63
C LYS D 121 33.62 -28.00 -24.26
N SER D 122 32.95 -28.99 -23.69
CA SER D 122 31.49 -28.93 -23.47
C SER D 122 31.05 -27.99 -22.34
N LEU D 123 30.15 -27.08 -22.68
CA LEU D 123 29.57 -26.15 -21.70
C LEU D 123 28.58 -26.83 -20.75
N VAL D 124 27.87 -27.85 -21.24
CA VAL D 124 26.89 -28.60 -20.43
C VAL D 124 27.24 -30.10 -20.33
N ASP D 125 26.47 -30.86 -19.56
CA ASP D 125 26.72 -32.30 -19.40
C ASP D 125 26.40 -33.11 -20.65
N TYR D 126 27.09 -34.24 -20.82
CA TYR D 126 27.07 -35.02 -22.06
C TYR D 126 27.04 -36.53 -21.81
N ARG D 127 26.41 -37.25 -22.72
CA ARG D 127 26.57 -38.70 -22.82
C ARG D 127 26.81 -39.05 -24.29
N PHE D 128 27.22 -40.28 -24.54
CA PHE D 128 27.47 -40.71 -25.90
C PHE D 128 26.69 -41.96 -26.30
N TRP D 129 26.14 -41.91 -27.50
CA TRP D 129 25.67 -43.10 -28.18
C TRP D 129 26.85 -43.90 -28.73
N GLY D 130 26.78 -45.23 -28.58
CA GLY D 130 27.70 -46.09 -29.29
C GLY D 130 27.13 -46.33 -30.67
N GLY D 131 27.97 -46.83 -31.58
CA GLY D 131 27.51 -47.17 -32.92
C GLY D 131 27.38 -48.66 -33.17
N LEU D 132 26.30 -49.04 -33.86
CA LEU D 132 26.15 -50.38 -34.42
C LEU D 132 26.20 -50.33 -35.94
N VAL D 133 27.31 -50.84 -36.48
CA VAL D 133 27.54 -50.97 -37.93
C VAL D 133 27.84 -52.43 -38.24
N PRO D 134 27.76 -52.86 -39.53
CA PRO D 134 28.24 -54.21 -39.83
C PRO D 134 29.73 -54.38 -39.55
N GLY D 135 30.06 -55.44 -38.80
CA GLY D 135 31.45 -55.77 -38.45
C GLY D 135 32.03 -55.03 -37.25
N ASN D 136 31.19 -54.77 -36.24
CA ASN D 136 31.65 -54.13 -35.00
C ASN D 136 31.03 -54.73 -33.73
N ILE D 137 30.41 -55.91 -33.92
CA ILE D 137 29.70 -56.65 -32.88
C ILE D 137 30.55 -57.04 -31.65
N ASP D 138 31.86 -57.21 -31.85
CA ASP D 138 32.80 -57.54 -30.77
C ASP D 138 33.24 -56.31 -29.95
N HIS D 139 33.00 -55.12 -30.51
CA HIS D 139 33.38 -53.85 -29.85
C HIS D 139 32.24 -53.28 -28.99
N LEU D 140 31.06 -53.88 -29.08
CA LEU D 140 29.88 -53.39 -28.36
C LEU D 140 29.99 -53.56 -26.84
N GLN D 141 30.60 -54.66 -26.42
CA GLN D 141 30.91 -54.91 -25.01
C GLN D 141 31.86 -53.82 -24.48
N ASP D 142 32.86 -53.48 -25.28
CA ASP D 142 33.84 -52.44 -24.98
C ASP D 142 33.22 -51.04 -24.85
N LEU D 143 32.28 -50.72 -25.73
CA LEU D 143 31.57 -49.43 -25.70
C LEU D 143 30.67 -49.29 -24.48
N HIS D 144 29.98 -50.36 -24.10
CA HIS D 144 29.07 -50.34 -22.95
C HIS D 144 29.83 -50.19 -21.63
N ASP D 145 31.01 -50.80 -21.54
CA ASP D 145 31.87 -50.65 -20.38
C ASP D 145 32.42 -49.23 -20.30
N GLY D 146 32.52 -48.56 -21.44
CA GLY D 146 32.90 -47.15 -21.52
C GLY D 146 31.74 -46.20 -21.30
N GLY D 147 30.61 -46.74 -20.85
CA GLY D 147 29.50 -45.94 -20.36
C GLY D 147 28.61 -45.29 -21.40
N VAL D 148 28.51 -45.89 -22.58
CA VAL D 148 27.54 -45.41 -23.57
C VAL D 148 26.12 -45.67 -23.08
N ILE D 149 25.22 -44.76 -23.42
CA ILE D 149 23.85 -44.78 -22.89
C ILE D 149 22.91 -45.68 -23.70
N GLY D 150 23.47 -46.27 -24.74
CA GLY D 150 22.74 -47.08 -25.70
C GLY D 150 23.49 -47.07 -27.01
N PHE D 151 22.97 -47.81 -27.99
CA PHE D 151 23.63 -47.92 -29.29
C PHE D 151 22.69 -47.42 -30.39
N LYS D 152 23.28 -46.91 -31.48
CA LYS D 152 22.47 -46.54 -32.61
C LYS D 152 22.83 -47.34 -33.85
N ALA D 153 21.80 -47.74 -34.58
CA ALA D 153 21.97 -48.29 -35.93
C ALA D 153 21.13 -47.51 -36.94
N PHE D 154 21.46 -47.68 -38.21
CA PHE D 154 20.66 -47.17 -39.30
C PHE D 154 20.04 -48.34 -40.05
N MET D 155 18.74 -48.25 -40.30
CA MET D 155 18.04 -49.25 -41.11
C MET D 155 18.06 -48.84 -42.59
N SER D 156 18.43 -47.58 -42.81
CA SER D 156 18.58 -47.03 -44.14
C SER D 156 20.01 -46.58 -44.42
N GLU D 157 20.47 -46.83 -45.64
CA GLU D 157 21.70 -46.24 -46.15
C GLU D 157 21.47 -44.73 -46.21
N CYS D 158 22.14 -44.01 -45.31
CA CYS D 158 21.87 -42.58 -45.12
C CYS D 158 23.10 -41.89 -44.52
N GLY D 159 23.82 -42.59 -43.64
CA GLY D 159 25.14 -42.15 -43.19
C GLY D 159 26.04 -42.15 -44.40
N THR D 160 26.83 -41.10 -44.56
CA THR D 160 27.59 -40.83 -45.80
C THR D 160 28.39 -42.02 -46.34
N ASP D 161 29.46 -42.40 -45.66
CA ASP D 161 30.27 -43.55 -46.08
C ASP D 161 30.93 -44.27 -44.90
N ASP D 162 31.26 -43.50 -43.86
CA ASP D 162 31.88 -44.04 -42.64
C ASP D 162 30.92 -44.92 -41.83
N PHE D 163 29.71 -44.42 -41.59
CA PHE D 163 28.73 -45.11 -40.77
C PHE D 163 27.77 -45.95 -41.63
N GLN D 164 28.17 -47.20 -41.88
CA GLN D 164 27.42 -48.12 -42.73
C GLN D 164 26.14 -48.61 -42.03
N PHE D 165 25.05 -48.69 -42.80
CA PHE D 165 23.75 -49.14 -42.26
C PHE D 165 23.76 -50.63 -41.90
N SER D 166 23.01 -50.97 -40.85
CA SER D 166 22.91 -52.34 -40.40
C SER D 166 21.78 -53.07 -41.10
N HIS D 167 22.14 -54.07 -41.91
CA HIS D 167 21.17 -54.99 -42.50
C HIS D 167 20.73 -55.99 -41.42
N ASP D 168 19.81 -56.87 -41.79
CA ASP D 168 19.02 -57.65 -40.81
C ASP D 168 19.82 -58.60 -39.89
N GLU D 169 20.88 -59.21 -40.43
CA GLU D 169 21.75 -60.13 -39.68
C GLU D 169 22.59 -59.39 -38.62
N THR D 170 23.04 -58.19 -38.97
CA THR D 170 23.81 -57.32 -38.08
C THR D 170 22.90 -56.84 -36.96
N LEU D 171 21.67 -56.53 -37.34
CA LEU D 171 20.66 -56.04 -36.44
C LEU D 171 20.35 -57.08 -35.36
N LEU D 172 20.18 -58.34 -35.75
CA LEU D 172 19.76 -59.41 -34.83
C LEU D 172 20.83 -59.84 -33.82
N LYS D 173 22.06 -60.04 -34.30
CA LYS D 173 23.16 -60.40 -33.41
C LYS D 173 23.56 -59.21 -32.55
N GLY D 174 23.45 -58.01 -33.13
CA GLY D 174 23.67 -56.78 -32.41
C GLY D 174 22.67 -56.62 -31.29
N MET D 175 21.39 -56.79 -31.61
CA MET D 175 20.30 -56.68 -30.63
C MET D 175 20.36 -57.70 -29.49
N LYS D 176 20.84 -58.91 -29.78
CA LYS D 176 20.95 -59.95 -28.75
C LYS D 176 21.99 -59.59 -27.70
N LYS D 177 23.11 -59.01 -28.15
CA LYS D 177 24.19 -58.59 -27.27
C LYS D 177 23.79 -57.34 -26.48
N ILE D 178 23.14 -56.40 -27.16
CA ILE D 178 22.62 -55.17 -26.57
C ILE D 178 21.63 -55.48 -25.43
N ALA D 179 20.79 -56.50 -25.64
CA ALA D 179 19.86 -57.01 -24.63
C ALA D 179 20.60 -57.61 -23.43
N ALA D 180 21.64 -58.40 -23.72
CA ALA D 180 22.42 -59.08 -22.68
C ALA D 180 23.23 -58.10 -21.83
N LEU D 181 23.61 -56.96 -22.42
CA LEU D 181 24.32 -55.90 -21.71
C LEU D 181 23.37 -55.05 -20.88
N GLY D 182 22.07 -55.18 -21.14
CA GLY D 182 21.07 -54.38 -20.46
C GLY D 182 21.03 -52.95 -20.94
N SER D 183 21.37 -52.71 -22.21
CA SER D 183 21.20 -51.37 -22.78
C SER D 183 20.08 -51.32 -23.84
N ILE D 184 20.20 -50.42 -24.82
CA ILE D 184 19.09 -50.07 -25.71
C ILE D 184 19.57 -49.66 -27.10
N LEU D 185 19.01 -50.28 -28.13
CA LEU D 185 19.29 -49.90 -29.51
C LEU D 185 18.30 -48.86 -30.02
N ALA D 186 18.81 -47.74 -30.54
CA ALA D 186 17.98 -46.80 -31.29
C ALA D 186 18.19 -47.00 -32.77
N VAL D 187 17.17 -46.64 -33.56
CA VAL D 187 17.18 -46.88 -35.00
C VAL D 187 16.66 -45.71 -35.81
N HIS D 188 17.30 -45.48 -36.96
CA HIS D 188 16.76 -44.60 -37.97
C HIS D 188 15.86 -45.48 -38.81
N ALA D 189 14.55 -45.35 -38.63
CA ALA D 189 13.60 -46.30 -39.21
C ALA D 189 12.95 -45.81 -40.52
N GLU D 190 13.70 -46.03 -41.61
CA GLU D 190 13.19 -45.92 -42.97
C GLU D 190 13.60 -47.18 -43.72
N SER D 191 12.74 -47.65 -44.62
CA SER D 191 12.97 -48.89 -45.36
C SER D 191 13.89 -48.61 -46.54
N ASN D 192 15.09 -49.21 -46.49
CA ASN D 192 16.18 -48.92 -47.42
C ASN D 192 15.82 -49.18 -48.89
N GLU D 193 15.29 -50.38 -49.16
CA GLU D 193 14.95 -50.80 -50.51
C GLU D 193 13.75 -50.04 -51.08
N MET D 194 12.85 -49.61 -50.20
CA MET D 194 11.71 -48.78 -50.59
C MET D 194 12.21 -47.39 -50.99
N VAL D 195 13.09 -46.82 -50.17
CA VAL D 195 13.60 -45.46 -50.35
C VAL D 195 14.41 -45.30 -51.65
N ASN D 196 15.48 -46.07 -51.82
CA ASN D 196 16.35 -45.88 -53.00
C ASN D 196 15.94 -46.65 -54.26
N ALA D 197 14.71 -47.17 -54.28
CA ALA D 197 14.07 -47.58 -55.52
C ALA D 197 13.06 -46.51 -55.94
N LEU D 198 12.52 -45.80 -54.95
CA LEU D 198 11.65 -44.64 -55.19
C LEU D 198 12.44 -43.37 -55.48
N THR D 199 13.62 -43.26 -54.88
CA THR D 199 14.54 -42.14 -55.08
C THR D 199 15.04 -42.15 -56.52
N THR D 200 15.52 -43.30 -56.97
CA THR D 200 16.05 -43.49 -58.33
C THR D 200 14.98 -43.32 -59.41
N ILE D 201 13.75 -43.73 -59.11
CA ILE D 201 12.61 -43.57 -60.04
C ILE D 201 12.17 -42.10 -60.18
N ALA D 202 12.15 -41.37 -59.06
CA ALA D 202 11.80 -39.94 -59.06
C ALA D 202 12.80 -39.07 -59.81
N ILE D 203 14.09 -39.43 -59.71
CA ILE D 203 15.18 -38.73 -60.40
C ILE D 203 15.09 -38.94 -61.93
N GLU D 204 14.96 -40.20 -62.33
CA GLU D 204 14.85 -40.58 -63.75
C GLU D 204 13.58 -40.08 -64.45
N GLU D 205 12.54 -39.78 -63.67
CA GLU D 205 11.31 -39.21 -64.20
C GLU D 205 11.24 -37.69 -64.03
N GLN D 206 12.37 -37.10 -63.61
CA GLN D 206 12.54 -35.64 -63.43
C GLN D 206 11.59 -35.00 -62.41
N ARG D 207 11.08 -35.78 -61.46
CA ARG D 207 10.18 -35.28 -60.42
C ARG D 207 10.97 -34.73 -59.23
N LEU D 208 11.26 -33.43 -59.27
CA LEU D 208 12.26 -32.81 -58.38
C LEU D 208 11.73 -31.64 -57.54
N THR D 209 10.70 -31.87 -56.74
CA THR D 209 10.20 -30.86 -55.79
C THR D 209 10.20 -31.38 -54.35
N VAL D 210 9.74 -30.54 -53.42
CA VAL D 210 9.70 -30.88 -52.00
C VAL D 210 8.64 -31.94 -51.67
N LYS D 211 7.53 -31.92 -52.42
CA LYS D 211 6.45 -32.89 -52.26
C LYS D 211 6.91 -34.28 -52.71
N ASP D 212 7.61 -34.31 -53.85
CA ASP D 212 8.14 -35.54 -54.44
C ASP D 212 9.18 -36.21 -53.55
N TYR D 213 10.03 -35.41 -52.91
CA TYR D 213 11.03 -35.93 -51.97
C TYR D 213 10.37 -36.57 -50.75
N SER D 214 9.26 -35.98 -50.29
CA SER D 214 8.47 -36.53 -49.19
C SER D 214 7.83 -37.86 -49.60
N GLU D 215 7.35 -37.91 -50.84
CA GLU D 215 6.76 -39.15 -51.37
C GLU D 215 7.81 -40.19 -51.75
N ALA D 216 9.05 -39.77 -51.96
CA ALA D 216 10.15 -40.70 -52.29
C ALA D 216 10.64 -41.44 -51.06
N ARG D 217 10.44 -40.83 -49.89
CA ARG D 217 10.65 -41.49 -48.61
C ARG D 217 9.33 -41.43 -47.83
N PRO D 218 8.36 -42.28 -48.21
CA PRO D 218 7.00 -42.09 -47.69
C PRO D 218 6.81 -42.65 -46.28
N ILE D 219 5.62 -42.41 -45.72
CA ILE D 219 5.24 -42.90 -44.40
C ILE D 219 5.23 -44.44 -44.35
N VAL D 220 4.84 -45.08 -45.45
CA VAL D 220 4.83 -46.54 -45.56
C VAL D 220 6.25 -47.15 -45.44
N SER D 221 7.26 -46.39 -45.84
CA SER D 221 8.66 -46.76 -45.65
C SER D 221 9.02 -46.80 -44.16
N GLU D 222 8.56 -45.78 -43.43
CA GLU D 222 8.73 -45.72 -41.98
C GLU D 222 8.00 -46.87 -41.32
N LEU D 223 6.78 -47.13 -41.77
CA LEU D 223 5.95 -48.20 -41.23
C LEU D 223 6.56 -49.59 -41.42
N GLU D 224 7.15 -49.83 -42.59
CA GLU D 224 7.83 -51.10 -42.89
C GLU D 224 9.02 -51.33 -41.97
N ALA D 225 9.88 -50.30 -41.88
CA ALA D 225 11.07 -50.36 -41.03
C ALA D 225 10.71 -50.54 -39.57
N VAL D 226 9.75 -49.75 -39.09
CA VAL D 226 9.28 -49.83 -37.72
C VAL D 226 8.79 -51.25 -37.41
N GLU D 227 7.87 -51.77 -38.23
CA GLU D 227 7.35 -53.13 -38.04
C GLU D 227 8.46 -54.20 -38.04
N ARG D 228 9.44 -54.06 -38.95
CA ARG D 228 10.57 -54.99 -39.03
C ARG D 228 11.36 -55.02 -37.72
N ILE D 229 11.72 -53.84 -37.23
CA ILE D 229 12.50 -53.73 -36.01
C ILE D 229 11.68 -54.07 -34.74
N LEU D 230 10.36 -53.90 -34.82
CA LEU D 230 9.46 -54.32 -33.75
C LEU D 230 9.45 -55.83 -33.56
N ARG D 231 9.37 -56.56 -34.67
CA ARG D 231 9.40 -58.03 -34.63
C ARG D 231 10.78 -58.52 -34.20
N PHE D 232 11.80 -57.82 -34.69
CA PHE D 232 13.19 -58.08 -34.34
C PHE D 232 13.40 -57.93 -32.83
N ALA D 233 12.76 -56.91 -32.25
CA ALA D 233 12.82 -56.67 -30.80
C ALA D 233 12.11 -57.75 -29.99
N GLN D 234 10.97 -58.21 -30.51
CA GLN D 234 10.16 -59.27 -29.88
C GLN D 234 10.96 -60.55 -29.67
N LEU D 235 11.75 -60.90 -30.68
CA LEU D 235 12.61 -62.07 -30.63
C LEU D 235 13.74 -61.87 -29.63
N THR D 236 14.41 -60.72 -29.73
CA THR D 236 15.66 -60.49 -29.03
C THR D 236 15.49 -60.05 -27.58
N CYS D 237 14.28 -59.60 -27.21
CA CYS D 237 13.98 -58.92 -25.93
C CYS D 237 14.87 -57.70 -25.72
N CYS D 238 15.21 -57.05 -26.82
CA CYS D 238 16.08 -55.90 -26.84
C CYS D 238 15.23 -54.64 -26.73
N PRO D 239 15.49 -53.80 -25.70
CA PRO D 239 14.90 -52.47 -25.65
C PRO D 239 15.29 -51.66 -26.89
N ILE D 240 14.40 -50.78 -27.31
CA ILE D 240 14.49 -50.16 -28.63
C ILE D 240 13.88 -48.75 -28.65
N HIS D 241 14.52 -47.84 -29.38
CA HIS D 241 14.02 -46.48 -29.50
C HIS D 241 13.87 -46.08 -30.96
N ILE D 242 12.68 -45.62 -31.34
CA ILE D 242 12.42 -45.22 -32.72
C ILE D 242 12.65 -43.73 -32.86
N CYS D 243 13.66 -43.36 -33.63
CA CYS D 243 14.03 -41.96 -33.80
C CYS D 243 13.06 -41.23 -34.72
N HIS D 244 13.10 -39.90 -34.66
CA HIS D 244 12.33 -38.96 -35.51
C HIS D 244 11.24 -39.58 -36.38
N VAL D 245 10.05 -39.71 -35.82
CA VAL D 245 8.87 -40.22 -36.51
C VAL D 245 8.08 -39.04 -37.06
N SER D 246 7.55 -39.17 -38.27
CA SER D 246 6.92 -38.04 -38.95
C SER D 246 5.39 -37.99 -38.89
N SER D 247 4.79 -39.15 -38.60
CA SER D 247 3.36 -39.31 -38.77
C SER D 247 2.73 -40.09 -37.62
N ARG D 248 1.49 -39.74 -37.29
CA ARG D 248 0.71 -40.46 -36.28
C ARG D 248 0.40 -41.89 -36.72
N LYS D 249 0.40 -42.13 -38.03
CA LYS D 249 0.20 -43.48 -38.56
C LYS D 249 1.28 -44.42 -38.05
N VAL D 250 2.51 -43.91 -37.95
CA VAL D 250 3.61 -44.65 -37.34
C VAL D 250 3.41 -44.77 -35.82
N LEU D 251 2.93 -43.71 -35.19
CA LEU D 251 2.64 -43.71 -33.76
C LEU D 251 1.58 -44.73 -33.36
N LYS D 252 0.56 -44.87 -34.22
CA LYS D 252 -0.50 -45.87 -34.03
C LYS D 252 0.05 -47.29 -34.04
N ARG D 253 0.99 -47.55 -34.96
CA ARG D 253 1.59 -48.86 -35.10
C ARG D 253 2.49 -49.21 -33.92
N ILE D 254 3.20 -48.22 -33.39
CA ILE D 254 4.03 -48.40 -32.20
C ILE D 254 3.15 -48.60 -30.94
N LYS D 255 2.00 -47.92 -30.90
CA LYS D 255 0.99 -48.09 -29.84
C LYS D 255 0.43 -49.52 -29.79
N GLN D 256 0.32 -50.16 -30.95
CA GLN D 256 -0.14 -51.53 -31.06
C GLN D 256 0.90 -52.49 -30.46
N ALA D 257 2.17 -52.25 -30.81
CA ALA D 257 3.29 -53.03 -30.29
C ALA D 257 3.43 -52.90 -28.78
N LYS D 258 3.34 -51.68 -28.27
CA LYS D 258 3.38 -51.43 -26.83
C LYS D 258 2.33 -52.25 -26.10
N GLY D 259 1.12 -52.29 -26.67
CA GLY D 259 0.00 -53.07 -26.16
C GLY D 259 0.25 -54.56 -26.17
N GLU D 260 1.01 -55.02 -27.16
CA GLU D 260 1.41 -56.43 -27.27
C GLU D 260 2.61 -56.76 -26.37
N GLY D 261 3.14 -55.75 -25.68
CA GLY D 261 4.20 -55.97 -24.70
C GLY D 261 5.58 -55.44 -25.05
N VAL D 262 5.79 -55.11 -26.34
CA VAL D 262 7.11 -54.71 -26.86
C VAL D 262 7.72 -53.49 -26.16
N ASN D 263 9.01 -53.62 -25.83
CA ASN D 263 9.78 -52.61 -25.11
C ASN D 263 10.30 -51.51 -26.04
N VAL D 264 9.39 -50.69 -26.57
CA VAL D 264 9.71 -49.57 -27.47
C VAL D 264 9.48 -48.19 -26.84
N SER D 265 10.33 -47.25 -27.20
CA SER D 265 10.01 -45.84 -27.06
C SER D 265 10.03 -45.19 -28.44
N VAL D 266 9.34 -44.05 -28.58
CA VAL D 266 9.32 -43.32 -29.83
C VAL D 266 9.55 -41.83 -29.58
N GLU D 267 10.41 -41.21 -30.40
CA GLU D 267 10.55 -39.76 -30.38
C GLU D 267 9.99 -39.09 -31.64
N THR D 268 9.71 -37.79 -31.53
CA THR D 268 9.64 -36.93 -32.70
C THR D 268 10.43 -35.65 -32.43
N CYS D 269 10.52 -34.79 -33.44
CA CYS D 269 11.31 -33.58 -33.40
C CYS D 269 10.43 -32.36 -33.63
N PRO D 270 10.88 -31.17 -33.18
CA PRO D 270 10.03 -29.98 -33.31
C PRO D 270 9.75 -29.56 -34.76
N HIS D 271 10.65 -29.89 -35.69
CA HIS D 271 10.45 -29.53 -37.10
C HIS D 271 9.34 -30.31 -37.80
N TYR D 272 9.01 -31.49 -37.27
CA TYR D 272 7.85 -32.25 -37.75
C TYR D 272 6.56 -31.72 -37.13
N LEU D 273 6.72 -30.99 -36.02
CA LEU D 273 5.59 -30.42 -35.32
C LEU D 273 5.30 -29.00 -35.79
N LEU D 274 6.31 -28.33 -36.35
CA LEU D 274 6.16 -26.95 -36.82
C LEU D 274 5.99 -26.86 -38.35
N PHE D 275 6.90 -27.48 -39.09
CA PHE D 275 6.96 -27.30 -40.54
C PHE D 275 6.28 -28.42 -41.30
N SER D 276 5.41 -28.04 -42.23
CA SER D 276 4.74 -28.99 -43.11
C SER D 276 5.38 -28.95 -44.50
N LEU D 277 4.63 -29.44 -45.48
CA LEU D 277 5.07 -29.48 -46.87
C LEU D 277 4.93 -28.10 -47.52
N ASP D 278 3.98 -27.31 -47.00
CA ASP D 278 3.74 -25.94 -47.42
C ASP D 278 4.88 -25.02 -46.98
N GLU D 279 5.44 -25.32 -45.81
CA GLU D 279 6.58 -24.59 -45.26
C GLU D 279 7.91 -25.11 -45.81
N PHE D 280 7.92 -26.39 -46.23
CA PHE D 280 9.06 -27.01 -46.92
C PHE D 280 9.32 -26.27 -48.24
N ALA D 281 8.23 -25.96 -48.96
CA ALA D 281 8.31 -25.17 -50.19
C ALA D 281 8.63 -23.69 -49.92
N GLU D 282 8.29 -23.21 -48.73
CA GLU D 282 8.44 -21.80 -48.36
C GLU D 282 9.79 -21.51 -47.67
N ILE D 283 10.59 -22.56 -47.48
CA ILE D 283 11.93 -22.43 -46.87
C ILE D 283 13.02 -22.94 -47.81
N GLY D 284 12.80 -24.11 -48.41
CA GLY D 284 13.75 -24.68 -49.34
C GLY D 284 14.61 -25.76 -48.71
N TYR D 285 15.91 -25.74 -49.04
CA TYR D 285 16.84 -26.83 -48.69
C TYR D 285 17.16 -26.97 -47.20
N LEU D 286 16.95 -25.88 -46.45
CA LEU D 286 17.19 -25.86 -45.02
C LEU D 286 16.24 -26.78 -44.25
N ALA D 287 15.07 -27.01 -44.81
CA ALA D 287 14.05 -27.86 -44.18
C ALA D 287 14.13 -29.34 -44.60
N LYS D 288 15.15 -29.70 -45.38
CA LYS D 288 15.37 -31.08 -45.76
C LYS D 288 15.93 -31.91 -44.59
N CYS D 289 15.26 -33.03 -44.32
CA CYS D 289 15.64 -33.96 -43.26
C CYS D 289 15.14 -35.37 -43.62
N ALA D 290 15.68 -36.37 -42.93
CA ALA D 290 15.22 -37.75 -43.10
C ALA D 290 14.74 -38.33 -41.75
N PRO D 291 13.48 -38.78 -41.68
CA PRO D 291 12.39 -38.78 -42.67
C PRO D 291 11.96 -37.35 -43.04
N PRO D 292 11.37 -37.18 -44.25
CA PRO D 292 10.97 -35.86 -44.71
C PRO D 292 9.80 -35.27 -43.91
N LEU D 293 9.56 -33.97 -44.12
CA LEU D 293 8.39 -33.32 -43.60
C LEU D 293 7.19 -33.75 -44.44
N ARG D 294 6.00 -33.64 -43.88
CA ARG D 294 4.80 -34.14 -44.54
C ARG D 294 3.78 -33.03 -44.78
N GLU D 295 2.60 -33.40 -45.30
CA GLU D 295 1.49 -32.47 -45.50
C GLU D 295 0.94 -31.96 -44.17
N ARG D 296 0.22 -30.83 -44.22
CA ARG D 296 -0.29 -30.13 -43.04
C ARG D 296 -1.20 -31.00 -42.17
N GLN D 297 -1.99 -31.87 -42.79
CA GLN D 297 -2.89 -32.76 -42.06
C GLN D 297 -2.12 -33.75 -41.19
N GLU D 298 -0.97 -34.19 -41.70
CA GLU D 298 -0.11 -35.15 -41.00
C GLU D 298 0.58 -34.50 -39.79
N VAL D 299 0.92 -33.21 -39.93
CA VAL D 299 1.51 -32.42 -38.85
C VAL D 299 0.46 -32.21 -37.75
N GLU D 300 -0.78 -31.96 -38.19
CA GLU D 300 -1.90 -31.77 -37.29
C GLU D 300 -2.27 -33.04 -36.52
N ASP D 301 -2.17 -34.19 -37.20
CA ASP D 301 -2.45 -35.48 -36.57
C ASP D 301 -1.36 -35.86 -35.55
N LEU D 302 -0.12 -35.53 -35.89
CA LEU D 302 1.02 -35.78 -35.03
C LEU D 302 0.91 -35.04 -33.70
N TRP D 303 0.28 -33.86 -33.74
CA TRP D 303 -0.05 -33.09 -32.55
C TRP D 303 -1.14 -33.73 -31.70
N ASP D 304 -2.07 -34.44 -32.33
CA ASP D 304 -3.12 -35.17 -31.60
C ASP D 304 -2.52 -36.39 -30.91
N GLY D 305 -1.56 -37.02 -31.60
CA GLY D 305 -0.82 -38.14 -31.06
C GLY D 305 0.00 -37.74 -29.84
N LEU D 306 0.68 -36.60 -29.95
CA LEU D 306 1.45 -36.02 -28.83
C LEU D 306 0.56 -35.73 -27.63
N MET D 307 -0.59 -35.12 -27.90
CA MET D 307 -1.53 -34.70 -26.87
C MET D 307 -2.20 -35.87 -26.17
N ALA D 308 -2.25 -37.01 -26.84
CA ALA D 308 -2.85 -38.21 -26.25
C ALA D 308 -1.82 -39.15 -25.62
N GLY D 309 -0.56 -38.73 -25.59
CA GLY D 309 0.52 -39.50 -24.97
C GLY D 309 1.18 -40.60 -25.83
N GLU D 310 1.06 -40.48 -27.15
CA GLU D 310 1.63 -41.48 -28.05
C GLU D 310 3.07 -41.16 -28.48
N ILE D 311 3.62 -40.05 -28.00
CA ILE D 311 5.03 -39.75 -28.18
C ILE D 311 5.69 -39.74 -26.82
N ASP D 312 6.78 -40.49 -26.68
CA ASP D 312 7.46 -40.64 -25.39
C ASP D 312 8.35 -39.46 -25.02
N LEU D 313 9.06 -38.91 -26.00
CA LEU D 313 10.00 -37.83 -25.77
C LEU D 313 10.28 -36.99 -27.02
N ILE D 314 10.81 -35.79 -26.83
CA ILE D 314 11.16 -34.91 -27.94
C ILE D 314 12.67 -34.69 -27.96
N SER D 315 13.23 -34.62 -29.16
CA SER D 315 14.63 -34.29 -29.34
C SER D 315 14.77 -33.43 -30.58
N SER D 316 15.92 -32.79 -30.76
CA SER D 316 16.08 -31.88 -31.89
C SER D 316 16.40 -32.57 -33.21
N ASP D 317 17.20 -33.65 -33.16
CA ASP D 317 17.92 -34.22 -34.32
C ASP D 317 18.82 -33.14 -34.96
N HIS D 318 19.63 -32.49 -34.12
CA HIS D 318 20.55 -31.45 -34.56
C HIS D 318 21.57 -32.03 -35.52
N SER D 319 21.36 -31.80 -36.81
CA SER D 319 22.19 -32.37 -37.87
C SER D 319 22.79 -31.31 -38.78
N PRO D 320 23.81 -30.58 -38.31
CA PRO D 320 24.36 -29.52 -39.13
C PRO D 320 25.40 -30.04 -40.12
N SER D 321 25.60 -29.27 -41.19
CA SER D 321 26.68 -29.51 -42.14
C SER D 321 27.31 -28.17 -42.50
N LEU D 322 28.25 -28.19 -43.45
CA LEU D 322 28.87 -26.97 -43.94
C LEU D 322 27.81 -26.14 -44.69
N PRO D 323 27.90 -24.79 -44.64
CA PRO D 323 26.90 -23.92 -45.27
C PRO D 323 26.74 -24.11 -46.78
N GLN D 324 27.86 -24.32 -47.48
CA GLN D 324 27.85 -24.60 -48.93
C GLN D 324 27.52 -26.07 -49.28
N MET D 325 27.44 -26.91 -48.25
CA MET D 325 27.10 -28.32 -48.40
C MET D 325 25.58 -28.48 -48.39
N LYS D 326 24.89 -27.39 -48.04
CA LYS D 326 23.44 -27.32 -48.05
C LYS D 326 22.91 -26.72 -49.37
N THR D 327 23.80 -26.65 -50.37
CA THR D 327 23.44 -26.24 -51.73
C THR D 327 23.90 -27.32 -52.72
N GLY D 328 22.98 -27.76 -53.57
CA GLY D 328 23.28 -28.76 -54.58
C GLY D 328 22.50 -28.53 -55.86
N LYS D 329 22.54 -29.52 -56.75
CA LYS D 329 21.85 -29.47 -58.05
C LYS D 329 20.33 -29.48 -57.89
N THR D 330 19.82 -30.41 -57.08
CA THR D 330 18.39 -30.60 -56.88
C THR D 330 18.08 -30.82 -55.39
N ILE D 331 16.82 -31.17 -55.10
CA ILE D 331 16.39 -31.49 -53.72
C ILE D 331 17.06 -32.77 -53.20
N PHE D 332 17.26 -33.75 -54.08
CA PHE D 332 17.88 -35.04 -53.74
C PHE D 332 19.41 -34.96 -53.65
N GLU D 333 19.99 -33.89 -54.21
CA GLU D 333 21.45 -33.72 -54.28
C GLU D 333 21.98 -33.02 -53.03
N VAL D 334 21.07 -32.58 -52.17
CA VAL D 334 21.39 -31.80 -50.99
C VAL D 334 21.52 -32.69 -49.74
N TRP D 335 22.54 -32.41 -48.92
CA TRP D 335 22.71 -33.08 -47.63
C TRP D 335 21.64 -32.56 -46.65
N GLY D 336 20.81 -33.48 -46.16
CA GLY D 336 19.66 -33.14 -45.33
C GLY D 336 19.86 -33.32 -43.84
N GLY D 337 19.20 -32.47 -43.06
CA GLY D 337 19.32 -32.45 -41.61
C GLY D 337 19.15 -31.02 -41.12
N ILE D 338 18.52 -30.85 -39.96
CA ILE D 338 18.17 -29.52 -39.48
C ILE D 338 18.98 -29.09 -38.25
N ALA D 339 19.60 -27.91 -38.34
CA ALA D 339 20.20 -27.26 -37.17
C ALA D 339 19.07 -26.61 -36.38
N GLY D 340 18.97 -26.95 -35.09
CA GLY D 340 17.80 -26.53 -34.30
C GLY D 340 17.83 -26.76 -32.80
N CYS D 341 18.94 -27.27 -32.28
CA CYS D 341 19.01 -27.66 -30.87
C CYS D 341 19.02 -26.50 -29.87
N GLN D 342 18.93 -25.27 -30.40
CA GLN D 342 18.83 -24.07 -29.58
C GLN D 342 17.37 -23.62 -29.42
N ASN D 343 16.47 -24.18 -30.24
CA ASN D 343 15.09 -23.72 -30.26
C ASN D 343 14.07 -24.80 -29.96
N THR D 344 14.53 -25.99 -29.57
CA THR D 344 13.66 -27.12 -29.22
C THR D 344 12.59 -26.66 -28.24
N LEU D 345 13.04 -26.09 -27.12
CA LEU D 345 12.15 -25.60 -26.09
C LEU D 345 11.32 -24.42 -26.59
N ALA D 346 11.99 -23.51 -27.30
CA ALA D 346 11.38 -22.32 -27.86
C ALA D 346 10.19 -22.69 -28.75
N VAL D 347 10.40 -23.64 -29.65
CA VAL D 347 9.32 -24.15 -30.52
C VAL D 347 8.19 -24.79 -29.72
N MET D 348 8.56 -25.62 -28.73
CA MET D 348 7.58 -26.39 -27.97
C MET D 348 6.68 -25.54 -27.09
N LEU D 349 7.25 -24.50 -26.54
CA LEU D 349 6.59 -23.50 -25.74
C LEU D 349 5.61 -22.71 -26.55
N THR D 350 6.09 -22.32 -27.69
CA THR D 350 5.35 -21.47 -28.63
C THR D 350 4.15 -22.22 -29.21
N GLU D 351 4.43 -23.24 -30.02
CA GLU D 351 3.40 -24.00 -30.73
C GLU D 351 2.52 -24.84 -29.83
N GLY D 352 3.13 -25.48 -28.84
CA GLY D 352 2.40 -26.37 -27.94
C GLY D 352 1.62 -25.65 -26.87
N TYR D 353 2.33 -24.92 -26.02
CA TYR D 353 1.74 -24.28 -24.84
C TYR D 353 0.77 -23.14 -25.18
N HIS D 354 1.26 -22.16 -25.92
CA HIS D 354 0.45 -21.04 -26.25
C HIS D 354 -0.60 -21.50 -27.23
N LYS D 355 -0.20 -21.71 -28.46
CA LYS D 355 -1.10 -21.92 -29.60
C LYS D 355 -2.06 -23.09 -29.39
N ARG D 356 -1.56 -24.21 -28.87
CA ARG D 356 -2.34 -25.47 -28.82
C ARG D 356 -2.77 -25.93 -27.44
N LYS D 357 -2.39 -25.17 -26.41
CA LYS D 357 -2.77 -25.42 -25.01
C LYS D 357 -2.30 -26.76 -24.44
N MET D 358 -1.07 -27.15 -24.73
CA MET D 358 -0.50 -28.33 -24.07
C MET D 358 -0.11 -27.97 -22.64
N PRO D 359 -0.37 -28.88 -21.67
CA PRO D 359 0.00 -28.60 -20.28
C PRO D 359 1.50 -28.34 -20.18
N LEU D 360 1.85 -27.32 -19.40
CA LEU D 360 3.22 -26.88 -19.20
C LEU D 360 4.11 -28.01 -18.64
N THR D 361 3.48 -28.89 -17.86
CA THR D 361 4.14 -30.05 -17.25
C THR D 361 4.49 -31.12 -18.27
N GLN D 362 3.71 -31.20 -19.36
CA GLN D 362 3.97 -32.17 -20.41
C GLN D 362 5.22 -31.84 -21.21
N ILE D 363 5.53 -30.54 -21.33
CA ILE D 363 6.78 -30.11 -21.94
C ILE D 363 7.98 -30.66 -21.14
N VAL D 364 7.88 -30.59 -19.82
CA VAL D 364 8.92 -31.13 -18.93
C VAL D 364 9.06 -32.64 -19.13
N GLN D 365 7.91 -33.31 -19.24
CA GLN D 365 7.86 -34.75 -19.46
C GLN D 365 8.57 -35.14 -20.75
N LEU D 366 8.24 -34.44 -21.84
CA LEU D 366 8.74 -34.80 -23.16
C LEU D 366 10.19 -34.37 -23.44
N LEU D 367 10.58 -33.21 -22.95
CA LEU D 367 11.90 -32.65 -23.31
C LEU D 367 12.97 -32.91 -22.25
N SER D 368 12.55 -33.27 -21.05
CA SER D 368 13.47 -33.41 -19.94
C SER D 368 13.34 -34.73 -19.21
N THR D 369 12.14 -35.02 -18.71
CA THR D 369 11.93 -36.10 -17.75
C THR D 369 12.01 -37.49 -18.36
N GLU D 370 11.16 -37.76 -19.34
CA GLU D 370 11.17 -39.07 -20.01
C GLU D 370 12.49 -39.41 -20.73
N PRO D 371 13.12 -38.42 -21.43
CA PRO D 371 14.50 -38.67 -21.85
C PRO D 371 15.42 -39.24 -20.76
N ALA D 372 15.36 -38.69 -19.55
CA ALA D 372 16.16 -39.20 -18.45
C ALA D 372 15.74 -40.63 -18.04
N LYS D 373 14.42 -40.84 -17.87
CA LYS D 373 13.83 -42.12 -17.45
C LYS D 373 14.16 -43.28 -18.39
N ARG D 374 14.08 -43.01 -19.69
CA ARG D 374 14.29 -44.03 -20.71
C ARG D 374 15.76 -44.44 -20.80
N PHE D 375 16.67 -43.58 -20.38
CA PHE D 375 18.10 -43.85 -20.48
C PHE D 375 18.83 -43.87 -19.14
N GLY D 376 18.09 -44.17 -18.06
CA GLY D 376 18.67 -44.45 -16.76
C GLY D 376 19.25 -43.29 -15.98
N LEU D 377 18.92 -42.06 -16.37
CA LEU D 377 19.45 -40.88 -15.69
C LEU D 377 18.43 -40.21 -14.75
N TYR D 378 17.35 -40.93 -14.43
CA TYR D 378 16.30 -40.46 -13.53
C TYR D 378 16.44 -41.15 -12.16
N PRO D 379 16.25 -40.40 -11.06
CA PRO D 379 15.88 -38.99 -10.92
C PRO D 379 17.01 -37.96 -10.89
N GLN D 380 18.24 -38.37 -11.18
CA GLN D 380 19.39 -37.46 -11.24
C GLN D 380 19.12 -36.26 -12.15
N LYS D 381 18.59 -36.54 -13.34
CA LYS D 381 18.19 -35.52 -14.29
C LYS D 381 16.67 -35.55 -14.46
N GLY D 382 16.12 -34.53 -15.12
CA GLY D 382 14.69 -34.48 -15.41
C GLY D 382 13.80 -33.98 -14.29
N THR D 383 14.38 -33.68 -13.14
CA THR D 383 13.61 -33.28 -11.95
C THR D 383 14.11 -32.00 -11.30
N ILE D 384 13.26 -31.40 -10.48
CA ILE D 384 13.68 -30.41 -9.50
C ILE D 384 13.28 -31.01 -8.15
N GLN D 385 14.25 -31.64 -7.50
CA GLN D 385 14.06 -32.22 -6.16
C GLN D 385 15.40 -32.30 -5.43
N VAL D 386 15.31 -32.42 -4.10
CA VAL D 386 16.47 -32.53 -3.24
C VAL D 386 17.31 -33.76 -3.60
N GLY D 387 18.61 -33.54 -3.76
CA GLY D 387 19.55 -34.62 -4.04
C GLY D 387 19.84 -34.77 -5.52
N ALA D 388 18.90 -34.32 -6.34
CA ALA D 388 19.05 -34.37 -7.78
C ALA D 388 19.95 -33.25 -8.26
N GLU D 389 20.68 -33.55 -9.33
CA GLU D 389 21.58 -32.62 -10.02
C GLU D 389 20.95 -31.23 -10.21
N ALA D 390 21.68 -30.21 -9.77
CA ALA D 390 21.22 -28.83 -9.85
C ALA D 390 21.35 -28.32 -11.29
N SER D 391 20.47 -28.82 -12.14
CA SER D 391 20.40 -28.41 -13.53
C SER D 391 18.98 -28.03 -13.90
N PHE D 392 18.82 -26.77 -14.25
CA PHE D 392 17.52 -26.19 -14.55
C PHE D 392 17.68 -24.92 -15.36
N THR D 393 16.56 -24.41 -15.86
CA THR D 393 16.54 -23.21 -16.67
C THR D 393 15.36 -22.30 -16.31
N LEU D 394 15.61 -20.99 -16.31
CA LEU D 394 14.58 -20.00 -16.04
C LEU D 394 14.04 -19.40 -17.34
N ILE D 395 12.72 -19.49 -17.50
CA ILE D 395 12.06 -19.05 -18.73
C ILE D 395 10.98 -18.00 -18.46
N ASP D 396 11.03 -16.94 -19.26
CA ASP D 396 9.90 -16.03 -19.45
C ASP D 396 9.05 -16.61 -20.58
N LEU D 397 7.82 -16.95 -20.24
CA LEU D 397 6.89 -17.57 -21.16
C LEU D 397 6.44 -16.68 -22.27
N ASN D 398 6.42 -15.37 -22.00
CA ASN D 398 5.67 -14.43 -22.82
C ASN D 398 6.51 -13.44 -23.64
N GLU D 399 7.82 -13.66 -23.69
CA GLU D 399 8.71 -12.85 -24.52
C GLU D 399 8.57 -13.19 -26.01
N SER D 400 8.19 -12.19 -26.80
CA SER D 400 8.08 -12.33 -28.25
C SER D 400 9.38 -11.92 -28.95
N TYR D 401 9.89 -12.81 -29.79
CA TYR D 401 11.12 -12.56 -30.54
C TYR D 401 11.16 -13.30 -31.88
N THR D 402 11.58 -12.57 -32.91
CA THR D 402 11.87 -13.15 -34.21
C THR D 402 13.32 -13.61 -34.20
N LEU D 403 13.51 -14.92 -34.20
CA LEU D 403 14.86 -15.50 -34.19
C LEU D 403 15.58 -15.25 -35.51
N ASN D 404 16.58 -14.37 -35.46
CA ASN D 404 17.47 -14.16 -36.59
C ASN D 404 18.81 -14.87 -36.37
N ALA D 405 19.60 -14.99 -37.44
CA ALA D 405 20.88 -15.71 -37.43
C ALA D 405 21.91 -15.21 -36.38
N SER D 406 21.82 -13.93 -36.02
CA SER D 406 22.71 -13.31 -35.03
C SER D 406 22.47 -13.76 -33.58
N ASP D 407 21.39 -14.51 -33.35
CA ASP D 407 21.07 -15.05 -32.04
C ASP D 407 21.66 -16.44 -31.83
N LEU D 408 21.89 -17.16 -32.94
CA LEU D 408 22.27 -18.58 -32.91
C LEU D 408 23.73 -18.79 -32.56
N TYR D 409 23.97 -19.79 -31.70
CA TYR D 409 25.31 -20.11 -31.23
C TYR D 409 25.91 -21.33 -31.92
N TYR D 410 25.26 -21.82 -32.98
CA TYR D 410 25.81 -22.93 -33.77
C TYR D 410 27.09 -22.46 -34.45
N ARG D 411 27.96 -23.42 -34.79
CA ARG D 411 29.18 -23.11 -35.56
C ARG D 411 28.83 -22.34 -36.84
N HIS D 412 27.80 -22.82 -37.54
CA HIS D 412 27.23 -22.11 -38.68
C HIS D 412 25.80 -21.69 -38.35
N PRO D 413 25.55 -20.37 -38.26
CA PRO D 413 24.23 -19.82 -37.94
C PRO D 413 23.23 -19.88 -39.11
N ILE D 414 23.00 -21.08 -39.63
CA ILE D 414 21.96 -21.32 -40.63
C ILE D 414 20.90 -22.31 -40.10
N SER D 415 19.64 -21.89 -40.12
CA SER D 415 18.53 -22.69 -39.57
C SER D 415 17.21 -22.35 -40.25
N PRO D 416 16.33 -23.35 -40.50
CA PRO D 416 15.00 -23.06 -41.03
C PRO D 416 14.06 -22.41 -39.99
N TYR D 417 14.57 -22.24 -38.77
CA TYR D 417 13.88 -21.50 -37.73
C TYR D 417 14.25 -20.02 -37.74
N VAL D 418 15.08 -19.62 -38.71
CA VAL D 418 15.41 -18.21 -38.91
C VAL D 418 14.20 -17.49 -39.48
N GLY D 419 13.76 -16.44 -38.79
CA GLY D 419 12.58 -15.68 -39.18
C GLY D 419 11.33 -16.05 -38.42
N GLN D 420 11.41 -17.15 -37.65
CA GLN D 420 10.28 -17.66 -36.89
C GLN D 420 9.92 -16.73 -35.74
N ARG D 421 8.62 -16.44 -35.64
CA ARG D 421 8.06 -15.66 -34.53
C ARG D 421 7.91 -16.58 -33.33
N PHE D 422 8.67 -16.32 -32.28
CA PHE D 422 8.70 -17.18 -31.09
C PHE D 422 8.08 -16.54 -29.87
N ARG D 423 7.63 -17.39 -28.95
CA ARG D 423 7.04 -16.94 -27.68
C ARG D 423 7.48 -17.85 -26.54
N GLY D 424 8.37 -17.33 -25.70
CA GLY D 424 9.00 -18.14 -24.66
C GLY D 424 10.50 -18.09 -24.82
N LYS D 425 11.16 -17.38 -23.92
CA LYS D 425 12.59 -17.21 -23.98
C LYS D 425 13.28 -17.65 -22.68
N VAL D 426 14.39 -18.34 -22.85
CA VAL D 426 15.24 -18.76 -21.74
C VAL D 426 16.16 -17.60 -21.33
N LYS D 427 16.07 -17.23 -20.05
CA LYS D 427 16.83 -16.11 -19.51
C LYS D 427 18.14 -16.60 -18.90
N HIS D 428 18.04 -17.72 -18.17
CA HIS D 428 19.17 -18.31 -17.47
C HIS D 428 19.13 -19.82 -17.60
N THR D 429 20.30 -20.43 -17.56
CA THR D 429 20.45 -21.89 -17.55
C THR D 429 21.58 -22.23 -16.62
N ILE D 430 21.26 -23.04 -15.63
CA ILE D 430 22.22 -23.51 -14.64
C ILE D 430 22.46 -24.96 -14.96
N CYS D 431 23.73 -25.33 -15.08
CA CYS D 431 24.09 -26.72 -15.31
C CYS D 431 25.02 -27.20 -14.21
N GLN D 432 24.59 -28.26 -13.53
CA GLN D 432 25.32 -28.86 -12.39
C GLN D 432 25.82 -27.87 -11.33
N GLY D 433 25.03 -26.83 -11.07
CA GLY D 433 25.41 -25.77 -10.15
C GLY D 433 25.96 -24.53 -10.84
N LYS D 434 26.67 -24.75 -11.95
CA LYS D 434 27.34 -23.67 -12.68
C LYS D 434 26.37 -22.80 -13.48
N HIS D 435 26.39 -21.49 -13.23
CA HIS D 435 25.57 -20.54 -13.99
C HIS D 435 26.19 -20.38 -15.37
N VAL D 436 25.51 -20.97 -16.36
CA VAL D 436 26.17 -21.29 -17.62
C VAL D 436 25.64 -20.52 -18.84
N TYR D 437 24.47 -19.89 -18.70
CA TYR D 437 23.94 -19.01 -19.75
C TYR D 437 23.22 -17.81 -19.16
N GLN D 438 23.49 -16.63 -19.71
CA GLN D 438 22.71 -15.42 -19.41
C GLN D 438 22.19 -14.75 -20.67
N ASP D 439 20.99 -14.19 -20.57
CA ASP D 439 20.43 -13.31 -21.60
C ASP D 439 20.87 -11.87 -21.28
N HIS D 440 21.81 -11.35 -22.08
CA HIS D 440 22.54 -10.08 -21.82
C HIS D 440 23.22 -10.04 -20.45
N ARG E 5 -36.12 -14.50 -26.63
CA ARG E 5 -34.64 -14.59 -26.56
C ARG E 5 -34.07 -13.99 -25.26
N PHE E 6 -34.44 -12.73 -24.97
CA PHE E 6 -34.08 -12.10 -23.70
C PHE E 6 -35.23 -12.18 -22.69
N ASP E 7 -34.87 -12.46 -21.44
CA ASP E 7 -35.84 -12.58 -20.34
C ASP E 7 -36.56 -11.26 -20.05
N LEU E 8 -35.83 -10.16 -20.11
CA LEU E 8 -36.37 -8.82 -19.90
C LEU E 8 -35.48 -7.80 -20.58
N ILE E 9 -36.06 -6.69 -21.01
CA ILE E 9 -35.30 -5.59 -21.61
C ILE E 9 -35.82 -4.22 -21.14
N ILE E 10 -34.92 -3.40 -20.61
CA ILE E 10 -35.24 -2.01 -20.27
C ILE E 10 -35.06 -1.16 -21.52
N ARG E 11 -36.08 -0.39 -21.88
CA ARG E 11 -36.05 0.36 -23.14
C ARG E 11 -36.08 1.88 -23.00
N SER E 12 -35.19 2.51 -23.76
CA SER E 12 -35.18 3.97 -24.00
C SER E 12 -34.96 4.88 -22.78
N SER E 13 -34.28 4.36 -21.75
CA SER E 13 -33.95 5.18 -20.60
C SER E 13 -32.58 5.84 -20.75
N THR E 14 -32.24 6.73 -19.81
CA THR E 14 -30.88 7.24 -19.68
C THR E 14 -30.21 6.47 -18.55
N VAL E 15 -29.20 5.69 -18.90
CA VAL E 15 -28.42 4.92 -17.94
C VAL E 15 -27.48 5.86 -17.17
N VAL E 16 -27.50 5.83 -15.85
CA VAL E 16 -26.50 6.56 -15.06
C VAL E 16 -25.63 5.60 -14.25
N THR E 17 -24.32 5.80 -14.30
CA THR E 17 -23.38 4.90 -13.62
C THR E 17 -22.58 5.69 -12.58
N GLU E 18 -21.50 5.09 -12.10
N GLU E 18 -21.50 5.10 -12.07
CA GLU E 18 -20.60 5.73 -11.14
CA GLU E 18 -20.61 5.78 -11.13
C GLU E 18 -19.74 6.83 -11.78
C GLU E 18 -19.84 6.93 -11.79
N THR E 19 -19.72 6.87 -13.12
CA THR E 19 -18.89 7.82 -13.86
C THR E 19 -19.60 8.54 -15.00
N THR E 20 -20.68 7.97 -15.51
CA THR E 20 -21.26 8.50 -16.76
C THR E 20 -22.78 8.36 -16.93
N THR E 21 -23.31 9.06 -17.93
CA THR E 21 -24.66 8.82 -18.44
C THR E 21 -24.60 8.58 -19.95
N TYR E 22 -25.56 7.80 -20.45
CA TYR E 22 -25.74 7.52 -21.89
C TYR E 22 -27.11 6.92 -22.15
N ARG E 23 -27.64 7.17 -23.34
CA ARG E 23 -28.92 6.61 -23.75
C ARG E 23 -28.72 5.21 -24.30
N ALA E 24 -29.32 4.20 -23.64
CA ALA E 24 -29.20 2.82 -24.11
C ALA E 24 -30.38 1.93 -23.73
N ASP E 25 -30.46 0.78 -24.39
CA ASP E 25 -31.32 -0.33 -23.98
C ASP E 25 -30.48 -1.42 -23.33
N VAL E 26 -31.01 -2.00 -22.26
CA VAL E 26 -30.29 -3.02 -21.49
C VAL E 26 -31.10 -4.31 -21.54
N ALA E 27 -30.49 -5.37 -22.05
CA ALA E 27 -31.15 -6.65 -22.22
C ALA E 27 -30.64 -7.69 -21.20
N ILE E 28 -31.57 -8.45 -20.62
CA ILE E 28 -31.29 -9.34 -19.49
C ILE E 28 -31.51 -10.81 -19.88
N ARG E 29 -30.58 -11.67 -19.45
CA ARG E 29 -30.71 -13.11 -19.57
C ARG E 29 -30.24 -13.79 -18.28
N ASN E 30 -31.12 -14.61 -17.69
CA ASN E 30 -30.84 -15.36 -16.44
C ASN E 30 -30.35 -14.53 -15.25
N GLY E 31 -30.92 -13.33 -15.10
CA GLY E 31 -30.59 -12.46 -13.96
C GLY E 31 -29.24 -11.75 -14.02
N ILE E 32 -28.56 -11.84 -15.16
CA ILE E 32 -27.37 -11.03 -15.40
C ILE E 32 -27.55 -10.25 -16.70
N VAL E 33 -26.88 -9.10 -16.80
CA VAL E 33 -26.93 -8.27 -18.01
C VAL E 33 -26.24 -8.99 -19.18
N SER E 34 -26.99 -9.19 -20.25
CA SER E 34 -26.51 -9.93 -21.39
C SER E 34 -26.10 -9.03 -22.54
N ALA E 35 -26.76 -7.88 -22.66
CA ALA E 35 -26.50 -6.95 -23.75
C ALA E 35 -26.86 -5.51 -23.39
N ILE E 36 -25.96 -4.58 -23.72
CA ILE E 36 -26.27 -3.15 -23.68
C ILE E 36 -26.13 -2.62 -25.11
N THR E 37 -27.21 -2.04 -25.64
CA THR E 37 -27.23 -1.60 -27.05
C THR E 37 -27.82 -0.20 -27.15
N GLU E 38 -27.62 0.43 -28.32
CA GLU E 38 -28.26 1.71 -28.65
C GLU E 38 -29.80 1.56 -28.71
N PRO E 39 -30.57 2.65 -28.45
CA PRO E 39 -32.04 2.52 -28.38
C PRO E 39 -32.66 1.94 -29.64
N GLY E 40 -33.59 1.02 -29.45
CA GLY E 40 -34.34 0.40 -30.56
C GLY E 40 -33.59 -0.62 -31.40
N SER E 41 -32.44 -1.09 -30.90
CA SER E 41 -31.58 -2.01 -31.66
C SER E 41 -32.10 -3.44 -31.67
N ILE E 42 -32.54 -3.93 -30.52
CA ILE E 42 -33.07 -5.30 -30.40
C ILE E 42 -34.53 -5.29 -30.82
N SER E 43 -34.90 -6.30 -31.60
CA SER E 43 -36.27 -6.55 -32.05
C SER E 43 -37.34 -6.39 -30.96
N SER E 44 -38.49 -5.85 -31.37
CA SER E 44 -39.64 -5.65 -30.48
C SER E 44 -40.20 -6.97 -29.94
N ASP E 45 -40.00 -8.06 -30.69
CA ASP E 45 -40.48 -9.39 -30.31
C ASP E 45 -39.47 -10.27 -29.58
N ASP E 46 -38.35 -9.70 -29.14
CA ASP E 46 -37.30 -10.49 -28.50
C ASP E 46 -37.38 -10.52 -26.96
N GLY E 47 -38.55 -10.18 -26.41
CA GLY E 47 -38.78 -10.32 -24.97
C GLY E 47 -39.68 -9.28 -24.32
N PRO E 48 -40.11 -9.54 -23.06
CA PRO E 48 -40.93 -8.60 -22.25
C PRO E 48 -40.14 -7.34 -21.93
N ALA E 49 -40.79 -6.18 -22.03
CA ALA E 49 -40.08 -4.91 -21.99
C ALA E 49 -40.67 -3.87 -21.04
N ILE E 50 -39.80 -3.29 -20.21
CA ILE E 50 -40.16 -2.14 -19.39
C ILE E 50 -39.90 -0.89 -20.23
N ASP E 51 -40.89 -0.01 -20.28
CA ASP E 51 -40.73 1.29 -20.94
C ASP E 51 -40.07 2.30 -20.00
N GLY E 52 -38.78 2.56 -20.23
CA GLY E 52 -38.03 3.53 -19.43
C GLY E 52 -37.92 4.90 -20.07
N THR E 53 -38.77 5.17 -21.07
CA THR E 53 -38.82 6.46 -21.76
C THR E 53 -38.94 7.64 -20.78
N GLY E 54 -38.00 8.57 -20.89
CA GLY E 54 -37.97 9.75 -20.03
C GLY E 54 -37.46 9.50 -18.61
N LEU E 55 -37.15 8.25 -18.29
CA LEU E 55 -36.70 7.85 -16.95
C LEU E 55 -35.20 7.57 -16.94
N HIS E 56 -34.64 7.45 -15.74
CA HIS E 56 -33.23 7.20 -15.55
C HIS E 56 -32.94 5.84 -14.92
N LEU E 57 -32.02 5.07 -15.50
CA LEU E 57 -31.65 3.74 -14.98
C LEU E 57 -30.37 3.79 -14.18
N PHE E 58 -30.49 3.52 -12.88
CA PHE E 58 -29.37 3.53 -11.93
C PHE E 58 -29.13 2.06 -11.61
N PRO E 59 -27.88 1.67 -11.30
CA PRO E 59 -27.71 0.30 -10.78
C PRO E 59 -28.30 0.23 -9.36
N GLY E 60 -28.73 -0.96 -8.95
CA GLY E 60 -29.43 -1.14 -7.67
C GLY E 60 -28.62 -0.75 -6.45
N MET E 61 -29.22 0.09 -5.60
CA MET E 61 -28.60 0.60 -4.37
C MET E 61 -28.23 -0.55 -3.43
N VAL E 62 -27.11 -0.39 -2.72
CA VAL E 62 -26.64 -1.36 -1.76
C VAL E 62 -26.56 -0.67 -0.40
N ASP E 63 -27.48 -1.05 0.50
CA ASP E 63 -27.58 -0.43 1.82
C ASP E 63 -26.95 -1.34 2.86
N VAL E 64 -25.82 -0.91 3.39
CA VAL E 64 -24.99 -1.78 4.22
C VAL E 64 -25.38 -1.76 5.69
N HIS E 65 -26.37 -0.96 6.03
CA HIS E 65 -26.71 -0.72 7.43
C HIS E 65 -28.22 -0.67 7.63
N VAL E 66 -28.83 -1.83 7.85
CA VAL E 66 -30.25 -1.93 8.21
C VAL E 66 -30.44 -2.85 9.41
N HIS E 67 -31.48 -2.57 10.19
CA HIS E 67 -31.88 -3.45 11.28
C HIS E 67 -33.32 -3.89 11.03
N PHE E 68 -33.50 -5.14 10.57
CA PHE E 68 -34.86 -5.65 10.36
C PHE E 68 -35.35 -6.49 11.53
N ASN E 69 -34.39 -6.89 12.38
CA ASN E 69 -34.65 -7.43 13.73
C ASN E 69 -35.32 -8.81 13.78
N GLU E 70 -35.17 -9.58 12.71
CA GLU E 70 -35.74 -10.93 12.62
C GLU E 70 -34.62 -11.99 12.58
N PRO E 71 -34.70 -13.02 13.45
CA PRO E 71 -35.74 -13.40 14.41
C PRO E 71 -35.66 -12.69 15.76
N GLY E 72 -36.66 -12.90 16.60
CA GLY E 72 -36.65 -12.40 17.98
C GLY E 72 -37.49 -11.16 18.24
N ARG E 73 -37.18 -10.11 17.49
CA ARG E 73 -37.93 -8.86 17.57
C ARG E 73 -38.48 -8.51 16.20
N THR E 74 -39.11 -9.51 15.57
CA THR E 74 -39.66 -9.41 14.21
C THR E 74 -40.74 -8.33 14.08
N GLU E 75 -41.49 -8.14 15.16
CA GLU E 75 -42.55 -7.14 15.23
C GLU E 75 -42.07 -5.69 15.08
N TRP E 76 -40.76 -5.48 15.24
CA TRP E 76 -40.14 -4.16 15.07
C TRP E 76 -40.11 -3.77 13.59
N GLU E 77 -39.81 -4.76 12.73
CA GLU E 77 -39.83 -4.56 11.27
C GLU E 77 -40.12 -5.89 10.59
N GLY E 78 -39.08 -6.70 10.43
CA GLY E 78 -39.19 -7.97 9.76
C GLY E 78 -38.58 -7.94 8.38
N PHE E 79 -38.19 -9.12 7.91
CA PHE E 79 -37.60 -9.28 6.58
C PHE E 79 -38.54 -8.95 5.42
N ALA E 80 -39.84 -9.21 5.57
CA ALA E 80 -40.81 -8.96 4.52
C ALA E 80 -41.11 -7.48 4.34
N SER E 81 -41.50 -6.80 5.41
CA SER E 81 -41.86 -5.38 5.34
C SER E 81 -40.62 -4.50 5.19
N GLY E 82 -39.47 -5.02 5.62
CA GLY E 82 -38.19 -4.36 5.40
C GLY E 82 -37.74 -4.37 3.94
N SER E 83 -37.80 -5.55 3.32
CA SER E 83 -37.38 -5.73 1.92
C SER E 83 -38.34 -5.08 0.93
N LYS E 84 -39.61 -4.99 1.30
CA LYS E 84 -40.62 -4.27 0.52
C LYS E 84 -40.25 -2.79 0.44
N SER E 85 -39.94 -2.21 1.60
CA SER E 85 -39.59 -0.79 1.73
C SER E 85 -38.36 -0.45 0.89
N LEU E 86 -37.36 -1.32 0.98
CA LEU E 86 -36.13 -1.18 0.21
C LEU E 86 -36.33 -1.22 -1.31
N ALA E 87 -37.18 -2.15 -1.77
CA ALA E 87 -37.56 -2.20 -3.18
C ALA E 87 -38.23 -0.90 -3.65
N ALA E 88 -39.09 -0.32 -2.81
CA ALA E 88 -39.72 0.97 -3.10
C ALA E 88 -38.73 2.14 -3.04
N GLY E 89 -37.57 1.90 -2.41
CA GLY E 89 -36.51 2.89 -2.32
C GLY E 89 -35.48 2.77 -3.43
N GLY E 90 -35.59 1.71 -4.23
CA GLY E 90 -34.62 1.44 -5.29
C GLY E 90 -33.44 0.60 -4.83
N VAL E 91 -33.56 0.01 -3.64
CA VAL E 91 -32.49 -0.79 -3.06
C VAL E 91 -32.67 -2.26 -3.45
N THR E 92 -31.62 -2.85 -4.00
CA THR E 92 -31.69 -4.26 -4.42
C THR E 92 -30.81 -5.20 -3.61
N THR E 93 -29.98 -4.66 -2.72
CA THR E 93 -29.18 -5.47 -1.79
C THR E 93 -29.04 -4.74 -0.47
N TYR E 94 -29.19 -5.49 0.62
CA TYR E 94 -29.01 -4.94 1.95
C TYR E 94 -28.17 -5.83 2.87
N PHE E 95 -27.40 -5.21 3.76
CA PHE E 95 -26.66 -5.95 4.77
C PHE E 95 -27.37 -5.76 6.10
N ASP E 96 -27.96 -6.84 6.61
CA ASP E 96 -28.69 -6.80 7.88
C ASP E 96 -27.71 -6.85 9.04
N MET E 97 -27.81 -5.86 9.92
CA MET E 97 -27.01 -5.75 11.13
C MET E 97 -27.32 -6.89 12.12
N PRO E 98 -26.35 -7.27 12.97
CA PRO E 98 -26.55 -8.46 13.80
C PRO E 98 -27.31 -8.19 15.10
N LEU E 99 -27.89 -7.01 15.24
CA LEU E 99 -28.46 -6.61 16.51
C LEU E 99 -29.93 -6.18 16.45
N ASN E 100 -30.51 -6.11 17.66
CA ASN E 100 -31.94 -6.04 17.95
C ASN E 100 -32.66 -7.35 17.59
N SER E 101 -32.17 -8.01 16.54
CA SER E 101 -32.45 -9.42 16.29
C SER E 101 -32.01 -10.24 17.51
N ASN E 102 -32.94 -10.99 18.10
CA ASN E 102 -32.72 -11.64 19.40
C ASN E 102 -32.86 -13.16 19.34
N PRO E 103 -31.81 -13.92 19.74
CA PRO E 103 -30.44 -13.58 20.14
C PRO E 103 -29.65 -12.99 18.98
N PRO E 104 -28.63 -12.15 19.27
CA PRO E 104 -27.85 -11.52 18.20
C PRO E 104 -27.09 -12.52 17.33
N THR E 105 -26.82 -12.12 16.10
CA THR E 105 -26.05 -12.92 15.14
C THR E 105 -24.60 -12.96 15.58
N ILE E 106 -24.30 -13.77 16.59
CA ILE E 106 -22.96 -13.87 17.16
C ILE E 106 -22.41 -15.29 17.05
N THR E 107 -23.29 -16.20 16.65
CA THR E 107 -22.94 -17.60 16.41
C THR E 107 -23.33 -18.00 14.99
N ARG E 108 -22.73 -19.07 14.49
CA ARG E 108 -23.05 -19.62 13.16
C ARG E 108 -24.50 -20.09 13.05
N GLU E 109 -24.96 -20.76 14.11
CA GLU E 109 -26.33 -21.28 14.19
C GLU E 109 -27.37 -20.16 14.13
N GLU E 110 -27.11 -19.06 14.84
CA GLU E 110 -28.00 -17.91 14.84
C GLU E 110 -27.97 -17.14 13.50
N LEU E 111 -26.88 -17.30 12.73
CA LEU E 111 -26.81 -16.79 11.35
C LEU E 111 -27.68 -17.59 10.38
N ASP E 112 -27.66 -18.92 10.51
CA ASP E 112 -28.48 -19.79 9.64
C ASP E 112 -29.98 -19.58 9.86
N LYS E 113 -30.40 -19.45 11.13
CA LYS E 113 -31.78 -19.10 11.51
C LYS E 113 -32.24 -17.78 10.90
N LYS E 114 -31.36 -16.79 10.88
CA LYS E 114 -31.64 -15.51 10.22
C LYS E 114 -31.69 -15.64 8.68
N ARG E 115 -30.80 -16.46 8.12
CA ARG E 115 -30.70 -16.63 6.66
C ARG E 115 -31.94 -17.31 6.03
N GLN E 116 -32.44 -18.37 6.67
CA GLN E 116 -33.66 -19.07 6.22
C GLN E 116 -34.89 -18.18 6.19
N LEU E 117 -35.00 -17.29 7.17
CA LEU E 117 -36.10 -16.34 7.27
C LEU E 117 -36.02 -15.26 6.19
N ALA E 118 -34.79 -14.90 5.81
CA ALA E 118 -34.56 -14.01 4.67
C ALA E 118 -34.87 -14.72 3.36
N ASN E 119 -34.47 -15.98 3.26
CA ASN E 119 -34.73 -16.79 2.06
C ASN E 119 -36.23 -16.98 1.77
N GLU E 120 -37.06 -16.82 2.80
CA GLU E 120 -38.51 -16.90 2.65
C GLU E 120 -39.12 -15.53 2.34
N LYS E 121 -38.75 -14.52 3.14
CA LYS E 121 -39.48 -13.24 3.15
C LYS E 121 -38.85 -12.08 2.39
N SER E 122 -37.57 -12.21 2.05
CA SER E 122 -36.84 -11.10 1.43
C SER E 122 -37.15 -10.95 -0.05
N LEU E 123 -37.72 -9.78 -0.38
CA LEU E 123 -38.02 -9.39 -1.74
C LEU E 123 -36.76 -9.13 -2.55
N VAL E 124 -35.75 -8.49 -1.95
CA VAL E 124 -34.49 -8.19 -2.66
C VAL E 124 -33.32 -9.02 -2.11
N ASP E 125 -32.14 -8.88 -2.72
CA ASP E 125 -30.96 -9.65 -2.31
C ASP E 125 -30.40 -9.15 -0.97
N TYR E 126 -29.69 -10.03 -0.29
CA TYR E 126 -29.25 -9.78 1.08
C TYR E 126 -27.90 -10.41 1.40
N ARG E 127 -27.17 -9.77 2.33
CA ARG E 127 -26.03 -10.37 3.00
C ARG E 127 -26.18 -10.04 4.48
N PHE E 128 -25.32 -10.61 5.32
CA PHE E 128 -25.42 -10.41 6.77
C PHE E 128 -24.14 -9.95 7.43
N TRP E 129 -24.28 -9.22 8.53
CA TRP E 129 -23.16 -8.88 9.38
C TRP E 129 -23.03 -9.93 10.48
N GLY E 130 -21.80 -10.31 10.79
CA GLY E 130 -21.53 -11.06 12.01
C GLY E 130 -21.47 -10.09 13.18
N GLY E 131 -21.60 -10.61 14.39
CA GLY E 131 -21.45 -9.77 15.58
C GLY E 131 -20.11 -10.02 16.24
N LEU E 132 -19.46 -8.94 16.69
CA LEU E 132 -18.34 -9.07 17.60
C LEU E 132 -18.79 -8.54 18.95
N VAL E 133 -18.82 -9.43 19.94
CA VAL E 133 -19.15 -9.06 21.32
C VAL E 133 -18.11 -9.72 22.26
N PRO E 134 -17.98 -9.24 23.52
CA PRO E 134 -17.15 -10.03 24.42
C PRO E 134 -17.65 -11.46 24.52
N GLY E 135 -16.74 -12.42 24.41
CA GLY E 135 -17.06 -13.83 24.54
C GLY E 135 -17.16 -14.62 23.23
N ASN E 136 -17.60 -13.95 22.16
CA ASN E 136 -17.89 -14.65 20.90
C ASN E 136 -16.69 -14.74 19.94
N ILE E 137 -15.49 -14.59 20.50
CA ILE E 137 -14.27 -14.47 19.73
C ILE E 137 -13.87 -15.77 18.99
N ASP E 138 -14.23 -16.91 19.57
CA ASP E 138 -13.96 -18.22 18.95
C ASP E 138 -15.04 -18.65 17.94
N HIS E 139 -16.12 -17.87 17.88
CA HIS E 139 -17.19 -18.08 16.91
C HIS E 139 -16.99 -17.31 15.60
N LEU E 140 -15.93 -16.49 15.53
CA LEU E 140 -15.75 -15.54 14.40
C LEU E 140 -15.33 -16.17 13.08
N GLN E 141 -14.39 -17.12 13.12
CA GLN E 141 -14.01 -17.95 11.97
C GLN E 141 -15.25 -18.67 11.42
N ASP E 142 -16.05 -19.21 12.33
CA ASP E 142 -17.31 -19.90 12.04
C ASP E 142 -18.30 -19.01 11.28
N LEU E 143 -18.44 -17.76 11.72
CA LEU E 143 -19.32 -16.78 11.09
C LEU E 143 -18.83 -16.36 9.69
N HIS E 144 -17.50 -16.27 9.53
CA HIS E 144 -16.89 -15.92 8.25
C HIS E 144 -17.05 -17.05 7.23
N ASP E 145 -16.91 -18.29 7.70
CA ASP E 145 -17.18 -19.48 6.88
C ASP E 145 -18.64 -19.49 6.46
N GLY E 146 -19.51 -19.07 7.37
CA GLY E 146 -20.93 -18.85 7.09
C GLY E 146 -21.22 -17.76 6.09
N GLY E 147 -20.21 -16.97 5.75
CA GLY E 147 -20.29 -16.04 4.64
C GLY E 147 -20.71 -14.62 4.98
N VAL E 148 -20.57 -14.22 6.24
CA VAL E 148 -20.86 -12.84 6.65
C VAL E 148 -19.90 -11.91 5.90
N ILE E 149 -20.39 -10.73 5.55
CA ILE E 149 -19.61 -9.77 4.77
C ILE E 149 -18.65 -8.92 5.63
N GLY E 150 -18.66 -9.17 6.94
CA GLY E 150 -17.91 -8.39 7.90
C GLY E 150 -18.55 -8.47 9.28
N PHE E 151 -17.96 -7.77 10.25
CA PHE E 151 -18.41 -7.88 11.64
C PHE E 151 -18.74 -6.51 12.20
N LYS E 152 -19.69 -6.47 13.14
CA LYS E 152 -20.05 -5.23 13.80
C LYS E 152 -19.80 -5.28 15.29
N ALA E 153 -19.19 -4.22 15.80
CA ALA E 153 -19.00 -4.06 17.23
C ALA E 153 -19.48 -2.68 17.66
N PHE E 154 -20.00 -2.61 18.89
CA PHE E 154 -20.35 -1.35 19.50
C PHE E 154 -19.26 -0.91 20.48
N MET E 155 -18.87 0.36 20.40
CA MET E 155 -17.85 0.92 21.29
C MET E 155 -18.51 1.57 22.51
N SER E 156 -19.85 1.65 22.45
CA SER E 156 -20.67 2.18 23.54
C SER E 156 -21.96 1.36 23.64
N GLU E 157 -22.55 1.34 24.84
CA GLU E 157 -23.76 0.55 25.13
C GLU E 157 -24.90 0.87 24.17
N CYS E 158 -25.47 -0.18 23.56
CA CYS E 158 -26.61 0.01 22.67
C CYS E 158 -27.95 -0.19 23.41
N GLY E 159 -29.05 0.06 22.70
CA GLY E 159 -30.40 0.04 23.27
C GLY E 159 -30.77 -1.20 24.06
N THR E 160 -30.63 -2.38 23.43
CA THR E 160 -31.08 -3.64 24.03
C THR E 160 -30.16 -4.19 25.12
N ASP E 161 -30.57 -5.22 25.85
CA ASP E 161 -29.67 -5.78 26.87
C ASP E 161 -28.79 -6.86 26.31
N ASP E 162 -29.13 -7.40 25.17
CA ASP E 162 -28.57 -8.65 24.70
C ASP E 162 -27.54 -8.53 23.61
N PHE E 163 -27.01 -7.33 23.37
CA PHE E 163 -25.79 -7.14 22.60
C PHE E 163 -24.80 -6.28 23.35
N GLN E 164 -23.83 -6.88 24.01
CA GLN E 164 -22.86 -6.10 24.80
C GLN E 164 -21.82 -5.38 23.97
N PHE E 165 -21.62 -4.10 24.30
CA PHE E 165 -20.57 -3.28 23.73
C PHE E 165 -19.19 -3.84 24.10
N SER E 166 -18.24 -3.62 23.21
CA SER E 166 -16.89 -4.17 23.36
C SER E 166 -15.94 -3.13 23.93
N HIS E 167 -15.31 -3.48 25.04
CA HIS E 167 -14.19 -2.73 25.58
C HIS E 167 -12.92 -3.07 24.79
N ASP E 168 -11.81 -2.42 25.14
CA ASP E 168 -10.58 -2.46 24.33
C ASP E 168 -9.99 -3.85 24.12
N GLU E 169 -10.02 -4.70 25.15
CA GLU E 169 -9.49 -6.07 25.06
C GLU E 169 -10.23 -6.90 24.02
N THR E 170 -11.56 -6.91 24.13
CA THR E 170 -12.44 -7.59 23.19
C THR E 170 -12.17 -7.11 21.77
N LEU E 171 -12.17 -5.80 21.61
CA LEU E 171 -11.90 -5.15 20.33
C LEU E 171 -10.57 -5.63 19.74
N LEU E 172 -9.49 -5.58 20.51
CA LEU E 172 -8.15 -5.97 20.02
C LEU E 172 -8.01 -7.44 19.60
N LYS E 173 -8.51 -8.37 20.42
CA LYS E 173 -8.46 -9.79 20.09
C LYS E 173 -9.27 -10.08 18.83
N GLY E 174 -10.51 -9.61 18.82
CA GLY E 174 -11.40 -9.73 17.67
C GLY E 174 -10.85 -9.09 16.41
N MET E 175 -10.21 -7.93 16.55
CA MET E 175 -9.61 -7.25 15.39
C MET E 175 -8.47 -8.06 14.79
N LYS E 176 -7.66 -8.70 15.64
CA LYS E 176 -6.58 -9.57 15.19
C LYS E 176 -7.12 -10.74 14.36
N LYS E 177 -8.24 -11.31 14.81
CA LYS E 177 -8.86 -12.44 14.12
C LYS E 177 -9.51 -12.04 12.80
N ILE E 178 -10.27 -10.93 12.83
CA ILE E 178 -10.93 -10.38 11.62
C ILE E 178 -9.90 -10.10 10.53
N ALA E 179 -8.78 -9.49 10.91
CA ALA E 179 -7.64 -9.25 10.02
C ALA E 179 -7.10 -10.54 9.40
N ALA E 180 -6.98 -11.59 10.22
CA ALA E 180 -6.45 -12.87 9.76
C ALA E 180 -7.38 -13.56 8.75
N LEU E 181 -8.68 -13.31 8.89
CA LEU E 181 -9.69 -13.92 8.02
C LEU E 181 -9.86 -13.18 6.69
N GLY E 182 -9.29 -11.98 6.59
CA GLY E 182 -9.44 -11.18 5.38
C GLY E 182 -10.71 -10.35 5.33
N SER E 183 -11.46 -10.28 6.43
CA SER E 183 -12.69 -9.49 6.43
C SER E 183 -12.53 -8.08 7.03
N ILE E 184 -13.63 -7.50 7.50
CA ILE E 184 -13.68 -6.10 7.92
C ILE E 184 -14.52 -5.90 9.21
N LEU E 185 -14.04 -5.06 10.12
CA LEU E 185 -14.84 -4.66 11.29
C LEU E 185 -15.48 -3.29 11.13
N ALA E 186 -16.80 -3.24 11.24
CA ALA E 186 -17.49 -1.97 11.32
C ALA E 186 -17.69 -1.64 12.79
N VAL E 187 -17.74 -0.35 13.11
CA VAL E 187 -17.87 0.09 14.49
C VAL E 187 -18.88 1.21 14.70
N HIS E 188 -19.59 1.17 15.82
CA HIS E 188 -20.37 2.30 16.28
C HIS E 188 -19.44 3.15 17.14
N ALA E 189 -18.95 4.25 16.56
CA ALA E 189 -17.93 5.07 17.20
C ALA E 189 -18.53 6.15 18.10
N GLU E 190 -18.91 5.74 19.31
CA GLU E 190 -19.14 6.67 20.39
C GLU E 190 -18.35 6.29 21.64
N SER E 191 -18.14 7.27 22.50
CA SER E 191 -17.25 7.14 23.64
C SER E 191 -18.10 6.83 24.87
N ASN E 192 -18.05 5.59 25.33
CA ASN E 192 -19.00 5.09 26.33
C ASN E 192 -19.08 5.88 27.63
N GLU E 193 -17.93 6.31 28.13
CA GLU E 193 -17.88 7.01 29.41
C GLU E 193 -18.17 8.50 29.31
N MET E 194 -17.80 9.11 28.18
CA MET E 194 -18.15 10.50 27.89
C MET E 194 -19.67 10.64 27.80
N VAL E 195 -20.29 9.70 27.07
CA VAL E 195 -21.74 9.63 26.90
C VAL E 195 -22.48 9.43 28.23
N ASN E 196 -22.08 8.41 29.01
CA ASN E 196 -22.73 8.10 30.29
C ASN E 196 -22.67 9.23 31.31
N ALA E 197 -21.49 9.86 31.42
CA ALA E 197 -21.29 10.95 32.37
C ALA E 197 -22.10 12.21 32.04
N LEU E 198 -22.16 12.58 30.76
CA LEU E 198 -22.86 13.79 30.34
C LEU E 198 -24.37 13.60 30.30
N THR E 199 -24.79 12.35 30.07
CA THR E 199 -26.22 12.01 30.09
C THR E 199 -26.76 12.01 31.53
N THR E 200 -26.01 11.39 32.44
CA THR E 200 -26.31 11.42 33.88
C THR E 200 -26.46 12.86 34.42
N ILE E 201 -25.51 13.73 34.06
CA ILE E 201 -25.56 15.14 34.43
C ILE E 201 -26.84 15.81 33.88
N ALA E 202 -27.14 15.58 32.61
CA ALA E 202 -28.32 16.17 31.94
C ALA E 202 -29.67 15.71 32.49
N ILE E 203 -29.76 14.45 32.91
CA ILE E 203 -31.00 13.92 33.48
C ILE E 203 -31.26 14.52 34.87
N GLU E 204 -30.21 14.57 35.69
CA GLU E 204 -30.30 15.14 37.05
C GLU E 204 -30.56 16.65 37.08
N GLU E 205 -30.05 17.37 36.09
CA GLU E 205 -30.16 18.83 36.04
C GLU E 205 -31.36 19.32 35.24
N GLN E 206 -32.22 18.37 34.82
CA GLN E 206 -33.48 18.63 34.11
C GLN E 206 -33.34 19.37 32.76
N ARG E 207 -32.16 19.29 32.16
CA ARG E 207 -31.92 19.84 30.83
C ARG E 207 -32.35 18.80 29.79
N LEU E 208 -33.56 18.95 29.29
CA LEU E 208 -34.19 17.86 28.55
C LEU E 208 -34.57 18.19 27.12
N THR E 209 -34.08 19.32 26.60
CA THR E 209 -34.30 19.69 25.20
C THR E 209 -33.47 18.81 24.27
N VAL E 210 -33.78 18.86 22.98
CA VAL E 210 -33.06 18.06 21.99
C VAL E 210 -31.60 18.47 21.83
N LYS E 211 -31.33 19.77 22.03
CA LYS E 211 -29.97 20.32 22.03
C LYS E 211 -29.13 19.72 23.16
N ASP E 212 -29.74 19.58 24.33
CA ASP E 212 -29.11 18.96 25.51
C ASP E 212 -28.78 17.49 25.27
N TYR E 213 -29.66 16.79 24.54
CA TYR E 213 -29.43 15.39 24.17
C TYR E 213 -28.27 15.29 23.21
N SER E 214 -28.22 16.20 22.23
CA SER E 214 -27.12 16.26 21.27
C SER E 214 -25.78 16.50 21.95
N GLU E 215 -25.76 17.43 22.90
CA GLU E 215 -24.55 17.76 23.65
C GLU E 215 -24.20 16.68 24.69
N ALA E 216 -25.13 15.77 24.98
CA ALA E 216 -24.88 14.68 25.92
C ALA E 216 -24.12 13.55 25.24
N ARG E 217 -24.21 13.52 23.92
CA ARG E 217 -23.42 12.62 23.10
C ARG E 217 -22.70 13.47 22.05
N PRO E 218 -21.67 14.24 22.45
CA PRO E 218 -21.17 15.26 21.55
C PRO E 218 -20.21 14.71 20.49
N ILE E 219 -19.82 15.58 19.55
CA ILE E 219 -18.93 15.26 18.45
C ILE E 219 -17.55 14.84 18.98
N VAL E 220 -17.13 15.48 20.07
CA VAL E 220 -15.88 15.14 20.75
C VAL E 220 -15.84 13.68 21.29
N SER E 221 -17.02 13.13 21.61
CA SER E 221 -17.16 11.70 21.91
C SER E 221 -16.97 10.80 20.68
N GLU E 222 -17.55 11.22 19.55
CA GLU E 222 -17.37 10.50 18.28
C GLU E 222 -15.90 10.54 17.88
N LEU E 223 -15.30 11.72 18.00
CA LEU E 223 -13.88 11.90 17.73
C LEU E 223 -13.00 11.00 18.61
N GLU E 224 -13.34 10.87 19.89
CA GLU E 224 -12.53 10.04 20.79
C GLU E 224 -12.58 8.58 20.32
N ALA E 225 -13.79 8.09 20.05
CA ALA E 225 -13.97 6.70 19.67
C ALA E 225 -13.33 6.38 18.32
N VAL E 226 -13.49 7.30 17.37
CA VAL E 226 -12.87 7.17 16.06
C VAL E 226 -11.35 7.09 16.17
N GLU E 227 -10.76 8.04 16.90
CA GLU E 227 -9.31 8.05 17.10
C GLU E 227 -8.82 6.78 17.76
N ARG E 228 -9.58 6.30 18.76
CA ARG E 228 -9.24 5.06 19.46
CA ARG E 228 -9.23 5.07 19.46
C ARG E 228 -9.21 3.86 18.51
N ILE E 229 -10.28 3.70 17.74
CA ILE E 229 -10.37 2.59 16.79
C ILE E 229 -9.38 2.69 15.62
N LEU E 230 -8.98 3.90 15.26
CA LEU E 230 -7.97 4.08 14.21
C LEU E 230 -6.59 3.60 14.67
N ARG E 231 -6.21 3.94 15.90
CA ARG E 231 -4.95 3.44 16.49
C ARG E 231 -4.94 1.92 16.62
N PHE E 232 -6.05 1.34 17.06
CA PHE E 232 -6.22 -0.10 17.19
C PHE E 232 -6.14 -0.76 15.81
N ALA E 233 -6.70 -0.10 14.80
CA ALA E 233 -6.62 -0.57 13.42
C ALA E 233 -5.20 -0.47 12.85
N GLN E 234 -4.43 0.54 13.27
CA GLN E 234 -3.04 0.68 12.84
C GLN E 234 -2.17 -0.46 13.36
N LEU E 235 -2.36 -0.82 14.63
CA LEU E 235 -1.63 -1.92 15.26
C LEU E 235 -1.99 -3.27 14.66
N THR E 236 -3.28 -3.46 14.40
CA THR E 236 -3.81 -4.74 13.98
C THR E 236 -3.79 -4.96 12.46
N CYS E 237 -3.89 -3.87 11.72
CA CYS E 237 -4.08 -3.87 10.25
C CYS E 237 -5.43 -4.45 9.84
N CYS E 238 -6.35 -4.45 10.78
CA CYS E 238 -7.70 -4.88 10.53
C CYS E 238 -8.44 -3.76 9.84
N PRO E 239 -8.95 -4.02 8.61
CA PRO E 239 -9.69 -2.99 7.87
C PRO E 239 -10.93 -2.61 8.65
N ILE E 240 -11.25 -1.32 8.68
CA ILE E 240 -12.40 -0.86 9.47
C ILE E 240 -13.36 0.03 8.69
N HIS E 241 -14.59 0.08 9.18
CA HIS E 241 -15.59 0.94 8.61
C HIS E 241 -16.27 1.69 9.74
N ILE E 242 -16.27 3.01 9.68
CA ILE E 242 -16.89 3.82 10.73
C ILE E 242 -18.34 4.07 10.38
N CYS E 243 -19.24 3.54 11.20
CA CYS E 243 -20.68 3.76 10.99
C CYS E 243 -21.11 5.20 11.29
N HIS E 244 -22.22 5.61 10.66
CA HIS E 244 -22.92 6.89 10.89
C HIS E 244 -22.18 8.00 11.63
N VAL E 245 -21.53 8.86 10.86
CA VAL E 245 -20.78 9.99 11.39
C VAL E 245 -21.57 11.27 11.15
N SER E 246 -21.71 12.10 12.18
CA SER E 246 -22.60 13.26 12.13
C SER E 246 -21.91 14.56 11.72
N SER E 247 -20.59 14.59 11.79
CA SER E 247 -19.84 15.85 11.62
C SER E 247 -18.65 15.75 10.68
N ARG E 248 -18.39 16.83 9.94
CA ARG E 248 -17.18 16.90 9.10
C ARG E 248 -15.87 16.92 9.92
N LYS E 249 -15.96 17.36 11.18
CA LYS E 249 -14.82 17.32 12.10
C LYS E 249 -14.25 15.90 12.19
N VAL E 250 -15.15 14.93 12.22
CA VAL E 250 -14.79 13.51 12.28
C VAL E 250 -14.23 13.04 10.93
N LEU E 251 -14.83 13.49 9.84
CA LEU E 251 -14.37 13.14 8.50
C LEU E 251 -12.96 13.67 8.19
N LYS E 252 -12.63 14.83 8.75
CA LYS E 252 -11.31 15.43 8.60
C LYS E 252 -10.25 14.60 9.30
N ARG E 253 -10.60 14.14 10.51
CA ARG E 253 -9.76 13.25 11.30
C ARG E 253 -9.47 11.94 10.55
N ILE E 254 -10.51 11.37 9.94
CA ILE E 254 -10.43 10.12 9.18
C ILE E 254 -9.61 10.26 7.90
N LYS E 255 -9.78 11.39 7.20
CA LYS E 255 -8.95 11.75 6.03
C LYS E 255 -7.46 11.85 6.36
N GLN E 256 -7.14 12.36 7.55
CA GLN E 256 -5.77 12.39 8.04
C GLN E 256 -5.24 10.97 8.29
N ALA E 257 -6.08 10.10 8.86
CA ALA E 257 -5.70 8.70 9.06
C ALA E 257 -5.50 7.97 7.72
N LYS E 258 -6.39 8.22 6.77
CA LYS E 258 -6.24 7.70 5.40
C LYS E 258 -4.90 8.13 4.80
N GLY E 259 -4.56 9.40 4.95
CA GLY E 259 -3.28 9.94 4.52
C GLY E 259 -2.08 9.29 5.17
N GLU E 260 -2.29 8.78 6.39
CA GLU E 260 -1.25 8.08 7.13
C GLU E 260 -1.33 6.57 6.86
N GLY E 261 -2.24 6.18 5.96
CA GLY E 261 -2.29 4.81 5.43
C GLY E 261 -3.16 3.79 6.15
N VAL E 262 -4.06 4.25 7.02
CA VAL E 262 -4.99 3.35 7.72
C VAL E 262 -6.10 2.91 6.79
N ASN E 263 -6.31 1.60 6.69
CA ASN E 263 -7.40 1.03 5.90
C ASN E 263 -8.75 1.29 6.57
N VAL E 264 -9.31 2.48 6.34
CA VAL E 264 -10.59 2.89 6.95
C VAL E 264 -11.57 3.48 5.92
N SER E 265 -12.81 3.06 5.99
CA SER E 265 -13.89 3.73 5.27
C SER E 265 -14.83 4.38 6.26
N VAL E 266 -15.67 5.28 5.77
CA VAL E 266 -16.63 5.96 6.62
C VAL E 266 -17.92 6.22 5.85
N GLU E 267 -19.04 6.23 6.59
CA GLU E 267 -20.35 6.54 6.02
C GLU E 267 -21.07 7.67 6.77
N THR E 268 -22.08 8.23 6.13
CA THR E 268 -23.14 8.93 6.88
C THR E 268 -24.51 8.42 6.43
N CYS E 269 -25.54 8.87 7.11
CA CYS E 269 -26.92 8.50 6.82
C CYS E 269 -27.69 9.77 6.44
N PRO E 270 -28.78 9.63 5.69
CA PRO E 270 -29.42 10.81 5.08
C PRO E 270 -30.02 11.80 6.07
N HIS E 271 -30.36 11.37 7.28
CA HIS E 271 -30.89 12.26 8.29
C HIS E 271 -29.86 13.27 8.80
N TYR E 272 -28.60 12.84 8.88
CA TYR E 272 -27.50 13.74 9.22
C TYR E 272 -27.26 14.79 8.13
N LEU E 273 -27.76 14.50 6.93
CA LEU E 273 -27.69 15.40 5.80
C LEU E 273 -28.93 16.29 5.67
N LEU E 274 -30.07 15.84 6.21
CA LEU E 274 -31.32 16.61 6.05
C LEU E 274 -31.74 17.35 7.33
N PHE E 275 -31.62 16.69 8.48
CA PHE E 275 -32.17 17.24 9.73
C PHE E 275 -31.11 17.81 10.65
N SER E 276 -31.26 19.08 11.01
CA SER E 276 -30.44 19.68 12.06
C SER E 276 -31.21 19.66 13.38
N LEU E 277 -30.64 20.31 14.39
CA LEU E 277 -31.30 20.47 15.69
C LEU E 277 -32.63 21.22 15.59
N ASP E 278 -32.71 22.18 14.67
CA ASP E 278 -33.91 22.99 14.43
C ASP E 278 -35.09 22.13 13.98
N GLU E 279 -34.82 21.20 13.05
CA GLU E 279 -35.82 20.27 12.55
C GLU E 279 -36.11 19.15 13.54
N PHE E 280 -35.09 18.77 14.31
CA PHE E 280 -35.21 17.78 15.39
C PHE E 280 -36.17 18.30 16.46
N ALA E 281 -36.01 19.57 16.86
CA ALA E 281 -36.95 20.25 17.78
C ALA E 281 -38.37 20.30 17.24
N GLU E 282 -38.48 20.44 15.92
CA GLU E 282 -39.76 20.52 15.22
C GLU E 282 -40.44 19.15 15.16
N ILE E 283 -39.70 18.12 14.74
CA ILE E 283 -40.23 16.76 14.56
C ILE E 283 -40.48 16.06 15.90
N GLY E 284 -39.56 16.25 16.84
CA GLY E 284 -39.69 15.64 18.16
C GLY E 284 -38.95 14.32 18.23
N TYR E 285 -39.56 13.34 18.91
CA TYR E 285 -38.90 12.07 19.23
C TYR E 285 -38.50 11.21 18.03
N LEU E 286 -39.25 11.31 17.00
CA LEU E 286 -39.01 10.41 15.89
C LEU E 286 -37.64 10.63 15.25
N ALA E 287 -37.06 11.81 15.47
CA ALA E 287 -35.77 12.13 14.88
C ALA E 287 -34.60 11.89 15.86
N LYS E 288 -34.85 11.13 16.92
CA LYS E 288 -33.78 10.70 17.80
C LYS E 288 -32.98 9.58 17.15
N CYS E 289 -31.66 9.73 17.12
CA CYS E 289 -30.76 8.70 16.61
C CYS E 289 -29.43 8.78 17.36
N ALA E 290 -28.52 7.85 17.06
CA ALA E 290 -27.22 7.80 17.72
C ALA E 290 -26.11 7.57 16.70
N PRO E 291 -25.13 8.49 16.59
CA PRO E 291 -25.00 9.81 17.23
C PRO E 291 -26.20 10.72 16.97
N PRO E 292 -26.43 11.73 17.83
CA PRO E 292 -27.56 12.62 17.59
C PRO E 292 -27.39 13.49 16.35
N LEU E 293 -28.48 14.12 15.95
CA LEU E 293 -28.44 15.15 14.92
C LEU E 293 -27.73 16.37 15.51
N ARG E 294 -27.21 17.23 14.65
CA ARG E 294 -26.36 18.34 15.10
C ARG E 294 -26.92 19.68 14.65
N GLU E 295 -26.26 20.77 15.01
CA GLU E 295 -26.73 22.10 14.61
C GLU E 295 -26.63 22.31 13.09
N ARG E 296 -27.35 23.32 12.57
CA ARG E 296 -27.41 23.61 11.14
C ARG E 296 -26.02 23.73 10.48
N GLN E 297 -25.09 24.39 11.16
CA GLN E 297 -23.75 24.56 10.62
C GLN E 297 -22.97 23.26 10.49
N GLU E 298 -23.32 22.28 11.31
CA GLU E 298 -22.70 20.99 11.25
C GLU E 298 -23.23 20.21 10.05
N VAL E 299 -24.54 20.37 9.77
CA VAL E 299 -25.19 19.73 8.61
C VAL E 299 -24.66 20.31 7.29
N GLU E 300 -24.55 21.64 7.25
CA GLU E 300 -23.98 22.34 6.10
C GLU E 300 -22.50 22.00 5.86
N ASP E 301 -21.72 21.84 6.93
CA ASP E 301 -20.32 21.43 6.82
C ASP E 301 -20.19 19.99 6.32
N LEU E 302 -21.13 19.13 6.74
CA LEU E 302 -21.13 17.72 6.36
C LEU E 302 -21.34 17.56 4.86
N TRP E 303 -22.24 18.37 4.31
CA TRP E 303 -22.40 18.46 2.85
C TRP E 303 -21.12 18.85 2.12
N ASP E 304 -20.35 19.78 2.70
CA ASP E 304 -19.08 20.20 2.12
C ASP E 304 -18.07 19.06 2.09
N GLY E 305 -18.01 18.29 3.18
CA GLY E 305 -17.23 17.05 3.23
C GLY E 305 -17.67 16.05 2.17
N LEU E 306 -18.97 15.83 2.09
CA LEU E 306 -19.57 14.95 1.09
C LEU E 306 -19.19 15.37 -0.33
N MET E 307 -19.30 16.65 -0.62
CA MET E 307 -19.05 17.18 -1.95
C MET E 307 -17.58 17.12 -2.32
N ALA E 308 -16.71 17.13 -1.31
CA ALA E 308 -15.26 17.02 -1.48
C ALA E 308 -14.79 15.56 -1.46
N GLY E 309 -15.71 14.62 -1.29
CA GLY E 309 -15.35 13.21 -1.38
C GLY E 309 -14.80 12.62 -0.10
N GLU E 310 -15.12 13.26 1.03
CA GLU E 310 -14.65 12.79 2.34
C GLU E 310 -15.57 11.72 2.95
N ILE E 311 -16.65 11.38 2.26
CA ILE E 311 -17.57 10.31 2.68
C ILE E 311 -17.48 9.19 1.64
N ASP E 312 -17.37 7.95 2.09
CA ASP E 312 -17.17 6.85 1.17
C ASP E 312 -18.47 6.31 0.63
N LEU E 313 -19.45 6.16 1.53
CA LEU E 313 -20.74 5.57 1.19
C LEU E 313 -21.90 6.10 2.04
N ILE E 314 -23.13 5.87 1.60
CA ILE E 314 -24.31 6.25 2.37
C ILE E 314 -25.13 5.01 2.65
N SER E 315 -25.59 4.87 3.88
CA SER E 315 -26.49 3.81 4.27
C SER E 315 -27.57 4.44 5.14
N SER E 316 -28.65 3.71 5.40
CA SER E 316 -29.77 4.32 6.09
C SER E 316 -29.67 4.32 7.61
N ASP E 317 -29.03 3.28 8.17
CA ASP E 317 -29.12 2.95 9.60
C ASP E 317 -30.59 2.84 9.99
N HIS E 318 -31.33 2.04 9.20
CA HIS E 318 -32.74 1.80 9.40
C HIS E 318 -32.99 1.09 10.73
N SER E 319 -33.45 1.86 11.72
CA SER E 319 -33.53 1.35 13.08
C SER E 319 -34.91 1.57 13.70
N PRO E 320 -35.89 0.71 13.34
CA PRO E 320 -37.26 0.85 13.80
C PRO E 320 -37.56 0.17 15.14
N SER E 321 -38.64 0.59 15.78
CA SER E 321 -39.12 0.00 17.02
C SER E 321 -40.64 0.06 17.05
N LEU E 322 -41.23 -0.61 18.04
CA LEU E 322 -42.66 -0.48 18.29
C LEU E 322 -42.93 0.99 18.62
N PRO E 323 -43.99 1.59 18.03
CA PRO E 323 -44.32 3.02 18.19
C PRO E 323 -44.46 3.48 19.65
N GLN E 324 -44.87 2.57 20.53
CA GLN E 324 -44.88 2.78 21.98
C GLN E 324 -43.49 3.11 22.56
N MET E 325 -42.43 2.52 21.99
CA MET E 325 -41.04 2.78 22.39
C MET E 325 -40.55 4.18 22.01
N LYS E 326 -41.27 4.84 21.11
CA LYS E 326 -40.96 6.19 20.68
C LYS E 326 -41.71 7.23 21.51
N THR E 327 -42.44 6.75 22.52
CA THR E 327 -43.17 7.60 23.46
C THR E 327 -42.56 7.43 24.84
N GLY E 328 -42.31 8.55 25.52
CA GLY E 328 -41.70 8.53 26.85
C GLY E 328 -41.76 9.91 27.47
N LYS E 329 -41.38 9.99 28.74
CA LYS E 329 -41.39 11.27 29.46
C LYS E 329 -40.36 12.27 28.91
N THR E 330 -39.15 11.77 28.64
CA THR E 330 -38.03 12.62 28.24
C THR E 330 -37.29 12.08 27.01
N ILE E 331 -36.48 12.94 26.39
CA ILE E 331 -35.68 12.60 25.22
C ILE E 331 -34.67 11.47 25.48
N PHE E 332 -34.28 11.30 26.75
CA PHE E 332 -33.38 10.21 27.15
C PHE E 332 -34.10 8.88 27.40
N GLU E 333 -35.41 8.96 27.64
CA GLU E 333 -36.22 7.77 27.91
C GLU E 333 -36.50 7.00 26.61
N VAL E 334 -36.84 7.76 25.58
CA VAL E 334 -37.26 7.25 24.27
C VAL E 334 -36.18 6.45 23.56
N TRP E 335 -36.55 5.28 23.07
CA TRP E 335 -35.66 4.45 22.26
C TRP E 335 -35.36 5.16 20.93
N GLY E 336 -34.07 5.33 20.65
CA GLY E 336 -33.62 6.10 19.50
C GLY E 336 -33.25 5.26 18.29
N GLY E 337 -33.53 5.81 17.12
CA GLY E 337 -33.31 5.13 15.84
C GLY E 337 -34.27 5.72 14.84
N ILE E 338 -33.90 5.70 13.56
CA ILE E 338 -34.71 6.33 12.52
C ILE E 338 -35.11 5.31 11.45
N ALA E 339 -36.41 5.26 11.15
CA ALA E 339 -36.92 4.47 10.03
C ALA E 339 -36.81 5.32 8.76
N GLY E 340 -36.05 4.86 7.77
CA GLY E 340 -35.81 5.66 6.59
C GLY E 340 -35.14 5.01 5.41
N CYS E 341 -35.21 3.68 5.31
CA CYS E 341 -34.50 2.96 4.24
C CYS E 341 -35.24 2.93 2.89
N GLN E 342 -36.49 3.38 2.90
CA GLN E 342 -37.26 3.60 1.70
C GLN E 342 -36.95 4.97 1.09
N ASN E 343 -36.42 5.88 1.91
CA ASN E 343 -36.27 7.26 1.47
C ASN E 343 -34.84 7.76 1.26
N THR E 344 -33.89 6.85 1.39
CA THR E 344 -32.47 7.15 1.20
C THR E 344 -32.17 7.80 -0.16
N LEU E 345 -32.45 7.08 -1.26
CA LEU E 345 -32.30 7.62 -2.61
C LEU E 345 -33.08 8.92 -2.84
N ALA E 346 -34.29 9.01 -2.30
CA ALA E 346 -35.14 10.19 -2.47
C ALA E 346 -34.54 11.45 -1.84
N VAL E 347 -34.00 11.31 -0.63
CA VAL E 347 -33.35 12.41 0.08
C VAL E 347 -32.15 12.93 -0.70
N MET E 348 -31.35 12.00 -1.22
CA MET E 348 -30.17 12.32 -1.99
C MET E 348 -30.45 13.00 -3.33
N LEU E 349 -31.54 12.58 -3.99
CA LEU E 349 -31.99 13.25 -5.22
C LEU E 349 -32.53 14.65 -4.92
N THR E 350 -33.24 14.77 -3.80
CA THR E 350 -33.90 16.04 -3.41
C THR E 350 -32.92 17.03 -2.79
N GLU E 351 -32.22 16.61 -1.74
CA GLU E 351 -31.26 17.47 -1.07
C GLU E 351 -30.00 17.65 -1.90
N GLY E 352 -29.46 16.55 -2.41
CA GLY E 352 -28.15 16.57 -3.05
C GLY E 352 -28.22 17.08 -4.47
N TYR E 353 -28.91 16.34 -5.32
CA TYR E 353 -28.99 16.65 -6.74
C TYR E 353 -29.75 17.94 -7.05
N HIS E 354 -31.00 18.01 -6.59
CA HIS E 354 -31.85 19.15 -6.94
C HIS E 354 -31.53 20.44 -6.18
N LYS E 355 -31.38 20.35 -4.85
CA LYS E 355 -31.10 21.55 -4.05
C LYS E 355 -29.64 21.98 -4.17
N ARG E 356 -28.71 21.05 -3.91
CA ARG E 356 -27.29 21.39 -3.74
C ARG E 356 -26.40 21.12 -4.96
N LYS E 357 -26.99 20.60 -6.03
CA LYS E 357 -26.34 20.39 -7.33
C LYS E 357 -25.18 19.37 -7.30
N MET E 358 -25.35 18.32 -6.50
CA MET E 358 -24.42 17.19 -6.48
C MET E 358 -24.61 16.35 -7.75
N PRO E 359 -23.51 15.92 -8.38
CA PRO E 359 -23.64 15.11 -9.61
C PRO E 359 -24.42 13.82 -9.33
N LEU E 360 -25.24 13.42 -10.31
CA LEU E 360 -26.05 12.23 -10.21
C LEU E 360 -25.19 10.96 -10.12
N THR E 361 -24.02 10.99 -10.77
CA THR E 361 -23.06 9.90 -10.75
C THR E 361 -22.50 9.67 -9.34
N GLN E 362 -22.37 10.74 -8.58
CA GLN E 362 -21.86 10.67 -7.23
C GLN E 362 -22.87 9.99 -6.28
N ILE E 363 -24.16 10.14 -6.56
CA ILE E 363 -25.20 9.40 -5.84
C ILE E 363 -25.00 7.89 -6.03
N VAL E 364 -24.74 7.47 -7.28
CA VAL E 364 -24.51 6.06 -7.60
C VAL E 364 -23.25 5.54 -6.90
N GLN E 365 -22.21 6.35 -6.88
CA GLN E 365 -20.98 6.02 -6.18
C GLN E 365 -21.26 5.80 -4.68
N LEU E 366 -21.96 6.73 -4.06
CA LEU E 366 -22.13 6.72 -2.61
C LEU E 366 -23.21 5.74 -2.10
N LEU E 367 -24.20 5.42 -2.93
CA LEU E 367 -25.30 4.58 -2.47
C LEU E 367 -25.25 3.15 -3.00
N SER E 368 -24.54 2.97 -4.11
CA SER E 368 -24.53 1.68 -4.81
C SER E 368 -23.13 1.09 -5.00
N THR E 369 -22.25 1.86 -5.64
CA THR E 369 -20.97 1.37 -6.14
C THR E 369 -19.91 1.15 -5.05
N GLU E 370 -19.68 2.16 -4.21
CA GLU E 370 -18.73 2.05 -3.10
C GLU E 370 -19.12 1.03 -2.03
N PRO E 371 -20.42 0.97 -1.64
CA PRO E 371 -20.79 -0.19 -0.82
C PRO E 371 -20.33 -1.53 -1.43
N ALA E 372 -20.55 -1.73 -2.73
CA ALA E 372 -20.13 -2.96 -3.38
C ALA E 372 -18.61 -3.13 -3.39
N LYS E 373 -17.89 -2.05 -3.72
CA LYS E 373 -16.42 -2.06 -3.75
C LYS E 373 -15.81 -2.40 -2.40
N ARG E 374 -16.20 -1.65 -1.36
CA ARG E 374 -15.69 -1.84 0.00
C ARG E 374 -15.89 -3.24 0.57
N PHE E 375 -16.97 -3.90 0.15
CA PHE E 375 -17.34 -5.18 0.71
C PHE E 375 -17.19 -6.35 -0.28
N GLY E 376 -16.48 -6.11 -1.37
CA GLY E 376 -16.09 -7.17 -2.29
C GLY E 376 -17.19 -7.79 -3.14
N LEU E 377 -18.10 -6.97 -3.63
CA LEU E 377 -19.20 -7.43 -4.48
C LEU E 377 -19.24 -6.64 -5.79
N TYR E 378 -18.14 -5.98 -6.12
CA TYR E 378 -17.99 -5.20 -7.34
C TYR E 378 -17.04 -5.97 -8.25
N PRO E 379 -17.36 -6.08 -9.55
CA PRO E 379 -18.42 -5.40 -10.31
C PRO E 379 -19.77 -6.12 -10.41
N GLN E 380 -19.95 -7.20 -9.64
CA GLN E 380 -21.22 -7.95 -9.65
C GLN E 380 -22.41 -7.05 -9.26
N LYS E 381 -22.21 -6.24 -8.21
CA LYS E 381 -23.18 -5.23 -7.79
C LYS E 381 -22.63 -3.82 -8.03
N GLY E 382 -23.51 -2.83 -8.05
CA GLY E 382 -23.11 -1.43 -8.22
C GLY E 382 -22.73 -0.98 -9.62
N THR E 383 -23.00 -1.82 -10.63
CA THR E 383 -22.70 -1.48 -12.01
C THR E 383 -23.83 -1.82 -12.97
N ILE E 384 -23.90 -1.10 -14.08
CA ILE E 384 -24.67 -1.55 -15.23
C ILE E 384 -23.67 -1.87 -16.32
N GLN E 385 -23.30 -3.14 -16.38
CA GLN E 385 -22.36 -3.63 -17.39
C GLN E 385 -22.67 -5.08 -17.72
N VAL E 386 -22.22 -5.53 -18.88
CA VAL E 386 -22.33 -6.92 -19.31
C VAL E 386 -21.75 -7.88 -18.27
N GLY E 387 -22.54 -8.89 -17.91
CA GLY E 387 -22.07 -9.92 -16.99
C GLY E 387 -22.48 -9.64 -15.56
N ALA E 388 -22.81 -8.39 -15.28
CA ALA E 388 -23.14 -7.99 -13.92
C ALA E 388 -24.57 -8.35 -13.59
N GLU E 389 -24.85 -8.44 -12.29
CA GLU E 389 -26.18 -8.77 -11.76
C GLU E 389 -27.23 -7.75 -12.20
N ALA E 390 -28.33 -8.26 -12.77
CA ALA E 390 -29.39 -7.42 -13.31
C ALA E 390 -30.23 -6.82 -12.19
N SER E 391 -29.59 -5.95 -11.43
CA SER E 391 -30.24 -5.24 -10.36
C SER E 391 -30.13 -3.76 -10.65
N PHE E 392 -31.27 -3.14 -10.93
CA PHE E 392 -31.33 -1.73 -11.24
C PHE E 392 -32.69 -1.12 -10.97
N THR E 393 -32.69 0.20 -10.82
CA THR E 393 -33.90 0.93 -10.51
C THR E 393 -34.15 2.04 -11.55
N LEU E 394 -35.42 2.29 -11.83
CA LEU E 394 -35.81 3.36 -12.74
C LEU E 394 -36.44 4.51 -11.99
N ILE E 395 -35.90 5.70 -12.18
CA ILE E 395 -36.35 6.90 -11.49
C ILE E 395 -36.85 7.96 -12.47
N ASP E 396 -37.99 8.55 -12.15
CA ASP E 396 -38.38 9.80 -12.77
C ASP E 396 -37.74 10.90 -11.95
N LEU E 397 -36.77 11.58 -12.52
CA LEU E 397 -35.98 12.52 -11.80
C LEU E 397 -36.71 13.71 -11.31
N ASN E 398 -37.66 14.21 -12.08
CA ASN E 398 -38.27 15.49 -11.76
C ASN E 398 -39.59 15.39 -11.03
N GLU E 399 -40.10 14.17 -10.86
CA GLU E 399 -41.38 13.94 -10.22
C GLU E 399 -41.42 14.35 -8.74
N SER E 400 -42.23 15.37 -8.44
CA SER E 400 -42.45 15.85 -7.07
C SER E 400 -43.56 15.10 -6.37
N TYR E 401 -43.42 14.99 -5.04
CA TYR E 401 -44.38 14.29 -4.19
C TYR E 401 -44.08 14.55 -2.73
N THR E 402 -45.14 14.74 -1.94
CA THR E 402 -45.04 14.76 -0.49
C THR E 402 -45.12 13.33 0.03
N LEU E 403 -44.15 12.92 0.84
CA LEU E 403 -44.19 11.62 1.50
C LEU E 403 -45.15 11.65 2.69
N ASN E 404 -46.12 10.75 2.70
CA ASN E 404 -46.94 10.54 3.91
C ASN E 404 -46.98 9.08 4.37
N ALA E 405 -47.54 8.87 5.56
CA ALA E 405 -47.57 7.55 6.21
C ALA E 405 -48.13 6.43 5.33
N SER E 406 -49.08 6.79 4.46
CA SER E 406 -49.69 5.90 3.47
C SER E 406 -48.69 5.27 2.49
N ASP E 407 -47.67 6.04 2.09
CA ASP E 407 -46.70 5.58 1.10
C ASP E 407 -45.77 4.53 1.65
N LEU E 408 -45.59 4.53 2.97
CA LEU E 408 -44.54 3.74 3.63
C LEU E 408 -44.89 2.26 3.75
N TYR E 409 -43.91 1.42 3.40
CA TYR E 409 -44.07 -0.03 3.46
C TYR E 409 -43.43 -0.62 4.72
N TYR E 410 -43.04 0.23 5.67
CA TYR E 410 -42.55 -0.25 6.95
C TYR E 410 -43.68 -0.92 7.73
N ARG E 411 -43.31 -1.92 8.53
CA ARG E 411 -44.23 -2.58 9.47
C ARG E 411 -44.95 -1.52 10.28
N HIS E 412 -44.17 -0.55 10.74
CA HIS E 412 -44.69 0.61 11.44
C HIS E 412 -44.47 1.85 10.58
N PRO E 413 -45.53 2.29 9.86
CA PRO E 413 -45.45 3.35 8.85
C PRO E 413 -45.24 4.74 9.45
N ILE E 414 -44.30 4.84 10.39
CA ILE E 414 -43.95 6.12 11.00
C ILE E 414 -42.49 6.42 10.72
N SER E 415 -42.23 7.66 10.34
CA SER E 415 -40.90 8.13 9.97
C SER E 415 -40.83 9.64 10.14
N PRO E 416 -39.65 10.18 10.53
CA PRO E 416 -39.51 11.65 10.56
C PRO E 416 -39.54 12.27 9.17
N TYR E 417 -39.43 11.44 8.13
CA TYR E 417 -39.50 11.89 6.74
C TYR E 417 -40.92 12.20 6.27
N VAL E 418 -41.92 11.62 6.94
CA VAL E 418 -43.33 11.92 6.69
C VAL E 418 -43.54 13.45 6.68
N GLY E 419 -44.09 13.96 5.59
CA GLY E 419 -44.33 15.40 5.45
C GLY E 419 -43.35 16.08 4.51
N GLN E 420 -42.16 15.48 4.33
CA GLN E 420 -41.14 16.04 3.44
C GLN E 420 -41.57 16.03 1.98
N ARG E 421 -41.23 17.12 1.28
CA ARG E 421 -41.49 17.23 -0.14
C ARG E 421 -40.24 16.75 -0.89
N PHE E 422 -40.42 15.71 -1.71
CA PHE E 422 -39.31 15.13 -2.47
C PHE E 422 -39.40 15.42 -3.97
N ARG E 423 -38.30 15.19 -4.68
CA ARG E 423 -38.27 15.24 -6.13
C ARG E 423 -37.29 14.19 -6.67
N GLY E 424 -37.81 13.25 -7.44
CA GLY E 424 -37.06 12.05 -7.81
C GLY E 424 -37.76 10.86 -7.20
N LYS E 425 -38.62 10.21 -7.98
CA LYS E 425 -39.38 9.06 -7.50
C LYS E 425 -38.93 7.79 -8.21
N VAL E 426 -38.73 6.71 -7.45
CA VAL E 426 -38.48 5.44 -8.10
C VAL E 426 -39.79 4.89 -8.67
N LYS E 427 -39.70 4.39 -9.91
CA LYS E 427 -40.86 3.99 -10.67
C LYS E 427 -40.88 2.48 -10.81
N HIS E 428 -39.70 1.90 -11.06
CA HIS E 428 -39.55 0.45 -11.12
C HIS E 428 -38.29 0.05 -10.38
N THR E 429 -38.29 -1.18 -9.88
CA THR E 429 -37.10 -1.78 -9.29
C THR E 429 -36.99 -3.24 -9.75
N ILE E 430 -35.84 -3.57 -10.32
CA ILE E 430 -35.56 -4.90 -10.84
C ILE E 430 -34.40 -5.48 -10.02
N CYS E 431 -34.58 -6.69 -9.51
CA CYS E 431 -33.57 -7.34 -8.68
C CYS E 431 -33.27 -8.75 -9.18
N GLN E 432 -32.08 -8.94 -9.73
CA GLN E 432 -31.66 -10.22 -10.34
C GLN E 432 -32.65 -10.68 -11.43
N GLY E 433 -32.98 -9.74 -12.33
CA GLY E 433 -33.92 -9.99 -13.42
C GLY E 433 -35.40 -9.89 -13.04
N LYS E 434 -35.69 -9.96 -11.76
CA LYS E 434 -37.05 -10.05 -11.27
C LYS E 434 -37.59 -8.64 -11.03
N HIS E 435 -38.65 -8.30 -11.77
CA HIS E 435 -39.37 -7.04 -11.61
C HIS E 435 -40.13 -7.11 -10.29
N VAL E 436 -39.61 -6.38 -9.31
CA VAL E 436 -39.92 -6.62 -7.90
C VAL E 436 -40.71 -5.46 -7.27
N TYR E 437 -40.62 -4.29 -7.88
CA TYR E 437 -41.44 -3.15 -7.47
C TYR E 437 -41.88 -2.36 -8.69
N GLN E 438 -43.10 -1.82 -8.62
CA GLN E 438 -43.62 -0.92 -9.62
C GLN E 438 -44.51 0.12 -8.95
N ASP E 439 -44.21 1.40 -9.18
CA ASP E 439 -45.06 2.49 -8.76
C ASP E 439 -46.31 2.50 -9.66
N HIS E 440 -47.45 2.11 -9.09
CA HIS E 440 -48.71 1.80 -9.83
C HIS E 440 -48.52 0.78 -10.96
N ARG F 5 25.74 42.96 55.69
CA ARG F 5 24.87 43.65 54.70
C ARG F 5 24.25 42.65 53.72
N PHE F 6 25.07 41.72 53.23
CA PHE F 6 24.61 40.62 52.36
C PHE F 6 24.96 39.28 52.98
N ASP F 7 24.04 38.33 52.87
CA ASP F 7 24.25 36.97 53.38
C ASP F 7 25.28 36.20 52.56
N LEU F 8 25.22 36.36 51.24
CA LEU F 8 26.17 35.74 50.32
C LEU F 8 26.28 36.56 49.03
N ILE F 9 27.41 36.47 48.34
CA ILE F 9 27.57 37.08 47.03
C ILE F 9 28.29 36.16 46.05
N ILE F 10 27.66 35.90 44.91
CA ILE F 10 28.22 35.02 43.89
C ILE F 10 29.06 35.86 42.92
N ARG F 11 30.37 35.85 43.14
CA ARG F 11 31.30 36.72 42.43
C ARG F 11 31.81 36.14 41.11
N SER F 12 31.98 37.04 40.14
CA SER F 12 32.69 36.80 38.88
C SER F 12 32.09 35.75 37.93
N SER F 13 30.85 35.33 38.19
CA SER F 13 30.21 34.31 37.36
C SER F 13 29.63 34.90 36.09
N THR F 14 29.43 34.03 35.10
CA THR F 14 28.66 34.38 33.92
C THR F 14 27.24 33.91 34.16
N VAL F 15 26.33 34.85 34.40
CA VAL F 15 24.91 34.54 34.58
C VAL F 15 24.32 34.10 33.24
N VAL F 16 23.65 32.96 33.23
CA VAL F 16 22.87 32.56 32.05
C VAL F 16 21.42 32.33 32.50
N THR F 17 20.47 32.76 31.68
CA THR F 17 19.06 32.66 32.03
C THR F 17 18.28 31.96 30.92
N GLU F 18 16.95 32.13 30.94
N GLU F 18 16.95 32.12 30.93
CA GLU F 18 16.08 31.57 29.92
CA GLU F 18 16.10 31.55 29.88
C GLU F 18 16.21 32.31 28.57
C GLU F 18 16.29 32.28 28.55
N THR F 19 16.76 33.52 28.62
CA THR F 19 16.88 34.38 27.43
C THR F 19 18.30 34.89 27.13
N THR F 20 19.09 35.15 28.17
CA THR F 20 20.31 35.94 28.03
C THR F 20 21.55 35.39 28.76
N THR F 21 22.71 35.96 28.40
CA THR F 21 24.02 35.62 28.98
C THR F 21 24.79 36.92 29.23
N TYR F 22 25.35 37.05 30.44
CA TYR F 22 26.14 38.22 30.84
C TYR F 22 26.98 37.97 32.10
N ARG F 23 27.98 38.83 32.30
CA ARG F 23 28.86 38.80 33.46
C ARG F 23 28.32 39.74 34.55
N ALA F 24 28.10 39.19 35.74
CA ALA F 24 27.66 39.98 36.90
C ALA F 24 27.93 39.30 38.25
N ASP F 25 28.00 40.11 39.30
CA ASP F 25 27.98 39.61 40.68
C ASP F 25 26.52 39.62 41.17
N VAL F 26 26.17 38.66 42.02
CA VAL F 26 24.78 38.49 42.46
C VAL F 26 24.73 38.42 43.99
N ALA F 27 24.02 39.38 44.60
CA ALA F 27 24.03 39.52 46.06
C ALA F 27 22.74 39.06 46.73
N ILE F 28 22.89 38.19 47.72
CA ILE F 28 21.78 37.50 48.37
C ILE F 28 21.50 38.09 49.74
N ARG F 29 20.22 38.31 50.05
CA ARG F 29 19.79 38.77 51.38
C ARG F 29 18.47 38.10 51.77
N ASN F 30 18.50 37.36 52.88
CA ASN F 30 17.35 36.58 53.40
C ASN F 30 16.75 35.60 52.40
N GLY F 31 17.60 34.86 51.71
CA GLY F 31 17.17 33.81 50.80
C GLY F 31 16.67 34.25 49.44
N ILE F 32 16.77 35.56 49.17
CA ILE F 32 16.40 36.10 47.86
C ILE F 32 17.51 36.96 47.29
N VAL F 33 17.46 37.16 45.97
CA VAL F 33 18.38 38.05 45.29
C VAL F 33 18.04 39.50 45.66
N SER F 34 19.04 40.21 46.15
CA SER F 34 18.88 41.57 46.61
C SER F 34 19.43 42.51 45.56
N ALA F 35 20.54 42.12 44.95
CA ALA F 35 21.22 42.95 43.95
C ALA F 35 21.98 42.12 42.93
N ILE F 36 21.93 42.59 41.70
CA ILE F 36 22.80 42.11 40.63
C ILE F 36 23.56 43.34 40.13
N THR F 37 24.88 43.25 40.15
CA THR F 37 25.74 44.40 39.86
C THR F 37 26.83 44.01 38.87
N GLU F 38 27.49 45.01 38.28
CA GLU F 38 28.65 44.77 37.43
C GLU F 38 29.81 44.21 38.29
N PRO F 39 30.63 43.29 37.73
CA PRO F 39 31.72 42.59 38.43
C PRO F 39 32.59 43.45 39.36
N GLY F 40 32.48 43.21 40.66
CA GLY F 40 33.29 43.90 41.67
C GLY F 40 32.78 45.25 42.16
N SER F 41 31.51 45.55 41.91
CA SER F 41 30.92 46.82 42.33
C SER F 41 30.66 46.89 43.83
N ILE F 42 30.28 45.76 44.41
CA ILE F 42 30.05 45.68 45.86
C ILE F 42 31.37 45.45 46.58
N SER F 43 31.52 46.08 47.74
CA SER F 43 32.71 45.97 48.57
C SER F 43 33.08 44.52 48.89
N SER F 44 34.38 44.23 48.83
CA SER F 44 34.92 42.92 49.20
C SER F 44 34.66 42.57 50.68
N ASP F 45 34.29 43.59 51.47
CA ASP F 45 33.98 43.46 52.89
C ASP F 45 32.48 43.50 53.21
N ASP F 46 31.62 43.29 52.21
CA ASP F 46 30.17 43.37 52.41
C ASP F 46 29.40 42.04 52.35
N GLY F 47 30.13 40.94 52.32
CA GLY F 47 29.51 39.61 52.36
C GLY F 47 30.50 38.47 52.23
N PRO F 48 30.10 37.28 52.73
CA PRO F 48 30.80 36.03 52.39
C PRO F 48 30.60 35.74 50.91
N ALA F 49 31.62 35.20 50.25
CA ALA F 49 31.59 35.12 48.80
C ALA F 49 32.07 33.79 48.23
N ILE F 50 31.43 33.38 47.14
CA ILE F 50 31.89 32.24 46.35
C ILE F 50 32.48 32.80 45.07
N ASP F 51 33.69 32.35 44.73
CA ASP F 51 34.34 32.77 43.50
C ASP F 51 33.87 31.88 42.36
N GLY F 52 33.17 32.48 41.39
CA GLY F 52 32.70 31.76 40.21
C GLY F 52 33.42 32.12 38.92
N THR F 53 34.70 32.45 39.02
CA THR F 53 35.52 32.73 37.83
C THR F 53 35.64 31.48 36.97
N GLY F 54 35.29 31.63 35.70
CA GLY F 54 35.36 30.55 34.72
C GLY F 54 34.16 29.63 34.79
N LEU F 55 33.15 30.06 35.54
CA LEU F 55 31.95 29.27 35.77
C LEU F 55 30.70 30.01 35.31
N HIS F 56 29.64 29.26 35.02
CA HIS F 56 28.35 29.84 34.61
C HIS F 56 27.25 29.65 35.67
N LEU F 57 26.51 30.71 35.95
CA LEU F 57 25.43 30.67 36.95
C LEU F 57 24.09 30.46 36.27
N PHE F 58 23.53 29.27 36.45
CA PHE F 58 22.23 28.89 35.92
C PHE F 58 21.24 29.08 37.06
N PRO F 59 19.99 29.50 36.77
CA PRO F 59 18.97 29.49 37.84
C PRO F 59 18.65 28.04 38.18
N GLY F 60 18.51 27.73 39.46
CA GLY F 60 18.33 26.35 39.92
C GLY F 60 17.27 25.58 39.16
N MET F 61 17.63 24.36 38.73
CA MET F 61 16.72 23.50 37.97
C MET F 61 15.50 23.15 38.81
N VAL F 62 14.43 22.78 38.12
CA VAL F 62 13.18 22.36 38.75
C VAL F 62 12.77 21.05 38.07
N ASP F 63 12.86 19.95 38.80
CA ASP F 63 12.58 18.60 38.27
C ASP F 63 11.20 18.18 38.77
N VAL F 64 10.22 18.19 37.87
CA VAL F 64 8.82 17.98 38.21
C VAL F 64 8.40 16.51 38.30
N HIS F 65 9.37 15.62 38.09
CA HIS F 65 9.07 14.21 38.03
C HIS F 65 10.17 13.41 38.72
N VAL F 66 10.05 13.25 40.04
CA VAL F 66 10.90 12.30 40.77
C VAL F 66 10.08 11.37 41.66
N HIS F 67 10.61 10.18 41.88
CA HIS F 67 10.03 9.20 42.82
C HIS F 67 11.03 8.90 43.93
N PHE F 68 10.93 9.63 45.05
CA PHE F 68 11.86 9.36 46.16
C PHE F 68 11.34 8.30 47.11
N ASN F 69 10.04 8.01 47.01
CA ASN F 69 9.40 6.83 47.60
C ASN F 69 9.34 6.73 49.13
N GLU F 70 9.51 7.87 49.80
CA GLU F 70 9.42 7.92 51.26
C GLU F 70 8.11 8.58 51.69
N PRO F 71 7.33 7.93 52.58
CA PRO F 71 7.58 6.65 53.29
C PRO F 71 7.09 5.42 52.53
N GLY F 72 7.34 4.24 53.08
CA GLY F 72 6.84 3.00 52.51
C GLY F 72 7.87 2.23 51.73
N ARG F 73 8.51 2.89 50.77
CA ARG F 73 9.58 2.26 50.00
C ARG F 73 10.83 3.14 50.02
N THR F 74 11.12 3.68 51.20
CA THR F 74 12.25 4.59 51.45
C THR F 74 13.61 3.99 51.06
N GLU F 75 13.68 2.66 51.09
CA GLU F 75 14.89 1.90 50.75
C GLU F 75 15.22 1.99 49.27
N TRP F 76 14.27 2.45 48.47
CA TRP F 76 14.47 2.70 47.04
C TRP F 76 15.28 4.00 46.85
N GLU F 77 14.94 5.05 47.61
CA GLU F 77 15.69 6.31 47.56
C GLU F 77 15.67 7.05 48.90
N GLY F 78 14.58 7.74 49.16
CA GLY F 78 14.41 8.52 50.37
C GLY F 78 14.72 9.97 50.08
N PHE F 79 14.19 10.84 50.92
CA PHE F 79 14.36 12.29 50.77
C PHE F 79 15.81 12.74 50.89
N ALA F 80 16.52 12.20 51.88
CA ALA F 80 17.89 12.62 52.16
C ALA F 80 18.79 12.38 50.97
N SER F 81 18.86 11.13 50.51
CA SER F 81 19.74 10.78 49.40
C SER F 81 19.25 11.30 48.05
N GLY F 82 17.93 11.43 47.91
CA GLY F 82 17.31 11.95 46.70
C GLY F 82 17.63 13.42 46.50
N SER F 83 17.40 14.22 47.54
CA SER F 83 17.66 15.67 47.49
C SER F 83 19.16 16.00 47.38
N LYS F 84 20.00 15.11 47.91
CA LYS F 84 21.45 15.26 47.83
C LYS F 84 21.97 15.08 46.40
N SER F 85 21.40 14.12 45.67
CA SER F 85 21.73 13.86 44.27
C SER F 85 21.33 15.02 43.37
N LEU F 86 20.18 15.60 43.68
CA LEU F 86 19.66 16.74 42.95
C LEU F 86 20.59 17.94 43.10
N ALA F 87 21.05 18.18 44.33
CA ALA F 87 22.00 19.22 44.63
C ALA F 87 23.29 19.05 43.83
N ALA F 88 23.78 17.82 43.71
CA ALA F 88 24.98 17.52 42.92
C ALA F 88 24.73 17.59 41.40
N GLY F 89 23.49 17.85 41.01
CA GLY F 89 23.11 17.96 39.61
C GLY F 89 22.56 19.34 39.30
N GLY F 90 22.69 20.26 40.26
CA GLY F 90 22.24 21.63 40.08
C GLY F 90 20.76 21.84 40.25
N VAL F 91 20.08 20.90 40.88
CA VAL F 91 18.63 20.99 41.02
C VAL F 91 18.27 21.48 42.41
N THR F 92 17.47 22.53 42.47
CA THR F 92 17.11 23.16 43.76
C THR F 92 15.62 23.03 44.14
N THR F 93 14.78 22.54 43.22
CA THR F 93 13.37 22.23 43.53
C THR F 93 12.97 20.92 42.84
N TYR F 94 12.25 20.06 43.57
CA TYR F 94 11.67 18.87 42.95
C TYR F 94 10.21 18.69 43.32
N PHE F 95 9.44 18.07 42.43
CA PHE F 95 8.08 17.66 42.75
C PHE F 95 8.11 16.16 42.94
N ASP F 96 7.72 15.69 44.13
CA ASP F 96 7.68 14.25 44.38
C ASP F 96 6.35 13.64 43.98
N MET F 97 6.43 12.52 43.27
CA MET F 97 5.28 11.85 42.72
C MET F 97 4.54 11.07 43.80
N PRO F 98 3.24 10.79 43.60
CA PRO F 98 2.49 10.18 44.68
C PRO F 98 2.75 8.69 44.81
N LEU F 99 3.67 8.17 44.03
CA LEU F 99 3.72 6.74 43.94
C LEU F 99 5.06 6.09 44.15
N ASN F 100 4.95 4.77 44.33
CA ASN F 100 5.87 3.88 45.01
C ASN F 100 6.00 4.13 46.51
N SER F 101 5.99 5.41 46.87
CA SER F 101 5.64 5.84 48.21
C SER F 101 4.38 5.08 48.69
N ASN F 102 4.47 4.41 49.83
CA ASN F 102 3.42 3.48 50.26
C ASN F 102 2.92 3.75 51.69
N PRO F 103 1.59 3.93 51.88
CA PRO F 103 0.51 4.12 50.91
C PRO F 103 0.69 5.38 50.06
N PRO F 104 0.16 5.37 48.82
CA PRO F 104 0.29 6.50 47.92
C PRO F 104 -0.35 7.80 48.43
N THR F 105 0.09 8.93 47.89
CA THR F 105 -0.36 10.25 48.33
C THR F 105 -1.73 10.54 47.75
N ILE F 106 -2.73 9.81 48.24
CA ILE F 106 -4.08 9.85 47.66
C ILE F 106 -5.08 10.42 48.66
N THR F 107 -4.60 10.73 49.86
CA THR F 107 -5.40 11.40 50.89
C THR F 107 -4.53 12.50 51.51
N ARG F 108 -5.17 13.45 52.21
CA ARG F 108 -4.47 14.54 52.90
C ARG F 108 -3.54 14.02 54.00
N GLU F 109 -3.96 12.94 54.65
CA GLU F 109 -3.19 12.32 55.73
C GLU F 109 -1.84 11.82 55.22
N GLU F 110 -1.84 11.16 54.06
CA GLU F 110 -0.60 10.68 53.46
C GLU F 110 0.29 11.80 52.89
N LEU F 111 -0.33 12.93 52.55
CA LEU F 111 0.39 14.12 52.12
C LEU F 111 1.10 14.76 53.31
N ASP F 112 0.37 14.88 54.43
CA ASP F 112 0.89 15.42 55.67
C ASP F 112 2.15 14.66 56.09
N LYS F 113 2.10 13.33 56.10
CA LYS F 113 3.24 12.47 56.48
C LYS F 113 4.48 12.67 55.60
N LYS F 114 4.27 12.82 54.30
CA LYS F 114 5.36 12.96 53.35
C LYS F 114 6.02 14.32 53.54
N ARG F 115 5.18 15.32 53.79
CA ARG F 115 5.60 16.69 54.03
C ARG F 115 6.55 16.82 55.22
N GLN F 116 6.25 16.13 56.33
CA GLN F 116 7.09 16.18 57.54
C GLN F 116 8.43 15.50 57.36
N LEU F 117 8.43 14.39 56.61
CA LEU F 117 9.65 13.70 56.25
C LEU F 117 10.50 14.52 55.29
N ALA F 118 9.85 15.26 54.39
CA ALA F 118 10.54 16.19 53.50
C ALA F 118 11.12 17.38 54.27
N ASN F 119 10.29 18.03 55.09
CA ASN F 119 10.71 19.14 55.95
C ASN F 119 11.91 18.79 56.84
N GLU F 120 11.97 17.54 57.29
CA GLU F 120 13.04 17.07 58.14
C GLU F 120 14.32 16.76 57.36
N LYS F 121 14.18 16.29 56.12
CA LYS F 121 15.31 15.66 55.40
C LYS F 121 15.75 16.23 54.05
N SER F 122 14.92 17.05 53.41
CA SER F 122 15.22 17.55 52.08
C SER F 122 16.28 18.65 52.11
N LEU F 123 17.36 18.42 51.37
CA LEU F 123 18.43 19.39 51.22
C LEU F 123 17.98 20.59 50.38
N VAL F 124 17.16 20.33 49.36
CA VAL F 124 16.64 21.36 48.47
C VAL F 124 15.12 21.56 48.63
N ASP F 125 14.52 22.50 47.91
CA ASP F 125 13.08 22.75 48.00
C ASP F 125 12.24 21.62 47.37
N TYR F 126 10.97 21.53 47.77
CA TYR F 126 10.10 20.42 47.40
C TYR F 126 8.65 20.86 47.22
N ARG F 127 7.94 20.19 46.31
CA ARG F 127 6.49 20.24 46.25
C ARG F 127 5.99 18.82 46.04
N PHE F 128 4.67 18.63 46.07
CA PHE F 128 4.11 17.28 45.95
C PHE F 128 3.01 17.16 44.90
N TRP F 129 2.99 16.01 44.23
CA TRP F 129 1.85 15.62 43.40
C TRP F 129 0.93 14.77 44.27
N GLY F 130 -0.36 15.11 44.28
CA GLY F 130 -1.38 14.22 44.84
C GLY F 130 -1.73 13.19 43.78
N GLY F 131 -2.26 12.05 44.19
CA GLY F 131 -2.63 11.03 43.22
C GLY F 131 -4.08 11.12 42.78
N LEU F 132 -4.34 10.76 41.53
CA LEU F 132 -5.70 10.46 41.07
C LEU F 132 -5.83 8.96 40.81
N VAL F 133 -6.70 8.31 41.59
CA VAL F 133 -6.96 6.86 41.49
C VAL F 133 -8.48 6.60 41.56
N PRO F 134 -8.95 5.45 41.00
CA PRO F 134 -10.36 5.08 41.25
C PRO F 134 -10.66 5.00 42.74
N GLY F 135 -11.68 5.72 43.18
CA GLY F 135 -12.07 5.78 44.58
C GLY F 135 -11.75 7.03 45.37
N ASN F 136 -10.70 7.78 44.97
CA ASN F 136 -10.24 8.94 45.76
C ASN F 136 -10.70 10.34 45.29
N ILE F 137 -11.74 10.38 44.46
CA ILE F 137 -12.27 11.65 43.91
C ILE F 137 -12.68 12.65 45.01
N ASP F 138 -13.10 12.13 46.16
CA ASP F 138 -13.55 12.98 47.27
C ASP F 138 -12.39 13.54 48.11
N HIS F 139 -11.18 13.09 47.83
CA HIS F 139 -10.00 13.53 48.55
C HIS F 139 -9.21 14.60 47.79
N LEU F 140 -9.59 14.85 46.53
CA LEU F 140 -8.86 15.77 45.67
C LEU F 140 -8.90 17.23 46.16
N GLN F 141 -10.09 17.71 46.51
CA GLN F 141 -10.27 19.02 47.13
C GLN F 141 -9.37 19.17 48.37
N ASP F 142 -9.36 18.13 49.20
CA ASP F 142 -8.56 18.03 50.41
C ASP F 142 -7.05 18.03 50.13
N LEU F 143 -6.65 17.38 49.03
CA LEU F 143 -5.24 17.33 48.60
C LEU F 143 -4.76 18.68 48.05
N HIS F 144 -5.63 19.35 47.31
CA HIS F 144 -5.32 20.66 46.73
C HIS F 144 -5.12 21.73 47.79
N ASP F 145 -5.89 21.64 48.88
CA ASP F 145 -5.79 22.58 49.99
C ASP F 145 -4.54 22.32 50.81
N GLY F 146 -4.08 21.07 50.79
CA GLY F 146 -2.82 20.68 51.44
C GLY F 146 -1.60 21.10 50.65
N GLY F 147 -1.81 21.66 49.46
CA GLY F 147 -0.75 22.37 48.75
C GLY F 147 -0.13 21.68 47.57
N VAL F 148 -0.77 20.61 47.08
CA VAL F 148 -0.25 19.90 45.91
C VAL F 148 -0.28 20.82 44.68
N ILE F 149 0.74 20.67 43.84
CA ILE F 149 0.90 21.48 42.63
C ILE F 149 0.17 20.88 41.42
N GLY F 150 -0.43 19.72 41.64
CA GLY F 150 -1.10 18.98 40.58
C GLY F 150 -1.40 17.55 41.00
N PHE F 151 -2.01 16.80 40.08
CA PHE F 151 -2.48 15.46 40.35
C PHE F 151 -1.92 14.53 39.30
N LYS F 152 -1.60 13.30 39.70
CA LYS F 152 -1.06 12.33 38.77
C LYS F 152 -1.93 11.09 38.60
N ALA F 153 -2.15 10.73 37.34
CA ALA F 153 -2.93 9.54 36.99
C ALA F 153 -2.17 8.59 36.10
N PHE F 154 -2.48 7.31 36.22
CA PHE F 154 -1.95 6.29 35.33
C PHE F 154 -3.02 5.80 34.36
N MET F 155 -2.67 5.73 33.08
CA MET F 155 -3.56 5.20 32.05
C MET F 155 -3.20 3.73 31.78
N SER F 156 -2.08 3.29 32.36
CA SER F 156 -1.65 1.89 32.33
C SER F 156 -1.31 1.38 33.72
N GLU F 157 -1.41 0.06 33.89
CA GLU F 157 -0.91 -0.60 35.10
C GLU F 157 0.53 -0.17 35.38
N CYS F 158 0.83 0.14 36.64
CA CYS F 158 2.17 0.60 37.01
C CYS F 158 3.04 -0.50 37.64
N GLY F 159 2.44 -1.67 37.86
CA GLY F 159 3.19 -2.80 38.40
C GLY F 159 3.45 -2.74 39.90
N THR F 160 2.81 -1.80 40.57
CA THR F 160 2.71 -1.82 42.03
C THR F 160 1.23 -1.71 42.37
N ASP F 161 0.74 -2.69 43.12
CA ASP F 161 -0.70 -2.89 43.35
C ASP F 161 -1.40 -1.80 44.17
N ASP F 162 -0.61 -0.95 44.81
CA ASP F 162 -1.15 0.11 45.67
C ASP F 162 -1.50 1.38 44.90
N PHE F 163 -1.00 1.52 43.69
CA PHE F 163 -1.43 2.63 42.83
C PHE F 163 -2.22 2.14 41.62
N GLN F 164 -3.54 2.17 41.77
CA GLN F 164 -4.44 1.73 40.71
C GLN F 164 -4.54 2.73 39.57
N PHE F 165 -4.35 2.23 38.35
CA PHE F 165 -4.51 3.08 37.16
C PHE F 165 -5.97 3.47 36.98
N SER F 166 -6.18 4.68 36.47
CA SER F 166 -7.53 5.20 36.30
C SER F 166 -8.13 4.78 34.98
N HIS F 167 -9.32 4.19 35.04
CA HIS F 167 -10.11 3.93 33.83
CA HIS F 167 -10.13 3.93 33.85
C HIS F 167 -10.75 5.24 33.36
N ASP F 168 -11.45 5.20 32.22
CA ASP F 168 -12.03 6.42 31.64
C ASP F 168 -13.00 7.15 32.57
N GLU F 169 -13.86 6.40 33.26
CA GLU F 169 -14.82 6.95 34.21
C GLU F 169 -14.18 7.72 35.39
N THR F 170 -13.06 7.20 35.88
CA THR F 170 -12.28 7.85 36.94
C THR F 170 -11.61 9.10 36.39
N LEU F 171 -11.03 8.95 35.21
CA LEU F 171 -10.33 10.03 34.53
C LEU F 171 -11.24 11.25 34.35
N LEU F 172 -12.44 11.03 33.83
CA LEU F 172 -13.40 12.10 33.54
C LEU F 172 -13.98 12.79 34.78
N LYS F 173 -14.32 12.01 35.81
CA LYS F 173 -14.78 12.58 37.08
C LYS F 173 -13.67 13.40 37.76
N GLY F 174 -12.47 12.85 37.77
CA GLY F 174 -11.32 13.52 38.37
C GLY F 174 -10.98 14.83 37.69
N MET F 175 -10.90 14.80 36.36
CA MET F 175 -10.58 15.99 35.55
C MET F 175 -11.60 17.12 35.75
N LYS F 176 -12.86 16.74 35.99
CA LYS F 176 -13.95 17.71 36.24
C LYS F 176 -13.68 18.52 37.50
N LYS F 177 -13.30 17.83 38.58
CA LYS F 177 -12.95 18.50 39.83
C LYS F 177 -11.60 19.21 39.76
N ILE F 178 -10.62 18.58 39.09
CA ILE F 178 -9.27 19.16 38.95
C ILE F 178 -9.35 20.51 38.23
N ALA F 179 -10.14 20.57 37.15
CA ALA F 179 -10.49 21.81 36.47
C ALA F 179 -11.12 22.85 37.41
N ALA F 180 -12.04 22.39 38.26
CA ALA F 180 -12.78 23.27 39.17
C ALA F 180 -11.92 23.82 40.31
N LEU F 181 -10.78 23.17 40.57
CA LEU F 181 -9.85 23.58 41.62
C LEU F 181 -8.79 24.54 41.09
N GLY F 182 -8.77 24.70 39.76
CA GLY F 182 -7.75 25.52 39.11
C GLY F 182 -6.43 24.79 39.09
N SER F 183 -6.49 23.45 39.09
CA SER F 183 -5.32 22.61 39.19
C SER F 183 -4.95 22.04 37.80
N ILE F 184 -4.16 20.97 37.79
CA ILE F 184 -3.66 20.37 36.56
C ILE F 184 -3.46 18.85 36.77
N LEU F 185 -3.65 18.07 35.71
CA LEU F 185 -3.50 16.62 35.78
C LEU F 185 -2.34 16.09 34.93
N ALA F 186 -1.43 15.36 35.56
CA ALA F 186 -0.36 14.70 34.81
C ALA F 186 -0.75 13.27 34.54
N VAL F 187 -0.45 12.79 33.34
CA VAL F 187 -0.79 11.41 33.01
C VAL F 187 0.39 10.59 32.49
N HIS F 188 0.47 9.35 32.94
CA HIS F 188 1.31 8.36 32.29
C HIS F 188 0.48 7.84 31.13
N ALA F 189 0.75 8.35 29.94
CA ALA F 189 -0.05 8.05 28.77
C ALA F 189 0.49 6.86 27.96
N GLU F 190 0.12 5.66 28.40
CA GLU F 190 0.25 4.46 27.60
C GLU F 190 -1.10 3.74 27.57
N SER F 191 -1.30 2.90 26.56
CA SER F 191 -2.59 2.29 26.30
C SER F 191 -2.62 0.88 26.90
N ASN F 192 -3.32 0.76 28.03
CA ASN F 192 -3.28 -0.41 28.92
C ASN F 192 -3.52 -1.77 28.24
N GLU F 193 -4.60 -1.87 27.47
CA GLU F 193 -4.97 -3.13 26.83
C GLU F 193 -4.12 -3.42 25.61
N MET F 194 -3.67 -2.37 24.92
CA MET F 194 -2.69 -2.50 23.84
C MET F 194 -1.39 -3.08 24.40
N VAL F 195 -0.99 -2.58 25.57
CA VAL F 195 0.28 -2.94 26.19
C VAL F 195 0.34 -4.40 26.63
N ASN F 196 -0.57 -4.84 27.49
CA ASN F 196 -0.46 -6.20 27.99
C ASN F 196 -1.02 -7.30 27.07
N ALA F 197 -1.70 -6.92 25.99
CA ALA F 197 -2.02 -7.88 24.94
C ALA F 197 -0.77 -8.17 24.13
N LEU F 198 0.05 -7.14 23.91
CA LEU F 198 1.30 -7.31 23.18
C LEU F 198 2.41 -7.93 24.04
N THR F 199 2.44 -7.57 25.32
CA THR F 199 3.37 -8.11 26.31
C THR F 199 3.18 -9.63 26.46
N THR F 200 1.93 -10.06 26.57
CA THR F 200 1.58 -11.49 26.66
C THR F 200 2.07 -12.25 25.43
N ILE F 201 1.75 -11.74 24.25
CA ILE F 201 2.14 -12.33 22.97
C ILE F 201 3.67 -12.42 22.81
N ALA F 202 4.39 -11.39 23.26
CA ALA F 202 5.86 -11.39 23.26
C ALA F 202 6.45 -12.47 24.18
N ILE F 203 5.83 -12.62 25.35
CA ILE F 203 6.23 -13.61 26.37
C ILE F 203 5.96 -15.05 25.90
N GLU F 204 4.76 -15.29 25.38
CA GLU F 204 4.37 -16.61 24.84
C GLU F 204 5.18 -17.06 23.63
N GLU F 205 5.62 -16.11 22.81
CA GLU F 205 6.39 -16.40 21.59
C GLU F 205 7.90 -16.42 21.81
N GLN F 206 8.31 -16.26 23.08
CA GLN F 206 9.73 -16.26 23.51
C GLN F 206 10.60 -15.18 22.86
N ARG F 207 10.00 -14.04 22.57
CA ARG F 207 10.72 -12.89 22.00
C ARG F 207 11.06 -11.92 23.13
N LEU F 208 12.31 -11.99 23.60
CA LEU F 208 12.72 -11.38 24.87
C LEU F 208 13.86 -10.36 24.76
N THR F 209 14.12 -9.87 23.54
CA THR F 209 15.11 -8.80 23.35
C THR F 209 14.54 -7.43 23.71
N VAL F 210 15.40 -6.42 23.68
CA VAL F 210 15.00 -5.07 24.07
C VAL F 210 14.07 -4.43 23.04
N LYS F 211 14.24 -4.78 21.78
CA LYS F 211 13.39 -4.32 20.69
C LYS F 211 11.98 -4.87 20.87
N ASP F 212 11.89 -6.12 21.33
CA ASP F 212 10.60 -6.78 21.60
C ASP F 212 9.86 -6.16 22.78
N TYR F 213 10.60 -5.62 23.75
CA TYR F 213 9.98 -4.92 24.87
C TYR F 213 9.48 -3.56 24.39
N SER F 214 10.29 -2.88 23.58
CA SER F 214 9.91 -1.60 22.98
C SER F 214 8.65 -1.72 22.13
N GLU F 215 8.58 -2.80 21.35
CA GLU F 215 7.44 -3.07 20.48
C GLU F 215 6.24 -3.64 21.23
N ALA F 216 6.43 -4.07 22.47
CA ALA F 216 5.32 -4.56 23.29
C ALA F 216 4.57 -3.37 23.89
N ARG F 217 5.26 -2.24 23.99
CA ARG F 217 4.65 -0.96 24.39
C ARG F 217 5.00 0.10 23.34
N PRO F 218 4.41 0.00 22.13
CA PRO F 218 4.92 0.78 20.99
C PRO F 218 4.47 2.23 20.99
N ILE F 219 5.02 3.03 20.07
CA ILE F 219 4.67 4.45 19.97
C ILE F 219 3.18 4.66 19.69
N VAL F 220 2.60 3.80 18.86
CA VAL F 220 1.17 3.82 18.57
C VAL F 220 0.30 3.66 19.83
N SER F 221 0.84 3.02 20.88
CA SER F 221 0.16 2.94 22.17
C SER F 221 0.19 4.25 22.94
N GLU F 222 1.34 4.94 22.90
CA GLU F 222 1.46 6.28 23.46
C GLU F 222 0.49 7.23 22.77
N LEU F 223 0.43 7.14 21.44
CA LEU F 223 -0.46 7.97 20.64
C LEU F 223 -1.94 7.78 20.95
N GLU F 224 -2.35 6.52 21.16
CA GLU F 224 -3.73 6.21 21.53
C GLU F 224 -4.11 6.93 22.83
N ALA F 225 -3.27 6.75 23.85
CA ALA F 225 -3.53 7.29 25.19
C ALA F 225 -3.48 8.81 25.22
N VAL F 226 -2.56 9.39 24.46
CA VAL F 226 -2.46 10.83 24.38
C VAL F 226 -3.73 11.41 23.75
N GLU F 227 -4.19 10.81 22.65
CA GLU F 227 -5.40 11.27 21.98
C GLU F 227 -6.62 11.17 22.88
N ARG F 228 -6.72 10.05 23.61
CA ARG F 228 -7.82 9.81 24.55
CA ARG F 228 -7.82 9.81 24.55
C ARG F 228 -7.87 10.90 25.62
N ILE F 229 -6.73 11.20 26.24
CA ILE F 229 -6.68 12.24 27.26
C ILE F 229 -6.91 13.65 26.69
N LEU F 230 -6.45 13.91 25.47
CA LEU F 230 -6.66 15.19 24.82
C LEU F 230 -8.14 15.49 24.60
N ARG F 231 -8.89 14.46 24.18
CA ARG F 231 -10.34 14.56 23.98
C ARG F 231 -11.06 14.75 25.32
N PHE F 232 -10.65 14.00 26.34
CA PHE F 232 -11.17 14.17 27.69
C PHE F 232 -10.88 15.57 28.21
N ALA F 233 -9.66 16.06 27.98
CA ALA F 233 -9.30 17.42 28.37
C ALA F 233 -10.04 18.50 27.59
N GLN F 234 -10.40 18.20 26.34
CA GLN F 234 -11.23 19.08 25.52
C GLN F 234 -12.60 19.28 26.11
N LEU F 235 -13.23 18.17 26.49
CA LEU F 235 -14.54 18.17 27.15
C LEU F 235 -14.46 18.91 28.48
N THR F 236 -13.42 18.62 29.25
CA THR F 236 -13.38 19.06 30.64
C THR F 236 -12.80 20.46 30.87
N CYS F 237 -11.95 20.91 29.94
CA CYS F 237 -11.13 22.13 30.08
C CYS F 237 -10.22 22.01 31.28
N CYS F 238 -9.80 20.78 31.56
CA CYS F 238 -8.85 20.50 32.60
C CYS F 238 -7.45 20.55 32.00
N PRO F 239 -6.57 21.43 32.52
CA PRO F 239 -5.21 21.49 32.02
C PRO F 239 -4.51 20.15 32.24
N ILE F 240 -3.73 19.72 31.26
CA ILE F 240 -3.05 18.42 31.35
C ILE F 240 -1.56 18.51 31.05
N HIS F 241 -0.82 17.58 31.63
CA HIS F 241 0.59 17.47 31.35
C HIS F 241 0.92 16.01 30.97
N ILE F 242 1.47 15.81 29.76
CA ILE F 242 1.84 14.46 29.34
C ILE F 242 3.27 14.16 29.78
N CYS F 243 3.40 13.16 30.65
CA CYS F 243 4.70 12.74 31.17
C CYS F 243 5.51 11.97 30.13
N HIS F 244 6.83 11.94 30.32
CA HIS F 244 7.79 11.19 29.48
C HIS F 244 7.29 10.67 28.12
N VAL F 245 7.33 11.52 27.12
CA VAL F 245 7.04 11.11 25.76
C VAL F 245 8.33 10.62 25.10
N SER F 246 8.24 9.55 24.33
CA SER F 246 9.43 8.91 23.76
C SER F 246 9.69 9.25 22.29
N SER F 247 8.71 9.86 21.62
CA SER F 247 8.77 10.04 20.16
C SER F 247 8.21 11.37 19.69
N ARG F 248 8.81 11.92 18.65
CA ARG F 248 8.32 13.15 18.01
C ARG F 248 6.95 12.96 17.34
N LYS F 249 6.64 11.72 16.98
CA LYS F 249 5.31 11.37 16.47
C LYS F 249 4.20 11.69 17.46
N VAL F 250 4.49 11.52 18.75
CA VAL F 250 3.56 11.90 19.81
C VAL F 250 3.56 13.42 20.03
N LEU F 251 4.75 14.03 19.95
CA LEU F 251 4.89 15.49 20.11
C LEU F 251 4.11 16.26 19.05
N LYS F 252 4.07 15.71 17.84
CA LYS F 252 3.40 16.38 16.74
C LYS F 252 1.89 16.26 16.86
N ARG F 253 1.42 15.23 17.56
CA ARG F 253 0.02 15.08 17.83
C ARG F 253 -0.41 16.13 18.85
N ILE F 254 0.43 16.31 19.86
CA ILE F 254 0.22 17.32 20.91
C ILE F 254 0.25 18.74 20.33
N LYS F 255 1.20 18.99 19.41
CA LYS F 255 1.29 20.25 18.70
C LYS F 255 0.00 20.57 17.93
N GLN F 256 -0.61 19.55 17.32
CA GLN F 256 -1.90 19.71 16.66
C GLN F 256 -2.99 20.12 17.65
N ALA F 257 -3.05 19.41 18.79
CA ALA F 257 -4.00 19.72 19.86
C ALA F 257 -3.85 21.14 20.44
N LYS F 258 -2.61 21.57 20.67
CA LYS F 258 -2.30 22.92 21.16
C LYS F 258 -2.86 23.98 20.22
N GLY F 259 -2.73 23.74 18.91
CA GLY F 259 -3.27 24.63 17.89
C GLY F 259 -4.79 24.63 17.80
N GLU F 260 -5.42 23.58 18.34
CA GLU F 260 -6.88 23.51 18.43
C GLU F 260 -7.35 24.05 19.78
N GLY F 261 -6.41 24.55 20.59
CA GLY F 261 -6.73 25.27 21.83
C GLY F 261 -6.65 24.45 23.12
N VAL F 262 -6.21 23.21 23.03
CA VAL F 262 -6.13 22.35 24.21
C VAL F 262 -5.01 22.81 25.12
N ASN F 263 -5.31 22.96 26.40
CA ASN F 263 -4.32 23.31 27.40
C ASN F 263 -3.46 22.08 27.77
N VAL F 264 -2.40 21.85 26.99
CA VAL F 264 -1.47 20.73 27.21
C VAL F 264 -0.04 21.20 27.31
N SER F 265 0.72 20.56 28.18
CA SER F 265 2.17 20.65 28.12
C SER F 265 2.67 19.23 27.99
N VAL F 266 3.90 19.09 27.51
CA VAL F 266 4.49 17.78 27.32
C VAL F 266 5.97 17.80 27.75
N GLU F 267 6.40 16.73 28.40
CA GLU F 267 7.80 16.60 28.80
C GLU F 267 8.46 15.44 28.08
N THR F 268 9.79 15.44 28.08
CA THR F 268 10.53 14.21 27.91
C THR F 268 11.61 14.09 28.99
N CYS F 269 12.44 13.06 28.88
CA CYS F 269 13.42 12.72 29.90
C CYS F 269 14.74 12.42 29.24
N PRO F 270 15.87 12.66 29.94
CA PRO F 270 17.17 12.64 29.28
C PRO F 270 17.52 11.30 28.66
N HIS F 271 17.02 10.20 29.21
CA HIS F 271 17.30 8.88 28.65
C HIS F 271 16.67 8.66 27.29
N TYR F 272 15.56 9.35 27.02
CA TYR F 272 14.97 9.34 25.67
C TYR F 272 15.78 10.17 24.68
N LEU F 273 16.66 11.01 25.21
CA LEU F 273 17.53 11.87 24.39
C LEU F 273 18.92 11.29 24.18
N LEU F 274 19.35 10.39 25.06
CA LEU F 274 20.69 9.78 24.96
C LEU F 274 20.64 8.32 24.49
N PHE F 275 19.65 7.57 24.97
CA PHE F 275 19.65 6.11 24.77
C PHE F 275 18.66 5.63 23.74
N SER F 276 19.18 4.93 22.73
CA SER F 276 18.37 4.24 21.75
C SER F 276 18.41 2.75 22.02
N LEU F 277 17.67 1.99 21.21
CA LEU F 277 17.63 0.52 21.27
C LEU F 277 19.01 -0.14 21.22
N ASP F 278 19.91 0.43 20.42
CA ASP F 278 21.29 -0.03 20.30
C ASP F 278 22.00 -0.03 21.65
N GLU F 279 21.89 1.09 22.36
CA GLU F 279 22.51 1.26 23.67
C GLU F 279 21.76 0.49 24.78
N PHE F 280 20.45 0.32 24.58
CA PHE F 280 19.59 -0.41 25.52
C PHE F 280 20.02 -1.88 25.55
N ALA F 281 20.30 -2.44 24.38
CA ALA F 281 20.88 -3.78 24.25
C ALA F 281 22.28 -3.86 24.84
N GLU F 282 23.04 -2.77 24.71
CA GLU F 282 24.40 -2.66 25.22
C GLU F 282 24.43 -2.52 26.76
N ILE F 283 23.49 -1.74 27.31
CA ILE F 283 23.44 -1.51 28.77
C ILE F 283 22.77 -2.68 29.51
N GLY F 284 21.74 -3.25 28.90
CA GLY F 284 20.98 -4.32 29.56
C GLY F 284 19.82 -3.80 30.38
N TYR F 285 19.55 -4.44 31.50
CA TYR F 285 18.32 -4.23 32.27
C TYR F 285 18.16 -2.85 32.90
N LEU F 286 19.26 -2.16 33.12
CA LEU F 286 19.26 -0.89 33.84
C LEU F 286 18.57 0.22 33.06
N ALA F 287 18.60 0.09 31.73
CA ALA F 287 17.99 1.07 30.85
C ALA F 287 16.55 0.72 30.46
N LYS F 288 15.88 -0.08 31.28
CA LYS F 288 14.47 -0.37 31.07
C LYS F 288 13.57 0.70 31.71
N CYS F 289 12.61 1.21 30.93
CA CYS F 289 11.66 2.20 31.42
C CYS F 289 10.30 2.09 30.71
N ALA F 290 9.34 2.89 31.16
CA ALA F 290 8.03 2.98 30.53
C ALA F 290 7.68 4.45 30.28
N PRO F 291 7.43 4.84 29.02
CA PRO F 291 7.50 4.08 27.78
C PRO F 291 8.95 3.67 27.51
N PRO F 292 9.17 2.58 26.74
CA PRO F 292 10.53 2.12 26.51
C PRO F 292 11.33 3.04 25.60
N LEU F 293 12.63 2.81 25.57
CA LEU F 293 13.51 3.50 24.65
C LEU F 293 13.20 3.02 23.22
N ARG F 294 13.59 3.82 22.24
CA ARG F 294 13.17 3.61 20.86
C ARG F 294 14.38 3.51 19.94
N GLU F 295 14.16 3.20 18.67
CA GLU F 295 15.23 3.12 17.68
C GLU F 295 15.99 4.47 17.52
N ARG F 296 17.20 4.42 16.97
CA ARG F 296 18.05 5.61 16.85
C ARG F 296 17.38 6.75 16.09
N GLN F 297 16.73 6.44 14.96
CA GLN F 297 15.99 7.44 14.19
C GLN F 297 14.98 8.22 15.03
N GLU F 298 14.34 7.53 15.96
CA GLU F 298 13.35 8.14 16.82
C GLU F 298 14.01 9.12 17.79
N VAL F 299 15.19 8.78 18.28
CA VAL F 299 15.96 9.62 19.20
C VAL F 299 16.43 10.90 18.50
N GLU F 300 16.91 10.74 17.26
CA GLU F 300 17.30 11.87 16.40
C GLU F 300 16.13 12.81 16.06
N ASP F 301 14.97 12.21 15.82
CA ASP F 301 13.76 12.97 15.50
C ASP F 301 13.21 13.67 16.73
N LEU F 302 13.37 13.04 17.90
CA LEU F 302 12.99 13.65 19.16
C LEU F 302 13.82 14.91 19.41
N TRP F 303 15.12 14.83 19.12
CA TRP F 303 16.02 15.99 19.19
C TRP F 303 15.61 17.13 18.26
N ASP F 304 15.22 16.78 17.04
CA ASP F 304 14.66 17.77 16.11
C ASP F 304 13.44 18.46 16.73
N GLY F 305 12.57 17.65 17.34
CA GLY F 305 11.38 18.15 18.03
C GLY F 305 11.73 19.12 19.13
N LEU F 306 12.75 18.76 19.92
CA LEU F 306 13.26 19.62 20.99
C LEU F 306 13.78 20.95 20.47
N MET F 307 14.59 20.90 19.41
CA MET F 307 15.18 22.09 18.83
C MET F 307 14.10 23.01 18.23
N ALA F 308 13.03 22.40 17.73
CA ALA F 308 11.88 23.11 17.17
C ALA F 308 10.93 23.71 18.22
N GLY F 309 11.10 23.33 19.50
CA GLY F 309 10.27 23.87 20.57
C GLY F 309 9.02 23.04 20.90
N GLU F 310 8.97 21.80 20.42
CA GLU F 310 7.79 20.95 20.58
C GLU F 310 7.68 20.29 21.97
N ILE F 311 8.73 20.42 22.79
CA ILE F 311 8.74 19.91 24.16
C ILE F 311 8.70 21.07 25.15
N ASP F 312 7.79 21.04 26.12
CA ASP F 312 7.69 22.15 27.06
C ASP F 312 8.78 22.14 28.13
N LEU F 313 9.12 20.95 28.63
CA LEU F 313 10.11 20.83 29.70
C LEU F 313 10.82 19.47 29.75
N ILE F 314 11.92 19.38 30.50
CA ILE F 314 12.61 18.11 30.72
C ILE F 314 12.59 17.80 32.22
N SER F 315 12.41 16.53 32.54
CA SER F 315 12.50 16.06 33.91
C SER F 315 13.16 14.69 33.88
N SER F 316 13.62 14.20 35.02
CA SER F 316 14.39 12.97 35.05
C SER F 316 13.55 11.70 34.97
N ASP F 317 12.35 11.75 35.54
CA ASP F 317 11.58 10.55 35.88
C ASP F 317 12.45 9.60 36.71
N HIS F 318 13.10 10.16 37.73
CA HIS F 318 13.98 9.40 38.60
C HIS F 318 13.19 8.29 39.25
N SER F 319 13.48 7.07 38.82
CA SER F 319 12.67 5.93 39.22
C SER F 319 13.54 4.77 39.72
N PRO F 320 14.11 4.90 40.94
CA PRO F 320 15.00 3.86 41.48
C PRO F 320 14.25 2.69 42.07
N SER F 321 14.97 1.62 42.37
CA SER F 321 14.44 0.47 43.08
C SER F 321 15.55 -0.18 43.89
N LEU F 322 15.24 -1.31 44.51
CA LEU F 322 16.26 -2.12 45.17
C LEU F 322 17.11 -2.78 44.07
N PRO F 323 18.44 -2.87 44.28
CA PRO F 323 19.34 -3.46 43.28
C PRO F 323 18.92 -4.85 42.77
N GLN F 324 18.39 -5.68 43.66
CA GLN F 324 17.89 -7.03 43.33
C GLN F 324 16.64 -7.06 42.44
N MET F 325 15.88 -5.95 42.44
CA MET F 325 14.69 -5.80 41.60
C MET F 325 15.07 -5.56 40.15
N LYS F 326 16.30 -5.11 39.93
CA LYS F 326 16.81 -4.83 38.59
C LYS F 326 17.45 -6.08 37.96
N THR F 327 17.37 -7.20 38.66
CA THR F 327 17.84 -8.48 38.14
C THR F 327 16.73 -9.54 38.14
N GLY F 328 15.96 -9.58 37.05
CA GLY F 328 14.95 -10.60 36.84
C GLY F 328 15.44 -11.68 35.89
N LYS F 329 14.50 -12.49 35.39
CA LYS F 329 14.80 -13.54 34.43
C LYS F 329 14.92 -12.96 33.01
N THR F 330 13.82 -12.37 32.53
CA THR F 330 13.77 -11.77 31.20
C THR F 330 13.55 -10.27 31.31
N ILE F 331 13.65 -9.56 30.18
CA ILE F 331 13.37 -8.11 30.13
C ILE F 331 12.00 -7.72 30.74
N PHE F 332 10.99 -8.58 30.56
CA PHE F 332 9.63 -8.34 31.07
C PHE F 332 9.46 -8.60 32.57
N GLU F 333 10.44 -9.29 33.17
CA GLU F 333 10.42 -9.64 34.59
C GLU F 333 11.00 -8.50 35.43
N VAL F 334 11.88 -7.71 34.82
CA VAL F 334 12.65 -6.68 35.51
C VAL F 334 11.80 -5.46 35.82
N TRP F 335 12.01 -4.87 37.00
CA TRP F 335 11.32 -3.64 37.36
C TRP F 335 11.91 -2.47 36.57
N GLY F 336 11.07 -1.83 35.77
CA GLY F 336 11.49 -0.76 34.87
C GLY F 336 11.45 0.62 35.49
N GLY F 337 12.50 1.39 35.21
CA GLY F 337 12.66 2.73 35.76
C GLY F 337 14.14 3.08 35.73
N ILE F 338 14.44 4.37 35.69
CA ILE F 338 15.82 4.84 35.53
C ILE F 338 16.21 5.83 36.62
N ALA F 339 17.34 5.52 37.26
CA ALA F 339 17.97 6.42 38.21
C ALA F 339 18.79 7.41 37.41
N GLY F 340 18.48 8.69 37.54
CA GLY F 340 19.10 9.67 36.65
C GLY F 340 19.09 11.13 37.06
N CYS F 341 18.45 11.46 38.18
CA CYS F 341 18.23 12.86 38.53
C CYS F 341 19.47 13.71 38.88
N GLN F 342 20.60 13.05 39.15
CA GLN F 342 21.88 13.76 39.36
C GLN F 342 22.56 14.16 38.04
N ASN F 343 22.11 13.56 36.94
CA ASN F 343 22.82 13.66 35.67
C ASN F 343 22.00 14.31 34.58
N THR F 344 20.85 14.88 34.95
CA THR F 344 19.91 15.45 34.00
C THR F 344 20.50 16.68 33.33
N LEU F 345 21.03 17.59 34.12
CA LEU F 345 21.76 18.73 33.58
C LEU F 345 22.97 18.23 32.76
N ALA F 346 23.70 17.25 33.30
CA ALA F 346 24.92 16.72 32.68
C ALA F 346 24.68 16.13 31.31
N VAL F 347 23.60 15.35 31.17
CA VAL F 347 23.21 14.81 29.87
C VAL F 347 22.89 15.94 28.89
N MET F 348 22.16 16.94 29.35
CA MET F 348 21.73 18.05 28.49
C MET F 348 22.89 18.91 27.99
N LEU F 349 23.82 19.27 28.87
CA LEU F 349 25.01 20.02 28.44
C LEU F 349 25.89 19.21 27.49
N THR F 350 26.00 17.91 27.75
CA THR F 350 26.85 17.02 26.94
C THR F 350 26.24 16.70 25.58
N GLU F 351 25.01 16.21 25.56
CA GLU F 351 24.34 15.84 24.30
C GLU F 351 23.76 17.04 23.55
N GLY F 352 23.13 17.95 24.27
CA GLY F 352 22.47 19.10 23.65
C GLY F 352 23.42 20.20 23.27
N TYR F 353 24.06 20.79 24.28
CA TYR F 353 24.96 21.93 24.10
C TYR F 353 26.23 21.63 23.31
N HIS F 354 27.00 20.61 23.71
CA HIS F 354 28.30 20.36 23.10
C HIS F 354 28.25 19.61 21.77
N LYS F 355 27.42 18.57 21.68
CA LYS F 355 27.35 17.78 20.46
C LYS F 355 26.36 18.35 19.45
N ARG F 356 25.19 18.74 19.92
CA ARG F 356 24.10 19.12 19.01
C ARG F 356 23.91 20.61 18.91
N LYS F 357 24.68 21.36 19.69
CA LYS F 357 24.72 22.82 19.65
C LYS F 357 23.38 23.50 19.99
N MET F 358 22.63 22.91 20.92
CA MET F 358 21.45 23.58 21.49
C MET F 358 21.96 24.74 22.34
N PRO F 359 21.26 25.88 22.33
CA PRO F 359 21.76 27.01 23.11
C PRO F 359 21.62 26.77 24.60
N LEU F 360 22.50 27.40 25.36
CA LEU F 360 22.59 27.29 26.81
C LEU F 360 21.33 27.81 27.50
N THR F 361 20.72 28.81 26.87
CA THR F 361 19.51 29.45 27.37
C THR F 361 18.31 28.51 27.33
N GLN F 362 18.29 27.61 26.35
CA GLN F 362 17.23 26.64 26.22
C GLN F 362 17.29 25.54 27.30
N ILE F 363 18.48 25.23 27.81
CA ILE F 363 18.58 24.27 28.91
C ILE F 363 17.95 24.88 30.17
N VAL F 364 18.14 26.18 30.35
CA VAL F 364 17.49 26.88 31.46
C VAL F 364 15.98 26.86 31.26
N GLN F 365 15.56 27.08 30.02
CA GLN F 365 14.14 27.09 29.68
C GLN F 365 13.47 25.75 30.00
N LEU F 366 14.06 24.66 29.50
CA LEU F 366 13.47 23.33 29.63
C LEU F 366 13.63 22.67 31.01
N LEU F 367 14.68 23.02 31.74
CA LEU F 367 14.93 22.33 33.01
C LEU F 367 14.57 23.14 34.24
N SER F 368 14.32 24.43 34.07
CA SER F 368 14.12 25.32 35.21
C SER F 368 12.91 26.23 35.02
N THR F 369 12.95 27.02 33.94
CA THR F 369 12.05 28.15 33.77
C THR F 369 10.61 27.75 33.43
N GLU F 370 10.45 26.86 32.46
CA GLU F 370 9.13 26.37 32.08
CA GLU F 370 9.13 26.37 32.09
C GLU F 370 8.51 25.41 33.13
N PRO F 371 9.34 24.52 33.74
CA PRO F 371 8.78 23.82 34.89
C PRO F 371 8.12 24.76 35.91
N ALA F 372 8.74 25.91 36.17
CA ALA F 372 8.17 26.88 37.11
C ALA F 372 6.91 27.55 36.56
N LYS F 373 6.96 27.98 35.31
CA LYS F 373 5.84 28.67 34.64
C LYS F 373 4.58 27.81 34.62
N ARG F 374 4.73 26.55 34.20
CA ARG F 374 3.60 25.64 34.04
C ARG F 374 2.88 25.37 35.35
N PHE F 375 3.62 25.40 36.46
CA PHE F 375 3.08 25.02 37.76
C PHE F 375 2.96 26.15 38.79
N GLY F 376 2.92 27.38 38.31
CA GLY F 376 2.62 28.55 39.15
C GLY F 376 3.70 29.06 40.08
N LEU F 377 4.96 28.75 39.78
CA LEU F 377 6.08 29.10 40.67
C LEU F 377 7.02 30.14 40.06
N TYR F 378 6.54 30.86 39.06
CA TYR F 378 7.32 31.83 38.29
C TYR F 378 6.78 33.23 38.59
N PRO F 379 7.67 34.25 38.71
CA PRO F 379 9.12 34.25 38.61
C PRO F 379 9.93 33.92 39.87
N GLN F 380 9.27 33.40 40.91
CA GLN F 380 9.95 33.01 42.15
C GLN F 380 11.11 32.05 41.87
N LYS F 381 10.81 30.99 41.13
CA LYS F 381 11.79 30.02 40.71
C LYS F 381 12.03 30.20 39.21
N GLY F 382 13.08 29.57 38.71
CA GLY F 382 13.36 29.57 37.28
C GLY F 382 14.01 30.83 36.76
N THR F 383 14.44 31.72 37.67
CA THR F 383 15.03 33.01 37.29
C THR F 383 16.15 33.46 38.21
N ILE F 384 17.12 34.15 37.63
CA ILE F 384 18.08 34.94 38.39
C ILE F 384 17.68 36.39 38.17
N GLN F 385 16.99 36.97 39.15
CA GLN F 385 16.59 38.39 39.12
C GLN F 385 16.29 38.90 40.54
N VAL F 386 16.32 40.22 40.71
CA VAL F 386 15.98 40.88 41.97
C VAL F 386 14.57 40.47 42.42
N GLY F 387 14.44 40.06 43.68
CA GLY F 387 13.15 39.68 44.24
C GLY F 387 12.97 38.17 44.28
N ALA F 388 13.66 37.49 43.38
CA ALA F 388 13.48 36.06 43.21
C ALA F 388 14.24 35.27 44.25
N GLU F 389 13.75 34.06 44.49
CA GLU F 389 14.38 33.08 45.37
C GLU F 389 15.83 32.85 44.97
N ALA F 390 16.72 32.89 45.95
CA ALA F 390 18.16 32.78 45.65
C ALA F 390 18.59 31.33 45.50
N SER F 391 18.03 30.68 44.47
CA SER F 391 18.33 29.30 44.16
C SER F 391 18.97 29.27 42.79
N PHE F 392 20.25 28.89 42.77
CA PHE F 392 21.00 28.79 41.53
C PHE F 392 22.17 27.82 41.63
N THR F 393 22.84 27.60 40.51
CA THR F 393 23.92 26.63 40.47
C THR F 393 25.07 27.10 39.56
N LEU F 394 26.30 26.79 39.97
CA LEU F 394 27.50 27.20 39.23
C LEU F 394 28.11 26.01 38.50
N ILE F 395 28.32 26.16 37.19
CA ILE F 395 28.77 25.06 36.33
C ILE F 395 30.02 25.42 35.54
N ASP F 396 31.03 24.56 35.60
CA ASP F 396 32.14 24.61 34.64
C ASP F 396 31.68 23.92 33.38
N LEU F 397 31.34 24.72 32.36
CA LEU F 397 30.78 24.23 31.12
C LEU F 397 31.65 23.20 30.39
N ASN F 398 32.95 23.30 30.56
CA ASN F 398 33.89 22.49 29.79
C ASN F 398 34.67 21.48 30.61
N GLU F 399 34.19 21.21 31.83
CA GLU F 399 34.78 20.18 32.65
C GLU F 399 34.37 18.77 32.21
N SER F 400 35.34 18.03 31.68
CA SER F 400 35.15 16.67 31.25
C SER F 400 35.34 15.70 32.39
N TYR F 401 34.52 14.65 32.39
CA TYR F 401 34.59 13.60 33.41
C TYR F 401 33.82 12.36 32.96
N THR F 402 34.28 11.22 33.47
CA THR F 402 33.53 9.98 33.37
C THR F 402 32.78 9.79 34.67
N LEU F 403 31.46 9.68 34.57
CA LEU F 403 30.63 9.35 35.72
C LEU F 403 30.81 7.89 36.07
N ASN F 404 31.43 7.63 37.22
CA ASN F 404 31.46 6.28 37.77
C ASN F 404 30.53 6.18 38.97
N ALA F 405 30.19 4.94 39.37
CA ALA F 405 29.21 4.69 40.43
C ALA F 405 29.58 5.33 41.78
N SER F 406 30.86 5.60 41.97
CA SER F 406 31.40 6.27 43.17
C SER F 406 30.95 7.74 43.33
N ASP F 407 30.52 8.36 42.22
CA ASP F 407 30.09 9.76 42.24
C ASP F 407 28.62 9.91 42.63
N LEU F 408 27.83 8.85 42.44
CA LEU F 408 26.38 8.94 42.60
C LEU F 408 25.94 9.03 44.06
N TYR F 409 25.08 10.01 44.33
CA TYR F 409 24.56 10.22 45.68
C TYR F 409 23.26 9.47 45.93
N TYR F 410 22.74 8.78 44.90
CA TYR F 410 21.57 7.91 45.05
C TYR F 410 21.87 6.88 46.12
N ARG F 411 20.83 6.45 46.85
CA ARG F 411 21.00 5.44 47.89
C ARG F 411 21.63 4.17 47.31
N HIS F 412 21.19 3.80 46.11
CA HIS F 412 21.83 2.74 45.34
C HIS F 412 22.58 3.31 44.14
N PRO F 413 23.93 3.17 44.14
CA PRO F 413 24.79 3.69 43.06
C PRO F 413 24.73 2.85 41.78
N ILE F 414 23.55 2.78 41.17
CA ILE F 414 23.34 2.10 39.90
C ILE F 414 22.61 3.06 38.97
N SER F 415 23.16 3.26 37.78
CA SER F 415 22.55 4.10 36.76
C SER F 415 23.06 3.65 35.40
N PRO F 416 22.21 3.72 34.35
CA PRO F 416 22.71 3.48 33.00
C PRO F 416 23.61 4.63 32.49
N TYR F 417 23.75 5.70 33.28
CA TYR F 417 24.69 6.78 32.97
C TYR F 417 26.11 6.52 33.49
N VAL F 418 26.35 5.34 34.07
CA VAL F 418 27.68 4.97 34.57
C VAL F 418 28.60 4.63 33.38
N GLY F 419 29.78 5.25 33.36
CA GLY F 419 30.72 5.10 32.25
C GLY F 419 30.34 5.96 31.05
N GLN F 420 29.78 7.13 31.34
CA GLN F 420 29.37 8.08 30.31
C GLN F 420 30.36 9.23 30.29
N ARG F 421 30.77 9.64 29.10
CA ARG F 421 31.63 10.81 28.94
C ARG F 421 30.75 12.05 28.99
N PHE F 422 30.85 12.81 30.08
CA PHE F 422 30.13 14.08 30.20
C PHE F 422 31.07 15.27 30.04
N ARG F 423 30.53 16.39 29.59
CA ARG F 423 31.24 17.65 29.57
C ARG F 423 30.32 18.74 30.13
N GLY F 424 30.74 19.35 31.25
CA GLY F 424 29.87 20.25 31.98
C GLY F 424 29.53 19.62 33.32
N LYS F 425 30.16 20.14 34.37
CA LYS F 425 29.98 19.63 35.73
C LYS F 425 29.54 20.75 36.66
N VAL F 426 28.59 20.45 37.55
CA VAL F 426 28.20 21.41 38.58
C VAL F 426 29.24 21.46 39.67
N LYS F 427 29.59 22.67 40.07
CA LYS F 427 30.64 22.93 41.04
C LYS F 427 30.05 23.38 42.36
N HIS F 428 28.99 24.17 42.28
CA HIS F 428 28.28 24.67 43.46
C HIS F 428 26.80 24.67 43.20
N THR F 429 26.03 24.53 44.28
CA THR F 429 24.59 24.62 44.22
C THR F 429 24.13 25.33 45.48
N ILE F 430 23.45 26.44 45.27
CA ILE F 430 22.95 27.28 46.35
C ILE F 430 21.44 27.20 46.25
N CYS F 431 20.80 26.92 47.38
CA CYS F 431 19.35 26.79 47.44
C CYS F 431 18.78 27.69 48.52
N GLN F 432 17.95 28.65 48.10
CA GLN F 432 17.29 29.59 49.01
C GLN F 432 18.23 30.35 49.96
N GLY F 433 19.42 30.68 49.45
CA GLY F 433 20.48 31.28 50.24
C GLY F 433 21.53 30.28 50.67
N LYS F 434 21.08 29.16 51.23
CA LYS F 434 21.95 28.15 51.84
C LYS F 434 22.92 27.54 50.82
N HIS F 435 24.20 27.56 51.15
CA HIS F 435 25.23 26.90 50.34
C HIS F 435 25.11 25.40 50.56
N VAL F 436 24.48 24.75 49.59
CA VAL F 436 23.89 23.43 49.81
C VAL F 436 24.71 22.29 49.20
N TYR F 437 25.53 22.61 48.21
CA TYR F 437 26.44 21.64 47.59
C TYR F 437 27.70 22.33 47.08
N GLN F 438 28.84 21.66 47.27
CA GLN F 438 30.11 22.04 46.67
C GLN F 438 30.87 20.79 46.24
N ASP F 439 31.31 20.76 44.99
CA ASP F 439 32.19 19.71 44.50
C ASP F 439 33.50 19.69 45.33
N HIS F 440 33.83 18.51 45.85
CA HIS F 440 34.79 18.30 46.98
C HIS F 440 34.31 18.91 48.30
#